data_2MXN
#
_entry.id   2MXN
#
_cell.length_a   1.000
_cell.length_b   1.000
_cell.length_c   1.000
_cell.angle_alpha   90.00
_cell.angle_beta   90.00
_cell.angle_gamma   90.00
#
_symmetry.space_group_name_H-M   'P 1'
#
_entity_poly.entity_id   1
_entity_poly.type   'polypeptide(L)'
_entity_poly.pdbx_seq_one_letter_code
;GAMSTSGIGGDVRDIEETHPDFQPRLVSADLAEDEIAMVKKDIDDTIKSEDVVTFIKGLPEAPMCAYSKRMIDVLEALGL
EYTSFDVLAHPVVRSYVKEVSEWPTIPQLFIKAEFVGGLDIVTKMLESGDLKKMLRDKGITCRDL
;
_entity_poly.pdbx_strand_id   A
#
# COMPACT_ATOMS: atom_id res chain seq x y z
N SER A 4 22.57 -24.98 19.55
CA SER A 4 21.12 -24.74 19.60
C SER A 4 20.79 -23.55 20.46
N THR A 5 19.73 -22.81 20.12
CA THR A 5 19.25 -21.66 20.93
C THR A 5 18.66 -22.10 22.26
N SER A 6 17.90 -23.20 22.27
CA SER A 6 17.27 -23.80 23.45
C SER A 6 16.37 -22.86 24.26
N GLY A 7 15.80 -21.85 23.59
CA GLY A 7 14.97 -20.81 24.20
C GLY A 7 15.71 -19.82 25.11
N ILE A 8 17.05 -19.83 25.10
CA ILE A 8 17.94 -19.09 26.03
C ILE A 8 19.11 -18.43 25.28
N GLY A 9 19.91 -17.61 25.96
CA GLY A 9 21.09 -16.97 25.38
C GLY A 9 22.04 -16.34 26.40
N GLY A 10 23.08 -15.70 25.88
CA GLY A 10 24.09 -14.95 26.63
C GLY A 10 24.38 -13.64 25.92
N ASP A 11 25.60 -13.50 25.40
CA ASP A 11 25.88 -12.62 24.26
C ASP A 11 25.05 -13.08 23.05
N VAL A 12 24.01 -12.33 22.70
CA VAL A 12 23.14 -12.63 21.56
C VAL A 12 23.80 -12.12 20.28
N ARG A 13 23.89 -12.97 19.24
CA ARG A 13 24.56 -12.68 17.95
C ARG A 13 23.99 -11.42 17.30
N ASP A 14 24.70 -10.30 17.46
CA ASP A 14 24.19 -8.96 17.17
C ASP A 14 24.20 -8.68 15.67
N ILE A 15 23.02 -8.43 15.09
CA ILE A 15 22.86 -8.15 13.66
C ILE A 15 22.43 -6.71 13.43
N GLU A 16 22.70 -6.17 12.25
CA GLU A 16 22.38 -4.79 11.88
C GLU A 16 21.93 -4.72 10.42
N GLU A 17 20.90 -3.93 10.12
CA GLU A 17 20.26 -3.94 8.81
C GLU A 17 20.99 -3.09 7.77
N THR A 18 21.49 -3.75 6.73
CA THR A 18 22.00 -3.14 5.48
C THR A 18 21.64 -4.06 4.32
N HIS A 19 21.32 -3.49 3.16
CA HIS A 19 20.87 -4.26 2.01
C HIS A 19 21.99 -5.14 1.41
N PRO A 20 21.70 -6.37 0.94
CA PRO A 20 22.71 -7.29 0.39
C PRO A 20 23.58 -6.71 -0.73
N ASP A 21 24.84 -7.14 -0.75
CA ASP A 21 25.84 -6.81 -1.78
C ASP A 21 26.15 -8.02 -2.69
N PHE A 22 25.62 -9.20 -2.35
CA PHE A 22 25.81 -10.47 -3.07
C PHE A 22 24.56 -11.36 -3.00
N GLN A 23 24.44 -12.32 -3.93
CA GLN A 23 23.32 -13.24 -4.07
C GLN A 23 23.22 -14.27 -2.91
N PRO A 24 22.02 -14.76 -2.59
CA PRO A 24 21.82 -16.01 -1.86
C PRO A 24 22.08 -17.21 -2.78
N ARG A 25 22.54 -18.32 -2.21
CA ARG A 25 23.08 -19.48 -2.95
C ARG A 25 22.03 -20.56 -3.15
N LEU A 26 21.83 -20.99 -4.41
CA LEU A 26 20.89 -22.03 -4.89
C LEU A 26 19.39 -21.87 -4.48
N VAL A 27 19.04 -20.88 -3.68
CA VAL A 27 17.67 -20.53 -3.26
C VAL A 27 17.55 -19.00 -3.21
N SER A 28 16.69 -18.42 -4.05
CA SER A 28 16.47 -16.96 -4.12
C SER A 28 15.53 -16.45 -3.01
N ALA A 29 15.65 -15.17 -2.68
CA ALA A 29 14.75 -14.47 -1.76
C ALA A 29 14.14 -13.22 -2.41
N ASP A 30 12.93 -12.86 -2.02
CA ASP A 30 12.18 -11.71 -2.55
C ASP A 30 12.26 -10.48 -1.62
N LEU A 31 12.44 -10.71 -0.32
CA LEU A 31 12.56 -9.69 0.73
C LEU A 31 14.02 -9.58 1.19
N ALA A 32 14.48 -8.35 1.45
CA ALA A 32 15.81 -8.07 2.00
C ALA A 32 15.73 -7.43 3.41
N GLU A 33 16.75 -7.63 4.23
CA GLU A 33 16.74 -7.27 5.66
C GLU A 33 16.57 -5.77 5.93
N ASP A 34 17.17 -4.91 5.11
CA ASP A 34 16.98 -3.46 5.16
C ASP A 34 15.61 -3.06 4.59
N GLU A 35 15.18 -3.76 3.55
CA GLU A 35 13.98 -3.45 2.76
C GLU A 35 12.68 -3.74 3.53
N ILE A 36 12.64 -4.82 4.32
CA ILE A 36 11.50 -5.18 5.17
C ILE A 36 11.52 -4.43 6.53
N ALA A 37 12.48 -3.53 6.75
CA ALA A 37 12.52 -2.59 7.87
C ALA A 37 12.36 -1.11 7.45
N MET A 38 12.80 -0.75 6.24
CA MET A 38 12.68 0.57 5.60
C MET A 38 12.28 0.44 4.13
N VAL A 39 11.18 1.08 3.71
CA VAL A 39 10.74 1.05 2.31
C VAL A 39 11.70 1.84 1.41
N LYS A 40 11.83 1.45 0.14
CA LYS A 40 12.70 2.08 -0.87
C LYS A 40 12.33 3.55 -1.05
N LYS A 41 13.32 4.45 -1.08
CA LYS A 41 13.10 5.91 -1.03
C LYS A 41 12.31 6.48 -2.22
N ASP A 42 12.41 5.85 -3.40
CA ASP A 42 11.55 6.13 -4.56
C ASP A 42 10.07 5.80 -4.29
N ILE A 43 9.78 4.71 -3.56
CA ILE A 43 8.43 4.34 -3.15
C ILE A 43 7.94 5.23 -2.00
N ASP A 44 8.83 5.62 -1.07
CA ASP A 44 8.53 6.56 0.02
C ASP A 44 8.12 7.94 -0.52
N ASP A 45 8.79 8.40 -1.58
CA ASP A 45 8.36 9.64 -2.26
C ASP A 45 7.09 9.43 -3.08
N THR A 46 6.88 8.24 -3.65
CA THR A 46 5.67 7.90 -4.45
C THR A 46 4.41 7.89 -3.58
N ILE A 47 4.43 7.24 -2.41
CA ILE A 47 3.29 7.24 -1.47
C ILE A 47 2.93 8.64 -0.98
N LYS A 48 3.91 9.55 -0.82
CA LYS A 48 3.72 10.97 -0.52
C LYS A 48 3.30 11.84 -1.73
N SER A 49 3.60 11.38 -2.95
CA SER A 49 3.28 12.02 -4.24
C SER A 49 1.87 11.68 -4.74
N GLU A 50 1.35 10.51 -4.38
CA GLU A 50 -0.05 10.12 -4.62
C GLU A 50 -0.94 10.58 -3.46
N ASP A 51 -2.18 10.96 -3.77
CA ASP A 51 -3.22 11.13 -2.74
C ASP A 51 -3.89 9.80 -2.38
N VAL A 52 -3.96 8.84 -3.32
CA VAL A 52 -4.58 7.51 -3.09
C VAL A 52 -3.84 6.40 -3.83
N VAL A 53 -3.59 5.27 -3.13
CA VAL A 53 -2.90 4.08 -3.66
C VAL A 53 -3.65 2.80 -3.32
N THR A 54 -3.74 1.87 -4.27
CA THR A 54 -4.26 0.51 -4.04
C THR A 54 -3.37 -0.55 -4.69
N PHE A 55 -3.40 -1.76 -4.13
CA PHE A 55 -2.73 -2.92 -4.72
C PHE A 55 -3.63 -4.15 -4.71
N ILE A 56 -3.43 -4.97 -5.74
CA ILE A 56 -4.41 -5.94 -6.23
C ILE A 56 -3.74 -7.29 -6.53
N LYS A 57 -4.51 -8.38 -6.59
CA LYS A 57 -4.13 -9.58 -7.35
C LYS A 57 -4.16 -9.25 -8.85
N GLY A 58 -3.03 -8.90 -9.45
CA GLY A 58 -2.96 -8.43 -10.83
C GLY A 58 -3.15 -6.92 -10.99
N LEU A 59 -3.70 -6.52 -12.13
CA LEU A 59 -3.86 -5.13 -12.59
C LEU A 59 -5.34 -4.82 -12.82
N PRO A 60 -5.79 -3.55 -12.73
CA PRO A 60 -7.21 -3.20 -12.73
C PRO A 60 -7.94 -3.45 -14.05
N GLU A 61 -7.20 -3.67 -15.14
CA GLU A 61 -7.72 -4.07 -16.45
C GLU A 61 -7.83 -5.60 -16.60
N ALA A 62 -7.10 -6.35 -15.78
CA ALA A 62 -7.00 -7.81 -15.81
C ALA A 62 -6.83 -8.38 -14.38
N PRO A 63 -7.87 -8.32 -13.52
CA PRO A 63 -7.80 -8.81 -12.15
C PRO A 63 -7.68 -10.34 -12.12
N MET A 64 -7.00 -10.88 -11.10
CA MET A 64 -6.74 -12.31 -10.92
C MET A 64 -7.57 -12.96 -9.79
N CYS A 65 -8.42 -12.18 -9.13
CA CYS A 65 -9.30 -12.61 -8.05
C CYS A 65 -10.66 -11.91 -8.14
N ALA A 66 -11.75 -12.58 -7.75
CA ALA A 66 -13.10 -12.01 -7.71
C ALA A 66 -13.14 -10.78 -6.79
N TYR A 67 -12.58 -10.87 -5.58
CA TYR A 67 -12.54 -9.74 -4.64
C TYR A 67 -11.66 -8.59 -5.17
N SER A 68 -10.59 -8.93 -5.91
CA SER A 68 -9.78 -7.95 -6.65
C SER A 68 -10.57 -7.22 -7.74
N LYS A 69 -11.44 -7.92 -8.51
CA LYS A 69 -12.37 -7.28 -9.45
C LYS A 69 -13.37 -6.37 -8.74
N ARG A 70 -13.98 -6.85 -7.63
CA ARG A 70 -15.05 -6.16 -6.90
C ARG A 70 -14.62 -4.77 -6.42
N MET A 71 -13.36 -4.61 -6.01
CA MET A 71 -12.76 -3.30 -5.68
C MET A 71 -12.78 -2.32 -6.86
N ILE A 72 -12.41 -2.72 -8.06
CA ILE A 72 -12.38 -1.81 -9.23
C ILE A 72 -13.80 -1.39 -9.63
N ASP A 73 -14.79 -2.27 -9.47
CA ASP A 73 -16.20 -1.95 -9.61
C ASP A 73 -16.71 -1.01 -8.49
N VAL A 74 -16.20 -1.09 -7.26
CA VAL A 74 -16.44 -0.11 -6.15
C VAL A 74 -15.76 1.24 -6.44
N LEU A 75 -14.56 1.25 -7.04
CA LEU A 75 -13.93 2.47 -7.56
C LEU A 75 -14.75 3.09 -8.70
N GLU A 76 -15.39 2.28 -9.53
CA GLU A 76 -16.34 2.73 -10.54
C GLU A 76 -17.68 3.20 -9.91
N ALA A 77 -18.09 2.60 -8.78
CA ALA A 77 -19.25 3.05 -8.01
C ALA A 77 -19.04 4.45 -7.40
N LEU A 78 -17.79 4.79 -7.07
CA LEU A 78 -17.32 6.11 -6.65
C LEU A 78 -16.93 7.01 -7.84
N GLY A 79 -16.81 6.45 -9.05
CA GLY A 79 -16.40 7.15 -10.28
C GLY A 79 -14.96 7.70 -10.27
N LEU A 80 -14.21 7.41 -9.21
CA LEU A 80 -12.79 7.74 -9.09
C LEU A 80 -11.97 6.46 -9.10
N GLU A 81 -10.93 6.39 -9.92
CA GLU A 81 -9.93 5.32 -9.86
C GLU A 81 -8.59 5.89 -9.40
N TYR A 82 -7.84 5.04 -8.70
CA TYR A 82 -6.63 5.38 -7.95
C TYR A 82 -5.44 4.58 -8.47
N THR A 83 -4.23 4.88 -8.00
CA THR A 83 -2.99 4.43 -8.67
C THR A 83 -2.63 3.04 -8.18
N SER A 84 -2.53 2.09 -9.12
CA SER A 84 -2.64 0.65 -8.87
C SER A 84 -1.34 -0.13 -9.11
N PHE A 85 -1.11 -1.15 -8.27
CA PHE A 85 0.06 -2.04 -8.36
C PHE A 85 -0.33 -3.52 -8.15
N ASP A 86 0.39 -4.43 -8.82
CA ASP A 86 0.20 -5.89 -8.74
C ASP A 86 1.08 -6.48 -7.63
N VAL A 87 0.48 -7.19 -6.67
CA VAL A 87 1.22 -7.86 -5.58
C VAL A 87 2.08 -9.04 -6.07
N LEU A 88 1.78 -9.60 -7.25
CA LEU A 88 2.44 -10.78 -7.81
C LEU A 88 3.68 -10.45 -8.65
N ALA A 89 3.75 -9.23 -9.20
CA ALA A 89 4.81 -8.85 -10.15
C ALA A 89 6.08 -8.30 -9.49
N HIS A 90 5.95 -7.55 -8.39
CA HIS A 90 7.08 -6.95 -7.69
C HIS A 90 6.92 -7.07 -6.16
N PRO A 91 7.85 -7.73 -5.43
CA PRO A 91 7.68 -8.04 -4.01
C PRO A 91 7.71 -6.84 -3.07
N VAL A 92 8.15 -5.66 -3.56
CA VAL A 92 8.04 -4.39 -2.83
C VAL A 92 6.60 -4.09 -2.40
N VAL A 93 5.60 -4.45 -3.23
CA VAL A 93 4.18 -4.21 -2.95
C VAL A 93 3.70 -5.03 -1.75
N ARG A 94 3.96 -6.35 -1.74
CA ARG A 94 3.56 -7.22 -0.64
C ARG A 94 4.35 -6.96 0.65
N SER A 95 5.57 -6.42 0.51
CA SER A 95 6.40 -5.98 1.64
C SER A 95 5.87 -4.70 2.30
N TYR A 96 5.54 -3.66 1.52
CA TYR A 96 5.04 -2.38 2.05
C TYR A 96 3.71 -2.57 2.77
N VAL A 97 2.77 -3.27 2.13
CA VAL A 97 1.42 -3.46 2.68
C VAL A 97 1.43 -4.21 4.02
N LYS A 98 2.31 -5.22 4.17
CA LYS A 98 2.54 -5.96 5.43
C LYS A 98 3.10 -5.06 6.53
N GLU A 99 4.09 -4.22 6.18
CA GLU A 99 4.79 -3.36 7.13
C GLU A 99 3.96 -2.17 7.64
N VAL A 100 3.12 -1.56 6.79
CA VAL A 100 2.24 -0.44 7.17
C VAL A 100 0.89 -0.84 7.76
N SER A 101 0.28 -1.97 7.34
CA SER A 101 -1.04 -2.39 7.83
C SER A 101 -1.03 -3.45 8.95
N GLU A 102 0.15 -3.97 9.28
CA GLU A 102 0.41 -5.16 10.11
C GLU A 102 -0.10 -6.47 9.51
N TRP A 103 -1.41 -6.58 9.25
CA TRP A 103 -2.07 -7.79 8.74
C TRP A 103 -2.78 -7.48 7.41
N PRO A 104 -2.24 -7.94 6.25
CA PRO A 104 -2.77 -7.59 4.93
C PRO A 104 -3.89 -8.54 4.43
N THR A 105 -4.96 -7.97 3.87
CA THR A 105 -6.05 -8.67 3.17
C THR A 105 -6.36 -7.95 1.86
N ILE A 106 -6.10 -8.56 0.70
CA ILE A 106 -6.14 -7.85 -0.61
C ILE A 106 -7.44 -8.08 -1.41
N PRO A 107 -7.90 -7.11 -2.23
CA PRO A 107 -7.30 -5.80 -2.51
C PRO A 107 -7.40 -4.83 -1.32
N GLN A 108 -6.45 -3.90 -1.25
CA GLN A 108 -6.22 -3.09 -0.05
C GLN A 108 -5.87 -1.63 -0.42
N LEU A 109 -6.28 -0.67 0.41
CA LEU A 109 -6.34 0.75 0.09
C LEU A 109 -5.66 1.64 1.14
N PHE A 110 -4.96 2.66 0.63
CA PHE A 110 -4.19 3.65 1.38
C PHE A 110 -4.52 5.06 0.85
N ILE A 111 -4.63 6.05 1.74
CA ILE A 111 -4.89 7.46 1.40
C ILE A 111 -3.87 8.33 2.13
N LYS A 112 -3.25 9.26 1.39
CA LYS A 112 -2.24 10.24 1.87
C LYS A 112 -1.14 9.63 2.75
N ALA A 113 -0.53 8.56 2.23
CA ALA A 113 0.51 7.73 2.85
C ALA A 113 0.13 7.10 4.21
N GLU A 114 -1.16 6.92 4.49
CA GLU A 114 -1.70 6.35 5.73
C GLU A 114 -2.69 5.21 5.43
N PHE A 115 -2.71 4.15 6.27
CA PHE A 115 -3.52 2.95 6.03
C PHE A 115 -5.00 3.13 6.39
N VAL A 116 -5.85 2.86 5.40
CA VAL A 116 -7.31 2.99 5.46
C VAL A 116 -8.01 1.64 5.64
N GLY A 117 -7.73 0.64 4.79
CA GLY A 117 -8.32 -0.70 4.97
C GLY A 117 -8.23 -1.68 3.81
N GLY A 118 -8.58 -2.94 4.09
CA GLY A 118 -8.93 -3.96 3.09
C GLY A 118 -10.34 -3.76 2.51
N LEU A 119 -10.70 -4.50 1.47
CA LEU A 119 -12.02 -4.44 0.81
C LEU A 119 -13.21 -4.50 1.80
N ASP A 120 -13.15 -5.36 2.82
CA ASP A 120 -14.22 -5.46 3.84
C ASP A 120 -14.45 -4.13 4.58
N ILE A 121 -13.38 -3.33 4.75
CA ILE A 121 -13.38 -2.06 5.49
C ILE A 121 -13.77 -0.90 4.56
N VAL A 122 -13.15 -0.86 3.37
CA VAL A 122 -13.47 0.08 2.29
C VAL A 122 -14.96 0.01 1.94
N THR A 123 -15.53 -1.19 1.95
CA THR A 123 -16.97 -1.41 1.76
C THR A 123 -17.80 -0.66 2.80
N LYS A 124 -17.47 -0.73 4.11
CA LYS A 124 -18.22 0.01 5.15
C LYS A 124 -18.12 1.51 4.93
N MET A 125 -16.91 1.98 4.62
CA MET A 125 -16.63 3.39 4.41
C MET A 125 -17.36 3.97 3.19
N LEU A 126 -17.39 3.22 2.07
CA LEU A 126 -18.11 3.56 0.83
C LEU A 126 -19.64 3.49 1.01
N GLU A 127 -20.13 2.44 1.68
CA GLU A 127 -21.55 2.24 2.04
C GLU A 127 -22.06 3.24 3.10
N SER A 128 -21.17 3.93 3.81
CA SER A 128 -21.50 4.96 4.81
C SER A 128 -21.23 6.40 4.34
N GLY A 129 -20.61 6.63 3.17
CA GLY A 129 -20.17 7.97 2.76
C GLY A 129 -18.96 8.49 3.54
N ASP A 130 -18.40 7.68 4.44
CA ASP A 130 -17.24 8.05 5.26
C ASP A 130 -15.97 8.19 4.43
N LEU A 131 -15.80 7.37 3.38
CA LEU A 131 -14.69 7.46 2.42
C LEU A 131 -14.72 8.84 1.73
N LYS A 132 -15.92 9.25 1.29
CA LYS A 132 -16.20 10.54 0.66
C LYS A 132 -15.88 11.76 1.52
N LYS A 133 -15.98 11.67 2.85
CA LYS A 133 -15.61 12.81 3.72
C LYS A 133 -14.14 13.22 3.54
N MET A 134 -13.22 12.24 3.54
CA MET A 134 -11.79 12.50 3.36
C MET A 134 -11.42 12.98 1.95
N LEU A 135 -11.98 12.37 0.90
CA LEU A 135 -11.72 12.79 -0.48
C LEU A 135 -12.28 14.19 -0.78
N ARG A 136 -13.44 14.57 -0.21
CA ARG A 136 -13.98 15.92 -0.29
C ARG A 136 -13.14 16.94 0.49
N ASP A 137 -12.57 16.54 1.63
CA ASP A 137 -11.60 17.37 2.38
C ASP A 137 -10.31 17.61 1.58
N LYS A 138 -9.95 16.68 0.67
CA LYS A 138 -8.87 16.81 -0.32
C LYS A 138 -9.29 17.58 -1.60
N GLY A 139 -10.50 18.11 -1.64
CA GLY A 139 -11.00 18.96 -2.73
C GLY A 139 -11.52 18.19 -3.94
N ILE A 140 -11.79 16.89 -3.80
CA ILE A 140 -12.11 15.99 -4.91
C ILE A 140 -13.63 15.73 -5.00
N THR A 141 -14.14 15.59 -6.23
CA THR A 141 -15.53 15.21 -6.52
C THR A 141 -15.63 13.74 -6.94
N CYS A 142 -16.45 12.97 -6.22
CA CYS A 142 -16.83 11.57 -6.54
C CYS A 142 -18.29 11.46 -6.99
N ARG A 143 -18.66 10.30 -7.56
CA ARG A 143 -20.04 9.81 -7.51
C ARG A 143 -20.40 9.51 -6.06
N ASP A 144 -21.57 9.95 -5.62
CA ASP A 144 -22.07 9.71 -4.27
C ASP A 144 -23.48 9.08 -4.29
N LEU A 145 -23.72 8.16 -3.36
CA LEU A 145 -24.97 7.40 -3.19
C LEU A 145 -25.46 7.51 -1.75
N SER A 4 26.89 10.45 30.27
CA SER A 4 27.28 11.87 30.10
C SER A 4 26.63 12.50 28.87
N THR A 5 26.94 12.05 27.65
CA THR A 5 26.56 12.68 26.37
C THR A 5 25.29 12.14 25.72
N SER A 6 24.65 11.11 26.30
CA SER A 6 23.29 10.73 25.89
C SER A 6 22.27 11.85 26.10
N GLY A 7 21.14 11.78 25.41
CA GLY A 7 20.08 12.80 25.43
C GLY A 7 20.43 14.13 24.74
N ILE A 8 21.69 14.35 24.35
CA ILE A 8 22.13 15.52 23.58
C ILE A 8 21.76 15.33 22.10
N GLY A 9 20.97 16.26 21.56
CA GLY A 9 20.38 16.16 20.22
C GLY A 9 21.37 16.36 19.06
N GLY A 10 21.04 15.79 17.91
CA GLY A 10 21.87 15.65 16.71
C GLY A 10 22.14 14.19 16.34
N ASP A 11 21.28 13.25 16.75
CA ASP A 11 21.51 11.81 16.66
C ASP A 11 21.55 11.28 15.22
N VAL A 12 22.55 10.43 14.94
CA VAL A 12 22.68 9.61 13.72
C VAL A 12 22.71 8.12 14.09
N ARG A 13 22.17 7.26 13.21
CA ARG A 13 22.05 5.80 13.43
C ARG A 13 22.46 4.97 12.21
N ASP A 14 22.69 3.68 12.44
CA ASP A 14 23.05 2.69 11.43
C ASP A 14 22.17 1.43 11.55
N ILE A 15 21.28 1.18 10.58
CA ILE A 15 20.30 0.08 10.56
C ILE A 15 20.13 -0.53 9.14
N GLU A 16 21.17 -0.44 8.32
CA GLU A 16 21.18 -0.79 6.90
C GLU A 16 21.41 -2.29 6.70
N GLU A 17 20.72 -2.92 5.74
CA GLU A 17 20.72 -4.38 5.55
C GLU A 17 22.02 -4.92 4.93
N THR A 18 22.35 -6.19 5.16
CA THR A 18 23.65 -6.79 4.75
C THR A 18 23.57 -8.11 4.01
N HIS A 19 22.45 -8.85 4.03
CA HIS A 19 22.36 -10.15 3.34
C HIS A 19 22.24 -10.00 1.79
N PRO A 20 22.94 -10.81 0.98
CA PRO A 20 22.81 -10.84 -0.49
C PRO A 20 21.51 -11.49 -0.99
N ASP A 21 21.31 -11.57 -2.31
CA ASP A 21 20.17 -12.28 -2.92
C ASP A 21 20.41 -13.79 -3.08
N PHE A 22 21.67 -14.25 -2.94
CA PHE A 22 22.06 -15.66 -2.97
C PHE A 22 21.91 -16.32 -1.59
N GLN A 23 21.37 -17.53 -1.53
CA GLN A 23 20.78 -18.11 -0.32
C GLN A 23 21.63 -19.16 0.41
N PRO A 24 21.56 -19.24 1.76
CA PRO A 24 22.09 -20.34 2.55
C PRO A 24 21.22 -21.60 2.44
N ARG A 25 21.83 -22.78 2.66
CA ARG A 25 21.14 -24.09 2.70
C ARG A 25 20.33 -24.24 3.99
N LEU A 26 19.03 -24.54 3.89
CA LEU A 26 18.13 -24.82 5.03
C LEU A 26 17.03 -25.86 4.65
N VAL A 27 16.48 -26.55 5.65
CA VAL A 27 15.37 -27.49 5.48
C VAL A 27 14.08 -26.75 5.11
N SER A 28 13.64 -25.80 5.94
CA SER A 28 12.43 -25.00 5.71
C SER A 28 12.64 -23.55 6.16
N ALA A 29 12.33 -22.58 5.29
CA ALA A 29 12.39 -21.15 5.60
C ALA A 29 11.20 -20.38 5.00
N ASP A 30 10.95 -19.16 5.50
CA ASP A 30 9.86 -18.28 5.07
C ASP A 30 10.10 -16.78 5.35
N LEU A 31 11.00 -16.42 6.27
CA LEU A 31 11.09 -15.04 6.78
C LEU A 31 12.53 -14.56 7.02
N ALA A 32 12.81 -13.29 6.67
CA ALA A 32 14.14 -12.67 6.71
C ALA A 32 14.06 -11.17 7.07
N GLU A 33 14.85 -10.72 8.06
CA GLU A 33 14.96 -9.33 8.52
C GLU A 33 15.59 -8.37 7.48
N ASP A 34 16.42 -8.90 6.57
CA ASP A 34 17.07 -8.11 5.52
C ASP A 34 16.08 -7.72 4.41
N GLU A 35 15.24 -8.63 3.92
CA GLU A 35 14.30 -8.35 2.81
C GLU A 35 13.18 -7.36 3.20
N ILE A 36 12.82 -7.27 4.48
CA ILE A 36 11.91 -6.24 5.01
C ILE A 36 12.62 -4.92 5.38
N ALA A 37 13.95 -4.85 5.27
CA ALA A 37 14.76 -3.66 5.54
C ALA A 37 15.34 -3.01 4.26
N MET A 38 15.47 -3.76 3.16
CA MET A 38 15.78 -3.24 1.82
C MET A 38 14.84 -2.08 1.45
N VAL A 39 15.40 -0.91 1.14
CA VAL A 39 14.65 0.32 0.86
C VAL A 39 15.28 1.18 -0.25
N LYS A 40 14.45 1.60 -1.21
CA LYS A 40 14.76 2.56 -2.28
C LYS A 40 13.97 3.85 -2.04
N LYS A 41 14.64 5.00 -2.05
CA LYS A 41 14.03 6.31 -1.72
C LYS A 41 12.88 6.68 -2.65
N ASP A 42 12.91 6.22 -3.90
CA ASP A 42 11.83 6.42 -4.88
C ASP A 42 10.47 5.83 -4.43
N ILE A 43 10.46 4.79 -3.59
CA ILE A 43 9.23 4.20 -3.04
C ILE A 43 8.66 5.06 -1.90
N ASP A 44 9.52 5.53 -1.00
CA ASP A 44 9.17 6.48 0.08
C ASP A 44 8.65 7.82 -0.49
N ASP A 45 9.29 8.31 -1.56
CA ASP A 45 8.84 9.46 -2.35
C ASP A 45 7.46 9.21 -3.00
N THR A 46 7.15 7.98 -3.45
CA THR A 46 5.86 7.67 -4.08
C THR A 46 4.72 7.63 -3.06
N ILE A 47 4.88 6.98 -1.90
CA ILE A 47 3.82 6.97 -0.86
C ILE A 47 3.47 8.40 -0.41
N LYS A 48 4.47 9.28 -0.32
CA LYS A 48 4.32 10.70 0.04
C LYS A 48 3.72 11.55 -1.08
N SER A 49 4.10 11.32 -2.34
CA SER A 49 3.62 12.05 -3.51
C SER A 49 2.17 11.72 -3.90
N GLU A 50 1.72 10.47 -3.72
CA GLU A 50 0.41 10.01 -4.15
C GLU A 50 -0.69 10.31 -3.10
N ASP A 51 -1.90 10.66 -3.55
CA ASP A 51 -3.03 10.97 -2.67
C ASP A 51 -3.76 9.69 -2.22
N VAL A 52 -3.94 8.73 -3.13
CA VAL A 52 -4.62 7.43 -2.91
C VAL A 52 -3.85 6.31 -3.62
N VAL A 53 -3.56 5.22 -2.90
CA VAL A 53 -2.81 4.06 -3.43
C VAL A 53 -3.47 2.74 -3.04
N THR A 54 -3.60 1.82 -4.01
CA THR A 54 -4.10 0.45 -3.81
C THR A 54 -3.24 -0.56 -4.57
N PHE A 55 -3.26 -1.80 -4.11
CA PHE A 55 -2.57 -2.91 -4.76
C PHE A 55 -3.48 -4.14 -4.83
N ILE A 56 -3.45 -4.83 -5.97
CA ILE A 56 -4.50 -5.75 -6.43
C ILE A 56 -3.85 -7.05 -6.95
N LYS A 57 -4.61 -8.15 -7.04
CA LYS A 57 -4.25 -9.27 -7.93
C LYS A 57 -4.45 -8.82 -9.39
N GLY A 58 -3.37 -8.45 -10.07
CA GLY A 58 -3.44 -7.85 -11.42
C GLY A 58 -3.70 -6.34 -11.42
N LEU A 59 -4.46 -5.87 -12.40
CA LEU A 59 -4.69 -4.44 -12.71
C LEU A 59 -6.18 -4.08 -12.70
N PRO A 60 -6.57 -2.79 -12.53
CA PRO A 60 -7.98 -2.37 -12.55
C PRO A 60 -8.69 -2.53 -13.91
N GLU A 61 -7.94 -2.70 -14.99
CA GLU A 61 -8.42 -3.13 -16.32
C GLU A 61 -8.33 -4.65 -16.56
N ALA A 62 -7.49 -5.35 -15.79
CA ALA A 62 -7.19 -6.79 -15.93
C ALA A 62 -6.97 -7.50 -14.58
N PRO A 63 -8.03 -7.73 -13.78
CA PRO A 63 -7.95 -8.37 -12.45
C PRO A 63 -7.82 -9.90 -12.53
N MET A 64 -7.26 -10.50 -11.47
CA MET A 64 -6.87 -11.93 -11.41
C MET A 64 -7.51 -12.70 -10.23
N CYS A 65 -8.45 -12.07 -9.53
CA CYS A 65 -9.19 -12.64 -8.39
C CYS A 65 -10.60 -12.01 -8.31
N ALA A 66 -11.61 -12.77 -7.87
CA ALA A 66 -12.99 -12.29 -7.77
C ALA A 66 -13.14 -11.08 -6.82
N TYR A 67 -12.46 -11.11 -5.66
CA TYR A 67 -12.48 -9.99 -4.70
C TYR A 67 -11.73 -8.77 -5.23
N SER A 68 -10.65 -9.00 -5.99
CA SER A 68 -9.92 -7.97 -6.72
C SER A 68 -10.80 -7.28 -7.76
N LYS A 69 -11.57 -8.06 -8.55
CA LYS A 69 -12.55 -7.52 -9.53
C LYS A 69 -13.68 -6.75 -8.84
N ARG A 70 -14.18 -7.25 -7.70
CA ARG A 70 -15.24 -6.58 -6.91
C ARG A 70 -14.82 -5.22 -6.35
N MET A 71 -13.56 -5.05 -5.93
CA MET A 71 -13.08 -3.72 -5.52
C MET A 71 -13.23 -2.68 -6.65
N ILE A 72 -12.97 -3.07 -7.90
CA ILE A 72 -13.09 -2.16 -9.06
C ILE A 72 -14.53 -1.64 -9.22
N ASP A 73 -15.55 -2.46 -8.96
CA ASP A 73 -16.96 -2.09 -8.93
C ASP A 73 -17.33 -1.17 -7.76
N VAL A 74 -16.71 -1.34 -6.59
CA VAL A 74 -16.87 -0.44 -5.44
C VAL A 74 -16.27 0.95 -5.74
N LEU A 75 -15.11 1.01 -6.43
CA LEU A 75 -14.56 2.24 -6.99
C LEU A 75 -15.44 2.85 -8.11
N GLU A 76 -16.02 2.02 -8.98
CA GLU A 76 -16.92 2.43 -10.07
C GLU A 76 -18.18 3.13 -9.55
N ALA A 77 -18.64 2.80 -8.33
CA ALA A 77 -19.76 3.47 -7.68
C ALA A 77 -19.51 4.98 -7.44
N LEU A 78 -18.25 5.42 -7.35
CA LEU A 78 -17.85 6.84 -7.32
C LEU A 78 -17.37 7.38 -8.69
N GLY A 79 -17.12 6.51 -9.67
CA GLY A 79 -16.57 6.88 -10.98
C GLY A 79 -15.13 7.41 -10.93
N LEU A 80 -14.42 7.13 -9.84
CA LEU A 80 -13.01 7.48 -9.61
C LEU A 80 -12.12 6.23 -9.59
N GLU A 81 -10.96 6.27 -10.24
CA GLU A 81 -9.89 5.29 -10.07
C GLU A 81 -8.59 5.89 -9.50
N TYR A 82 -7.90 5.10 -8.68
CA TYR A 82 -6.77 5.46 -7.85
C TYR A 82 -5.51 4.67 -8.22
N THR A 83 -4.35 4.98 -7.63
CA THR A 83 -3.07 4.58 -8.24
C THR A 83 -2.74 3.16 -7.83
N SER A 84 -2.63 2.30 -8.84
CA SER A 84 -2.87 0.85 -8.74
C SER A 84 -1.68 0.01 -9.22
N PHE A 85 -1.26 -0.96 -8.40
CA PHE A 85 -0.14 -1.87 -8.65
C PHE A 85 -0.50 -3.35 -8.47
N ASP A 86 0.24 -4.26 -9.10
CA ASP A 86 0.01 -5.72 -9.07
C ASP A 86 0.87 -6.42 -7.99
N VAL A 87 0.25 -6.80 -6.88
CA VAL A 87 0.91 -7.50 -5.75
C VAL A 87 1.22 -8.98 -6.02
N LEU A 88 0.69 -9.58 -7.10
CA LEU A 88 1.12 -10.90 -7.54
C LEU A 88 2.42 -10.82 -8.37
N ALA A 89 2.67 -9.69 -9.03
CA ALA A 89 3.89 -9.50 -9.82
C ALA A 89 5.08 -8.96 -8.99
N HIS A 90 4.87 -8.07 -8.01
CA HIS A 90 5.99 -7.35 -7.37
C HIS A 90 6.18 -7.62 -5.86
N PRO A 91 7.21 -8.39 -5.46
CA PRO A 91 7.66 -8.55 -4.08
C PRO A 91 7.95 -7.23 -3.33
N VAL A 92 8.35 -6.15 -4.03
CA VAL A 92 8.58 -4.85 -3.39
C VAL A 92 7.33 -4.34 -2.65
N VAL A 93 6.14 -4.47 -3.25
CA VAL A 93 4.89 -4.00 -2.66
C VAL A 93 4.58 -4.82 -1.40
N ARG A 94 4.69 -6.16 -1.48
CA ARG A 94 4.53 -7.07 -0.34
C ARG A 94 5.37 -6.63 0.86
N SER A 95 6.68 -6.43 0.67
CA SER A 95 7.62 -6.20 1.78
C SER A 95 7.31 -4.93 2.57
N TYR A 96 7.02 -3.82 1.90
CA TYR A 96 6.68 -2.55 2.57
C TYR A 96 5.29 -2.64 3.22
N VAL A 97 4.30 -3.17 2.49
CA VAL A 97 2.92 -3.30 2.94
C VAL A 97 2.80 -4.14 4.20
N LYS A 98 3.54 -5.25 4.26
CA LYS A 98 3.42 -6.18 5.40
C LYS A 98 3.96 -5.51 6.67
N GLU A 99 5.09 -4.80 6.58
CA GLU A 99 5.65 -4.00 7.67
C GLU A 99 4.72 -2.87 8.14
N VAL A 100 4.07 -2.16 7.21
CA VAL A 100 3.23 -0.99 7.52
C VAL A 100 1.84 -1.37 8.05
N SER A 101 1.21 -2.45 7.55
CA SER A 101 -0.15 -2.88 7.95
C SER A 101 -0.21 -4.07 8.92
N GLU A 102 0.93 -4.68 9.26
CA GLU A 102 1.13 -5.90 10.06
C GLU A 102 0.53 -7.19 9.48
N TRP A 103 -0.72 -7.17 9.02
CA TRP A 103 -1.42 -8.28 8.38
C TRP A 103 -2.32 -7.80 7.22
N PRO A 104 -1.87 -7.93 5.96
CA PRO A 104 -2.56 -7.33 4.82
C PRO A 104 -3.68 -8.19 4.23
N THR A 105 -4.71 -7.53 3.69
CA THR A 105 -5.73 -8.09 2.80
C THR A 105 -5.40 -7.72 1.35
N ILE A 106 -5.78 -8.56 0.38
CA ILE A 106 -5.55 -8.32 -1.05
C ILE A 106 -6.91 -8.26 -1.77
N PRO A 107 -7.34 -7.11 -2.33
CA PRO A 107 -6.73 -5.78 -2.22
C PRO A 107 -7.00 -5.06 -0.87
N GLN A 108 -6.21 -4.02 -0.60
CA GLN A 108 -6.47 -3.04 0.46
C GLN A 108 -5.99 -1.62 0.06
N LEU A 109 -6.31 -0.61 0.88
CA LEU A 109 -6.21 0.82 0.50
C LEU A 109 -5.50 1.74 1.52
N PHE A 110 -4.74 2.67 0.96
CA PHE A 110 -4.05 3.77 1.66
C PHE A 110 -4.47 5.13 1.10
N ILE A 111 -4.62 6.14 1.96
CA ILE A 111 -4.89 7.54 1.61
C ILE A 111 -3.97 8.45 2.42
N LYS A 112 -3.35 9.46 1.78
CA LYS A 112 -2.40 10.42 2.40
C LYS A 112 -1.28 9.73 3.22
N ALA A 113 -0.74 8.65 2.64
CA ALA A 113 0.24 7.73 3.25
C ALA A 113 -0.17 7.09 4.61
N GLU A 114 -1.46 7.07 4.95
CA GLU A 114 -2.02 6.39 6.13
C GLU A 114 -2.96 5.25 5.72
N PHE A 115 -3.01 4.21 6.55
CA PHE A 115 -3.79 3.01 6.27
C PHE A 115 -5.27 3.21 6.60
N VAL A 116 -6.10 2.93 5.61
CA VAL A 116 -7.56 3.09 5.66
C VAL A 116 -8.27 1.76 5.92
N GLY A 117 -7.79 0.66 5.31
CA GLY A 117 -8.27 -0.69 5.60
C GLY A 117 -8.33 -1.64 4.40
N GLY A 118 -8.79 -2.87 4.66
CA GLY A 118 -9.09 -3.89 3.66
C GLY A 118 -10.38 -3.61 2.88
N LEU A 119 -10.64 -4.38 1.83
CA LEU A 119 -11.77 -4.17 0.92
C LEU A 119 -13.15 -4.15 1.60
N ASP A 120 -13.35 -4.88 2.70
CA ASP A 120 -14.58 -4.82 3.50
C ASP A 120 -14.71 -3.49 4.26
N ILE A 121 -13.59 -2.83 4.61
CA ILE A 121 -13.55 -1.49 5.21
C ILE A 121 -13.86 -0.45 4.14
N VAL A 122 -13.24 -0.57 2.95
CA VAL A 122 -13.51 0.30 1.79
C VAL A 122 -14.99 0.23 1.40
N THR A 123 -15.56 -0.97 1.34
CA THR A 123 -17.00 -1.19 1.08
C THR A 123 -17.86 -0.52 2.16
N LYS A 124 -17.48 -0.66 3.44
CA LYS A 124 -18.16 -0.02 4.58
C LYS A 124 -18.14 1.52 4.49
N MET A 125 -16.98 2.14 4.21
CA MET A 125 -16.84 3.60 4.08
C MET A 125 -17.62 4.15 2.88
N LEU A 126 -17.61 3.42 1.75
CA LEU A 126 -18.31 3.78 0.51
C LEU A 126 -19.84 3.77 0.72
N GLU A 127 -20.36 2.72 1.34
CA GLU A 127 -21.79 2.57 1.66
C GLU A 127 -22.23 3.48 2.83
N SER A 128 -21.30 3.91 3.69
CA SER A 128 -21.53 4.86 4.80
C SER A 128 -21.54 6.33 4.35
N GLY A 129 -20.96 6.67 3.20
CA GLY A 129 -20.74 8.06 2.75
C GLY A 129 -19.48 8.71 3.33
N ASP A 130 -18.75 7.98 4.19
CA ASP A 130 -17.50 8.46 4.80
C ASP A 130 -16.35 8.54 3.78
N LEU A 131 -16.33 7.64 2.78
CA LEU A 131 -15.36 7.73 1.67
C LEU A 131 -15.54 9.04 0.88
N LYS A 132 -16.80 9.40 0.58
CA LYS A 132 -17.18 10.69 -0.02
C LYS A 132 -16.79 11.91 0.83
N LYS A 133 -16.82 11.79 2.17
CA LYS A 133 -16.29 12.83 3.07
C LYS A 133 -14.78 13.01 2.88
N MET A 134 -14.01 11.93 2.84
CA MET A 134 -12.54 11.98 2.72
C MET A 134 -12.08 12.49 1.35
N LEU A 135 -12.69 12.04 0.25
CA LEU A 135 -12.33 12.51 -1.10
C LEU A 135 -12.67 14.00 -1.30
N ARG A 136 -13.78 14.49 -0.72
CA ARG A 136 -14.16 15.90 -0.76
C ARG A 136 -13.24 16.79 0.09
N ASP A 137 -12.66 16.26 1.17
CA ASP A 137 -11.63 16.96 1.95
C ASP A 137 -10.33 17.12 1.13
N LYS A 138 -10.04 16.12 0.26
CA LYS A 138 -8.98 16.16 -0.77
C LYS A 138 -9.36 17.00 -2.01
N GLY A 139 -10.57 17.57 -2.04
CA GLY A 139 -11.10 18.48 -3.07
C GLY A 139 -11.76 17.80 -4.26
N ILE A 140 -11.86 16.47 -4.29
CA ILE A 140 -12.04 15.70 -5.52
C ILE A 140 -13.51 15.66 -5.99
N THR A 141 -13.73 15.68 -7.30
CA THR A 141 -15.05 15.48 -7.94
C THR A 141 -15.39 13.99 -8.12
N CYS A 142 -16.53 13.53 -7.57
CA CYS A 142 -17.04 12.14 -7.65
C CYS A 142 -18.55 12.09 -8.02
N ARG A 143 -19.03 10.89 -8.42
CA ARG A 143 -20.47 10.58 -8.63
C ARG A 143 -21.26 10.44 -7.33
N ASP A 144 -22.58 10.59 -7.45
CA ASP A 144 -23.58 10.31 -6.42
C ASP A 144 -23.93 8.82 -6.28
N LEU A 145 -24.21 8.36 -5.05
CA LEU A 145 -24.60 6.98 -4.69
C LEU A 145 -25.83 6.92 -3.78
N SER A 4 15.85 17.05 18.06
CA SER A 4 17.32 16.97 17.91
C SER A 4 17.98 17.03 19.27
N THR A 5 18.45 15.91 19.82
CA THR A 5 19.01 15.82 21.18
C THR A 5 20.30 16.63 21.36
N SER A 6 21.12 16.74 20.30
CA SER A 6 22.42 17.45 20.26
C SER A 6 22.48 18.62 19.25
N GLY A 7 21.36 18.96 18.60
CA GLY A 7 21.26 20.10 17.68
C GLY A 7 21.91 19.91 16.31
N ILE A 8 22.29 18.69 15.95
CA ILE A 8 22.89 18.31 14.66
C ILE A 8 21.99 18.59 13.47
N GLY A 9 22.57 18.72 12.26
CA GLY A 9 21.82 18.95 11.03
C GLY A 9 20.99 17.75 10.56
N GLY A 10 19.88 18.01 9.86
CA GLY A 10 18.99 16.99 9.33
C GLY A 10 18.07 16.37 10.40
N ASP A 11 17.71 15.10 10.20
CA ASP A 11 16.90 14.28 11.12
C ASP A 11 17.34 12.80 11.12
N VAL A 12 17.26 12.14 12.27
CA VAL A 12 17.53 10.70 12.42
C VAL A 12 16.60 10.01 13.43
N ARG A 13 16.36 8.72 13.22
CA ARG A 13 15.62 7.77 14.07
C ARG A 13 16.30 7.48 15.43
N ASP A 14 15.50 7.02 16.40
CA ASP A 14 15.96 6.45 17.67
C ASP A 14 15.24 5.13 17.99
N ILE A 15 15.78 4.00 17.50
CA ILE A 15 15.23 2.66 17.69
C ILE A 15 16.34 1.59 17.81
N GLU A 16 16.14 0.58 18.65
CA GLU A 16 16.97 -0.63 18.70
C GLU A 16 16.13 -1.83 19.18
N GLU A 17 16.19 -2.91 18.42
CA GLU A 17 15.49 -4.18 18.65
C GLU A 17 16.47 -5.35 18.58
N THR A 18 16.44 -6.24 19.58
CA THR A 18 17.35 -7.40 19.73
C THR A 18 16.91 -8.58 18.82
N HIS A 19 16.76 -8.30 17.53
CA HIS A 19 16.14 -9.19 16.53
C HIS A 19 17.10 -10.30 16.03
N PRO A 20 16.57 -11.42 15.51
CA PRO A 20 17.35 -12.40 14.76
C PRO A 20 17.64 -11.92 13.33
N ASP A 21 18.89 -12.05 12.88
CA ASP A 21 19.37 -11.50 11.59
C ASP A 21 19.46 -12.54 10.45
N PHE A 22 19.24 -13.82 10.75
CA PHE A 22 19.35 -14.94 9.81
C PHE A 22 18.11 -15.13 8.93
N GLN A 23 18.33 -15.57 7.69
CA GLN A 23 17.30 -15.71 6.66
C GLN A 23 16.41 -16.95 6.88
N PRO A 24 15.10 -16.91 6.56
CA PRO A 24 14.24 -18.09 6.49
C PRO A 24 14.70 -19.04 5.36
N ARG A 25 14.57 -20.35 5.58
CA ARG A 25 14.96 -21.42 4.63
C ARG A 25 13.81 -22.36 4.30
N LEU A 26 13.76 -22.81 3.05
CA LEU A 26 12.72 -23.60 2.37
C LEU A 26 11.34 -22.91 2.22
N VAL A 27 10.85 -22.22 3.26
CA VAL A 27 9.57 -21.50 3.29
C VAL A 27 9.64 -20.27 4.20
N SER A 28 8.89 -19.22 3.85
CA SER A 28 8.72 -17.99 4.64
C SER A 28 7.86 -18.20 5.91
N ALA A 29 7.99 -17.28 6.89
CA ALA A 29 7.42 -17.39 8.23
C ALA A 29 6.82 -16.05 8.74
N ASP A 30 6.42 -16.00 10.02
CA ASP A 30 6.11 -14.75 10.74
C ASP A 30 7.36 -13.87 10.94
N LEU A 31 7.19 -12.60 11.32
CA LEU A 31 8.28 -11.62 11.34
C LEU A 31 8.71 -11.12 12.72
N ALA A 32 9.99 -10.73 12.80
CA ALA A 32 10.57 -9.96 13.90
C ALA A 32 10.19 -8.46 13.81
N GLU A 33 10.03 -7.79 14.96
CA GLU A 33 9.53 -6.41 15.03
C GLU A 33 10.43 -5.38 14.34
N ASP A 34 11.76 -5.57 14.34
CA ASP A 34 12.70 -4.67 13.64
C ASP A 34 12.39 -4.58 12.14
N GLU A 35 11.91 -5.67 11.54
CA GLU A 35 11.55 -5.77 10.12
C GLU A 35 10.24 -5.07 9.73
N ILE A 36 9.31 -4.91 10.68
CA ILE A 36 8.00 -4.26 10.50
C ILE A 36 7.88 -2.86 11.15
N ALA A 37 8.78 -2.47 12.04
CA ALA A 37 8.80 -1.16 12.73
C ALA A 37 9.51 -0.03 11.95
N MET A 38 9.78 -0.26 10.67
CA MET A 38 10.50 0.63 9.75
C MET A 38 9.61 1.02 8.56
N VAL A 39 9.81 2.23 8.02
CA VAL A 39 9.40 2.64 6.67
C VAL A 39 10.53 3.46 6.03
N LYS A 40 11.23 2.87 5.06
CA LYS A 40 12.38 3.49 4.39
C LYS A 40 11.99 4.51 3.30
N LYS A 41 12.93 5.42 3.02
CA LYS A 41 12.72 6.68 2.28
C LYS A 41 12.18 6.50 0.85
N ASP A 42 12.55 5.44 0.12
CA ASP A 42 12.02 5.18 -1.23
C ASP A 42 10.53 4.79 -1.23
N ILE A 43 10.05 4.14 -0.16
CA ILE A 43 8.63 3.82 0.05
C ILE A 43 7.89 5.10 0.46
N ASP A 44 8.42 5.78 1.47
CA ASP A 44 7.88 7.01 2.04
C ASP A 44 7.73 8.10 0.96
N ASP A 45 8.69 8.22 0.04
CA ASP A 45 8.61 9.18 -1.07
C ASP A 45 7.59 8.80 -2.16
N THR A 46 7.33 7.51 -2.39
CA THR A 46 6.36 7.03 -3.39
C THR A 46 4.94 7.29 -2.91
N ILE A 47 4.63 6.91 -1.66
CA ILE A 47 3.33 7.11 -1.01
C ILE A 47 3.01 8.60 -0.81
N LYS A 48 4.03 9.45 -0.61
CA LYS A 48 3.93 10.92 -0.59
C LYS A 48 3.65 11.52 -1.97
N SER A 49 4.24 10.96 -3.03
CA SER A 49 4.11 11.48 -4.41
C SER A 49 2.73 11.20 -5.02
N GLU A 50 2.07 10.10 -4.66
CA GLU A 50 0.77 9.69 -5.22
C GLU A 50 -0.44 10.11 -4.36
N ASP A 51 -1.59 10.43 -4.98
CA ASP A 51 -2.81 10.85 -4.25
C ASP A 51 -3.57 9.68 -3.59
N VAL A 52 -3.68 8.56 -4.29
CA VAL A 52 -4.38 7.34 -3.82
C VAL A 52 -3.68 6.09 -4.33
N VAL A 53 -3.49 5.09 -3.49
CA VAL A 53 -2.74 3.86 -3.80
C VAL A 53 -3.49 2.60 -3.37
N THR A 54 -3.58 1.62 -4.27
CA THR A 54 -4.14 0.29 -4.01
C THR A 54 -3.25 -0.82 -4.56
N PHE A 55 -3.37 -2.01 -3.98
CA PHE A 55 -2.70 -3.21 -4.47
C PHE A 55 -3.70 -4.37 -4.60
N ILE A 56 -3.58 -5.11 -5.70
CA ILE A 56 -4.63 -6.01 -6.23
C ILE A 56 -4.02 -7.35 -6.68
N LYS A 57 -4.82 -8.41 -6.72
CA LYS A 57 -4.53 -9.61 -7.52
C LYS A 57 -4.68 -9.26 -9.02
N GLY A 58 -3.59 -9.05 -9.74
CA GLY A 58 -3.64 -8.56 -11.12
C GLY A 58 -3.83 -7.04 -11.22
N LEU A 59 -4.54 -6.60 -12.26
CA LEU A 59 -4.72 -5.20 -12.66
C LEU A 59 -6.22 -4.86 -12.81
N PRO A 60 -6.66 -3.59 -12.72
CA PRO A 60 -8.08 -3.22 -12.78
C PRO A 60 -8.78 -3.58 -14.11
N GLU A 61 -8.01 -3.70 -15.20
CA GLU A 61 -8.49 -4.21 -16.51
C GLU A 61 -8.67 -5.74 -16.55
N ALA A 62 -7.96 -6.47 -15.69
CA ALA A 62 -7.91 -7.93 -15.65
C ALA A 62 -7.67 -8.46 -14.20
N PRO A 63 -8.64 -8.32 -13.28
CA PRO A 63 -8.49 -8.79 -11.90
C PRO A 63 -8.52 -10.32 -11.82
N MET A 64 -7.68 -10.87 -10.94
CA MET A 64 -7.43 -12.31 -10.79
C MET A 64 -8.18 -12.95 -9.60
N CYS A 65 -9.01 -12.17 -8.91
CA CYS A 65 -9.81 -12.58 -7.77
C CYS A 65 -11.17 -11.87 -7.75
N ALA A 66 -12.22 -12.54 -7.26
CA ALA A 66 -13.56 -11.95 -7.12
C ALA A 66 -13.56 -10.70 -6.20
N TYR A 67 -12.87 -10.77 -5.06
CA TYR A 67 -12.68 -9.62 -4.16
C TYR A 67 -11.92 -8.47 -4.85
N SER A 68 -10.95 -8.81 -5.69
CA SER A 68 -10.21 -7.85 -6.51
C SER A 68 -11.09 -7.18 -7.58
N LYS A 69 -12.02 -7.92 -8.21
CA LYS A 69 -13.02 -7.35 -9.16
C LYS A 69 -14.02 -6.41 -8.48
N ARG A 70 -14.55 -6.79 -7.30
CA ARG A 70 -15.53 -5.97 -6.56
C ARG A 70 -14.96 -4.59 -6.17
N MET A 71 -13.67 -4.52 -5.84
CA MET A 71 -12.98 -3.24 -5.57
C MET A 71 -13.12 -2.25 -6.74
N ILE A 72 -12.93 -2.71 -7.98
CA ILE A 72 -13.05 -1.84 -9.17
C ILE A 72 -14.51 -1.39 -9.41
N ASP A 73 -15.48 -2.25 -9.07
CA ASP A 73 -16.92 -1.94 -9.10
C ASP A 73 -17.29 -0.80 -8.12
N VAL A 74 -16.61 -0.74 -6.97
CA VAL A 74 -16.64 0.39 -6.01
C VAL A 74 -15.96 1.64 -6.58
N LEU A 75 -14.82 1.50 -7.25
CA LEU A 75 -14.15 2.63 -7.94
C LEU A 75 -14.98 3.22 -9.08
N GLU A 76 -15.72 2.38 -9.83
CA GLU A 76 -16.69 2.84 -10.84
C GLU A 76 -17.87 3.58 -10.17
N ALA A 77 -18.32 3.13 -9.00
CA ALA A 77 -19.40 3.78 -8.25
C ALA A 77 -18.99 5.16 -7.68
N LEU A 78 -17.70 5.39 -7.43
CA LEU A 78 -17.16 6.68 -7.00
C LEU A 78 -16.81 7.60 -8.17
N GLY A 79 -16.74 7.06 -9.40
CA GLY A 79 -16.30 7.72 -10.63
C GLY A 79 -14.82 8.12 -10.65
N LEU A 80 -14.04 7.71 -9.63
CA LEU A 80 -12.59 7.88 -9.58
C LEU A 80 -11.88 6.54 -9.70
N GLU A 81 -10.85 6.46 -10.54
CA GLU A 81 -9.83 5.41 -10.45
C GLU A 81 -8.46 5.99 -10.05
N TYR A 82 -7.61 5.10 -9.55
CA TYR A 82 -6.46 5.38 -8.68
C TYR A 82 -5.24 4.57 -9.13
N THR A 83 -4.07 4.75 -8.51
CA THR A 83 -2.84 4.08 -8.96
C THR A 83 -2.76 2.70 -8.29
N SER A 84 -2.69 1.67 -9.13
CA SER A 84 -2.78 0.25 -8.74
C SER A 84 -1.52 -0.54 -9.10
N PHE A 85 -1.20 -1.53 -8.26
CA PHE A 85 -0.09 -2.46 -8.45
C PHE A 85 -0.47 -3.93 -8.22
N ASP A 86 0.11 -4.83 -9.02
CA ASP A 86 -0.15 -6.28 -8.98
C ASP A 86 0.72 -7.00 -7.94
N VAL A 87 0.12 -7.32 -6.80
CA VAL A 87 0.79 -7.98 -5.64
C VAL A 87 1.15 -9.45 -5.90
N LEU A 88 0.55 -10.08 -6.91
CA LEU A 88 0.83 -11.47 -7.29
C LEU A 88 2.07 -11.54 -8.21
N ALA A 89 2.32 -10.49 -9.00
CA ALA A 89 3.42 -10.44 -9.96
C ALA A 89 4.72 -9.80 -9.45
N HIS A 90 4.66 -8.81 -8.54
CA HIS A 90 5.81 -7.95 -8.24
C HIS A 90 6.13 -7.86 -6.72
N PRO A 91 7.32 -8.31 -6.26
CA PRO A 91 7.67 -8.31 -4.84
C PRO A 91 7.85 -6.92 -4.22
N VAL A 92 8.02 -5.85 -5.01
CA VAL A 92 8.05 -4.47 -4.51
C VAL A 92 6.81 -4.15 -3.67
N VAL A 93 5.62 -4.59 -4.13
CA VAL A 93 4.34 -4.36 -3.45
C VAL A 93 4.33 -5.04 -2.09
N ARG A 94 4.65 -6.35 -2.06
CA ARG A 94 4.80 -7.13 -0.81
C ARG A 94 5.77 -6.45 0.15
N SER A 95 6.92 -6.02 -0.35
CA SER A 95 8.01 -5.48 0.47
C SER A 95 7.64 -4.16 1.16
N TYR A 96 7.01 -3.24 0.42
CA TYR A 96 6.54 -1.96 0.96
C TYR A 96 5.35 -2.17 1.89
N VAL A 97 4.43 -3.06 1.52
CA VAL A 97 3.29 -3.47 2.35
C VAL A 97 3.74 -4.08 3.66
N LYS A 98 4.84 -4.83 3.65
CA LYS A 98 5.39 -5.41 4.87
C LYS A 98 5.87 -4.34 5.85
N GLU A 99 6.57 -3.32 5.34
CA GLU A 99 7.01 -2.14 6.11
C GLU A 99 5.82 -1.29 6.60
N VAL A 100 4.86 -0.97 5.72
CA VAL A 100 3.76 -0.03 6.03
C VAL A 100 2.59 -0.66 6.80
N SER A 101 2.11 -1.85 6.44
CA SER A 101 0.91 -2.47 7.06
C SER A 101 1.19 -3.55 8.11
N GLU A 102 2.46 -3.99 8.25
CA GLU A 102 2.90 -5.16 9.02
C GLU A 102 2.42 -6.50 8.41
N TRP A 103 1.13 -6.67 8.16
CA TRP A 103 0.51 -7.88 7.59
C TRP A 103 -0.57 -7.55 6.53
N PRO A 104 -0.74 -8.38 5.49
CA PRO A 104 -1.60 -8.06 4.34
C PRO A 104 -3.08 -8.51 4.50
N THR A 105 -3.97 -7.67 3.98
CA THR A 105 -5.34 -7.99 3.55
C THR A 105 -5.52 -7.40 2.14
N ILE A 106 -6.05 -8.18 1.18
CA ILE A 106 -6.05 -7.81 -0.25
C ILE A 106 -7.42 -7.91 -0.94
N PRO A 107 -7.84 -6.92 -1.76
CA PRO A 107 -7.15 -5.63 -2.01
C PRO A 107 -7.29 -4.65 -0.83
N GLN A 108 -6.34 -3.70 -0.75
CA GLN A 108 -6.24 -2.69 0.32
C GLN A 108 -6.09 -1.27 -0.27
N LEU A 109 -6.43 -0.24 0.50
CA LEU A 109 -6.36 1.17 0.10
C LEU A 109 -5.67 2.10 1.10
N PHE A 110 -4.91 3.03 0.52
CA PHE A 110 -4.27 4.18 1.16
C PHE A 110 -4.61 5.45 0.38
N ILE A 111 -4.78 6.58 1.07
CA ILE A 111 -4.96 7.91 0.46
C ILE A 111 -3.90 8.86 1.02
N LYS A 112 -3.08 9.45 0.15
CA LYS A 112 -1.99 10.41 0.49
C LYS A 112 -1.15 9.99 1.70
N ALA A 113 -0.65 8.75 1.67
CA ALA A 113 0.11 8.12 2.76
C ALA A 113 -0.62 7.94 4.12
N GLU A 114 -1.95 8.06 4.17
CA GLU A 114 -2.80 7.69 5.30
C GLU A 114 -3.51 6.36 5.02
N PHE A 115 -3.60 5.46 6.01
CA PHE A 115 -4.26 4.16 5.84
C PHE A 115 -5.78 4.24 6.04
N VAL A 116 -6.48 3.78 5.00
CA VAL A 116 -7.93 3.89 4.84
C VAL A 116 -8.66 2.56 5.08
N GLY A 117 -8.11 1.42 4.62
CA GLY A 117 -8.59 0.08 4.97
C GLY A 117 -8.51 -0.99 3.87
N GLY A 118 -8.86 -2.23 4.23
CA GLY A 118 -9.12 -3.34 3.30
C GLY A 118 -10.50 -3.25 2.62
N LEU A 119 -10.75 -4.08 1.60
CA LEU A 119 -12.01 -4.12 0.83
C LEU A 119 -13.28 -4.12 1.70
N ASP A 120 -13.30 -4.87 2.82
CA ASP A 120 -14.46 -4.97 3.73
C ASP A 120 -14.69 -3.67 4.52
N ILE A 121 -13.62 -2.88 4.75
CA ILE A 121 -13.67 -1.54 5.35
C ILE A 121 -14.07 -0.51 4.27
N VAL A 122 -13.47 -0.60 3.09
CA VAL A 122 -13.73 0.30 1.95
C VAL A 122 -15.19 0.18 1.49
N THR A 123 -15.72 -1.03 1.36
CA THR A 123 -17.14 -1.28 1.03
C THR A 123 -18.06 -0.66 2.07
N LYS A 124 -17.78 -0.92 3.35
CA LYS A 124 -18.53 -0.40 4.52
C LYS A 124 -18.60 1.12 4.49
N MET A 125 -17.46 1.76 4.33
CA MET A 125 -17.32 3.22 4.30
C MET A 125 -17.92 3.85 3.02
N LEU A 126 -17.87 3.17 1.87
CA LEU A 126 -18.47 3.60 0.59
C LEU A 126 -20.01 3.53 0.65
N GLU A 127 -20.54 2.43 1.17
CA GLU A 127 -21.98 2.22 1.37
C GLU A 127 -22.55 3.16 2.44
N SER A 128 -21.72 3.62 3.37
CA SER A 128 -22.03 4.58 4.44
C SER A 128 -21.85 6.06 4.06
N GLY A 129 -21.16 6.37 2.96
CA GLY A 129 -20.79 7.76 2.57
C GLY A 129 -19.51 8.28 3.24
N ASP A 130 -18.99 7.57 4.25
CA ASP A 130 -17.81 7.94 5.04
C ASP A 130 -16.51 7.93 4.20
N LEU A 131 -16.43 7.10 3.14
CA LEU A 131 -15.29 7.09 2.21
C LEU A 131 -15.16 8.45 1.47
N LYS A 132 -16.28 8.97 0.97
CA LYS A 132 -16.40 10.33 0.41
C LYS A 132 -16.03 11.39 1.43
N LYS A 133 -16.46 11.25 2.69
CA LYS A 133 -16.08 12.19 3.75
C LYS A 133 -14.56 12.25 3.93
N MET A 134 -13.86 11.10 3.93
CA MET A 134 -12.41 11.08 4.11
C MET A 134 -11.67 11.67 2.91
N LEU A 135 -12.04 11.29 1.68
CA LEU A 135 -11.39 11.80 0.47
C LEU A 135 -11.65 13.31 0.22
N ARG A 136 -12.89 13.79 0.44
CA ARG A 136 -13.28 15.18 0.21
C ARG A 136 -12.62 16.15 1.21
N ASP A 137 -12.41 15.71 2.45
CA ASP A 137 -11.66 16.44 3.48
C ASP A 137 -10.20 16.72 3.03
N LYS A 138 -9.67 15.86 2.16
CA LYS A 138 -8.31 15.94 1.59
C LYS A 138 -8.23 16.72 0.27
N GLY A 139 -9.31 17.36 -0.17
CA GLY A 139 -9.35 18.21 -1.36
C GLY A 139 -9.64 17.45 -2.66
N ILE A 140 -9.99 16.17 -2.57
CA ILE A 140 -10.22 15.30 -3.73
C ILE A 140 -11.73 15.30 -4.08
N THR A 141 -12.08 15.28 -5.37
CA THR A 141 -13.47 15.45 -5.84
C THR A 141 -14.02 14.18 -6.52
N CYS A 142 -15.16 13.65 -6.06
CA CYS A 142 -15.82 12.41 -6.51
C CYS A 142 -17.32 12.60 -6.84
N ARG A 143 -17.98 11.56 -7.37
CA ARG A 143 -19.46 11.47 -7.34
C ARG A 143 -20.01 11.63 -5.92
N ASP A 144 -21.28 12.01 -5.82
CA ASP A 144 -22.03 12.00 -4.56
C ASP A 144 -22.55 10.58 -4.26
N LEU A 145 -22.60 10.22 -2.97
CA LEU A 145 -22.96 8.88 -2.50
C LEU A 145 -24.36 8.84 -1.90
N SER A 4 8.28 23.47 7.47
CA SER A 4 6.98 23.01 8.03
C SER A 4 5.87 24.03 7.80
N THR A 5 4.77 23.61 7.16
CA THR A 5 3.63 24.48 6.79
C THR A 5 2.52 24.60 7.84
N SER A 6 2.51 23.75 8.88
CA SER A 6 1.53 23.78 10.00
C SER A 6 2.14 23.82 11.40
N GLY A 7 3.44 23.56 11.53
CA GLY A 7 4.12 23.32 12.82
C GLY A 7 3.88 21.93 13.41
N ILE A 8 2.98 21.11 12.82
CA ILE A 8 2.71 19.73 13.22
C ILE A 8 3.50 18.78 12.30
N GLY A 9 4.11 17.74 12.86
CA GLY A 9 4.73 16.66 12.10
C GLY A 9 3.72 15.57 11.72
N GLY A 10 3.62 15.25 10.42
CA GLY A 10 2.83 14.10 9.96
C GLY A 10 3.52 12.77 10.26
N ASP A 11 4.86 12.76 10.27
CA ASP A 11 5.70 11.61 10.58
C ASP A 11 6.87 11.98 11.53
N VAL A 12 7.41 10.98 12.23
CA VAL A 12 8.62 11.06 13.05
C VAL A 12 9.60 9.96 12.64
N ARG A 13 10.90 10.27 12.56
CA ARG A 13 11.94 9.35 12.05
C ARG A 13 12.31 8.29 13.09
N ASP A 14 12.11 7.03 12.72
CA ASP A 14 12.63 5.83 13.40
C ASP A 14 12.99 4.77 12.35
N ILE A 15 14.22 4.83 11.85
CA ILE A 15 14.79 3.88 10.89
C ILE A 15 16.21 3.51 11.33
N GLU A 16 16.36 2.35 11.94
CA GLU A 16 17.63 1.87 12.49
C GLU A 16 17.86 0.37 12.18
N GLU A 17 19.09 0.01 11.85
CA GLU A 17 19.46 -1.33 11.38
C GLU A 17 20.84 -1.80 11.92
N THR A 18 21.05 -3.11 11.96
CA THR A 18 21.87 -3.78 13.00
C THR A 18 22.76 -4.91 12.48
N HIS A 19 22.35 -5.59 11.40
CA HIS A 19 22.97 -6.83 10.90
C HIS A 19 24.19 -6.58 9.98
N PRO A 20 25.01 -7.62 9.74
CA PRO A 20 25.95 -7.70 8.61
C PRO A 20 25.29 -7.51 7.24
N ASP A 21 26.10 -7.55 6.17
CA ASP A 21 25.69 -7.15 4.81
C ASP A 21 24.86 -8.23 4.06
N PHE A 22 24.71 -9.43 4.65
CA PHE A 22 24.17 -10.63 4.03
C PHE A 22 23.18 -11.39 4.93
N GLN A 23 22.02 -11.74 4.39
CA GLN A 23 21.05 -12.69 4.94
C GLN A 23 21.07 -14.04 4.18
N PRO A 24 20.74 -15.18 4.82
CA PRO A 24 21.01 -16.53 4.30
C PRO A 24 20.08 -17.02 3.16
N ARG A 25 20.64 -17.93 2.35
CA ARG A 25 20.05 -18.62 1.19
C ARG A 25 19.33 -19.92 1.57
N LEU A 26 18.23 -20.22 0.85
CA LEU A 26 17.43 -21.45 0.83
C LEU A 26 16.74 -21.89 2.15
N VAL A 27 17.20 -21.46 3.32
CA VAL A 27 16.56 -21.72 4.62
C VAL A 27 16.73 -20.52 5.55
N SER A 28 15.63 -20.03 6.14
CA SER A 28 15.63 -18.85 7.03
C SER A 28 14.66 -19.00 8.22
N ALA A 29 14.93 -18.28 9.30
CA ALA A 29 14.18 -18.35 10.58
C ALA A 29 13.39 -17.06 10.89
N ASP A 30 13.77 -15.92 10.32
CA ASP A 30 13.19 -14.60 10.60
C ASP A 30 13.14 -13.72 9.33
N LEU A 31 12.33 -12.68 9.34
CA LEU A 31 12.47 -11.54 8.43
C LEU A 31 13.39 -10.51 9.09
N ALA A 32 14.59 -10.31 8.54
CA ALA A 32 15.67 -9.62 9.23
C ALA A 32 15.36 -8.14 9.55
N GLU A 33 15.78 -7.66 10.73
CA GLU A 33 15.53 -6.28 11.19
C GLU A 33 15.98 -5.21 10.17
N ASP A 34 17.06 -5.47 9.44
CA ASP A 34 17.60 -4.60 8.39
C ASP A 34 16.75 -4.62 7.08
N GLU A 35 16.14 -5.75 6.75
CA GLU A 35 15.16 -5.85 5.66
C GLU A 35 13.80 -5.21 6.03
N ILE A 36 13.45 -5.19 7.32
CA ILE A 36 12.26 -4.49 7.82
C ILE A 36 12.49 -2.99 7.98
N ALA A 37 13.71 -2.54 8.31
CA ALA A 37 13.99 -1.12 8.48
C ALA A 37 14.25 -0.39 7.16
N MET A 38 14.89 -1.05 6.18
CA MET A 38 15.27 -0.41 4.92
C MET A 38 14.06 -0.17 4.00
N VAL A 39 14.09 0.96 3.27
CA VAL A 39 13.08 1.31 2.27
C VAL A 39 13.71 1.61 0.91
N LYS A 40 13.04 1.19 -0.17
CA LYS A 40 13.31 1.66 -1.53
C LYS A 40 12.95 3.14 -1.63
N LYS A 41 13.96 4.00 -1.73
CA LYS A 41 13.84 5.47 -1.66
C LYS A 41 12.78 6.02 -2.61
N ASP A 42 12.77 5.53 -3.86
CA ASP A 42 11.83 5.98 -4.90
C ASP A 42 10.41 5.43 -4.74
N ILE A 43 10.23 4.25 -4.14
CA ILE A 43 8.92 3.66 -3.86
C ILE A 43 8.27 4.35 -2.65
N ASP A 44 9.07 4.61 -1.62
CA ASP A 44 8.71 5.46 -0.48
C ASP A 44 8.41 6.91 -0.93
N ASP A 45 9.18 7.45 -1.88
CA ASP A 45 8.88 8.73 -2.52
C ASP A 45 7.61 8.66 -3.38
N THR A 46 7.25 7.50 -3.95
CA THR A 46 6.05 7.32 -4.77
C THR A 46 4.78 7.31 -3.90
N ILE A 47 4.77 6.65 -2.74
CA ILE A 47 3.63 6.74 -1.81
C ILE A 47 3.42 8.18 -1.30
N LYS A 48 4.50 8.94 -1.11
CA LYS A 48 4.49 10.36 -0.75
C LYS A 48 4.14 11.30 -1.91
N SER A 49 4.39 10.88 -3.16
CA SER A 49 4.17 11.67 -4.37
C SER A 49 2.73 11.55 -4.90
N GLU A 50 2.12 10.37 -4.83
CA GLU A 50 0.73 10.13 -5.24
C GLU A 50 -0.25 10.26 -4.06
N ASP A 51 -1.43 10.84 -4.28
CA ASP A 51 -2.40 11.16 -3.22
C ASP A 51 -3.41 10.03 -2.93
N VAL A 52 -3.68 9.14 -3.90
CA VAL A 52 -4.43 7.88 -3.69
C VAL A 52 -3.69 6.72 -4.35
N VAL A 53 -3.46 5.64 -3.61
CA VAL A 53 -2.80 4.42 -4.11
C VAL A 53 -3.62 3.19 -3.75
N THR A 54 -3.83 2.30 -4.72
CA THR A 54 -4.33 0.94 -4.47
C THR A 54 -3.35 -0.07 -5.06
N PHE A 55 -3.34 -1.26 -4.47
CA PHE A 55 -2.63 -2.41 -5.00
C PHE A 55 -3.52 -3.64 -4.97
N ILE A 56 -3.36 -4.44 -6.02
CA ILE A 56 -4.32 -5.47 -6.45
C ILE A 56 -3.55 -6.78 -6.72
N LYS A 57 -4.26 -7.91 -6.72
CA LYS A 57 -3.79 -9.10 -7.45
C LYS A 57 -3.94 -8.82 -8.95
N GLY A 58 -2.86 -8.53 -9.67
CA GLY A 58 -2.92 -8.07 -11.06
C GLY A 58 -3.23 -6.58 -11.21
N LEU A 59 -4.01 -6.22 -12.23
CA LEU A 59 -4.17 -4.85 -12.74
C LEU A 59 -5.67 -4.44 -12.81
N PRO A 60 -6.02 -3.14 -12.77
CA PRO A 60 -7.43 -2.72 -12.69
C PRO A 60 -8.24 -3.01 -13.97
N GLU A 61 -7.61 -3.09 -15.14
CA GLU A 61 -8.25 -3.58 -16.37
C GLU A 61 -8.12 -5.11 -16.56
N ALA A 62 -7.21 -5.75 -15.84
CA ALA A 62 -6.87 -7.17 -15.96
C ALA A 62 -6.55 -7.82 -14.59
N PRO A 63 -7.57 -8.14 -13.77
CA PRO A 63 -7.38 -8.66 -12.42
C PRO A 63 -6.96 -10.15 -12.41
N MET A 64 -6.23 -10.57 -11.38
CA MET A 64 -5.78 -11.95 -11.15
C MET A 64 -6.68 -12.73 -10.18
N CYS A 65 -7.68 -12.09 -9.57
CA CYS A 65 -8.61 -12.69 -8.61
C CYS A 65 -10.01 -12.04 -8.72
N ALA A 66 -11.09 -12.81 -8.51
CA ALA A 66 -12.46 -12.29 -8.54
C ALA A 66 -12.78 -11.28 -7.42
N TYR A 67 -12.14 -11.40 -6.24
CA TYR A 67 -12.21 -10.36 -5.19
C TYR A 67 -11.41 -9.10 -5.58
N SER A 68 -10.28 -9.29 -6.27
CA SER A 68 -9.48 -8.19 -6.85
C SER A 68 -10.22 -7.42 -7.96
N LYS A 69 -11.04 -8.11 -8.76
CA LYS A 69 -12.00 -7.50 -9.70
C LYS A 69 -13.01 -6.62 -8.95
N ARG A 70 -13.61 -7.12 -7.86
CA ARG A 70 -14.64 -6.38 -7.09
C ARG A 70 -14.14 -5.08 -6.47
N MET A 71 -12.85 -4.98 -6.13
CA MET A 71 -12.24 -3.71 -5.70
C MET A 71 -12.50 -2.58 -6.71
N ILE A 72 -12.45 -2.90 -8.01
CA ILE A 72 -12.73 -1.96 -9.11
C ILE A 72 -14.22 -1.61 -9.19
N ASP A 73 -15.13 -2.54 -8.88
CA ASP A 73 -16.59 -2.31 -8.82
C ASP A 73 -16.98 -1.28 -7.73
N VAL A 74 -16.29 -1.33 -6.58
CA VAL A 74 -16.48 -0.39 -5.46
C VAL A 74 -15.96 1.01 -5.84
N LEU A 75 -14.85 1.09 -6.59
CA LEU A 75 -14.34 2.33 -7.19
C LEU A 75 -15.27 2.91 -8.27
N GLU A 76 -15.87 2.08 -9.10
CA GLU A 76 -16.84 2.49 -10.12
C GLU A 76 -18.14 3.01 -9.50
N ALA A 77 -18.54 2.50 -8.33
CA ALA A 77 -19.71 2.98 -7.58
C ALA A 77 -19.49 4.38 -6.99
N LEU A 78 -18.24 4.72 -6.65
CA LEU A 78 -17.84 6.08 -6.26
C LEU A 78 -17.61 7.00 -7.46
N GLY A 79 -17.47 6.44 -8.67
CA GLY A 79 -17.07 7.17 -9.89
C GLY A 79 -15.64 7.70 -9.87
N LEU A 80 -14.81 7.27 -8.91
CA LEU A 80 -13.39 7.64 -8.82
C LEU A 80 -12.44 6.48 -9.12
N GLU A 81 -11.48 6.70 -10.02
CA GLU A 81 -10.35 5.81 -10.28
C GLU A 81 -8.98 6.42 -9.94
N TYR A 82 -8.01 5.56 -9.65
CA TYR A 82 -6.76 5.82 -8.93
C TYR A 82 -5.56 5.05 -9.59
N THR A 83 -4.34 5.36 -9.17
CA THR A 83 -3.11 4.77 -9.76
C THR A 83 -2.78 3.45 -9.04
N SER A 84 -2.53 2.40 -9.84
CA SER A 84 -2.71 1.00 -9.43
C SER A 84 -1.48 0.12 -9.73
N PHE A 85 -1.20 -0.84 -8.85
CA PHE A 85 0.00 -1.69 -8.92
C PHE A 85 -0.30 -3.18 -8.60
N ASP A 86 0.39 -4.10 -9.28
CA ASP A 86 0.31 -5.55 -9.06
C ASP A 86 1.22 -6.01 -7.91
N VAL A 87 0.63 -6.61 -6.87
CA VAL A 87 1.35 -7.21 -5.72
C VAL A 87 2.12 -8.47 -6.14
N LEU A 88 1.65 -9.21 -7.15
CA LEU A 88 2.34 -10.40 -7.66
C LEU A 88 3.57 -10.04 -8.51
N ALA A 89 3.69 -8.79 -8.96
CA ALA A 89 4.87 -8.32 -9.67
C ALA A 89 5.99 -7.83 -8.73
N HIS A 90 5.67 -7.26 -7.57
CA HIS A 90 6.65 -6.56 -6.72
C HIS A 90 6.61 -7.01 -5.24
N PRO A 91 7.61 -7.79 -4.77
CA PRO A 91 7.75 -8.20 -3.37
C PRO A 91 7.75 -7.05 -2.35
N VAL A 92 8.15 -5.84 -2.75
CA VAL A 92 8.07 -4.64 -1.89
C VAL A 92 6.64 -4.34 -1.43
N VAL A 93 5.63 -4.59 -2.27
CA VAL A 93 4.24 -4.23 -1.95
C VAL A 93 3.65 -5.20 -0.92
N ARG A 94 3.79 -6.53 -1.12
CA ARG A 94 3.41 -7.52 -0.09
C ARG A 94 4.19 -7.35 1.23
N SER A 95 5.41 -6.81 1.17
CA SER A 95 6.17 -6.48 2.39
C SER A 95 5.56 -5.29 3.12
N TYR A 96 5.37 -4.15 2.44
CA TYR A 96 4.90 -2.92 3.09
C TYR A 96 3.43 -3.02 3.52
N VAL A 97 2.56 -3.71 2.77
CA VAL A 97 1.15 -3.87 3.18
C VAL A 97 1.00 -4.61 4.52
N LYS A 98 1.85 -5.61 4.82
CA LYS A 98 1.93 -6.17 6.18
C LYS A 98 2.61 -5.19 7.14
N GLU A 99 3.76 -4.66 6.77
CA GLU A 99 4.66 -4.00 7.75
C GLU A 99 4.17 -2.64 8.25
N VAL A 100 3.42 -1.91 7.41
CA VAL A 100 2.72 -0.67 7.78
C VAL A 100 1.47 -0.97 8.62
N SER A 101 0.84 -2.14 8.42
CA SER A 101 -0.47 -2.48 8.98
C SER A 101 -0.46 -3.44 10.19
N GLU A 102 0.71 -3.96 10.55
CA GLU A 102 0.98 -5.05 11.51
C GLU A 102 0.39 -6.44 11.15
N TRP A 103 -0.71 -6.49 10.39
CA TRP A 103 -1.24 -7.67 9.71
C TRP A 103 -1.90 -7.26 8.38
N PRO A 104 -1.72 -8.01 7.26
CA PRO A 104 -2.15 -7.56 5.93
C PRO A 104 -3.62 -7.86 5.61
N THR A 105 -4.21 -6.98 4.78
CA THR A 105 -5.44 -7.20 4.01
C THR A 105 -5.18 -6.81 2.55
N ILE A 106 -5.56 -7.65 1.59
CA ILE A 106 -5.49 -7.38 0.13
C ILE A 106 -6.86 -7.73 -0.49
N PRO A 107 -7.39 -7.00 -1.48
CA PRO A 107 -6.93 -5.71 -2.03
C PRO A 107 -7.10 -4.57 -1.01
N GLN A 108 -6.37 -3.47 -1.23
CA GLN A 108 -6.12 -2.46 -0.20
C GLN A 108 -6.09 -1.04 -0.76
N LEU A 109 -6.43 -0.05 0.08
CA LEU A 109 -6.39 1.37 -0.25
C LEU A 109 -5.57 2.17 0.77
N PHE A 110 -4.82 3.13 0.24
CA PHE A 110 -4.05 4.14 0.96
C PHE A 110 -4.36 5.54 0.38
N ILE A 111 -4.46 6.54 1.25
CA ILE A 111 -4.66 7.96 0.86
C ILE A 111 -3.61 8.80 1.59
N LYS A 112 -2.93 9.71 0.86
CA LYS A 112 -1.81 10.55 1.34
C LYS A 112 -0.72 9.75 2.07
N ALA A 113 -0.32 8.61 1.50
CA ALA A 113 0.62 7.65 2.07
C ALA A 113 0.19 6.96 3.40
N GLU A 114 -1.07 7.07 3.81
CA GLU A 114 -1.60 6.55 5.08
C GLU A 114 -2.66 5.46 4.83
N PHE A 115 -2.68 4.44 5.71
CA PHE A 115 -3.60 3.30 5.63
C PHE A 115 -5.05 3.70 5.93
N VAL A 116 -5.90 3.37 4.98
CA VAL A 116 -7.35 3.56 5.05
C VAL A 116 -8.08 2.23 5.31
N GLY A 117 -7.85 1.22 4.47
CA GLY A 117 -8.42 -0.12 4.68
C GLY A 117 -8.37 -1.09 3.49
N GLY A 118 -8.66 -2.37 3.79
CA GLY A 118 -8.89 -3.43 2.81
C GLY A 118 -10.27 -3.33 2.15
N LEU A 119 -10.52 -4.09 1.08
CA LEU A 119 -11.76 -4.06 0.28
C LEU A 119 -13.05 -4.09 1.13
N ASP A 120 -13.14 -4.96 2.13
CA ASP A 120 -14.32 -5.06 2.99
C ASP A 120 -14.49 -3.81 3.86
N ILE A 121 -13.38 -3.22 4.32
CA ILE A 121 -13.34 -1.96 5.09
C ILE A 121 -13.80 -0.78 4.22
N VAL A 122 -13.26 -0.69 2.99
CA VAL A 122 -13.64 0.32 1.99
C VAL A 122 -15.13 0.22 1.68
N THR A 123 -15.68 -1.00 1.59
CA THR A 123 -17.13 -1.22 1.39
C THR A 123 -17.97 -0.66 2.52
N LYS A 124 -17.56 -0.83 3.80
CA LYS A 124 -18.30 -0.26 4.95
C LYS A 124 -18.46 1.25 4.78
N MET A 125 -17.37 1.91 4.41
CA MET A 125 -17.25 3.36 4.27
C MET A 125 -17.98 3.91 3.03
N LEU A 126 -18.00 3.13 1.94
CA LEU A 126 -18.61 3.47 0.64
C LEU A 126 -20.14 3.49 0.70
N GLU A 127 -20.78 2.61 1.48
CA GLU A 127 -22.24 2.59 1.65
C GLU A 127 -22.74 3.66 2.66
N SER A 128 -21.85 4.14 3.52
CA SER A 128 -22.19 4.85 4.77
C SER A 128 -21.95 6.36 4.78
N GLY A 129 -21.16 6.86 3.82
CA GLY A 129 -20.65 8.24 3.80
C GLY A 129 -19.32 8.48 4.54
N ASP A 130 -18.70 7.46 5.15
CA ASP A 130 -17.39 7.63 5.82
C ASP A 130 -16.25 7.88 4.81
N LEU A 131 -16.31 7.30 3.60
CA LEU A 131 -15.33 7.51 2.52
C LEU A 131 -15.47 8.92 1.93
N LYS A 132 -16.72 9.38 1.74
CA LYS A 132 -17.10 10.73 1.31
C LYS A 132 -16.52 11.78 2.25
N LYS A 133 -16.53 11.53 3.56
CA LYS A 133 -15.92 12.46 4.54
C LYS A 133 -14.44 12.71 4.23
N MET A 134 -13.64 11.66 3.97
CA MET A 134 -12.20 11.83 3.70
C MET A 134 -11.92 12.49 2.35
N LEU A 135 -12.59 12.04 1.27
CA LEU A 135 -12.38 12.57 -0.07
C LEU A 135 -12.87 14.03 -0.22
N ARG A 136 -14.02 14.36 0.40
CA ARG A 136 -14.63 15.70 0.37
C ARG A 136 -13.86 16.71 1.22
N ASP A 137 -13.25 16.28 2.32
CA ASP A 137 -12.31 17.10 3.09
C ASP A 137 -11.10 17.55 2.25
N LYS A 138 -10.73 16.79 1.21
CA LYS A 138 -9.62 17.14 0.31
C LYS A 138 -10.04 17.95 -0.92
N GLY A 139 -11.35 18.20 -1.10
CA GLY A 139 -11.92 18.92 -2.25
C GLY A 139 -12.21 18.02 -3.46
N ILE A 140 -12.37 16.71 -3.28
CA ILE A 140 -12.50 15.74 -4.38
C ILE A 140 -13.96 15.46 -4.74
N THR A 141 -14.25 15.19 -6.01
CA THR A 141 -15.60 14.92 -6.56
C THR A 141 -15.86 13.42 -6.75
N CYS A 142 -16.99 12.92 -6.27
CA CYS A 142 -17.50 11.55 -6.43
C CYS A 142 -19.02 11.54 -6.73
N ARG A 143 -19.57 10.39 -7.12
CA ARG A 143 -21.02 10.18 -7.34
C ARG A 143 -21.84 10.10 -6.05
N ASP A 144 -23.15 10.36 -6.18
CA ASP A 144 -24.18 10.05 -5.19
C ASP A 144 -25.46 9.44 -5.81
N LEU A 145 -25.92 8.31 -5.26
CA LEU A 145 -27.16 7.61 -5.65
C LEU A 145 -28.15 7.52 -4.49
N SER A 4 30.57 4.38 37.91
CA SER A 4 29.39 4.75 37.10
C SER A 4 28.15 4.05 37.63
N THR A 5 26.96 4.62 37.38
CA THR A 5 25.70 4.25 38.05
C THR A 5 25.04 2.95 37.54
N SER A 6 25.20 2.63 36.25
CA SER A 6 24.64 1.44 35.59
C SER A 6 25.67 0.34 35.30
N GLY A 7 26.95 0.54 35.66
CA GLY A 7 28.04 -0.45 35.55
C GLY A 7 28.79 -0.48 34.21
N ILE A 8 28.52 0.47 33.32
CA ILE A 8 29.16 0.65 31.99
C ILE A 8 30.37 1.59 32.13
N GLY A 9 31.47 1.33 31.42
CA GLY A 9 32.65 2.22 31.43
C GLY A 9 33.59 2.07 30.24
N GLY A 10 34.05 3.19 29.68
CA GLY A 10 35.06 3.27 28.62
C GLY A 10 34.62 2.87 27.21
N ASP A 11 33.68 1.92 27.08
CA ASP A 11 32.98 1.56 25.85
C ASP A 11 31.54 1.07 26.17
N VAL A 12 30.61 1.23 25.22
CA VAL A 12 29.20 0.84 25.38
C VAL A 12 28.64 0.22 24.10
N ARG A 13 27.63 -0.65 24.24
CA ARG A 13 26.88 -1.25 23.13
C ARG A 13 25.97 -0.21 22.45
N ASP A 14 25.43 -0.55 21.28
CA ASP A 14 24.33 0.18 20.64
C ASP A 14 23.45 -0.75 19.79
N ILE A 15 22.27 -0.28 19.37
CA ILE A 15 21.42 -0.94 18.38
C ILE A 15 21.87 -0.52 16.98
N GLU A 16 22.35 -1.49 16.19
CA GLU A 16 22.94 -1.28 14.86
C GLU A 16 22.50 -2.34 13.84
N GLU A 17 22.40 -1.92 12.57
CA GLU A 17 22.45 -2.78 11.38
C GLU A 17 23.89 -3.27 11.17
N THR A 18 24.14 -4.58 11.26
CA THR A 18 25.48 -5.19 11.11
C THR A 18 25.51 -6.50 10.31
N HIS A 19 24.36 -7.11 10.00
CA HIS A 19 24.30 -8.43 9.36
C HIS A 19 24.71 -8.37 7.86
N PRO A 20 25.22 -9.48 7.28
CA PRO A 20 25.48 -9.62 5.85
C PRO A 20 24.18 -9.74 5.03
N ASP A 21 24.27 -9.77 3.69
CA ASP A 21 23.10 -9.98 2.81
C ASP A 21 22.64 -11.45 2.73
N PHE A 22 23.43 -12.37 3.27
CA PHE A 22 23.17 -13.82 3.30
C PHE A 22 23.58 -14.39 4.65
N GLN A 23 22.64 -14.93 5.44
CA GLN A 23 22.90 -15.37 6.82
C GLN A 23 23.22 -16.87 6.94
N PRO A 24 24.06 -17.28 7.91
CA PRO A 24 24.24 -18.69 8.29
C PRO A 24 23.00 -19.21 9.02
N ARG A 25 22.61 -20.45 8.72
CA ARG A 25 21.34 -21.03 9.20
C ARG A 25 21.52 -21.79 10.51
N LEU A 26 20.69 -21.48 11.50
CA LEU A 26 20.62 -22.22 12.78
C LEU A 26 19.24 -22.08 13.45
N VAL A 27 18.68 -20.85 13.47
CA VAL A 27 17.34 -20.55 14.02
C VAL A 27 16.67 -19.45 13.19
N SER A 28 15.62 -19.77 12.44
CA SER A 28 14.79 -18.79 11.71
C SER A 28 13.74 -18.17 12.64
N ALA A 29 14.20 -17.25 13.50
CA ALA A 29 13.36 -16.54 14.47
C ALA A 29 13.49 -15.02 14.33
N ASP A 30 12.34 -14.34 14.33
CA ASP A 30 12.15 -12.95 13.88
C ASP A 30 12.73 -12.69 12.46
N LEU A 31 12.61 -11.48 11.94
CA LEU A 31 13.36 -11.03 10.76
C LEU A 31 14.48 -10.09 11.21
N ALA A 32 15.71 -10.30 10.73
CA ALA A 32 16.91 -9.62 11.23
C ALA A 32 16.85 -8.10 11.07
N GLU A 33 17.56 -7.37 11.94
CA GLU A 33 17.54 -5.89 12.02
C GLU A 33 17.80 -5.23 10.65
N ASP A 34 18.76 -5.75 9.89
CA ASP A 34 19.14 -5.29 8.55
C ASP A 34 18.14 -5.65 7.44
N GLU A 35 17.44 -6.79 7.58
CA GLU A 35 16.38 -7.25 6.67
C GLU A 35 15.06 -6.49 6.85
N ILE A 36 14.65 -6.21 8.10
CA ILE A 36 13.38 -5.53 8.40
C ILE A 36 13.47 -4.00 8.28
N ALA A 37 14.68 -3.43 8.35
CA ALA A 37 14.95 -2.03 8.05
C ALA A 37 15.03 -1.71 6.54
N MET A 38 14.83 -2.69 5.66
CA MET A 38 15.06 -2.53 4.22
C MET A 38 14.14 -1.45 3.62
N VAL A 39 14.74 -0.47 2.91
CA VAL A 39 14.02 0.61 2.22
C VAL A 39 14.70 1.01 0.90
N LYS A 40 13.90 1.44 -0.08
CA LYS A 40 14.34 2.15 -1.29
C LYS A 40 13.66 3.52 -1.37
N LYS A 41 14.47 4.59 -1.52
CA LYS A 41 14.07 5.98 -1.27
C LYS A 41 12.86 6.43 -2.10
N ASP A 42 12.82 6.08 -3.39
CA ASP A 42 11.74 6.50 -4.30
C ASP A 42 10.42 5.75 -4.04
N ILE A 43 10.47 4.51 -3.55
CA ILE A 43 9.28 3.69 -3.25
C ILE A 43 8.57 4.25 -2.00
N ASP A 44 9.35 4.48 -0.95
CA ASP A 44 8.94 5.19 0.27
C ASP A 44 8.44 6.62 -0.02
N ASP A 45 9.09 7.32 -0.96
CA ASP A 45 8.66 8.65 -1.39
C ASP A 45 7.37 8.63 -2.23
N THR A 46 7.11 7.56 -2.99
CA THR A 46 5.94 7.43 -3.88
C THR A 46 4.63 7.38 -3.07
N ILE A 47 4.57 6.55 -2.03
CA ILE A 47 3.37 6.43 -1.19
C ILE A 47 3.01 7.77 -0.51
N LYS A 48 4.04 8.53 -0.10
CA LYS A 48 3.94 9.85 0.53
C LYS A 48 3.58 10.98 -0.46
N SER A 49 3.83 10.76 -1.75
CA SER A 49 3.68 11.73 -2.85
C SER A 49 2.31 11.62 -3.53
N GLU A 50 1.79 10.40 -3.71
CA GLU A 50 0.53 10.13 -4.41
C GLU A 50 -0.68 10.24 -3.47
N ASP A 51 -1.78 10.84 -3.94
CA ASP A 51 -2.93 11.16 -3.09
C ASP A 51 -3.71 9.94 -2.62
N VAL A 52 -3.94 8.98 -3.51
CA VAL A 52 -4.66 7.72 -3.22
C VAL A 52 -3.97 6.56 -3.92
N VAL A 53 -3.66 5.50 -3.17
CA VAL A 53 -2.88 4.33 -3.61
C VAL A 53 -3.55 3.03 -3.19
N THR A 54 -3.71 2.10 -4.13
CA THR A 54 -4.15 0.72 -3.89
C THR A 54 -3.22 -0.27 -4.60
N PHE A 55 -3.18 -1.50 -4.11
CA PHE A 55 -2.51 -2.60 -4.80
C PHE A 55 -3.39 -3.85 -4.87
N ILE A 56 -3.14 -4.63 -5.92
CA ILE A 56 -4.00 -5.72 -6.39
C ILE A 56 -3.13 -6.96 -6.66
N LYS A 57 -3.76 -8.13 -6.88
CA LYS A 57 -3.25 -9.10 -7.84
C LYS A 57 -3.80 -8.85 -9.26
N GLY A 58 -2.91 -8.46 -10.18
CA GLY A 58 -3.20 -8.04 -11.54
C GLY A 58 -3.37 -6.52 -11.72
N LEU A 59 -3.80 -6.13 -12.92
CA LEU A 59 -4.21 -4.76 -13.26
C LEU A 59 -5.71 -4.54 -12.97
N PRO A 60 -6.16 -3.32 -12.64
CA PRO A 60 -7.55 -3.08 -12.21
C PRO A 60 -8.61 -3.41 -13.27
N GLU A 61 -8.29 -3.33 -14.57
CA GLU A 61 -9.19 -3.73 -15.65
C GLU A 61 -9.30 -5.26 -15.82
N ALA A 62 -8.31 -6.03 -15.33
CA ALA A 62 -8.25 -7.49 -15.43
C ALA A 62 -7.59 -8.13 -14.18
N PRO A 63 -8.25 -8.08 -12.99
CA PRO A 63 -7.70 -8.62 -11.74
C PRO A 63 -7.78 -10.15 -11.68
N MET A 64 -6.93 -10.76 -10.86
CA MET A 64 -6.81 -12.23 -10.70
C MET A 64 -7.61 -12.80 -9.52
N CYS A 65 -8.48 -12.01 -8.88
CA CYS A 65 -9.31 -12.44 -7.77
C CYS A 65 -10.67 -11.70 -7.76
N ALA A 66 -11.75 -12.36 -7.33
CA ALA A 66 -13.09 -11.78 -7.24
C ALA A 66 -13.16 -10.62 -6.21
N TYR A 67 -12.50 -10.73 -5.04
CA TYR A 67 -12.42 -9.61 -4.09
C TYR A 67 -11.58 -8.44 -4.62
N SER A 68 -10.56 -8.73 -5.43
CA SER A 68 -9.86 -7.70 -6.21
C SER A 68 -10.79 -7.02 -7.22
N LYS A 69 -11.73 -7.74 -7.86
CA LYS A 69 -12.78 -7.13 -8.71
C LYS A 69 -13.76 -6.26 -7.91
N ARG A 70 -14.19 -6.69 -6.71
CA ARG A 70 -15.06 -5.88 -5.82
C ARG A 70 -14.43 -4.53 -5.42
N MET A 71 -13.12 -4.50 -5.22
CA MET A 71 -12.38 -3.24 -4.98
C MET A 71 -12.57 -2.25 -6.13
N ILE A 72 -12.42 -2.70 -7.38
CA ILE A 72 -12.63 -1.88 -8.58
C ILE A 72 -14.12 -1.56 -8.81
N ASP A 73 -15.04 -2.47 -8.47
CA ASP A 73 -16.49 -2.25 -8.52
C ASP A 73 -16.89 -1.01 -7.72
N VAL A 74 -16.30 -0.84 -6.53
CA VAL A 74 -16.49 0.32 -5.65
C VAL A 74 -16.00 1.61 -6.32
N LEU A 75 -14.83 1.58 -6.95
CA LEU A 75 -14.26 2.73 -7.67
C LEU A 75 -15.08 3.12 -8.91
N GLU A 76 -15.65 2.15 -9.62
CA GLU A 76 -16.60 2.40 -10.71
C GLU A 76 -17.97 2.91 -10.22
N ALA A 77 -18.41 2.51 -9.03
CA ALA A 77 -19.67 2.97 -8.44
C ALA A 77 -19.61 4.46 -8.04
N LEU A 78 -18.43 4.92 -7.61
CA LEU A 78 -18.18 6.31 -7.20
C LEU A 78 -17.62 7.18 -8.34
N GLY A 79 -17.23 6.55 -9.46
CA GLY A 79 -16.74 7.19 -10.69
C GLY A 79 -15.35 7.82 -10.59
N LEU A 80 -14.62 7.58 -9.49
CA LEU A 80 -13.24 8.00 -9.32
C LEU A 80 -12.30 6.79 -9.29
N GLU A 81 -11.20 6.82 -10.04
CA GLU A 81 -10.15 5.80 -10.01
C GLU A 81 -8.81 6.35 -9.49
N TYR A 82 -8.01 5.46 -8.91
CA TYR A 82 -6.83 5.74 -8.10
C TYR A 82 -5.59 4.98 -8.61
N THR A 83 -4.39 5.23 -8.05
CA THR A 83 -3.15 4.74 -8.65
C THR A 83 -2.82 3.34 -8.12
N SER A 84 -2.56 2.41 -9.06
CA SER A 84 -2.56 0.96 -8.86
C SER A 84 -1.17 0.32 -9.01
N PHE A 85 -0.89 -0.67 -8.17
CA PHE A 85 0.30 -1.55 -8.27
C PHE A 85 -0.09 -3.04 -8.22
N ASP A 86 0.79 -3.93 -8.66
CA ASP A 86 0.52 -5.37 -8.88
C ASP A 86 1.59 -6.28 -8.24
N VAL A 87 1.19 -7.12 -7.29
CA VAL A 87 2.07 -8.09 -6.61
C VAL A 87 2.57 -9.21 -7.53
N LEU A 88 1.89 -9.47 -8.65
CA LEU A 88 2.31 -10.41 -9.69
C LEU A 88 3.35 -9.77 -10.64
N ALA A 89 3.42 -8.44 -10.74
CA ALA A 89 4.50 -7.76 -11.47
C ALA A 89 5.73 -7.53 -10.57
N HIS A 90 5.51 -7.15 -9.31
CA HIS A 90 6.57 -6.83 -8.33
C HIS A 90 6.20 -7.27 -6.90
N PRO A 91 6.85 -8.31 -6.32
CA PRO A 91 6.57 -8.78 -4.95
C PRO A 91 6.89 -7.77 -3.84
N VAL A 92 7.63 -6.68 -4.11
CA VAL A 92 7.81 -5.53 -3.19
C VAL A 92 6.48 -5.05 -2.59
N VAL A 93 5.38 -5.15 -3.33
CA VAL A 93 4.03 -4.78 -2.88
C VAL A 93 3.62 -5.55 -1.62
N ARG A 94 3.90 -6.87 -1.57
CA ARG A 94 3.63 -7.75 -0.41
C ARG A 94 4.55 -7.41 0.77
N SER A 95 5.82 -7.12 0.49
CA SER A 95 6.79 -6.77 1.52
C SER A 95 6.44 -5.43 2.20
N TYR A 96 6.14 -4.38 1.43
CA TYR A 96 5.76 -3.08 2.00
C TYR A 96 4.38 -3.11 2.67
N VAL A 97 3.39 -3.81 2.12
CA VAL A 97 2.07 -3.93 2.79
C VAL A 97 2.17 -4.64 4.14
N LYS A 98 3.04 -5.66 4.28
CA LYS A 98 3.36 -6.32 5.56
C LYS A 98 4.07 -5.38 6.53
N GLU A 99 5.09 -4.66 6.08
CA GLU A 99 5.89 -3.77 6.94
C GLU A 99 5.09 -2.55 7.43
N VAL A 100 4.30 -1.92 6.55
CA VAL A 100 3.55 -0.68 6.83
C VAL A 100 2.27 -0.91 7.62
N SER A 101 1.57 -2.03 7.39
CA SER A 101 0.23 -2.27 7.94
C SER A 101 0.20 -3.12 9.22
N GLU A 102 1.38 -3.46 9.76
CA GLU A 102 1.65 -4.53 10.74
C GLU A 102 1.34 -5.95 10.23
N TRP A 103 0.24 -6.12 9.51
CA TRP A 103 -0.24 -7.38 8.93
C TRP A 103 -0.71 -7.16 7.48
N PRO A 104 -0.35 -8.03 6.52
CA PRO A 104 -0.71 -7.84 5.11
C PRO A 104 -2.20 -8.13 4.84
N THR A 105 -2.85 -7.30 4.03
CA THR A 105 -4.15 -7.56 3.41
C THR A 105 -4.11 -7.18 1.93
N ILE A 106 -4.68 -8.01 1.04
CA ILE A 106 -4.81 -7.68 -0.40
C ILE A 106 -6.28 -7.88 -0.84
N PRO A 107 -6.90 -6.93 -1.55
CA PRO A 107 -6.44 -5.55 -1.77
C PRO A 107 -6.71 -4.68 -0.53
N GLN A 108 -6.06 -3.51 -0.44
CA GLN A 108 -6.33 -2.50 0.58
C GLN A 108 -6.02 -1.08 0.07
N LEU A 109 -6.37 -0.07 0.85
CA LEU A 109 -6.25 1.35 0.45
C LEU A 109 -5.49 2.24 1.44
N PHE A 110 -4.70 3.12 0.84
CA PHE A 110 -3.99 4.22 1.48
C PHE A 110 -4.40 5.55 0.87
N ILE A 111 -4.52 6.59 1.70
CA ILE A 111 -4.68 7.98 1.26
C ILE A 111 -3.53 8.80 1.85
N LYS A 112 -2.69 9.38 0.97
CA LYS A 112 -1.44 10.10 1.27
C LYS A 112 -0.50 9.38 2.27
N ALA A 113 -0.24 8.09 2.04
CA ALA A 113 0.49 7.19 2.96
C ALA A 113 -0.11 7.00 4.38
N GLU A 114 -1.35 7.43 4.63
CA GLU A 114 -2.11 7.03 5.82
C GLU A 114 -2.99 5.83 5.45
N PHE A 115 -2.97 4.77 6.27
CA PHE A 115 -3.80 3.58 6.06
C PHE A 115 -5.25 3.85 6.45
N VAL A 116 -6.15 3.60 5.51
CA VAL A 116 -7.58 3.90 5.62
C VAL A 116 -8.38 2.63 5.92
N GLY A 117 -8.11 1.55 5.19
CA GLY A 117 -8.69 0.21 5.43
C GLY A 117 -8.51 -0.81 4.32
N GLY A 118 -8.86 -2.06 4.64
CA GLY A 118 -9.02 -3.17 3.69
C GLY A 118 -10.33 -3.14 2.90
N LEU A 119 -10.48 -4.06 1.95
CA LEU A 119 -11.67 -4.24 1.08
C LEU A 119 -12.99 -4.27 1.86
N ASP A 120 -13.04 -4.99 2.98
CA ASP A 120 -14.22 -5.06 3.84
C ASP A 120 -14.60 -3.66 4.35
N ILE A 121 -13.61 -2.88 4.80
CA ILE A 121 -13.78 -1.53 5.35
C ILE A 121 -14.19 -0.53 4.26
N VAL A 122 -13.50 -0.58 3.11
CA VAL A 122 -13.76 0.24 1.91
C VAL A 122 -15.20 0.05 1.42
N THR A 123 -15.74 -1.17 1.51
CA THR A 123 -17.15 -1.45 1.21
C THR A 123 -18.09 -0.73 2.17
N LYS A 124 -17.81 -0.72 3.48
CA LYS A 124 -18.63 0.02 4.46
C LYS A 124 -18.60 1.51 4.19
N MET A 125 -17.42 2.04 3.86
CA MET A 125 -17.21 3.47 3.55
C MET A 125 -17.99 3.89 2.29
N LEU A 126 -18.05 3.04 1.26
CA LEU A 126 -18.84 3.27 0.03
C LEU A 126 -20.36 3.21 0.29
N GLU A 127 -20.80 2.27 1.12
CA GLU A 127 -22.21 2.09 1.48
C GLU A 127 -22.74 3.11 2.50
N SER A 128 -21.90 3.56 3.43
CA SER A 128 -22.24 4.53 4.49
C SER A 128 -22.12 5.98 4.04
N GLY A 129 -21.35 6.27 2.98
CA GLY A 129 -21.06 7.63 2.49
C GLY A 129 -19.77 8.26 3.05
N ASP A 130 -19.03 7.55 3.90
CA ASP A 130 -17.80 8.04 4.53
C ASP A 130 -16.61 8.17 3.55
N LEU A 131 -16.55 7.33 2.50
CA LEU A 131 -15.53 7.44 1.45
C LEU A 131 -15.65 8.80 0.74
N LYS A 132 -16.89 9.21 0.43
CA LYS A 132 -17.22 10.54 -0.10
C LYS A 132 -16.88 11.68 0.87
N LYS A 133 -17.05 11.50 2.18
CA LYS A 133 -16.57 12.48 3.19
C LYS A 133 -15.05 12.67 3.08
N MET A 134 -14.29 11.58 3.04
CA MET A 134 -12.82 11.63 3.04
C MET A 134 -12.24 12.18 1.73
N LEU A 135 -12.74 11.73 0.57
CA LEU A 135 -12.23 12.22 -0.72
C LEU A 135 -12.57 13.71 -0.95
N ARG A 136 -13.75 14.17 -0.50
CA ARG A 136 -14.16 15.58 -0.58
C ARG A 136 -13.25 16.47 0.27
N ASP A 137 -12.89 16.02 1.47
CA ASP A 137 -11.91 16.70 2.33
C ASP A 137 -10.47 16.64 1.79
N LYS A 138 -10.17 15.68 0.89
CA LYS A 138 -8.91 15.58 0.13
C LYS A 138 -8.90 16.51 -1.11
N GLY A 139 -9.95 17.29 -1.35
CA GLY A 139 -10.07 18.20 -2.49
C GLY A 139 -10.48 17.51 -3.79
N ILE A 140 -11.04 16.30 -3.71
CA ILE A 140 -11.41 15.47 -4.87
C ILE A 140 -12.93 15.54 -5.07
N THR A 141 -13.41 15.47 -6.32
CA THR A 141 -14.84 15.45 -6.66
C THR A 141 -15.24 14.09 -7.24
N CYS A 142 -16.38 13.55 -6.83
CA CYS A 142 -16.92 12.24 -7.25
C CYS A 142 -18.40 12.28 -7.67
N ARG A 143 -18.90 11.20 -8.28
CA ARG A 143 -20.33 10.99 -8.54
C ARG A 143 -21.12 10.81 -7.25
N ASP A 144 -22.42 11.09 -7.31
CA ASP A 144 -23.31 11.16 -6.16
C ASP A 144 -23.95 9.80 -5.84
N LEU A 145 -23.47 9.15 -4.78
CA LEU A 145 -23.87 7.81 -4.31
C LEU A 145 -24.05 7.75 -2.79
N SER A 4 5.72 0.39 26.10
CA SER A 4 5.86 1.16 27.34
C SER A 4 4.73 0.83 28.31
N THR A 5 4.99 -0.06 29.27
CA THR A 5 4.07 -0.34 30.40
C THR A 5 4.17 0.72 31.51
N SER A 6 5.36 1.29 31.72
CA SER A 6 5.81 1.90 32.98
C SER A 6 5.78 0.93 34.17
N GLY A 7 6.50 1.28 35.25
CA GLY A 7 6.69 0.43 36.44
C GLY A 7 7.69 -0.72 36.26
N ILE A 8 8.52 -0.70 35.22
CA ILE A 8 9.41 -1.79 34.82
C ILE A 8 10.75 -1.70 35.58
N GLY A 9 11.31 -2.83 36.00
CA GLY A 9 12.53 -2.88 36.83
C GLY A 9 13.81 -2.39 36.14
N GLY A 10 14.49 -1.44 36.80
CA GLY A 10 15.78 -0.88 36.34
C GLY A 10 15.64 0.02 35.10
N ASP A 11 16.65 0.03 34.24
CA ASP A 11 16.63 0.72 32.94
C ASP A 11 17.50 -0.02 31.89
N VAL A 12 17.21 0.15 30.61
CA VAL A 12 17.94 -0.52 29.51
C VAL A 12 18.23 0.43 28.35
N ARG A 13 19.43 0.32 27.78
CA ARG A 13 19.83 1.03 26.56
C ARG A 13 19.48 0.22 25.31
N ASP A 14 19.01 0.92 24.29
CA ASP A 14 18.63 0.33 23.00
C ASP A 14 19.82 0.25 22.03
N ILE A 15 19.80 -0.73 21.14
CA ILE A 15 20.76 -0.94 20.05
C ILE A 15 20.04 -0.70 18.71
N GLU A 16 20.74 -0.13 17.72
CA GLU A 16 20.21 0.00 16.37
C GLU A 16 20.19 -1.35 15.66
N GLU A 17 19.00 -1.79 15.21
CA GLU A 17 18.81 -3.06 14.52
C GLU A 17 19.57 -3.12 13.20
N THR A 18 20.38 -4.17 13.05
CA THR A 18 21.17 -4.47 11.84
C THR A 18 20.99 -5.94 11.47
N HIS A 19 20.82 -6.24 10.18
CA HIS A 19 20.30 -7.53 9.73
C HIS A 19 21.40 -8.56 9.39
N PRO A 20 21.15 -9.87 9.64
CA PRO A 20 22.12 -10.95 9.37
C PRO A 20 22.45 -11.10 7.88
N ASP A 21 23.66 -11.58 7.57
CA ASP A 21 24.17 -11.63 6.20
C ASP A 21 23.98 -12.99 5.50
N PHE A 22 23.46 -13.98 6.20
CA PHE A 22 23.14 -15.31 5.67
C PHE A 22 21.70 -15.74 6.02
N GLN A 23 20.87 -15.93 5.01
CA GLN A 23 19.50 -16.43 5.08
C GLN A 23 19.39 -17.87 4.54
N PRO A 24 18.55 -18.73 5.15
CA PRO A 24 18.22 -20.05 4.59
C PRO A 24 17.39 -19.91 3.29
N ARG A 25 17.51 -20.90 2.40
CA ARG A 25 16.88 -20.89 1.06
C ARG A 25 15.35 -20.99 1.14
N LEU A 26 14.64 -20.08 0.48
CA LEU A 26 13.17 -20.06 0.37
C LEU A 26 12.74 -19.44 -0.97
N VAL A 27 11.60 -19.85 -1.52
CA VAL A 27 11.03 -19.35 -2.80
C VAL A 27 9.75 -18.53 -2.56
N SER A 28 8.96 -18.91 -1.57
CA SER A 28 7.95 -18.04 -0.94
C SER A 28 8.61 -16.91 -0.14
N ALA A 29 7.82 -15.93 0.27
CA ALA A 29 8.29 -14.80 1.06
C ALA A 29 8.21 -15.08 2.57
N ASP A 30 9.31 -14.81 3.27
CA ASP A 30 9.42 -14.59 4.72
C ASP A 30 10.62 -13.65 4.94
N LEU A 31 10.62 -12.82 5.99
CA LEU A 31 11.70 -11.85 6.23
C LEU A 31 12.13 -11.84 7.71
N ALA A 32 13.39 -11.47 7.98
CA ALA A 32 13.97 -11.40 9.33
C ALA A 32 13.54 -10.15 10.10
N GLU A 33 13.40 -10.26 11.43
CA GLU A 33 13.00 -9.17 12.33
C GLU A 33 13.87 -7.91 12.21
N ASP A 34 15.21 -8.06 12.15
CA ASP A 34 16.13 -6.93 11.97
C ASP A 34 16.06 -6.34 10.54
N GLU A 35 15.78 -7.16 9.52
CA GLU A 35 15.59 -6.69 8.15
C GLU A 35 14.26 -5.92 7.97
N ILE A 36 13.23 -6.24 8.78
CA ILE A 36 11.97 -5.47 8.88
C ILE A 36 12.19 -4.14 9.64
N ALA A 37 13.17 -4.08 10.54
CA ALA A 37 13.62 -2.87 11.22
C ALA A 37 14.57 -1.98 10.39
N MET A 38 14.76 -2.30 9.09
CA MET A 38 15.49 -1.49 8.11
C MET A 38 14.53 -1.01 7.00
N VAL A 39 14.36 0.32 6.90
CA VAL A 39 13.35 0.95 6.01
C VAL A 39 13.98 1.99 5.08
N LYS A 40 13.41 2.14 3.87
CA LYS A 40 13.81 3.18 2.89
C LYS A 40 12.95 4.43 3.03
N LYS A 41 13.58 5.60 3.14
CA LYS A 41 12.91 6.91 2.99
C LYS A 41 12.28 7.10 1.61
N ASP A 42 12.81 6.47 0.56
CA ASP A 42 12.23 6.49 -0.80
C ASP A 42 10.80 5.92 -0.83
N ILE A 43 10.53 4.87 -0.04
CA ILE A 43 9.22 4.21 0.04
C ILE A 43 8.24 5.06 0.86
N ASP A 44 8.70 5.59 2.00
CA ASP A 44 7.97 6.57 2.83
C ASP A 44 7.59 7.84 2.03
N ASP A 45 8.47 8.29 1.14
CA ASP A 45 8.20 9.38 0.20
C ASP A 45 7.23 8.98 -0.92
N THR A 46 7.16 7.70 -1.33
CA THR A 46 6.25 7.26 -2.41
C THR A 46 4.79 7.30 -1.94
N ILE A 47 4.51 6.76 -0.75
CA ILE A 47 3.17 6.74 -0.14
C ILE A 47 2.60 8.15 0.12
N LYS A 48 3.48 9.11 0.43
CA LYS A 48 3.20 10.54 0.58
C LYS A 48 3.08 11.31 -0.76
N SER A 49 3.80 10.86 -1.78
CA SER A 49 3.87 11.46 -3.12
C SER A 49 2.67 11.10 -4.02
N GLU A 50 2.04 9.94 -3.82
CA GLU A 50 0.74 9.58 -4.41
C GLU A 50 -0.42 10.12 -3.55
N ASP A 51 -1.56 10.43 -4.19
CA ASP A 51 -2.79 10.73 -3.45
C ASP A 51 -3.46 9.45 -2.92
N VAL A 52 -3.58 8.40 -3.74
CA VAL A 52 -4.31 7.15 -3.42
C VAL A 52 -3.62 5.94 -4.05
N VAL A 53 -3.40 4.88 -3.26
CA VAL A 53 -2.68 3.65 -3.68
C VAL A 53 -3.47 2.39 -3.30
N THR A 54 -3.62 1.47 -4.25
CA THR A 54 -4.19 0.12 -4.03
C THR A 54 -3.36 -0.97 -4.71
N PHE A 55 -3.45 -2.18 -4.19
CA PHE A 55 -2.78 -3.36 -4.74
C PHE A 55 -3.75 -4.55 -4.85
N ILE A 56 -3.63 -5.29 -5.97
CA ILE A 56 -4.60 -6.27 -6.48
C ILE A 56 -3.84 -7.55 -6.86
N LYS A 57 -4.52 -8.71 -6.92
CA LYS A 57 -4.15 -9.75 -7.88
C LYS A 57 -4.63 -9.46 -9.31
N GLY A 58 -3.70 -9.27 -10.24
CA GLY A 58 -3.98 -8.94 -11.65
C GLY A 58 -4.16 -7.43 -11.89
N LEU A 59 -4.93 -7.08 -12.93
CA LEU A 59 -5.20 -5.70 -13.36
C LEU A 59 -6.61 -5.27 -12.94
N PRO A 60 -6.90 -3.98 -12.71
CA PRO A 60 -8.24 -3.53 -12.32
C PRO A 60 -9.30 -3.76 -13.42
N GLU A 61 -8.92 -3.69 -14.70
CA GLU A 61 -9.81 -4.02 -15.83
C GLU A 61 -9.89 -5.54 -16.10
N ALA A 62 -8.99 -6.35 -15.52
CA ALA A 62 -8.94 -7.81 -15.62
C ALA A 62 -8.65 -8.49 -14.26
N PRO A 63 -9.59 -8.42 -13.29
CA PRO A 63 -9.37 -8.87 -11.91
C PRO A 63 -9.21 -10.40 -11.80
N MET A 64 -8.32 -10.86 -10.91
CA MET A 64 -8.02 -12.29 -10.72
C MET A 64 -8.61 -12.93 -9.45
N CYS A 65 -9.39 -12.16 -8.68
CA CYS A 65 -10.15 -12.59 -7.50
C CYS A 65 -11.59 -12.03 -7.53
N ALA A 66 -12.58 -12.76 -7.02
CA ALA A 66 -13.96 -12.28 -6.88
C ALA A 66 -14.05 -10.98 -6.04
N TYR A 67 -13.38 -10.97 -4.89
CA TYR A 67 -13.29 -9.79 -4.03
C TYR A 67 -12.50 -8.64 -4.69
N SER A 68 -11.58 -8.94 -5.61
CA SER A 68 -10.95 -7.91 -6.47
C SER A 68 -11.89 -7.33 -7.53
N LYS A 69 -12.76 -8.12 -8.17
CA LYS A 69 -13.81 -7.60 -9.07
C LYS A 69 -14.72 -6.64 -8.32
N ARG A 70 -15.14 -7.01 -7.10
CA ARG A 70 -15.94 -6.17 -6.20
C ARG A 70 -15.19 -4.91 -5.77
N MET A 71 -13.89 -4.96 -5.49
CA MET A 71 -13.06 -3.78 -5.17
C MET A 71 -13.14 -2.72 -6.28
N ILE A 72 -12.92 -3.13 -7.53
CA ILE A 72 -13.03 -2.21 -8.68
C ILE A 72 -14.49 -1.78 -8.97
N ASP A 73 -15.48 -2.64 -8.70
CA ASP A 73 -16.90 -2.26 -8.75
C ASP A 73 -17.25 -1.13 -7.77
N VAL A 74 -16.63 -1.14 -6.60
CA VAL A 74 -16.82 -0.11 -5.57
C VAL A 74 -16.15 1.20 -5.98
N LEU A 75 -14.99 1.14 -6.66
CA LEU A 75 -14.38 2.30 -7.34
C LEU A 75 -15.23 2.83 -8.50
N GLU A 76 -15.88 1.95 -9.27
CA GLU A 76 -16.82 2.34 -10.33
C GLU A 76 -18.06 3.03 -9.74
N ALA A 77 -18.50 2.63 -8.55
CA ALA A 77 -19.58 3.27 -7.81
C ALA A 77 -19.20 4.68 -7.31
N LEU A 78 -17.92 4.93 -7.00
CA LEU A 78 -17.42 6.27 -6.66
C LEU A 78 -17.12 7.12 -7.91
N GLY A 79 -16.99 6.50 -9.09
CA GLY A 79 -16.58 7.15 -10.34
C GLY A 79 -15.12 7.62 -10.39
N LEU A 80 -14.30 7.23 -9.40
CA LEU A 80 -12.86 7.52 -9.32
C LEU A 80 -11.98 6.27 -9.40
N GLU A 81 -10.92 6.33 -10.22
CA GLU A 81 -9.85 5.33 -10.26
C GLU A 81 -8.48 5.89 -9.83
N TYR A 82 -7.63 5.00 -9.33
CA TYR A 82 -6.49 5.28 -8.44
C TYR A 82 -5.24 4.48 -8.84
N THR A 83 -4.10 4.71 -8.17
CA THR A 83 -2.82 4.17 -8.65
C THR A 83 -2.64 2.75 -8.13
N SER A 84 -2.56 1.82 -9.09
CA SER A 84 -2.94 0.41 -8.89
C SER A 84 -1.83 -0.54 -9.34
N PHE A 85 -1.53 -1.55 -8.51
CA PHE A 85 -0.37 -2.46 -8.72
C PHE A 85 -0.74 -3.95 -8.62
N ASP A 86 -0.04 -4.81 -9.37
CA ASP A 86 -0.23 -6.28 -9.41
C ASP A 86 0.80 -7.01 -8.52
N VAL A 87 0.37 -7.37 -7.31
CA VAL A 87 1.22 -8.00 -6.28
C VAL A 87 1.64 -9.43 -6.63
N LEU A 88 0.90 -10.12 -7.50
CA LEU A 88 1.19 -11.48 -7.92
C LEU A 88 2.40 -11.53 -8.86
N ALA A 89 2.64 -10.46 -9.63
CA ALA A 89 3.76 -10.35 -10.57
C ALA A 89 4.98 -9.60 -10.01
N HIS A 90 4.82 -8.60 -9.14
CA HIS A 90 5.93 -7.75 -8.68
C HIS A 90 6.08 -7.71 -7.14
N PRO A 91 7.07 -8.43 -6.58
CA PRO A 91 7.40 -8.42 -5.15
C PRO A 91 7.71 -7.03 -4.57
N VAL A 92 8.08 -6.02 -5.37
CA VAL A 92 8.26 -4.63 -4.89
C VAL A 92 7.06 -4.15 -4.05
N VAL A 93 5.84 -4.51 -4.45
CA VAL A 93 4.61 -4.18 -3.74
C VAL A 93 4.58 -4.84 -2.35
N ARG A 94 4.99 -6.13 -2.26
CA ARG A 94 5.06 -6.91 -1.01
C ARG A 94 6.17 -6.40 -0.08
N SER A 95 7.26 -5.86 -0.62
CA SER A 95 8.31 -5.17 0.14
C SER A 95 7.83 -3.84 0.72
N TYR A 96 7.19 -2.98 -0.09
CA TYR A 96 6.68 -1.68 0.37
C TYR A 96 5.62 -1.87 1.47
N VAL A 97 4.66 -2.79 1.26
CA VAL A 97 3.59 -3.07 2.22
C VAL A 97 4.10 -3.69 3.53
N LYS A 98 5.17 -4.51 3.51
CA LYS A 98 5.84 -4.99 4.73
C LYS A 98 6.63 -3.88 5.45
N GLU A 99 7.34 -3.02 4.73
CA GLU A 99 8.00 -1.85 5.33
C GLU A 99 7.01 -0.88 6.01
N VAL A 100 5.86 -0.62 5.40
CA VAL A 100 4.83 0.28 5.94
C VAL A 100 3.90 -0.36 6.98
N SER A 101 3.31 -1.52 6.66
CA SER A 101 2.28 -2.20 7.47
C SER A 101 2.64 -3.56 8.11
N GLU A 102 3.84 -4.07 7.90
CA GLU A 102 4.32 -5.43 8.30
C GLU A 102 3.63 -6.62 7.61
N TRP A 103 2.28 -6.68 7.57
CA TRP A 103 1.53 -7.82 7.01
C TRP A 103 0.39 -7.35 6.06
N PRO A 104 0.44 -7.70 4.75
CA PRO A 104 -0.65 -7.41 3.80
C PRO A 104 -1.82 -8.40 3.96
N THR A 105 -3.06 -7.93 3.77
CA THR A 105 -4.23 -8.80 3.50
C THR A 105 -5.05 -8.19 2.36
N ILE A 106 -5.08 -8.82 1.18
CA ILE A 106 -5.48 -8.15 -0.09
C ILE A 106 -6.98 -8.24 -0.43
N PRO A 107 -7.50 -7.41 -1.35
CA PRO A 107 -6.95 -6.12 -1.78
C PRO A 107 -7.12 -5.06 -0.68
N GLN A 108 -6.25 -4.05 -0.70
CA GLN A 108 -6.12 -3.04 0.36
C GLN A 108 -5.96 -1.63 -0.23
N LEU A 109 -6.37 -0.62 0.52
CA LEU A 109 -6.31 0.79 0.15
C LEU A 109 -5.65 1.68 1.21
N PHE A 110 -4.86 2.63 0.71
CA PHE A 110 -4.20 3.68 1.46
C PHE A 110 -4.44 5.04 0.78
N ILE A 111 -4.60 6.11 1.57
CA ILE A 111 -4.76 7.48 1.06
C ILE A 111 -3.72 8.38 1.73
N LYS A 112 -2.80 8.92 0.92
CA LYS A 112 -1.67 9.79 1.31
C LYS A 112 -0.95 9.36 2.59
N ALA A 113 -0.46 8.13 2.59
CA ALA A 113 0.28 7.48 3.68
C ALA A 113 -0.53 7.16 4.96
N GLU A 114 -1.85 7.32 4.94
CA GLU A 114 -2.76 6.84 6.00
C GLU A 114 -3.43 5.53 5.55
N PHE A 115 -3.56 4.57 6.46
CA PHE A 115 -4.27 3.31 6.19
C PHE A 115 -5.78 3.47 6.31
N VAL A 116 -6.46 3.12 5.22
CA VAL A 116 -7.90 3.29 5.04
C VAL A 116 -8.63 1.95 5.24
N GLY A 117 -8.16 0.88 4.60
CA GLY A 117 -8.62 -0.48 4.90
C GLY A 117 -8.58 -1.49 3.75
N GLY A 118 -9.01 -2.70 4.07
CA GLY A 118 -9.32 -3.75 3.09
C GLY A 118 -10.66 -3.54 2.37
N LEU A 119 -10.94 -4.39 1.39
CA LEU A 119 -12.17 -4.42 0.58
C LEU A 119 -13.46 -4.23 1.40
N ASP A 120 -13.60 -4.94 2.52
CA ASP A 120 -14.81 -4.89 3.34
C ASP A 120 -14.97 -3.54 4.07
N ILE A 121 -13.86 -2.83 4.34
CA ILE A 121 -13.84 -1.49 4.93
C ILE A 121 -14.17 -0.43 3.87
N VAL A 122 -13.53 -0.52 2.70
CA VAL A 122 -13.75 0.39 1.56
C VAL A 122 -15.21 0.33 1.10
N THR A 123 -15.80 -0.86 1.11
CA THR A 123 -17.23 -1.08 0.84
C THR A 123 -18.12 -0.35 1.85
N LYS A 124 -17.81 -0.45 3.16
CA LYS A 124 -18.50 0.27 4.23
C LYS A 124 -18.39 1.80 4.05
N MET A 125 -17.20 2.30 3.71
CA MET A 125 -16.96 3.74 3.55
C MET A 125 -17.67 4.34 2.33
N LEU A 126 -17.79 3.60 1.22
CA LEU A 126 -18.57 3.98 0.04
C LEU A 126 -20.09 3.95 0.34
N GLU A 127 -20.56 2.94 1.06
CA GLU A 127 -21.96 2.83 1.52
C GLU A 127 -22.36 3.94 2.52
N SER A 128 -21.43 4.33 3.39
CA SER A 128 -21.65 5.33 4.46
C SER A 128 -21.38 6.79 4.03
N GLY A 129 -20.82 7.03 2.84
CA GLY A 129 -20.42 8.37 2.39
C GLY A 129 -19.12 8.89 3.02
N ASP A 130 -18.44 8.07 3.83
CA ASP A 130 -17.14 8.37 4.46
C ASP A 130 -15.98 8.42 3.45
N LEU A 131 -16.02 7.62 2.38
CA LEU A 131 -14.99 7.68 1.33
C LEU A 131 -15.05 9.04 0.60
N LYS A 132 -16.26 9.46 0.25
CA LYS A 132 -16.60 10.80 -0.25
C LYS A 132 -16.24 11.92 0.74
N LYS A 133 -16.48 11.71 2.04
CA LYS A 133 -16.13 12.67 3.10
C LYS A 133 -14.62 12.96 3.10
N MET A 134 -13.79 11.93 2.94
CA MET A 134 -12.32 12.11 2.87
C MET A 134 -11.87 12.81 1.58
N LEU A 135 -12.33 12.33 0.41
CA LEU A 135 -11.89 12.86 -0.89
C LEU A 135 -12.37 14.29 -1.20
N ARG A 136 -13.60 14.65 -0.81
CA ARG A 136 -14.18 15.99 -1.06
C ARG A 136 -13.42 17.07 -0.27
N ASP A 137 -12.92 16.75 0.91
CA ASP A 137 -12.04 17.60 1.73
C ASP A 137 -10.72 17.93 1.01
N LYS A 138 -10.25 17.02 0.14
CA LYS A 138 -9.03 17.12 -0.69
C LYS A 138 -9.25 17.79 -2.06
N GLY A 139 -10.45 18.31 -2.35
CA GLY A 139 -10.75 19.07 -3.58
C GLY A 139 -11.13 18.19 -4.77
N ILE A 140 -11.54 16.94 -4.52
CA ILE A 140 -11.80 15.94 -5.58
C ILE A 140 -13.32 15.76 -5.79
N THR A 141 -13.75 15.47 -7.01
CA THR A 141 -15.15 15.16 -7.36
C THR A 141 -15.38 13.65 -7.55
N CYS A 142 -16.37 13.10 -6.83
CA CYS A 142 -16.88 11.72 -6.96
C CYS A 142 -18.41 11.73 -7.13
N ARG A 143 -18.99 10.58 -7.50
CA ARG A 143 -20.44 10.39 -7.55
C ARG A 143 -21.11 10.42 -6.17
N ASP A 144 -22.40 10.76 -6.19
CA ASP A 144 -23.39 10.47 -5.15
C ASP A 144 -24.20 9.23 -5.55
N LEU A 145 -24.42 8.29 -4.62
CA LEU A 145 -25.11 6.98 -4.79
C LEU A 145 -24.74 6.21 -6.06
N SER A 4 56.47 5.71 -8.51
CA SER A 4 55.43 4.69 -8.69
C SER A 4 54.07 5.16 -8.18
N THR A 5 53.01 4.94 -8.97
CA THR A 5 51.62 5.26 -8.57
C THR A 5 50.92 4.09 -7.87
N SER A 6 51.51 2.89 -7.84
CA SER A 6 50.93 1.69 -7.21
C SER A 6 50.62 1.93 -5.71
N GLY A 7 49.38 1.68 -5.30
CA GLY A 7 48.89 1.85 -3.92
C GLY A 7 48.40 3.26 -3.52
N ILE A 8 48.36 4.25 -4.43
CA ILE A 8 47.88 5.61 -4.11
C ILE A 8 46.35 5.66 -4.25
N GLY A 9 45.64 5.47 -3.13
CA GLY A 9 44.16 5.48 -3.04
C GLY A 9 43.66 5.15 -1.63
N GLY A 10 42.42 5.54 -1.32
CA GLY A 10 41.87 5.49 0.04
C GLY A 10 41.50 4.10 0.60
N ASP A 11 41.34 4.01 1.91
CA ASP A 11 40.98 2.78 2.62
C ASP A 11 39.55 2.29 2.30
N VAL A 12 39.39 0.97 2.13
CA VAL A 12 38.10 0.31 1.84
C VAL A 12 37.46 -0.16 3.16
N ARG A 13 36.14 0.03 3.33
CA ARG A 13 35.39 -0.38 4.54
C ARG A 13 34.14 -1.19 4.21
N ASP A 14 33.70 -2.05 5.13
CA ASP A 14 32.59 -2.99 4.90
C ASP A 14 31.23 -2.29 5.03
N ILE A 15 30.77 -1.67 3.93
CA ILE A 15 29.64 -0.72 3.90
C ILE A 15 28.65 -0.96 2.73
N GLU A 16 28.67 -2.18 2.20
CA GLU A 16 27.66 -2.73 1.28
C GLU A 16 27.36 -4.21 1.57
N GLU A 17 26.13 -4.64 1.27
CA GLU A 17 25.63 -6.02 1.39
C GLU A 17 25.42 -6.63 0.00
N THR A 18 25.62 -7.95 -0.15
CA THR A 18 25.29 -8.73 -1.36
C THR A 18 24.59 -10.05 -1.00
N HIS A 19 23.96 -10.69 -1.99
CA HIS A 19 23.33 -12.01 -1.89
C HIS A 19 24.37 -13.12 -1.58
N PRO A 20 23.97 -14.30 -1.04
CA PRO A 20 24.86 -15.14 -0.24
C PRO A 20 25.90 -15.95 -1.04
N ASP A 21 27.00 -16.31 -0.38
CA ASP A 21 28.15 -17.08 -0.93
C ASP A 21 27.88 -18.60 -0.99
N PHE A 22 26.77 -19.04 -0.38
CA PHE A 22 26.39 -20.44 -0.20
C PHE A 22 24.86 -20.58 -0.29
N GLN A 23 24.37 -21.63 -0.94
CA GLN A 23 22.97 -21.74 -1.38
C GLN A 23 22.05 -22.46 -0.36
N PRO A 24 20.73 -22.16 -0.35
CA PRO A 24 19.73 -22.81 0.50
C PRO A 24 19.55 -24.31 0.20
N ARG A 25 19.08 -25.07 1.20
CA ARG A 25 18.91 -26.53 1.18
C ARG A 25 17.46 -26.93 1.47
N LEU A 26 16.76 -27.44 0.45
CA LEU A 26 15.36 -27.90 0.36
C LEU A 26 14.24 -26.88 0.67
N VAL A 27 14.50 -25.89 1.53
CA VAL A 27 13.59 -24.77 1.88
C VAL A 27 14.33 -23.43 1.79
N SER A 28 13.60 -22.33 1.57
CA SER A 28 14.18 -21.00 1.36
C SER A 28 13.43 -19.84 2.03
N ALA A 29 14.09 -18.69 2.13
CA ALA A 29 13.53 -17.44 2.63
C ALA A 29 12.44 -16.85 1.71
N ASP A 30 11.53 -16.08 2.30
CA ASP A 30 10.53 -15.29 1.56
C ASP A 30 11.18 -14.17 0.75
N LEU A 31 12.05 -13.39 1.41
CA LEU A 31 12.82 -12.30 0.79
C LEU A 31 14.33 -12.56 0.96
N ALA A 32 15.07 -12.40 -0.13
CA ALA A 32 16.50 -12.68 -0.24
C ALA A 32 17.38 -11.77 0.64
N GLU A 33 18.62 -12.18 0.89
CA GLU A 33 19.61 -11.45 1.70
C GLU A 33 19.82 -9.99 1.25
N ASP A 34 19.93 -9.76 -0.06
CA ASP A 34 20.02 -8.44 -0.69
C ASP A 34 18.65 -7.73 -0.74
N GLU A 35 17.58 -8.48 -0.97
CA GLU A 35 16.20 -7.97 -1.14
C GLU A 35 15.63 -7.42 0.19
N ILE A 36 16.07 -7.96 1.32
CA ILE A 36 15.75 -7.46 2.68
C ILE A 36 16.76 -6.41 3.19
N ALA A 37 17.91 -6.23 2.51
CA ALA A 37 18.92 -5.22 2.83
C ALA A 37 18.80 -3.93 2.00
N MET A 38 18.22 -4.02 0.79
CA MET A 38 17.91 -2.91 -0.11
C MET A 38 16.68 -2.12 0.39
N VAL A 39 16.76 -0.78 0.41
CA VAL A 39 15.65 0.09 0.86
C VAL A 39 15.57 1.33 -0.03
N LYS A 40 14.89 1.20 -1.18
CA LYS A 40 14.78 2.27 -2.19
C LYS A 40 13.85 3.40 -1.73
N LYS A 41 14.41 4.61 -1.54
CA LYS A 41 13.66 5.84 -1.23
C LYS A 41 12.62 6.21 -2.30
N ASP A 42 12.78 5.77 -3.55
CA ASP A 42 11.74 5.96 -4.59
C ASP A 42 10.39 5.32 -4.20
N ILE A 43 10.34 4.25 -3.39
CA ILE A 43 9.06 3.74 -2.86
C ILE A 43 8.47 4.71 -1.83
N ASP A 44 9.30 5.14 -0.87
CA ASP A 44 8.92 6.01 0.25
C ASP A 44 8.44 7.41 -0.23
N ASP A 45 9.08 7.97 -1.25
CA ASP A 45 8.62 9.22 -1.88
C ASP A 45 7.38 9.01 -2.78
N THR A 46 7.19 7.83 -3.39
CA THR A 46 6.02 7.57 -4.26
C THR A 46 4.73 7.58 -3.45
N ILE A 47 4.70 6.90 -2.29
CA ILE A 47 3.51 6.80 -1.42
C ILE A 47 3.07 8.17 -0.85
N LYS A 48 4.03 9.05 -0.55
CA LYS A 48 3.80 10.40 -0.01
C LYS A 48 3.38 11.41 -1.09
N SER A 49 4.00 11.32 -2.28
CA SER A 49 3.75 12.23 -3.40
C SER A 49 2.53 11.82 -4.27
N GLU A 50 2.00 10.62 -4.06
CA GLU A 50 0.69 10.16 -4.53
C GLU A 50 -0.43 10.47 -3.51
N ASP A 51 -1.65 10.72 -3.99
CA ASP A 51 -2.80 11.06 -3.14
C ASP A 51 -3.56 9.83 -2.62
N VAL A 52 -3.79 8.84 -3.47
CA VAL A 52 -4.51 7.59 -3.14
C VAL A 52 -3.84 6.40 -3.81
N VAL A 53 -3.58 5.34 -3.03
CA VAL A 53 -2.83 4.12 -3.43
C VAL A 53 -3.59 2.85 -3.03
N THR A 54 -3.75 1.92 -3.98
CA THR A 54 -4.30 0.57 -3.75
C THR A 54 -3.44 -0.49 -4.43
N PHE A 55 -3.50 -1.72 -3.93
CA PHE A 55 -2.81 -2.86 -4.52
C PHE A 55 -3.74 -4.05 -4.73
N ILE A 56 -3.57 -4.73 -5.86
CA ILE A 56 -4.54 -5.68 -6.44
C ILE A 56 -3.80 -6.93 -6.94
N LYS A 57 -4.51 -8.06 -7.04
CA LYS A 57 -4.13 -9.14 -7.96
C LYS A 57 -4.34 -8.69 -9.42
N GLY A 58 -3.28 -8.34 -10.14
CA GLY A 58 -3.38 -7.85 -11.51
C GLY A 58 -3.64 -6.34 -11.64
N LEU A 59 -4.15 -5.92 -12.81
CA LEU A 59 -4.40 -4.54 -13.23
C LEU A 59 -5.83 -4.08 -12.85
N PRO A 60 -6.07 -2.76 -12.66
CA PRO A 60 -7.39 -2.22 -12.28
C PRO A 60 -8.47 -2.37 -13.35
N GLU A 61 -8.09 -2.65 -14.60
CA GLU A 61 -9.02 -2.98 -15.69
C GLU A 61 -9.22 -4.51 -15.89
N ALA A 62 -8.29 -5.33 -15.39
CA ALA A 62 -8.22 -6.76 -15.63
C ALA A 62 -7.76 -7.52 -14.37
N PRO A 63 -8.60 -7.57 -13.31
CA PRO A 63 -8.25 -8.19 -12.04
C PRO A 63 -8.17 -9.72 -12.17
N MET A 64 -7.22 -10.32 -11.43
CA MET A 64 -6.95 -11.76 -11.43
C MET A 64 -7.69 -12.55 -10.33
N CYS A 65 -8.53 -11.86 -9.53
CA CYS A 65 -9.28 -12.41 -8.42
C CYS A 65 -10.70 -11.78 -8.32
N ALA A 66 -11.71 -12.55 -7.91
CA ALA A 66 -13.08 -12.07 -7.69
C ALA A 66 -13.15 -10.95 -6.62
N TYR A 67 -12.44 -11.12 -5.50
CA TYR A 67 -12.38 -10.11 -4.42
C TYR A 67 -11.56 -8.86 -4.84
N SER A 68 -10.65 -9.01 -5.79
CA SER A 68 -10.02 -7.89 -6.49
C SER A 68 -11.00 -7.14 -7.42
N LYS A 69 -11.93 -7.85 -8.09
CA LYS A 69 -13.01 -7.25 -8.90
C LYS A 69 -13.96 -6.38 -8.06
N ARG A 70 -14.32 -6.86 -6.86
CA ARG A 70 -15.11 -6.10 -5.86
C ARG A 70 -14.48 -4.75 -5.47
N MET A 71 -13.16 -4.65 -5.52
CA MET A 71 -12.41 -3.40 -5.29
C MET A 71 -12.64 -2.38 -6.42
N ILE A 72 -12.62 -2.83 -7.68
CA ILE A 72 -12.88 -1.98 -8.86
C ILE A 72 -14.34 -1.50 -8.87
N ASP A 73 -15.27 -2.35 -8.43
CA ASP A 73 -16.71 -2.04 -8.39
C ASP A 73 -17.03 -0.79 -7.54
N VAL A 74 -16.34 -0.64 -6.41
CA VAL A 74 -16.39 0.55 -5.54
C VAL A 74 -15.85 1.79 -6.25
N LEU A 75 -14.73 1.66 -6.97
CA LEU A 75 -14.13 2.74 -7.75
C LEU A 75 -15.02 3.20 -8.91
N GLU A 76 -15.73 2.28 -9.57
CA GLU A 76 -16.76 2.63 -10.56
C GLU A 76 -17.97 3.32 -9.93
N ALA A 77 -18.36 2.95 -8.71
CA ALA A 77 -19.52 3.56 -8.03
C ALA A 77 -19.31 5.03 -7.65
N LEU A 78 -18.04 5.47 -7.54
CA LEU A 78 -17.62 6.87 -7.38
C LEU A 78 -17.19 7.55 -8.70
N GLY A 79 -16.95 6.79 -9.77
CA GLY A 79 -16.51 7.29 -11.09
C GLY A 79 -15.05 7.78 -11.15
N LEU A 80 -14.26 7.50 -10.11
CA LEU A 80 -12.82 7.78 -10.05
C LEU A 80 -12.01 6.48 -10.04
N GLU A 81 -10.83 6.47 -10.67
CA GLU A 81 -9.83 5.41 -10.50
C GLU A 81 -8.56 5.96 -9.82
N TYR A 82 -8.12 5.27 -8.78
CA TYR A 82 -6.96 5.61 -7.95
C TYR A 82 -5.75 4.72 -8.27
N THR A 83 -4.56 5.02 -7.74
CA THR A 83 -3.33 4.56 -8.37
C THR A 83 -2.99 3.16 -7.86
N SER A 84 -2.95 2.24 -8.83
CA SER A 84 -3.10 0.81 -8.61
C SER A 84 -1.80 0.06 -8.90
N PHE A 85 -1.38 -0.78 -7.96
CA PHE A 85 -0.17 -1.61 -8.05
C PHE A 85 -0.53 -3.10 -8.08
N ASP A 86 0.34 -3.93 -8.65
CA ASP A 86 0.08 -5.33 -8.98
C ASP A 86 0.91 -6.26 -8.09
N VAL A 87 0.28 -6.71 -7.00
CA VAL A 87 0.94 -7.47 -5.91
C VAL A 87 1.36 -8.89 -6.34
N LEU A 88 0.70 -9.44 -7.36
CA LEU A 88 1.02 -10.74 -7.94
C LEU A 88 2.26 -10.66 -8.87
N ALA A 89 2.45 -9.50 -9.52
CA ALA A 89 3.58 -9.27 -10.41
C ALA A 89 4.85 -8.77 -9.70
N HIS A 90 4.70 -7.95 -8.64
CA HIS A 90 5.83 -7.24 -8.00
C HIS A 90 5.80 -7.39 -6.46
N PRO A 91 6.59 -8.31 -5.87
CA PRO A 91 6.58 -8.60 -4.42
C PRO A 91 7.03 -7.43 -3.53
N VAL A 92 7.63 -6.38 -4.10
CA VAL A 92 7.94 -5.11 -3.41
C VAL A 92 6.73 -4.56 -2.64
N VAL A 93 5.53 -4.61 -3.23
CA VAL A 93 4.30 -4.05 -2.63
C VAL A 93 3.91 -4.79 -1.35
N ARG A 94 3.95 -6.14 -1.38
CA ARG A 94 3.67 -6.94 -0.18
C ARG A 94 4.80 -6.85 0.85
N SER A 95 6.02 -6.53 0.43
CA SER A 95 7.17 -6.37 1.34
C SER A 95 7.04 -5.12 2.21
N TYR A 96 6.79 -3.95 1.61
CA TYR A 96 6.68 -2.69 2.36
C TYR A 96 5.41 -2.63 3.21
N VAL A 97 4.28 -3.14 2.72
CA VAL A 97 3.02 -3.17 3.51
C VAL A 97 3.13 -4.10 4.73
N LYS A 98 3.87 -5.23 4.65
CA LYS A 98 4.18 -6.08 5.81
C LYS A 98 5.08 -5.35 6.80
N GLU A 99 6.11 -4.65 6.32
CA GLU A 99 7.00 -3.82 7.14
C GLU A 99 6.24 -2.74 7.93
N VAL A 100 5.28 -2.07 7.29
CA VAL A 100 4.51 -0.95 7.87
C VAL A 100 3.38 -1.42 8.80
N SER A 101 2.58 -2.41 8.43
CA SER A 101 1.40 -2.85 9.20
C SER A 101 1.52 -4.17 9.98
N GLU A 102 2.61 -4.92 9.82
CA GLU A 102 2.86 -6.29 10.34
C GLU A 102 1.92 -7.40 9.82
N TRP A 103 0.70 -7.04 9.40
CA TRP A 103 -0.39 -7.93 8.96
C TRP A 103 -1.09 -7.39 7.69
N PRO A 104 -0.66 -7.78 6.48
CA PRO A 104 -1.31 -7.40 5.22
C PRO A 104 -2.67 -8.08 4.97
N THR A 105 -3.58 -7.37 4.31
CA THR A 105 -4.76 -7.93 3.62
C THR A 105 -4.73 -7.43 2.17
N ILE A 106 -5.02 -8.28 1.20
CA ILE A 106 -5.17 -7.90 -0.21
C ILE A 106 -6.67 -7.99 -0.56
N PRO A 107 -7.28 -6.99 -1.23
CA PRO A 107 -6.77 -5.63 -1.49
C PRO A 107 -7.02 -4.68 -0.30
N GLN A 108 -6.24 -3.61 -0.24
CA GLN A 108 -6.30 -2.56 0.79
C GLN A 108 -6.16 -1.16 0.16
N LEU A 109 -6.52 -0.12 0.92
CA LEU A 109 -6.40 1.28 0.50
C LEU A 109 -5.65 2.18 1.50
N PHE A 110 -4.84 3.04 0.91
CA PHE A 110 -4.04 4.07 1.56
C PHE A 110 -4.34 5.45 0.95
N ILE A 111 -4.42 6.50 1.79
CA ILE A 111 -4.63 7.89 1.36
C ILE A 111 -3.56 8.78 2.00
N LYS A 112 -2.79 9.48 1.16
CA LYS A 112 -1.58 10.28 1.53
C LYS A 112 -0.65 9.53 2.50
N ALA A 113 -0.31 8.30 2.12
CA ALA A 113 0.50 7.34 2.89
C ALA A 113 -0.03 6.90 4.28
N GLU A 114 -1.27 7.24 4.65
CA GLU A 114 -1.93 6.72 5.86
C GLU A 114 -2.86 5.55 5.51
N PHE A 115 -2.95 4.54 6.39
CA PHE A 115 -3.79 3.36 6.13
C PHE A 115 -5.23 3.55 6.59
N VAL A 116 -6.14 3.37 5.63
CA VAL A 116 -7.57 3.66 5.75
C VAL A 116 -8.41 2.39 6.00
N GLY A 117 -8.24 1.34 5.18
CA GLY A 117 -8.93 0.07 5.38
C GLY A 117 -8.73 -1.01 4.31
N GLY A 118 -9.11 -2.25 4.67
CA GLY A 118 -9.25 -3.39 3.77
C GLY A 118 -10.56 -3.40 2.96
N LEU A 119 -10.65 -4.29 1.96
CA LEU A 119 -11.80 -4.43 1.04
C LEU A 119 -13.19 -4.39 1.72
N ASP A 120 -13.34 -5.05 2.87
CA ASP A 120 -14.62 -5.10 3.59
C ASP A 120 -15.00 -3.72 4.15
N ILE A 121 -14.00 -2.98 4.64
CA ILE A 121 -14.14 -1.60 5.15
C ILE A 121 -14.31 -0.62 4.00
N VAL A 122 -13.60 -0.79 2.89
CA VAL A 122 -13.73 0.04 1.68
C VAL A 122 -15.14 -0.06 1.10
N THR A 123 -15.71 -1.28 1.05
CA THR A 123 -17.11 -1.50 0.66
C THR A 123 -18.08 -0.89 1.68
N LYS A 124 -17.83 -1.05 2.98
CA LYS A 124 -18.59 -0.42 4.07
C LYS A 124 -18.60 1.10 3.94
N MET A 125 -17.45 1.72 3.68
CA MET A 125 -17.26 3.17 3.53
C MET A 125 -17.96 3.73 2.28
N LEU A 126 -18.00 2.97 1.18
CA LEU A 126 -18.74 3.32 -0.04
C LEU A 126 -20.26 3.26 0.19
N GLU A 127 -20.73 2.19 0.83
CA GLU A 127 -22.15 1.99 1.19
C GLU A 127 -22.63 2.97 2.29
N SER A 128 -21.70 3.60 3.02
CA SER A 128 -21.97 4.59 4.07
C SER A 128 -21.79 6.05 3.64
N GLY A 129 -21.11 6.35 2.52
CA GLY A 129 -20.70 7.72 2.17
C GLY A 129 -19.42 8.21 2.87
N ASP A 130 -18.83 7.43 3.78
CA ASP A 130 -17.60 7.80 4.51
C ASP A 130 -16.38 7.91 3.57
N LEU A 131 -16.32 7.11 2.50
CA LEU A 131 -15.30 7.24 1.47
C LEU A 131 -15.37 8.63 0.80
N LYS A 132 -16.60 9.08 0.51
CA LYS A 132 -16.92 10.42 -0.01
C LYS A 132 -16.57 11.53 0.98
N LYS A 133 -16.80 11.34 2.28
CA LYS A 133 -16.37 12.34 3.29
C LYS A 133 -14.87 12.58 3.23
N MET A 134 -14.07 11.50 3.21
CA MET A 134 -12.61 11.58 3.24
C MET A 134 -12.01 12.14 1.95
N LEU A 135 -12.48 11.68 0.78
CA LEU A 135 -12.01 12.19 -0.52
C LEU A 135 -12.41 13.66 -0.72
N ARG A 136 -13.63 14.05 -0.33
CA ARG A 136 -14.12 15.42 -0.50
C ARG A 136 -13.44 16.40 0.45
N ASP A 137 -13.08 15.97 1.66
CA ASP A 137 -12.24 16.75 2.57
C ASP A 137 -10.82 16.97 2.03
N LYS A 138 -10.34 16.07 1.16
CA LYS A 138 -9.11 16.20 0.36
C LYS A 138 -9.25 17.15 -0.85
N GLY A 139 -10.41 17.79 -1.01
CA GLY A 139 -10.75 18.69 -2.11
C GLY A 139 -11.26 17.97 -3.36
N ILE A 140 -11.35 16.63 -3.34
CA ILE A 140 -11.60 15.81 -4.52
C ILE A 140 -13.11 15.72 -4.78
N THR A 141 -13.52 15.69 -6.04
CA THR A 141 -14.93 15.57 -6.48
C THR A 141 -15.21 14.19 -7.08
N CYS A 142 -16.37 13.62 -6.77
CA CYS A 142 -16.83 12.29 -7.22
C CYS A 142 -18.31 12.30 -7.64
N ARG A 143 -18.80 11.22 -8.28
CA ARG A 143 -20.25 10.99 -8.48
C ARG A 143 -21.08 11.24 -7.22
N ASP A 144 -22.34 11.57 -7.42
CA ASP A 144 -23.40 11.35 -6.45
C ASP A 144 -24.44 10.39 -7.06
N LEU A 145 -24.81 9.34 -6.31
CA LEU A 145 -25.52 8.15 -6.77
C LEU A 145 -24.87 7.55 -8.04
N SER A 4 21.65 12.67 -23.06
CA SER A 4 21.56 12.53 -21.59
C SER A 4 22.44 11.39 -21.07
N THR A 5 22.24 10.15 -21.52
CA THR A 5 22.85 8.93 -20.95
C THR A 5 24.37 8.78 -21.19
N SER A 6 25.00 9.65 -22.00
CA SER A 6 26.43 9.58 -22.35
C SER A 6 27.32 9.51 -21.10
N GLY A 7 28.10 8.43 -20.98
CA GLY A 7 29.01 8.13 -19.88
C GLY A 7 28.39 7.60 -18.57
N ILE A 8 27.06 7.55 -18.43
CA ILE A 8 26.41 7.32 -17.13
C ILE A 8 26.37 5.83 -16.74
N GLY A 9 26.87 5.51 -15.53
CA GLY A 9 26.84 4.18 -14.92
C GLY A 9 27.19 4.15 -13.42
N GLY A 10 26.93 3.02 -12.74
CA GLY A 10 27.26 2.82 -11.32
C GLY A 10 26.77 1.51 -10.71
N ASP A 11 27.25 1.18 -9.51
CA ASP A 11 26.97 -0.10 -8.80
C ASP A 11 26.69 0.08 -7.29
N VAL A 12 26.07 -0.93 -6.69
CA VAL A 12 25.46 -0.93 -5.34
C VAL A 12 25.81 -2.21 -4.55
N ARG A 13 25.91 -2.13 -3.22
CA ARG A 13 26.16 -3.26 -2.28
C ARG A 13 24.88 -3.91 -1.72
N ASP A 14 24.93 -5.19 -1.35
CA ASP A 14 23.76 -6.03 -1.02
C ASP A 14 23.72 -6.55 0.44
N ILE A 15 22.52 -6.78 0.97
CA ILE A 15 22.24 -7.09 2.40
C ILE A 15 21.73 -8.54 2.55
N GLU A 16 22.28 -9.31 3.50
CA GLU A 16 21.83 -10.68 3.79
C GLU A 16 20.49 -10.74 4.53
N GLU A 17 19.53 -11.48 3.97
CA GLU A 17 18.25 -11.83 4.62
C GLU A 17 17.93 -13.32 4.34
N THR A 18 17.55 -14.05 5.40
CA THR A 18 17.17 -15.48 5.40
C THR A 18 15.92 -15.73 6.25
N HIS A 19 15.57 -14.81 7.14
CA HIS A 19 14.38 -14.83 8.00
C HIS A 19 13.06 -14.87 7.19
N PRO A 20 11.97 -15.51 7.71
CA PRO A 20 10.68 -15.63 7.02
C PRO A 20 9.93 -14.33 6.72
N ASP A 21 8.74 -14.50 6.11
CA ASP A 21 7.84 -13.46 5.64
C ASP A 21 6.98 -12.80 6.75
N PHE A 22 7.14 -13.23 8.01
CA PHE A 22 6.35 -12.77 9.15
C PHE A 22 7.24 -12.41 10.34
N GLN A 23 7.14 -11.18 10.85
CA GLN A 23 8.01 -10.68 11.93
C GLN A 23 7.65 -11.31 13.29
N PRO A 24 8.63 -11.57 14.17
CA PRO A 24 8.36 -12.09 15.51
C PRO A 24 7.49 -11.14 16.34
N ARG A 25 6.78 -11.71 17.32
CA ARG A 25 6.02 -11.00 18.35
C ARG A 25 6.75 -11.10 19.69
N LEU A 26 6.76 -10.02 20.48
CA LEU A 26 7.47 -9.90 21.76
C LEU A 26 6.96 -8.70 22.59
N VAL A 27 7.01 -8.81 23.93
CA VAL A 27 6.64 -7.72 24.85
C VAL A 27 7.65 -6.55 24.79
N SER A 28 8.94 -6.85 24.87
CA SER A 28 10.03 -5.86 24.69
C SER A 28 10.21 -5.49 23.21
N ALA A 29 10.72 -4.29 22.93
CA ALA A 29 10.96 -3.81 21.57
C ALA A 29 12.18 -4.49 20.92
N ASP A 30 11.92 -5.38 19.98
CA ASP A 30 12.92 -5.99 19.09
C ASP A 30 12.24 -6.48 17.80
N LEU A 31 13.00 -6.56 16.70
CA LEU A 31 12.62 -7.14 15.42
C LEU A 31 13.75 -8.02 14.84
N ALA A 32 13.42 -8.80 13.82
CA ALA A 32 14.35 -9.67 13.10
C ALA A 32 15.41 -8.89 12.28
N GLU A 33 16.34 -9.61 11.66
CA GLU A 33 17.30 -9.05 10.70
C GLU A 33 16.59 -8.46 9.46
N ASP A 34 15.40 -8.94 9.11
CA ASP A 34 14.70 -8.48 7.89
C ASP A 34 14.25 -7.00 7.94
N GLU A 35 14.04 -6.45 9.14
CA GLU A 35 13.89 -5.00 9.40
C GLU A 35 15.12 -4.18 8.96
N ILE A 36 16.30 -4.79 8.85
CA ILE A 36 17.53 -4.17 8.33
C ILE A 36 17.58 -4.27 6.80
N ALA A 37 16.91 -5.27 6.21
CA ALA A 37 16.73 -5.47 4.77
C ALA A 37 15.44 -4.82 4.21
N MET A 38 14.80 -3.91 4.97
CA MET A 38 13.55 -3.24 4.61
C MET A 38 13.65 -2.43 3.29
N VAL A 39 12.53 -2.33 2.58
CA VAL A 39 12.36 -1.50 1.36
C VAL A 39 12.95 -0.09 1.47
N LYS A 40 13.41 0.44 0.33
CA LYS A 40 14.27 1.62 0.23
C LYS A 40 13.44 2.92 0.21
N LYS A 41 14.03 4.02 0.67
CA LYS A 41 13.36 5.31 0.94
C LYS A 41 12.65 5.91 -0.29
N ASP A 42 13.11 5.64 -1.51
CA ASP A 42 12.49 6.06 -2.78
C ASP A 42 11.04 5.56 -2.95
N ILE A 43 10.72 4.40 -2.39
CA ILE A 43 9.38 3.80 -2.40
C ILE A 43 8.46 4.53 -1.41
N ASP A 44 8.95 4.74 -0.18
CA ASP A 44 8.25 5.49 0.87
C ASP A 44 7.99 6.96 0.44
N ASP A 45 8.94 7.57 -0.26
CA ASP A 45 8.85 8.90 -0.87
C ASP A 45 7.75 8.98 -1.96
N THR A 46 7.47 7.86 -2.65
CA THR A 46 6.41 7.72 -3.68
C THR A 46 5.04 7.60 -3.01
N ILE A 47 4.98 6.70 -2.02
CA ILE A 47 3.84 6.42 -1.14
C ILE A 47 3.37 7.70 -0.42
N LYS A 48 4.31 8.59 -0.04
CA LYS A 48 4.06 9.94 0.51
C LYS A 48 3.65 10.98 -0.54
N SER A 49 4.11 10.84 -1.77
CA SER A 49 3.89 11.81 -2.84
C SER A 49 2.50 11.69 -3.44
N GLU A 50 1.97 10.49 -3.65
CA GLU A 50 0.71 10.32 -4.41
C GLU A 50 -0.56 10.37 -3.55
N ASP A 51 -1.60 11.00 -4.09
CA ASP A 51 -2.84 11.30 -3.33
C ASP A 51 -3.62 10.03 -2.95
N VAL A 52 -3.69 9.03 -3.84
CA VAL A 52 -4.34 7.73 -3.63
C VAL A 52 -3.50 6.62 -4.26
N VAL A 53 -3.29 5.52 -3.52
CA VAL A 53 -2.61 4.32 -4.01
C VAL A 53 -3.39 3.07 -3.59
N THR A 54 -3.60 2.12 -4.51
CA THR A 54 -4.21 0.82 -4.23
C THR A 54 -3.39 -0.31 -4.83
N PHE A 55 -3.53 -1.50 -4.26
CA PHE A 55 -2.91 -2.71 -4.77
C PHE A 55 -3.89 -3.88 -4.83
N ILE A 56 -3.85 -4.60 -5.94
CA ILE A 56 -4.92 -5.45 -6.46
C ILE A 56 -4.32 -6.80 -6.91
N LYS A 57 -5.13 -7.87 -6.89
CA LYS A 57 -4.86 -9.06 -7.69
C LYS A 57 -5.05 -8.70 -9.17
N GLY A 58 -3.97 -8.53 -9.92
CA GLY A 58 -3.98 -8.12 -11.33
C GLY A 58 -4.11 -6.60 -11.53
N LEU A 59 -4.99 -6.20 -12.46
CA LEU A 59 -5.13 -4.83 -12.99
C LEU A 59 -6.58 -4.32 -12.87
N PRO A 60 -6.84 -3.00 -12.88
CA PRO A 60 -8.21 -2.48 -12.88
C PRO A 60 -8.96 -2.71 -14.22
N GLU A 61 -8.24 -2.92 -15.32
CA GLU A 61 -8.80 -3.41 -16.60
C GLU A 61 -8.96 -4.95 -16.64
N ALA A 62 -8.21 -5.66 -15.80
CA ALA A 62 -8.17 -7.13 -15.74
C ALA A 62 -7.93 -7.67 -14.31
N PRO A 63 -8.93 -7.63 -13.41
CA PRO A 63 -8.79 -8.08 -12.03
C PRO A 63 -8.84 -9.62 -11.94
N MET A 64 -8.04 -10.18 -11.05
CA MET A 64 -7.64 -11.60 -11.00
C MET A 64 -8.26 -12.37 -9.80
N CYS A 65 -9.19 -11.73 -9.07
CA CYS A 65 -9.84 -12.23 -7.86
C CYS A 65 -11.26 -11.64 -7.71
N ALA A 66 -12.21 -12.36 -7.11
CA ALA A 66 -13.56 -11.83 -6.83
C ALA A 66 -13.54 -10.63 -5.86
N TYR A 67 -12.69 -10.67 -4.83
CA TYR A 67 -12.48 -9.54 -3.91
C TYR A 67 -11.81 -8.35 -4.62
N SER A 68 -10.98 -8.61 -5.63
CA SER A 68 -10.45 -7.57 -6.52
C SER A 68 -11.52 -7.00 -7.46
N LYS A 69 -12.45 -7.80 -7.99
CA LYS A 69 -13.62 -7.31 -8.76
C LYS A 69 -14.44 -6.32 -7.92
N ARG A 70 -14.72 -6.66 -6.66
CA ARG A 70 -15.43 -5.78 -5.71
C ARG A 70 -14.66 -4.48 -5.42
N MET A 71 -13.33 -4.50 -5.44
CA MET A 71 -12.50 -3.29 -5.31
C MET A 71 -12.75 -2.32 -6.48
N ILE A 72 -12.83 -2.82 -7.71
CA ILE A 72 -13.19 -2.01 -8.89
C ILE A 72 -14.66 -1.55 -8.83
N ASP A 73 -15.57 -2.40 -8.35
CA ASP A 73 -17.00 -2.09 -8.22
C ASP A 73 -17.26 -0.85 -7.35
N VAL A 74 -16.51 -0.72 -6.26
CA VAL A 74 -16.62 0.42 -5.35
C VAL A 74 -16.17 1.72 -6.02
N LEU A 75 -15.05 1.67 -6.76
CA LEU A 75 -14.52 2.81 -7.53
C LEU A 75 -15.45 3.21 -8.68
N GLU A 76 -16.09 2.25 -9.34
CA GLU A 76 -17.05 2.47 -10.43
C GLU A 76 -18.33 3.16 -9.94
N ALA A 77 -18.76 2.89 -8.70
CA ALA A 77 -19.93 3.51 -8.09
C ALA A 77 -19.72 5.01 -7.82
N LEU A 78 -18.49 5.41 -7.46
CA LEU A 78 -18.11 6.81 -7.23
C LEU A 78 -17.69 7.54 -8.52
N GLY A 79 -17.43 6.78 -9.59
CA GLY A 79 -16.91 7.30 -10.87
C GLY A 79 -15.49 7.87 -10.79
N LEU A 80 -14.75 7.59 -9.71
CA LEU A 80 -13.32 7.88 -9.60
C LEU A 80 -12.50 6.59 -9.55
N GLU A 81 -11.50 6.48 -10.42
CA GLU A 81 -10.50 5.40 -10.42
C GLU A 81 -9.09 5.93 -10.11
N TYR A 82 -8.30 5.14 -9.39
CA TYR A 82 -7.04 5.51 -8.74
C TYR A 82 -5.87 4.61 -9.18
N THR A 83 -4.64 4.96 -8.83
CA THR A 83 -3.44 4.36 -9.42
C THR A 83 -3.10 3.07 -8.66
N SER A 84 -2.97 2.00 -9.46
CA SER A 84 -3.17 0.60 -9.04
C SER A 84 -1.93 -0.25 -9.34
N PHE A 85 -1.56 -1.15 -8.41
CA PHE A 85 -0.41 -2.05 -8.58
C PHE A 85 -0.75 -3.55 -8.39
N ASP A 86 -0.16 -4.38 -9.25
CA ASP A 86 -0.30 -5.84 -9.31
C ASP A 86 0.66 -6.54 -8.33
N VAL A 87 0.08 -7.18 -7.31
CA VAL A 87 0.83 -7.79 -6.18
C VAL A 87 1.62 -9.06 -6.53
N LEU A 88 1.31 -9.70 -7.68
CA LEU A 88 2.02 -10.87 -8.19
C LEU A 88 3.23 -10.49 -9.06
N ALA A 89 3.25 -9.25 -9.57
CA ALA A 89 4.29 -8.72 -10.45
C ALA A 89 5.35 -7.89 -9.70
N HIS A 90 4.99 -7.23 -8.58
CA HIS A 90 5.91 -6.38 -7.81
C HIS A 90 6.01 -6.75 -6.32
N PRO A 91 7.03 -7.54 -5.92
CA PRO A 91 7.35 -7.86 -4.52
C PRO A 91 7.50 -6.65 -3.58
N VAL A 92 7.89 -5.48 -4.10
CA VAL A 92 8.03 -4.23 -3.32
C VAL A 92 6.74 -3.82 -2.60
N VAL A 93 5.57 -4.04 -3.19
CA VAL A 93 4.26 -3.64 -2.62
C VAL A 93 3.92 -4.49 -1.41
N ARG A 94 4.00 -5.83 -1.56
CA ARG A 94 3.79 -6.75 -0.44
C ARG A 94 4.86 -6.58 0.66
N SER A 95 6.05 -6.10 0.30
CA SER A 95 7.11 -5.74 1.26
C SER A 95 6.82 -4.46 2.06
N TYR A 96 6.40 -3.34 1.45
CA TYR A 96 6.05 -2.13 2.23
C TYR A 96 4.87 -2.44 3.17
N VAL A 97 3.82 -3.08 2.67
CA VAL A 97 2.61 -3.35 3.46
C VAL A 97 2.85 -4.36 4.61
N LYS A 98 3.73 -5.36 4.40
CA LYS A 98 4.22 -6.29 5.45
C LYS A 98 4.93 -5.55 6.58
N GLU A 99 5.82 -4.62 6.27
CA GLU A 99 6.62 -3.86 7.24
C GLU A 99 5.80 -2.79 7.97
N VAL A 100 5.02 -2.02 7.21
CA VAL A 100 4.41 -0.75 7.63
C VAL A 100 3.13 -0.94 8.44
N SER A 101 2.32 -1.95 8.11
CA SER A 101 1.13 -2.34 8.89
C SER A 101 1.29 -3.62 9.74
N GLU A 102 2.50 -4.21 9.76
CA GLU A 102 2.89 -5.43 10.53
C GLU A 102 2.10 -6.74 10.25
N TRP A 103 1.03 -6.68 9.46
CA TRP A 103 0.33 -7.81 8.86
C TRP A 103 -0.19 -7.40 7.47
N PRO A 104 0.18 -8.07 6.36
CA PRO A 104 -0.26 -7.70 5.02
C PRO A 104 -1.67 -8.24 4.72
N THR A 105 -2.57 -7.37 4.22
CA THR A 105 -3.93 -7.74 3.76
C THR A 105 -4.19 -7.20 2.35
N ILE A 106 -4.79 -8.01 1.47
CA ILE A 106 -4.98 -7.72 0.03
C ILE A 106 -6.45 -7.96 -0.37
N PRO A 107 -7.07 -7.12 -1.24
CA PRO A 107 -6.58 -5.86 -1.77
C PRO A 107 -6.82 -4.71 -0.77
N GLN A 108 -6.04 -3.64 -0.87
CA GLN A 108 -6.03 -2.57 0.14
C GLN A 108 -5.97 -1.17 -0.49
N LEU A 109 -6.36 -0.16 0.28
CA LEU A 109 -6.32 1.25 -0.10
C LEU A 109 -5.56 2.10 0.91
N PHE A 110 -4.71 2.97 0.37
CA PHE A 110 -3.93 3.98 1.07
C PHE A 110 -4.18 5.35 0.43
N ILE A 111 -4.26 6.40 1.24
CA ILE A 111 -4.45 7.78 0.78
C ILE A 111 -3.39 8.67 1.46
N LYS A 112 -2.53 9.28 0.65
CA LYS A 112 -1.39 10.14 1.03
C LYS A 112 -0.48 9.58 2.14
N ALA A 113 0.02 8.35 1.98
CA ALA A 113 0.80 7.62 2.99
C ALA A 113 0.08 7.34 4.33
N GLU A 114 -1.25 7.21 4.32
CA GLU A 114 -2.03 6.74 5.46
C GLU A 114 -2.96 5.60 5.03
N PHE A 115 -3.05 4.55 5.85
CA PHE A 115 -3.92 3.40 5.60
C PHE A 115 -5.40 3.75 5.75
N VAL A 116 -6.20 3.37 4.74
CA VAL A 116 -7.67 3.53 4.75
C VAL A 116 -8.34 2.20 5.11
N GLY A 117 -7.90 1.11 4.46
CA GLY A 117 -8.31 -0.26 4.80
C GLY A 117 -8.33 -1.25 3.65
N GLY A 118 -8.60 -2.51 3.98
CA GLY A 118 -8.86 -3.58 3.02
C GLY A 118 -10.26 -3.50 2.40
N LEU A 119 -10.50 -4.30 1.37
CA LEU A 119 -11.81 -4.45 0.71
C LEU A 119 -12.98 -4.58 1.69
N ASP A 120 -12.82 -5.38 2.75
CA ASP A 120 -13.83 -5.58 3.80
C ASP A 120 -14.22 -4.29 4.53
N ILE A 121 -13.32 -3.28 4.55
CA ILE A 121 -13.55 -1.95 5.13
C ILE A 121 -14.07 -0.99 4.05
N VAL A 122 -13.42 -0.98 2.88
CA VAL A 122 -13.68 -0.10 1.73
C VAL A 122 -15.13 -0.24 1.24
N THR A 123 -15.69 -1.44 1.28
CA THR A 123 -17.11 -1.71 1.00
C THR A 123 -18.05 -0.99 1.96
N LYS A 124 -17.83 -1.13 3.27
CA LYS A 124 -18.66 -0.47 4.30
C LYS A 124 -18.57 1.05 4.14
N MET A 125 -17.37 1.53 3.81
CA MET A 125 -17.11 2.96 3.63
C MET A 125 -17.81 3.53 2.39
N LEU A 126 -17.95 2.77 1.30
CA LEU A 126 -18.75 3.13 0.12
C LEU A 126 -20.26 3.12 0.44
N GLU A 127 -20.73 2.07 1.11
CA GLU A 127 -22.15 1.89 1.46
C GLU A 127 -22.62 2.82 2.59
N SER A 128 -21.70 3.42 3.37
CA SER A 128 -21.99 4.42 4.42
C SER A 128 -21.73 5.88 3.98
N GLY A 129 -21.10 6.13 2.84
CA GLY A 129 -20.62 7.47 2.42
C GLY A 129 -19.28 7.89 3.06
N ASP A 130 -18.74 7.09 3.97
CA ASP A 130 -17.51 7.40 4.74
C ASP A 130 -16.28 7.61 3.85
N LEU A 131 -16.15 6.89 2.73
CA LEU A 131 -15.05 7.01 1.77
C LEU A 131 -15.00 8.42 1.15
N LYS A 132 -16.20 8.95 0.84
CA LYS A 132 -16.41 10.25 0.20
C LYS A 132 -16.02 11.43 1.09
N LYS A 133 -16.15 11.31 2.41
CA LYS A 133 -15.87 12.39 3.37
C LYS A 133 -14.43 12.93 3.23
N MET A 134 -13.44 12.04 3.07
CA MET A 134 -12.05 12.41 2.78
C MET A 134 -11.81 12.89 1.35
N LEU A 135 -12.28 12.14 0.34
CA LEU A 135 -11.93 12.40 -1.06
C LEU A 135 -12.47 13.76 -1.55
N ARG A 136 -13.70 14.11 -1.14
CA ARG A 136 -14.36 15.35 -1.54
C ARG A 136 -13.68 16.57 -0.91
N ASP A 137 -13.29 16.45 0.36
CA ASP A 137 -12.50 17.42 1.12
C ASP A 137 -11.12 17.70 0.48
N LYS A 138 -10.56 16.74 -0.26
CA LYS A 138 -9.24 16.89 -0.92
C LYS A 138 -9.32 17.79 -2.17
N GLY A 139 -10.50 18.24 -2.59
CA GLY A 139 -10.74 19.02 -3.80
C GLY A 139 -11.08 18.19 -5.03
N ILE A 140 -11.48 16.92 -4.84
CA ILE A 140 -11.73 15.98 -5.93
C ILE A 140 -13.24 15.80 -6.14
N THR A 141 -13.73 16.05 -7.35
CA THR A 141 -15.16 15.90 -7.69
C THR A 141 -15.51 14.46 -8.08
N CYS A 142 -16.60 13.94 -7.52
CA CYS A 142 -17.12 12.58 -7.64
C CYS A 142 -18.61 12.56 -8.04
N ARG A 143 -19.15 11.38 -8.37
CA ARG A 143 -20.59 11.20 -8.65
C ARG A 143 -21.38 11.03 -7.34
N ASP A 144 -22.66 11.38 -7.37
CA ASP A 144 -23.53 11.37 -6.17
C ASP A 144 -24.08 9.98 -5.82
N LEU A 145 -24.10 9.67 -4.52
CA LEU A 145 -24.55 8.40 -3.92
C LEU A 145 -25.85 8.53 -3.13
N SER A 4 27.81 25.07 15.67
CA SER A 4 28.47 23.83 16.12
C SER A 4 29.34 24.04 17.36
N THR A 5 30.02 25.18 17.52
CA THR A 5 30.93 25.44 18.67
C THR A 5 30.20 25.51 20.03
N SER A 6 28.91 25.82 20.04
CA SER A 6 28.08 25.97 21.26
C SER A 6 27.53 24.65 21.82
N GLY A 7 27.68 23.52 21.12
CA GLY A 7 27.25 22.19 21.59
C GLY A 7 25.73 21.97 21.65
N ILE A 8 24.96 22.74 20.87
CA ILE A 8 23.49 22.74 20.86
C ILE A 8 22.89 21.93 19.69
N GLY A 9 21.68 21.43 19.87
CA GLY A 9 20.96 20.65 18.85
C GLY A 9 19.45 20.52 19.10
N GLY A 10 18.73 20.12 18.05
CA GLY A 10 17.28 19.94 18.02
C GLY A 10 16.83 18.48 18.07
N ASP A 11 15.92 18.10 17.16
CA ASP A 11 15.34 16.77 17.00
C ASP A 11 15.88 16.12 15.70
N VAL A 12 16.76 15.12 15.85
CA VAL A 12 17.41 14.39 14.75
C VAL A 12 17.70 12.94 15.14
N ARG A 13 17.54 11.99 14.20
CA ARG A 13 17.80 10.55 14.38
C ARG A 13 18.41 9.90 13.14
N ASP A 14 19.20 8.85 13.37
CA ASP A 14 19.80 7.97 12.34
C ASP A 14 19.47 6.50 12.64
N ILE A 15 19.18 5.69 11.62
CA ILE A 15 18.76 4.30 11.79
C ILE A 15 19.95 3.36 12.05
N GLU A 16 19.89 2.62 13.16
CA GLU A 16 20.79 1.52 13.52
C GLU A 16 20.08 0.55 14.50
N GLU A 17 20.07 -0.75 14.18
CA GLU A 17 19.50 -1.87 14.95
C GLU A 17 20.34 -3.15 14.77
N THR A 18 20.30 -4.07 15.74
CA THR A 18 21.06 -5.33 15.71
C THR A 18 20.50 -6.38 14.72
N HIS A 19 21.40 -6.99 13.95
CA HIS A 19 21.14 -8.22 13.20
C HIS A 19 21.55 -9.46 14.01
N PRO A 20 20.85 -10.60 13.88
CA PRO A 20 21.26 -11.86 14.50
C PRO A 20 22.41 -12.52 13.73
N ASP A 21 23.13 -13.41 14.39
CA ASP A 21 24.25 -14.17 13.81
C ASP A 21 23.82 -15.54 13.25
N PHE A 22 22.55 -15.92 13.41
CA PHE A 22 21.98 -17.23 13.05
C PHE A 22 20.55 -17.08 12.50
N GLN A 23 20.11 -18.03 11.65
CA GLN A 23 18.75 -18.14 11.10
C GLN A 23 17.95 -19.29 11.75
N PRO A 24 16.60 -19.24 11.79
CA PRO A 24 15.77 -20.15 12.58
C PRO A 24 15.69 -21.61 12.09
N ARG A 25 15.39 -22.50 13.04
CA ARG A 25 15.05 -23.92 12.85
C ARG A 25 13.64 -24.21 13.41
N LEU A 26 12.76 -24.74 12.55
CA LEU A 26 11.34 -25.04 12.82
C LEU A 26 10.53 -23.83 13.37
N VAL A 27 10.91 -22.62 12.95
CA VAL A 27 10.36 -21.32 13.38
C VAL A 27 10.37 -20.33 12.20
N SER A 28 9.36 -19.48 12.10
CA SER A 28 9.24 -18.48 11.03
C SER A 28 10.38 -17.46 11.03
N ALA A 29 10.82 -17.05 9.84
CA ALA A 29 11.75 -15.93 9.66
C ALA A 29 11.16 -14.55 10.03
N ASP A 30 9.84 -14.46 10.24
CA ASP A 30 9.08 -13.26 10.60
C ASP A 30 9.42 -12.05 9.70
N LEU A 31 9.93 -10.97 10.28
CA LEU A 31 10.54 -9.82 9.63
C LEU A 31 11.80 -9.38 10.41
N ALA A 32 12.83 -8.89 9.73
CA ALA A 32 14.08 -8.43 10.35
C ALA A 32 13.90 -7.06 11.06
N GLU A 33 14.48 -6.93 12.26
CA GLU A 33 14.45 -5.68 13.06
C GLU A 33 15.12 -4.50 12.31
N ASP A 34 16.19 -4.80 11.57
CA ASP A 34 16.93 -3.88 10.70
C ASP A 34 16.12 -3.36 9.49
N GLU A 35 15.23 -4.19 8.93
CA GLU A 35 14.35 -3.81 7.82
C GLU A 35 13.22 -2.87 8.24
N ILE A 36 12.50 -3.20 9.33
CA ILE A 36 11.33 -2.44 9.81
C ILE A 36 11.70 -1.10 10.49
N ALA A 37 12.98 -0.90 10.80
CA ALA A 37 13.51 0.38 11.27
C ALA A 37 13.71 1.39 10.12
N MET A 38 13.86 0.94 8.88
CA MET A 38 14.12 1.79 7.71
C MET A 38 12.90 1.83 6.79
N VAL A 39 12.36 3.04 6.54
CA VAL A 39 11.52 3.31 5.36
C VAL A 39 12.42 3.59 4.16
N LYS A 40 12.02 3.10 2.98
CA LYS A 40 12.85 3.10 1.77
C LYS A 40 12.51 4.34 0.95
N LYS A 41 13.44 5.30 0.84
CA LYS A 41 13.11 6.70 0.54
C LYS A 41 12.44 6.93 -0.83
N ASP A 42 12.74 6.13 -1.85
CA ASP A 42 12.06 6.24 -3.15
C ASP A 42 10.58 5.82 -3.07
N ILE A 43 10.25 4.85 -2.21
CA ILE A 43 8.88 4.40 -1.94
C ILE A 43 8.19 5.39 -0.99
N ASP A 44 8.88 5.81 0.07
CA ASP A 44 8.42 6.85 1.01
C ASP A 44 8.11 8.19 0.31
N ASP A 45 8.89 8.56 -0.71
CA ASP A 45 8.60 9.69 -1.60
C ASP A 45 7.32 9.47 -2.42
N THR A 46 7.06 8.24 -2.86
CA THR A 46 5.93 7.90 -3.74
C THR A 46 4.60 7.88 -2.98
N ILE A 47 4.54 7.15 -1.85
CA ILE A 47 3.30 6.99 -1.06
C ILE A 47 2.76 8.33 -0.54
N LYS A 48 3.67 9.25 -0.22
CA LYS A 48 3.41 10.63 0.21
C LYS A 48 3.13 11.60 -0.93
N SER A 49 3.68 11.38 -2.12
CA SER A 49 3.44 12.21 -3.31
C SER A 49 2.04 11.94 -3.89
N GLU A 50 1.65 10.67 -3.94
CA GLU A 50 0.39 10.23 -4.53
C GLU A 50 -0.76 10.32 -3.51
N ASP A 51 -1.92 10.78 -3.96
CA ASP A 51 -3.02 11.15 -3.07
C ASP A 51 -3.88 9.95 -2.68
N VAL A 52 -4.02 8.96 -3.57
CA VAL A 52 -4.72 7.70 -3.33
C VAL A 52 -3.93 6.55 -3.94
N VAL A 53 -3.63 5.53 -3.13
CA VAL A 53 -2.83 4.35 -3.49
C VAL A 53 -3.55 3.06 -3.09
N THR A 54 -3.64 2.11 -4.01
CA THR A 54 -4.13 0.75 -3.77
C THR A 54 -3.20 -0.28 -4.39
N PHE A 55 -3.25 -1.50 -3.87
CA PHE A 55 -2.61 -2.65 -4.49
C PHE A 55 -3.56 -3.84 -4.57
N ILE A 56 -3.45 -4.57 -5.68
CA ILE A 56 -4.46 -5.53 -6.16
C ILE A 56 -3.77 -6.85 -6.53
N LYS A 57 -4.53 -7.95 -6.54
CA LYS A 57 -4.19 -9.14 -7.33
C LYS A 57 -4.41 -8.84 -8.82
N GLY A 58 -3.35 -8.55 -9.59
CA GLY A 58 -3.47 -8.17 -11.00
C GLY A 58 -3.69 -6.66 -11.21
N LEU A 59 -4.31 -6.32 -12.35
CA LEU A 59 -4.56 -4.94 -12.80
C LEU A 59 -5.98 -4.46 -12.42
N PRO A 60 -6.22 -3.14 -12.28
CA PRO A 60 -7.58 -2.62 -12.08
C PRO A 60 -8.51 -2.83 -13.30
N GLU A 61 -7.94 -3.05 -14.48
CA GLU A 61 -8.65 -3.45 -15.71
C GLU A 61 -8.70 -4.97 -15.95
N ALA A 62 -7.90 -5.74 -15.21
CA ALA A 62 -7.84 -7.21 -15.25
C ALA A 62 -7.51 -7.84 -13.88
N PRO A 63 -8.46 -7.84 -12.91
CA PRO A 63 -8.23 -8.42 -11.59
C PRO A 63 -8.12 -9.95 -11.64
N MET A 64 -7.33 -10.51 -10.73
CA MET A 64 -7.01 -11.95 -10.60
C MET A 64 -7.75 -12.65 -9.45
N CYS A 65 -8.57 -11.92 -8.68
CA CYS A 65 -9.30 -12.42 -7.52
C CYS A 65 -10.67 -11.73 -7.38
N ALA A 66 -11.70 -12.45 -6.92
CA ALA A 66 -13.06 -11.91 -6.77
C ALA A 66 -13.13 -10.69 -5.82
N TYR A 67 -12.38 -10.71 -4.72
CA TYR A 67 -12.29 -9.56 -3.79
C TYR A 67 -11.49 -8.38 -4.39
N SER A 68 -10.53 -8.70 -5.25
CA SER A 68 -9.86 -7.70 -6.10
C SER A 68 -10.81 -7.10 -7.15
N LYS A 69 -11.77 -7.86 -7.70
CA LYS A 69 -12.83 -7.34 -8.59
C LYS A 69 -13.82 -6.42 -7.85
N ARG A 70 -14.29 -6.79 -6.66
CA ARG A 70 -15.22 -5.98 -5.84
C ARG A 70 -14.65 -4.59 -5.52
N MET A 71 -13.34 -4.47 -5.36
CA MET A 71 -12.64 -3.18 -5.21
C MET A 71 -12.91 -2.25 -6.40
N ILE A 72 -12.89 -2.78 -7.63
CA ILE A 72 -13.16 -2.04 -8.86
C ILE A 72 -14.66 -1.66 -8.95
N ASP A 73 -15.58 -2.47 -8.45
CA ASP A 73 -17.00 -2.11 -8.36
C ASP A 73 -17.26 -0.95 -7.40
N VAL A 74 -16.48 -0.87 -6.32
CA VAL A 74 -16.55 0.23 -5.36
C VAL A 74 -16.04 1.53 -5.98
N LEU A 75 -14.92 1.46 -6.72
CA LEU A 75 -14.36 2.61 -7.45
C LEU A 75 -15.28 3.08 -8.59
N GLU A 76 -15.95 2.17 -9.31
CA GLU A 76 -16.98 2.53 -10.30
C GLU A 76 -18.23 3.13 -9.66
N ALA A 77 -18.60 2.76 -8.43
CA ALA A 77 -19.71 3.38 -7.71
C ALA A 77 -19.48 4.88 -7.40
N LEU A 78 -18.22 5.33 -7.32
CA LEU A 78 -17.83 6.74 -7.20
C LEU A 78 -17.41 7.39 -8.53
N GLY A 79 -17.17 6.60 -9.59
CA GLY A 79 -16.72 7.07 -10.91
C GLY A 79 -15.28 7.59 -10.94
N LEU A 80 -14.51 7.33 -9.88
CA LEU A 80 -13.09 7.65 -9.79
C LEU A 80 -12.20 6.40 -9.68
N GLU A 81 -11.11 6.35 -10.44
CA GLU A 81 -10.05 5.37 -10.30
C GLU A 81 -8.73 6.03 -9.86
N TYR A 82 -7.85 5.22 -9.28
CA TYR A 82 -6.72 5.63 -8.45
C TYR A 82 -5.45 4.83 -8.79
N THR A 83 -4.30 5.21 -8.23
CA THR A 83 -3.01 4.71 -8.69
C THR A 83 -2.73 3.36 -8.02
N SER A 84 -2.57 2.36 -8.89
CA SER A 84 -2.80 0.95 -8.58
C SER A 84 -1.58 0.09 -8.92
N PHE A 85 -1.08 -0.66 -7.95
CA PHE A 85 0.08 -1.55 -8.10
C PHE A 85 -0.34 -3.04 -8.04
N ASP A 86 0.49 -3.92 -8.60
CA ASP A 86 0.17 -5.34 -8.79
C ASP A 86 1.18 -6.24 -8.06
N VAL A 87 0.68 -7.01 -7.09
CA VAL A 87 1.48 -7.98 -6.31
C VAL A 87 1.90 -9.21 -7.11
N LEU A 88 1.13 -9.61 -8.13
CA LEU A 88 1.44 -10.78 -8.95
C LEU A 88 2.64 -10.52 -9.86
N ALA A 89 2.75 -9.30 -10.40
CA ALA A 89 3.84 -8.91 -11.31
C ALA A 89 5.11 -8.43 -10.58
N HIS A 90 5.01 -7.79 -9.41
CA HIS A 90 6.15 -7.20 -8.69
C HIS A 90 6.08 -7.39 -7.16
N PRO A 91 6.92 -8.27 -6.57
CA PRO A 91 6.94 -8.53 -5.13
C PRO A 91 7.25 -7.33 -4.22
N VAL A 92 7.80 -6.21 -4.73
CA VAL A 92 7.94 -4.96 -3.95
C VAL A 92 6.63 -4.56 -3.23
N VAL A 93 5.48 -4.86 -3.83
CA VAL A 93 4.16 -4.65 -3.23
C VAL A 93 3.96 -5.50 -1.95
N ARG A 94 4.35 -6.79 -1.98
CA ARG A 94 4.29 -7.63 -0.77
C ARG A 94 5.37 -7.25 0.25
N SER A 95 6.49 -6.70 -0.18
CA SER A 95 7.56 -6.22 0.70
C SER A 95 7.12 -5.00 1.53
N TYR A 96 6.53 -3.96 0.92
CA TYR A 96 6.03 -2.81 1.69
C TYR A 96 4.78 -3.14 2.51
N VAL A 97 3.83 -3.93 1.99
CA VAL A 97 2.61 -4.27 2.74
C VAL A 97 2.91 -5.13 3.98
N LYS A 98 3.94 -6.00 3.94
CA LYS A 98 4.45 -6.72 5.12
C LYS A 98 5.00 -5.78 6.20
N GLU A 99 5.73 -4.74 5.81
CA GLU A 99 6.27 -3.74 6.74
C GLU A 99 5.16 -2.82 7.30
N VAL A 100 4.28 -2.29 6.44
CA VAL A 100 3.25 -1.30 6.77
C VAL A 100 1.96 -1.87 7.38
N SER A 101 1.43 -3.00 6.88
CA SER A 101 0.19 -3.60 7.39
C SER A 101 0.37 -4.82 8.31
N GLU A 102 1.58 -5.39 8.39
CA GLU A 102 2.05 -6.42 9.35
C GLU A 102 1.38 -7.82 9.31
N TRP A 103 0.05 -7.87 9.25
CA TRP A 103 -0.75 -9.04 8.88
C TRP A 103 -1.75 -8.58 7.81
N PRO A 104 -1.38 -8.64 6.51
CA PRO A 104 -2.12 -7.97 5.45
C PRO A 104 -3.25 -8.82 4.84
N THR A 105 -4.20 -8.14 4.22
CA THR A 105 -5.18 -8.67 3.26
C THR A 105 -5.06 -7.89 1.95
N ILE A 106 -5.37 -8.52 0.81
CA ILE A 106 -5.30 -7.89 -0.53
C ILE A 106 -6.66 -8.01 -1.22
N PRO A 107 -7.27 -6.92 -1.72
CA PRO A 107 -6.71 -5.57 -1.82
C PRO A 107 -6.85 -4.73 -0.54
N GLN A 108 -6.04 -3.67 -0.46
CA GLN A 108 -6.05 -2.64 0.60
C GLN A 108 -5.95 -1.23 0.00
N LEU A 109 -6.37 -0.22 0.75
CA LEU A 109 -6.36 1.19 0.35
C LEU A 109 -5.67 2.11 1.38
N PHE A 110 -4.93 3.07 0.84
CA PHE A 110 -4.19 4.11 1.55
C PHE A 110 -4.44 5.48 0.88
N ILE A 111 -4.54 6.55 1.68
CA ILE A 111 -4.79 7.91 1.17
C ILE A 111 -3.76 8.87 1.79
N LYS A 112 -2.93 9.47 0.91
CA LYS A 112 -1.74 10.29 1.22
C LYS A 112 -0.84 9.68 2.32
N ALA A 113 -0.54 8.38 2.20
CA ALA A 113 0.23 7.59 3.16
C ALA A 113 -0.38 7.41 4.58
N GLU A 114 -1.68 7.67 4.79
CA GLU A 114 -2.43 7.19 5.96
C GLU A 114 -3.26 5.95 5.57
N PHE A 115 -3.34 4.94 6.44
CA PHE A 115 -4.06 3.69 6.17
C PHE A 115 -5.56 3.83 6.37
N VAL A 116 -6.31 3.48 5.33
CA VAL A 116 -7.76 3.63 5.27
C VAL A 116 -8.50 2.31 5.50
N GLY A 117 -8.08 1.22 4.85
CA GLY A 117 -8.60 -0.12 5.17
C GLY A 117 -8.45 -1.21 4.10
N GLY A 118 -8.87 -2.42 4.47
CA GLY A 118 -9.12 -3.54 3.55
C GLY A 118 -10.45 -3.42 2.80
N LEU A 119 -10.64 -4.26 1.78
CA LEU A 119 -11.86 -4.37 0.95
C LEU A 119 -13.17 -4.40 1.77
N ASP A 120 -13.21 -5.18 2.87
CA ASP A 120 -14.39 -5.27 3.73
C ASP A 120 -14.66 -3.96 4.48
N ILE A 121 -13.65 -3.13 4.75
CA ILE A 121 -13.79 -1.78 5.34
C ILE A 121 -14.23 -0.77 4.27
N VAL A 122 -13.57 -0.82 3.11
CA VAL A 122 -13.80 0.04 1.95
C VAL A 122 -15.25 -0.08 1.44
N THR A 123 -15.85 -1.27 1.52
CA THR A 123 -17.26 -1.49 1.22
C THR A 123 -18.21 -0.75 2.18
N LYS A 124 -17.92 -0.73 3.48
CA LYS A 124 -18.73 0.02 4.47
C LYS A 124 -18.63 1.51 4.22
N MET A 125 -17.41 1.99 3.96
CA MET A 125 -17.11 3.39 3.64
C MET A 125 -17.81 3.86 2.35
N LEU A 126 -17.94 2.98 1.36
CA LEU A 126 -18.70 3.22 0.12
C LEU A 126 -20.21 3.33 0.39
N GLU A 127 -20.79 2.42 1.17
CA GLU A 127 -22.22 2.46 1.51
C GLU A 127 -22.60 3.64 2.44
N SER A 128 -21.69 4.05 3.33
CA SER A 128 -21.92 5.10 4.34
C SER A 128 -21.64 6.53 3.84
N GLY A 129 -20.70 6.73 2.90
CA GLY A 129 -20.23 8.07 2.50
C GLY A 129 -18.88 8.49 3.10
N ASP A 130 -18.22 7.64 3.87
CA ASP A 130 -16.88 7.94 4.43
C ASP A 130 -15.80 7.99 3.34
N LEU A 131 -15.90 7.17 2.29
CA LEU A 131 -14.96 7.18 1.18
C LEU A 131 -15.06 8.51 0.40
N LYS A 132 -16.29 8.96 0.13
CA LYS A 132 -16.60 10.28 -0.44
C LYS A 132 -16.12 11.44 0.43
N LYS A 133 -16.23 11.32 1.75
CA LYS A 133 -15.68 12.30 2.69
C LYS A 133 -14.16 12.43 2.55
N MET A 134 -13.44 11.30 2.52
CA MET A 134 -11.97 11.28 2.46
C MET A 134 -11.41 11.73 1.11
N LEU A 135 -11.98 11.25 0.00
CA LEU A 135 -11.51 11.66 -1.34
C LEU A 135 -11.75 13.16 -1.58
N ARG A 136 -12.87 13.71 -1.09
CA ARG A 136 -13.17 15.14 -1.23
C ARG A 136 -12.30 16.02 -0.32
N ASP A 137 -11.92 15.52 0.86
CA ASP A 137 -10.91 16.14 1.72
C ASP A 137 -9.53 16.22 1.03
N LYS A 138 -9.27 15.27 0.12
CA LYS A 138 -8.11 15.24 -0.79
C LYS A 138 -8.26 16.13 -2.03
N GLY A 139 -9.33 16.92 -2.09
CA GLY A 139 -9.66 17.86 -3.16
C GLY A 139 -10.37 17.21 -4.36
N ILE A 140 -10.55 15.89 -4.34
CA ILE A 140 -10.93 15.12 -5.53
C ILE A 140 -12.45 15.21 -5.77
N THR A 141 -12.84 15.27 -7.04
CA THR A 141 -14.24 15.40 -7.49
C THR A 141 -14.78 14.04 -7.95
N CYS A 142 -15.94 13.62 -7.45
CA CYS A 142 -16.57 12.30 -7.72
C CYS A 142 -18.06 12.42 -8.08
N ARG A 143 -18.66 11.31 -8.53
CA ARG A 143 -20.13 11.16 -8.65
C ARG A 143 -20.78 11.23 -7.25
N ASP A 144 -21.81 12.05 -7.07
CA ASP A 144 -22.45 12.31 -5.76
C ASP A 144 -23.99 12.38 -5.81
N LEU A 145 -24.65 11.88 -4.75
CA LEU A 145 -26.10 11.82 -4.55
C LEU A 145 -26.68 13.03 -3.78
N SER A 4 19.41 22.32 6.13
CA SER A 4 20.48 21.78 6.99
C SER A 4 19.98 20.76 8.01
N THR A 5 20.88 19.89 8.49
CA THR A 5 20.66 18.94 9.59
C THR A 5 20.83 19.60 10.96
N SER A 6 21.76 20.57 11.08
CA SER A 6 22.07 21.26 12.34
C SER A 6 20.97 22.23 12.78
N GLY A 7 20.56 22.18 14.04
CA GLY A 7 19.59 23.10 14.64
C GLY A 7 18.12 22.86 14.25
N ILE A 8 17.76 21.62 13.90
CA ILE A 8 16.37 21.18 13.70
C ILE A 8 16.14 19.80 14.35
N GLY A 9 15.05 19.66 15.11
CA GLY A 9 14.74 18.46 15.90
C GLY A 9 14.44 17.20 15.06
N GLY A 10 14.55 16.03 15.69
CA GLY A 10 14.40 14.71 15.06
C GLY A 10 15.74 14.13 14.58
N ASP A 11 16.28 13.17 15.33
CA ASP A 11 17.62 12.57 15.14
C ASP A 11 17.55 11.15 14.57
N VAL A 12 18.54 10.74 13.77
CA VAL A 12 18.60 9.43 13.10
C VAL A 12 19.48 8.40 13.83
N ARG A 13 19.16 7.12 13.68
CA ARG A 13 19.86 5.96 14.28
C ARG A 13 20.65 5.14 13.25
N ASP A 14 21.60 4.34 13.73
CA ASP A 14 22.48 3.49 12.91
C ASP A 14 22.27 1.97 13.12
N ILE A 15 22.49 1.20 12.05
CA ILE A 15 22.29 -0.26 11.99
C ILE A 15 23.22 -0.92 10.95
N GLU A 16 23.65 -2.14 11.24
CA GLU A 16 24.45 -3.00 10.36
C GLU A 16 23.74 -4.32 10.08
N GLU A 17 23.57 -4.65 8.80
CA GLU A 17 22.69 -5.70 8.29
C GLU A 17 23.16 -6.30 6.94
N THR A 18 22.69 -7.50 6.62
CA THR A 18 23.01 -8.25 5.39
C THR A 18 21.89 -9.24 5.07
N HIS A 19 21.05 -8.92 4.10
CA HIS A 19 19.90 -9.78 3.76
C HIS A 19 20.30 -11.05 2.99
N PRO A 20 19.65 -12.19 3.27
CA PRO A 20 19.77 -13.42 2.48
C PRO A 20 18.92 -13.37 1.22
N ASP A 21 19.21 -14.25 0.25
CA ASP A 21 18.42 -14.37 -0.98
C ASP A 21 17.10 -15.15 -0.77
N PHE A 22 16.89 -15.72 0.41
CA PHE A 22 15.66 -16.42 0.77
C PHE A 22 14.49 -15.42 0.90
N GLN A 23 13.43 -15.64 0.12
CA GLN A 23 12.22 -14.81 0.17
C GLN A 23 11.40 -15.11 1.44
N PRO A 24 10.74 -14.09 2.05
CA PRO A 24 10.01 -14.25 3.30
C PRO A 24 8.83 -15.22 3.19
N ARG A 25 8.51 -15.90 4.29
CA ARG A 25 7.54 -17.02 4.32
C ARG A 25 6.12 -16.55 3.98
N LEU A 26 5.53 -17.17 2.95
CA LEU A 26 4.15 -16.92 2.53
C LEU A 26 3.14 -17.34 3.62
N VAL A 27 1.93 -16.77 3.58
CA VAL A 27 0.83 -16.91 4.58
C VAL A 27 1.15 -16.36 5.99
N SER A 28 2.43 -16.29 6.38
CA SER A 28 2.87 -15.67 7.64
C SER A 28 2.98 -14.14 7.55
N ALA A 29 2.75 -13.46 8.68
CA ALA A 29 3.20 -12.09 8.92
C ALA A 29 4.62 -12.10 9.51
N ASP A 30 5.59 -12.68 8.79
CA ASP A 30 6.95 -12.92 9.28
C ASP A 30 7.76 -11.62 9.38
N LEU A 31 8.60 -11.44 10.39
CA LEU A 31 9.33 -10.18 10.63
C LEU A 31 10.80 -10.42 10.97
N ALA A 32 11.70 -9.67 10.31
CA ALA A 32 13.15 -9.87 10.36
C ALA A 32 13.93 -8.54 10.35
N GLU A 33 15.12 -8.52 10.97
CA GLU A 33 15.91 -7.29 11.18
C GLU A 33 16.46 -6.63 9.89
N ASP A 34 16.77 -7.41 8.84
CA ASP A 34 17.23 -6.87 7.56
C ASP A 34 16.21 -5.94 6.88
N GLU A 35 14.91 -6.15 7.13
CA GLU A 35 13.80 -5.34 6.59
C GLU A 35 13.90 -3.85 6.91
N ILE A 36 14.66 -3.47 7.95
CA ILE A 36 14.83 -2.08 8.39
C ILE A 36 15.61 -1.27 7.34
N ALA A 37 16.47 -1.92 6.54
CA ALA A 37 17.27 -1.30 5.48
C ALA A 37 16.87 -1.73 4.05
N MET A 38 15.87 -2.59 3.89
CA MET A 38 15.23 -2.84 2.59
C MET A 38 14.36 -1.62 2.25
N VAL A 39 14.73 -0.87 1.21
CA VAL A 39 14.02 0.34 0.78
C VAL A 39 14.08 0.52 -0.74
N LYS A 40 12.94 0.82 -1.36
CA LYS A 40 12.87 1.24 -2.77
C LYS A 40 12.41 2.71 -2.83
N LYS A 41 13.38 3.62 -2.97
CA LYS A 41 13.27 5.05 -2.63
C LYS A 41 12.19 5.79 -3.42
N ASP A 42 12.03 5.48 -4.71
CA ASP A 42 11.06 6.14 -5.60
C ASP A 42 9.62 5.66 -5.40
N ILE A 43 9.40 4.41 -4.97
CA ILE A 43 8.07 3.88 -4.62
C ILE A 43 7.64 4.35 -3.22
N ASP A 44 8.58 4.38 -2.27
CA ASP A 44 8.39 5.03 -0.96
C ASP A 44 8.08 6.53 -1.11
N ASP A 45 8.74 7.22 -2.05
CA ASP A 45 8.41 8.59 -2.46
C ASP A 45 7.05 8.69 -3.17
N THR A 46 6.63 7.66 -3.93
CA THR A 46 5.34 7.64 -4.64
C THR A 46 4.17 7.67 -3.66
N ILE A 47 4.15 6.80 -2.63
CA ILE A 47 3.04 6.77 -1.67
C ILE A 47 2.86 8.11 -0.94
N LYS A 48 3.97 8.80 -0.66
CA LYS A 48 4.04 10.11 0.02
C LYS A 48 3.68 11.29 -0.90
N SER A 49 3.94 11.17 -2.20
CA SER A 49 3.71 12.22 -3.22
C SER A 49 2.29 12.19 -3.81
N GLU A 50 1.71 11.00 -3.94
CA GLU A 50 0.40 10.73 -4.55
C GLU A 50 -0.74 10.95 -3.53
N ASP A 51 -1.93 11.39 -3.96
CA ASP A 51 -3.08 11.46 -3.04
C ASP A 51 -3.62 10.07 -2.65
N VAL A 52 -3.73 9.13 -3.60
CA VAL A 52 -4.38 7.82 -3.38
C VAL A 52 -3.65 6.68 -4.09
N VAL A 53 -3.41 5.56 -3.39
CA VAL A 53 -2.72 4.36 -3.91
C VAL A 53 -3.46 3.06 -3.53
N THR A 54 -3.53 2.08 -4.44
CA THR A 54 -4.06 0.72 -4.18
C THR A 54 -3.13 -0.35 -4.73
N PHE A 55 -3.27 -1.57 -4.20
CA PHE A 55 -2.60 -2.75 -4.72
C PHE A 55 -3.54 -3.94 -4.89
N ILE A 56 -3.35 -4.67 -5.98
CA ILE A 56 -4.29 -5.65 -6.56
C ILE A 56 -3.53 -6.93 -6.93
N LYS A 57 -4.23 -8.06 -7.01
CA LYS A 57 -3.86 -9.18 -7.91
C LYS A 57 -4.01 -8.71 -9.38
N GLY A 58 -2.92 -8.37 -10.07
CA GLY A 58 -2.97 -7.85 -11.45
C GLY A 58 -3.27 -6.36 -11.56
N LEU A 59 -4.09 -5.96 -12.55
CA LEU A 59 -4.34 -4.56 -12.94
C LEU A 59 -5.78 -4.11 -12.61
N PRO A 60 -6.06 -2.79 -12.43
CA PRO A 60 -7.44 -2.29 -12.29
C PRO A 60 -8.24 -2.35 -13.59
N GLU A 61 -7.56 -2.60 -14.72
CA GLU A 61 -8.16 -2.88 -16.04
C GLU A 61 -8.35 -4.40 -16.27
N ALA A 62 -7.53 -5.24 -15.61
CA ALA A 62 -7.49 -6.70 -15.75
C ALA A 62 -7.16 -7.40 -14.41
N PRO A 63 -8.13 -7.53 -13.48
CA PRO A 63 -7.91 -8.10 -12.16
C PRO A 63 -7.86 -9.64 -12.20
N MET A 64 -7.00 -10.24 -11.38
CA MET A 64 -6.74 -11.68 -11.29
C MET A 64 -7.41 -12.35 -10.07
N CYS A 65 -8.29 -11.63 -9.38
CA CYS A 65 -9.10 -12.16 -8.28
C CYS A 65 -10.51 -11.52 -8.22
N ALA A 66 -11.53 -12.28 -7.84
CA ALA A 66 -12.92 -11.82 -7.74
C ALA A 66 -13.10 -10.70 -6.70
N TYR A 67 -12.38 -10.76 -5.57
CA TYR A 67 -12.37 -9.72 -4.54
C TYR A 67 -11.69 -8.43 -5.02
N SER A 68 -10.78 -8.52 -6.00
CA SER A 68 -10.35 -7.33 -6.76
C SER A 68 -11.43 -6.77 -7.70
N LYS A 69 -12.29 -7.59 -8.31
CA LYS A 69 -13.46 -7.07 -9.07
C LYS A 69 -14.40 -6.28 -8.15
N ARG A 70 -14.62 -6.75 -6.92
CA ARG A 70 -15.35 -6.02 -5.88
C ARG A 70 -14.69 -4.68 -5.51
N MET A 71 -13.36 -4.63 -5.47
CA MET A 71 -12.57 -3.41 -5.21
C MET A 71 -12.74 -2.36 -6.32
N ILE A 72 -12.63 -2.76 -7.60
CA ILE A 72 -12.82 -1.84 -8.73
C ILE A 72 -14.30 -1.40 -8.86
N ASP A 73 -15.27 -2.26 -8.52
CA ASP A 73 -16.68 -1.85 -8.46
C ASP A 73 -16.93 -0.66 -7.51
N VAL A 74 -16.17 -0.60 -6.41
CA VAL A 74 -16.24 0.53 -5.46
C VAL A 74 -15.73 1.81 -6.11
N LEU A 75 -14.63 1.72 -6.86
CA LEU A 75 -14.06 2.85 -7.62
C LEU A 75 -15.00 3.33 -8.74
N GLU A 76 -15.68 2.41 -9.42
CA GLU A 76 -16.71 2.73 -10.41
C GLU A 76 -17.96 3.37 -9.79
N ALA A 77 -18.32 2.96 -8.56
CA ALA A 77 -19.44 3.54 -7.80
C ALA A 77 -19.17 4.98 -7.30
N LEU A 78 -17.90 5.37 -7.15
CA LEU A 78 -17.51 6.76 -6.88
C LEU A 78 -17.12 7.54 -8.15
N GLY A 79 -16.92 6.87 -9.28
CA GLY A 79 -16.46 7.47 -10.54
C GLY A 79 -15.02 8.02 -10.47
N LEU A 80 -14.24 7.56 -9.48
CA LEU A 80 -12.83 7.91 -9.28
C LEU A 80 -11.89 6.72 -9.50
N GLU A 81 -10.84 6.91 -10.29
CA GLU A 81 -9.73 5.96 -10.42
C GLU A 81 -8.39 6.54 -9.94
N TYR A 82 -7.56 5.65 -9.39
CA TYR A 82 -6.38 5.92 -8.55
C TYR A 82 -5.14 5.14 -9.08
N THR A 83 -3.96 5.39 -8.51
CA THR A 83 -2.69 4.80 -8.97
C THR A 83 -2.47 3.46 -8.29
N SER A 84 -2.09 2.45 -9.10
CA SER A 84 -2.14 1.04 -8.72
C SER A 84 -0.85 0.26 -8.98
N PHE A 85 -0.59 -0.72 -8.10
CA PHE A 85 0.50 -1.69 -8.20
C PHE A 85 0.01 -3.14 -8.20
N ASP A 86 0.76 -4.06 -8.82
CA ASP A 86 0.48 -5.50 -8.83
C ASP A 86 1.34 -6.25 -7.80
N VAL A 87 0.68 -6.90 -6.82
CA VAL A 87 1.36 -7.70 -5.79
C VAL A 87 2.04 -8.95 -6.36
N LEU A 88 1.56 -9.46 -7.51
CA LEU A 88 2.15 -10.61 -8.20
C LEU A 88 3.47 -10.25 -8.90
N ALA A 89 3.69 -8.97 -9.21
CA ALA A 89 4.89 -8.48 -9.90
C ALA A 89 5.92 -7.79 -8.98
N HIS A 90 5.50 -7.15 -7.88
CA HIS A 90 6.39 -6.35 -7.02
C HIS A 90 6.38 -6.77 -5.53
N PRO A 91 7.45 -7.44 -5.03
CA PRO A 91 7.63 -7.77 -3.61
C PRO A 91 7.52 -6.59 -2.63
N VAL A 92 7.84 -5.36 -3.06
CA VAL A 92 7.67 -4.14 -2.26
C VAL A 92 6.26 -4.02 -1.68
N VAL A 93 5.24 -4.46 -2.43
CA VAL A 93 3.83 -4.34 -2.03
C VAL A 93 3.54 -5.17 -0.78
N ARG A 94 3.95 -6.45 -0.76
CA ARG A 94 3.75 -7.34 0.40
C ARG A 94 4.63 -6.95 1.59
N SER A 95 5.82 -6.39 1.36
CA SER A 95 6.67 -5.86 2.43
C SER A 95 6.07 -4.58 3.07
N TYR A 96 5.62 -3.60 2.27
CA TYR A 96 5.07 -2.34 2.81
C TYR A 96 3.70 -2.56 3.50
N VAL A 97 2.81 -3.40 2.96
CA VAL A 97 1.52 -3.70 3.61
C VAL A 97 1.69 -4.42 4.96
N LYS A 98 2.69 -5.30 5.08
CA LYS A 98 3.04 -5.98 6.34
C LYS A 98 3.54 -4.99 7.40
N GLU A 99 4.43 -4.07 7.01
CA GLU A 99 4.93 -3.01 7.90
C GLU A 99 3.83 -2.00 8.32
N VAL A 100 2.94 -1.59 7.40
CA VAL A 100 1.91 -0.56 7.64
C VAL A 100 0.60 -1.07 8.27
N SER A 101 0.06 -2.21 7.84
CA SER A 101 -1.24 -2.73 8.32
C SER A 101 -1.12 -3.81 9.41
N GLU A 102 0.11 -4.13 9.83
CA GLU A 102 0.49 -5.09 10.90
C GLU A 102 0.20 -6.58 10.62
N TRP A 103 -0.76 -6.89 9.73
CA TRP A 103 -1.04 -8.24 9.21
C TRP A 103 -1.50 -8.13 7.74
N PRO A 104 -0.96 -8.94 6.80
CA PRO A 104 -1.12 -8.68 5.37
C PRO A 104 -2.48 -9.15 4.80
N THR A 105 -3.19 -8.23 4.15
CA THR A 105 -4.49 -8.45 3.47
C THR A 105 -4.50 -7.79 2.08
N ILE A 106 -5.03 -8.46 1.05
CA ILE A 106 -5.10 -7.98 -0.35
C ILE A 106 -6.55 -8.10 -0.90
N PRO A 107 -7.11 -7.10 -1.62
CA PRO A 107 -6.56 -5.78 -1.96
C PRO A 107 -6.76 -4.76 -0.83
N GLN A 108 -5.98 -3.68 -0.84
CA GLN A 108 -5.93 -2.67 0.23
C GLN A 108 -5.95 -1.24 -0.36
N LEU A 109 -6.32 -0.23 0.43
CA LEU A 109 -6.29 1.17 0.02
C LEU A 109 -5.50 2.08 0.96
N PHE A 110 -4.74 2.99 0.36
CA PHE A 110 -3.90 4.00 1.00
C PHE A 110 -4.29 5.40 0.51
N ILE A 111 -4.29 6.40 1.40
CA ILE A 111 -4.44 7.82 1.08
C ILE A 111 -3.33 8.60 1.79
N LYS A 112 -2.52 9.35 1.01
CA LYS A 112 -1.33 10.13 1.45
C LYS A 112 -0.38 9.37 2.39
N ALA A 113 0.00 8.15 2.00
CA ALA A 113 0.85 7.22 2.76
C ALA A 113 0.34 6.79 4.16
N GLU A 114 -0.98 6.82 4.37
CA GLU A 114 -1.66 6.14 5.49
C GLU A 114 -2.62 5.10 4.93
N PHE A 115 -2.71 3.91 5.52
CA PHE A 115 -3.67 2.89 5.08
C PHE A 115 -5.07 3.16 5.64
N VAL A 116 -6.05 3.24 4.75
CA VAL A 116 -7.45 3.56 5.07
C VAL A 116 -8.17 2.32 5.60
N GLY A 117 -7.89 1.17 4.96
CA GLY A 117 -8.38 -0.15 5.34
C GLY A 117 -8.24 -1.21 4.25
N GLY A 118 -8.60 -2.45 4.60
CA GLY A 118 -8.82 -3.53 3.65
C GLY A 118 -10.18 -3.46 2.93
N LEU A 119 -10.38 -4.32 1.93
CA LEU A 119 -11.63 -4.45 1.16
C LEU A 119 -12.90 -4.53 2.04
N ASP A 120 -12.85 -5.30 3.12
CA ASP A 120 -13.92 -5.43 4.12
C ASP A 120 -14.29 -4.09 4.80
N ILE A 121 -13.35 -3.14 4.83
CA ILE A 121 -13.55 -1.77 5.36
C ILE A 121 -13.98 -0.83 4.22
N VAL A 122 -13.30 -0.90 3.07
CA VAL A 122 -13.55 -0.06 1.88
C VAL A 122 -14.99 -0.23 1.39
N THR A 123 -15.52 -1.46 1.37
CA THR A 123 -16.91 -1.75 0.99
C THR A 123 -17.94 -1.14 1.94
N LYS A 124 -17.69 -1.18 3.25
CA LYS A 124 -18.55 -0.54 4.27
C LYS A 124 -18.51 0.99 4.18
N MET A 125 -17.32 1.56 3.97
CA MET A 125 -17.12 3.00 3.76
C MET A 125 -17.82 3.53 2.49
N LEU A 126 -17.86 2.74 1.41
CA LEU A 126 -18.60 3.06 0.17
C LEU A 126 -20.12 3.02 0.38
N GLU A 127 -20.62 2.02 1.11
CA GLU A 127 -22.05 1.91 1.46
C GLU A 127 -22.48 3.06 2.39
N SER A 128 -21.62 3.44 3.34
CA SER A 128 -21.86 4.43 4.41
C SER A 128 -21.67 5.89 4.00
N GLY A 129 -20.81 6.21 3.01
CA GLY A 129 -20.41 7.59 2.68
C GLY A 129 -19.11 8.06 3.37
N ASP A 130 -18.49 7.22 4.20
CA ASP A 130 -17.25 7.57 4.91
C ASP A 130 -16.07 7.79 3.94
N LEU A 131 -16.00 7.03 2.83
CA LEU A 131 -14.97 7.18 1.81
C LEU A 131 -15.08 8.55 1.10
N LYS A 132 -16.31 8.93 0.73
CA LYS A 132 -16.67 10.24 0.18
C LYS A 132 -16.33 11.40 1.11
N LYS A 133 -16.58 11.24 2.42
CA LYS A 133 -16.20 12.25 3.42
C LYS A 133 -14.68 12.43 3.54
N MET A 134 -13.87 11.38 3.43
CA MET A 134 -12.41 11.51 3.38
C MET A 134 -11.88 12.14 2.09
N LEU A 135 -12.31 11.65 0.91
CA LEU A 135 -11.81 12.16 -0.37
C LEU A 135 -12.16 13.65 -0.58
N ARG A 136 -13.33 14.10 -0.10
CA ARG A 136 -13.72 15.50 -0.13
C ARG A 136 -12.82 16.40 0.73
N ASP A 137 -12.37 15.94 1.89
CA ASP A 137 -11.39 16.67 2.72
C ASP A 137 -10.03 16.82 2.02
N LYS A 138 -9.68 15.85 1.16
CA LYS A 138 -8.52 15.86 0.25
C LYS A 138 -8.75 16.66 -1.05
N GLY A 139 -9.89 17.34 -1.20
CA GLY A 139 -10.19 18.25 -2.31
C GLY A 139 -10.74 17.56 -3.56
N ILE A 140 -11.13 16.28 -3.46
CA ILE A 140 -11.47 15.44 -4.61
C ILE A 140 -12.99 15.46 -4.88
N THR A 141 -13.38 15.39 -6.17
CA THR A 141 -14.78 15.36 -6.63
C THR A 141 -15.18 13.95 -7.07
N CYS A 142 -16.33 13.45 -6.60
CA CYS A 142 -16.86 12.09 -6.83
C CYS A 142 -18.35 12.09 -7.22
N ARG A 143 -18.89 10.93 -7.63
CA ARG A 143 -20.34 10.68 -7.71
C ARG A 143 -21.06 10.90 -6.36
N ASP A 144 -22.24 11.52 -6.39
CA ASP A 144 -23.12 11.71 -5.23
C ASP A 144 -24.60 11.45 -5.56
N LEU A 145 -25.37 10.94 -4.57
CA LEU A 145 -26.81 10.59 -4.63
C LEU A 145 -27.21 9.47 -5.59
N SER A 4 29.03 24.66 -2.46
CA SER A 4 28.98 23.58 -1.47
C SER A 4 27.93 22.54 -1.85
N THR A 5 28.35 21.29 -2.09
CA THR A 5 27.54 20.26 -2.76
C THR A 5 26.32 19.79 -1.98
N SER A 6 26.43 19.70 -0.64
CA SER A 6 25.59 18.86 0.22
C SER A 6 25.63 17.36 -0.16
N GLY A 7 25.31 16.47 0.78
CA GLY A 7 25.50 15.02 0.61
C GLY A 7 26.97 14.60 0.71
N ILE A 8 27.78 15.36 1.46
CA ILE A 8 29.25 15.19 1.53
C ILE A 8 29.66 13.91 2.26
N GLY A 9 30.93 13.50 2.05
CA GLY A 9 31.52 12.31 2.65
C GLY A 9 31.72 12.40 4.17
N GLY A 10 32.10 11.25 4.76
CA GLY A 10 32.26 11.03 6.20
C GLY A 10 31.86 9.61 6.60
N ASP A 11 30.71 9.13 6.11
CA ASP A 11 30.37 7.71 6.03
C ASP A 11 30.81 7.11 4.67
N VAL A 12 31.09 5.80 4.65
CA VAL A 12 31.38 5.06 3.42
C VAL A 12 30.13 4.92 2.54
N ARG A 13 30.31 4.90 1.22
CA ARG A 13 29.25 4.75 0.22
C ARG A 13 29.29 3.35 -0.40
N ASP A 14 28.53 2.42 0.16
CA ASP A 14 28.26 1.08 -0.39
C ASP A 14 26.98 0.53 0.25
N ILE A 15 26.08 -0.01 -0.57
CA ILE A 15 24.75 -0.49 -0.13
C ILE A 15 24.36 -1.79 -0.82
N GLU A 16 24.43 -2.89 -0.07
CA GLU A 16 23.98 -4.23 -0.41
C GLU A 16 23.58 -5.00 0.86
N GLU A 17 22.61 -5.88 0.73
CA GLU A 17 22.18 -6.83 1.77
C GLU A 17 22.17 -8.25 1.18
N THR A 18 22.58 -9.24 1.97
CA THR A 18 22.68 -10.66 1.60
C THR A 18 21.52 -11.45 2.20
N HIS A 19 20.88 -12.36 1.44
CA HIS A 19 19.74 -13.14 1.94
C HIS A 19 20.15 -14.37 2.76
N PRO A 20 19.34 -14.78 3.77
CA PRO A 20 19.64 -15.92 4.63
C PRO A 20 19.68 -17.25 3.87
N ASP A 21 20.41 -18.20 4.45
CA ASP A 21 20.72 -19.52 3.87
C ASP A 21 19.94 -20.68 4.51
N PHE A 22 19.01 -20.35 5.41
CA PHE A 22 18.41 -21.24 6.42
C PHE A 22 17.36 -22.22 5.86
N GLN A 23 17.13 -23.37 6.53
CA GLN A 23 16.15 -24.37 6.09
C GLN A 23 14.69 -23.87 6.21
N PRO A 24 13.78 -24.23 5.28
CA PRO A 24 12.44 -23.63 5.17
C PRO A 24 11.49 -23.96 6.34
N ARG A 25 10.52 -23.06 6.57
CA ARG A 25 9.51 -23.17 7.65
C ARG A 25 8.31 -24.04 7.26
N LEU A 26 7.83 -24.84 8.21
CA LEU A 26 6.59 -25.62 8.13
C LEU A 26 5.34 -24.74 8.35
N VAL A 27 5.44 -23.77 9.26
CA VAL A 27 4.47 -22.66 9.36
C VAL A 27 4.58 -21.76 8.13
N SER A 28 3.49 -21.13 7.72
CA SER A 28 3.45 -20.33 6.48
C SER A 28 4.31 -19.07 6.59
N ALA A 29 5.35 -18.98 5.77
CA ALA A 29 6.29 -17.87 5.68
C ALA A 29 6.48 -17.45 4.21
N ASP A 30 6.62 -16.16 3.95
CA ASP A 30 6.53 -15.58 2.59
C ASP A 30 7.24 -14.22 2.47
N LEU A 31 8.36 -14.05 3.17
CA LEU A 31 9.10 -12.79 3.25
C LEU A 31 10.55 -12.96 2.77
N ALA A 32 11.14 -11.87 2.25
CA ALA A 32 12.55 -11.77 1.86
C ALA A 32 13.22 -10.53 2.49
N GLU A 33 14.26 -10.77 3.31
CA GLU A 33 15.00 -9.75 4.08
C GLU A 33 15.62 -8.64 3.23
N ASP A 34 16.19 -8.99 2.07
CA ASP A 34 16.96 -8.09 1.18
C ASP A 34 16.14 -6.89 0.67
N GLU A 35 14.85 -7.09 0.38
CA GLU A 35 13.94 -6.03 -0.08
C GLU A 35 13.56 -5.00 1.00
N ILE A 36 13.62 -5.39 2.28
CA ILE A 36 13.20 -4.56 3.44
C ILE A 36 14.42 -3.99 4.19
N ALA A 37 15.57 -4.67 4.15
CA ALA A 37 16.84 -4.22 4.72
C ALA A 37 17.56 -3.20 3.82
N MET A 38 17.17 -3.10 2.54
CA MET A 38 17.45 -1.96 1.65
C MET A 38 16.15 -1.55 0.94
N VAL A 39 15.61 -0.36 1.24
CA VAL A 39 14.34 0.13 0.67
C VAL A 39 14.54 0.76 -0.71
N LYS A 40 13.71 0.38 -1.70
CA LYS A 40 13.65 1.04 -3.03
C LYS A 40 12.87 2.35 -2.94
N LYS A 41 13.57 3.49 -3.07
CA LYS A 41 13.07 4.82 -2.73
C LYS A 41 11.88 5.27 -3.59
N ASP A 42 11.79 4.77 -4.82
CA ASP A 42 10.72 5.12 -5.78
C ASP A 42 9.32 4.78 -5.24
N ILE A 43 9.17 3.66 -4.53
CA ILE A 43 7.90 3.25 -3.89
C ILE A 43 7.68 4.05 -2.59
N ASP A 44 8.74 4.23 -1.79
CA ASP A 44 8.67 4.98 -0.54
C ASP A 44 8.20 6.45 -0.74
N ASP A 45 8.68 7.08 -1.81
CA ASP A 45 8.19 8.40 -2.27
C ASP A 45 6.79 8.34 -2.90
N THR A 46 6.37 7.21 -3.50
CA THR A 46 5.06 7.09 -4.16
C THR A 46 3.97 7.07 -3.10
N ILE A 47 4.20 6.28 -2.04
CA ILE A 47 3.36 6.21 -0.84
C ILE A 47 3.19 7.61 -0.21
N LYS A 48 4.26 8.42 -0.16
CA LYS A 48 4.25 9.79 0.41
C LYS A 48 3.62 10.84 -0.53
N SER A 49 3.85 10.73 -1.83
CA SER A 49 3.59 11.78 -2.83
C SER A 49 2.25 11.66 -3.54
N GLU A 50 1.68 10.46 -3.67
CA GLU A 50 0.39 10.21 -4.32
C GLU A 50 -0.77 10.34 -3.31
N ASP A 51 -1.93 10.84 -3.77
CA ASP A 51 -3.12 11.03 -2.92
C ASP A 51 -3.71 9.71 -2.42
N VAL A 52 -3.84 8.70 -3.31
CA VAL A 52 -4.48 7.40 -3.04
C VAL A 52 -3.74 6.24 -3.71
N VAL A 53 -3.52 5.15 -2.96
CA VAL A 53 -2.80 3.95 -3.42
C VAL A 53 -3.56 2.66 -3.04
N THR A 54 -3.68 1.73 -4.01
CA THR A 54 -4.20 0.37 -3.80
C THR A 54 -3.29 -0.66 -4.48
N PHE A 55 -3.34 -1.91 -4.01
CA PHE A 55 -2.57 -3.02 -4.55
C PHE A 55 -3.47 -4.26 -4.74
N ILE A 56 -3.27 -4.97 -5.85
CA ILE A 56 -4.20 -5.99 -6.39
C ILE A 56 -3.38 -7.22 -6.85
N LYS A 57 -4.03 -8.38 -6.95
CA LYS A 57 -3.59 -9.45 -7.84
C LYS A 57 -4.02 -9.13 -9.29
N GLY A 58 -3.05 -8.74 -10.12
CA GLY A 58 -3.26 -8.24 -11.48
C GLY A 58 -3.48 -6.73 -11.53
N LEU A 59 -4.26 -6.29 -12.52
CA LEU A 59 -4.43 -4.88 -12.91
C LEU A 59 -5.89 -4.43 -12.74
N PRO A 60 -6.22 -3.13 -12.58
CA PRO A 60 -7.62 -2.70 -12.43
C PRO A 60 -8.48 -3.00 -13.66
N GLU A 61 -7.93 -2.93 -14.88
CA GLU A 61 -8.65 -3.33 -16.11
C GLU A 61 -8.60 -4.86 -16.37
N ALA A 62 -7.73 -5.60 -15.67
CA ALA A 62 -7.53 -7.05 -15.80
C ALA A 62 -7.16 -7.72 -14.44
N PRO A 63 -8.09 -7.82 -13.47
CA PRO A 63 -7.82 -8.41 -12.16
C PRO A 63 -7.86 -9.96 -12.21
N MET A 64 -7.12 -10.63 -11.34
CA MET A 64 -7.01 -12.10 -11.28
C MET A 64 -7.94 -12.77 -10.23
N CYS A 65 -8.89 -12.02 -9.67
CA CYS A 65 -9.88 -12.52 -8.72
C CYS A 65 -11.20 -11.75 -8.84
N ALA A 66 -12.35 -12.41 -8.63
CA ALA A 66 -13.67 -11.77 -8.66
C ALA A 66 -13.88 -10.79 -7.48
N TYR A 67 -13.42 -11.13 -6.27
CA TYR A 67 -13.40 -10.19 -5.13
C TYR A 67 -12.49 -8.97 -5.40
N SER A 68 -11.39 -9.18 -6.13
CA SER A 68 -10.56 -8.07 -6.63
C SER A 68 -11.27 -7.25 -7.71
N LYS A 69 -12.16 -7.84 -8.54
CA LYS A 69 -13.04 -7.07 -9.43
C LYS A 69 -14.08 -6.23 -8.66
N ARG A 70 -14.63 -6.73 -7.56
CA ARG A 70 -15.56 -5.99 -6.66
C ARG A 70 -14.92 -4.72 -6.08
N MET A 71 -13.60 -4.72 -5.84
CA MET A 71 -12.82 -3.52 -5.51
C MET A 71 -12.90 -2.45 -6.62
N ILE A 72 -12.71 -2.85 -7.90
CA ILE A 72 -12.79 -1.93 -9.05
C ILE A 72 -14.23 -1.47 -9.35
N ASP A 73 -15.24 -2.32 -9.12
CA ASP A 73 -16.67 -1.92 -9.12
C ASP A 73 -16.96 -0.82 -8.11
N VAL A 74 -16.29 -0.87 -6.94
CA VAL A 74 -16.45 0.16 -5.92
C VAL A 74 -15.87 1.51 -6.39
N LEU A 75 -14.74 1.48 -7.10
CA LEU A 75 -14.15 2.67 -7.76
C LEU A 75 -15.01 3.21 -8.91
N GLU A 76 -15.70 2.36 -9.66
CA GLU A 76 -16.75 2.78 -10.62
C GLU A 76 -17.92 3.48 -9.89
N ALA A 77 -18.34 2.98 -8.73
CA ALA A 77 -19.45 3.55 -7.96
C ALA A 77 -19.18 4.93 -7.36
N LEU A 78 -17.89 5.29 -7.18
CA LEU A 78 -17.43 6.63 -6.81
C LEU A 78 -17.00 7.48 -8.03
N GLY A 79 -16.78 6.83 -9.18
CA GLY A 79 -16.34 7.42 -10.44
C GLY A 79 -14.92 8.01 -10.41
N LEU A 80 -14.15 7.71 -9.36
CA LEU A 80 -12.74 8.07 -9.23
C LEU A 80 -11.83 6.84 -9.27
N GLU A 81 -10.75 6.88 -10.05
CA GLU A 81 -9.71 5.84 -10.07
C GLU A 81 -8.38 6.31 -9.50
N TYR A 82 -7.62 5.36 -8.94
CA TYR A 82 -6.50 5.56 -8.01
C TYR A 82 -5.25 4.77 -8.43
N THR A 83 -4.14 4.94 -7.71
CA THR A 83 -2.82 4.45 -8.17
C THR A 83 -2.63 3.00 -7.75
N SER A 84 -2.50 2.13 -8.73
CA SER A 84 -2.84 0.70 -8.63
C SER A 84 -1.68 -0.20 -9.04
N PHE A 85 -1.33 -1.18 -8.20
CA PHE A 85 -0.11 -1.99 -8.36
C PHE A 85 -0.32 -3.52 -8.32
N ASP A 86 0.46 -4.20 -9.16
CA ASP A 86 0.51 -5.65 -9.42
C ASP A 86 1.41 -6.36 -8.40
N VAL A 87 0.85 -6.56 -7.21
CA VAL A 87 1.59 -6.98 -6.00
C VAL A 87 2.03 -8.45 -5.97
N LEU A 88 1.57 -9.28 -6.91
CA LEU A 88 2.08 -10.63 -7.13
C LEU A 88 3.26 -10.64 -8.13
N ALA A 89 3.37 -9.63 -9.01
CA ALA A 89 4.51 -9.48 -9.93
C ALA A 89 5.69 -8.74 -9.27
N HIS A 90 5.41 -7.79 -8.37
CA HIS A 90 6.38 -7.24 -7.42
C HIS A 90 5.79 -7.15 -5.99
N PRO A 91 6.21 -8.02 -5.05
CA PRO A 91 5.80 -7.91 -3.64
C PRO A 91 6.22 -6.60 -2.96
N VAL A 92 7.15 -5.82 -3.52
CA VAL A 92 7.70 -4.57 -2.98
C VAL A 92 6.69 -3.62 -2.30
N VAL A 93 5.50 -3.42 -2.88
CA VAL A 93 4.45 -2.55 -2.31
C VAL A 93 3.88 -3.16 -1.02
N ARG A 94 3.63 -4.46 -1.03
CA ARG A 94 3.23 -5.27 0.14
C ARG A 94 4.35 -5.29 1.19
N SER A 95 5.59 -5.43 0.78
CA SER A 95 6.75 -5.52 1.68
C SER A 95 6.87 -4.29 2.57
N TYR A 96 6.73 -3.09 2.00
CA TYR A 96 6.67 -1.83 2.76
C TYR A 96 5.33 -1.60 3.47
N VAL A 97 4.18 -1.97 2.91
CA VAL A 97 2.89 -1.82 3.63
C VAL A 97 2.84 -2.69 4.89
N LYS A 98 3.44 -3.89 4.85
CA LYS A 98 3.66 -4.77 6.00
C LYS A 98 4.51 -4.11 7.09
N GLU A 99 5.48 -3.27 6.75
CA GLU A 99 6.19 -2.43 7.73
C GLU A 99 5.38 -1.23 8.21
N VAL A 100 4.57 -0.60 7.34
CA VAL A 100 3.85 0.65 7.68
C VAL A 100 2.57 0.41 8.49
N SER A 101 1.71 -0.56 8.13
CA SER A 101 0.51 -0.92 8.90
C SER A 101 0.61 -2.24 9.70
N GLU A 102 1.82 -2.77 9.87
CA GLU A 102 2.18 -4.01 10.60
C GLU A 102 1.72 -5.35 9.97
N TRP A 103 0.60 -5.42 9.24
CA TRP A 103 0.10 -6.65 8.59
C TRP A 103 -0.68 -6.36 7.29
N PRO A 104 -0.38 -7.04 6.16
CA PRO A 104 -1.03 -6.78 4.87
C PRO A 104 -2.23 -7.71 4.56
N THR A 105 -3.22 -7.18 3.84
CA THR A 105 -4.27 -7.94 3.12
C THR A 105 -4.38 -7.46 1.67
N ILE A 106 -4.81 -8.30 0.73
CA ILE A 106 -4.93 -7.96 -0.70
C ILE A 106 -6.34 -8.28 -1.22
N PRO A 107 -7.08 -7.32 -1.81
CA PRO A 107 -6.73 -5.91 -2.01
C PRO A 107 -7.03 -5.03 -0.78
N GLN A 108 -6.34 -3.89 -0.69
CA GLN A 108 -6.39 -2.95 0.44
C GLN A 108 -6.08 -1.51 -0.02
N LEU A 109 -6.46 -0.50 0.77
CA LEU A 109 -6.37 0.93 0.42
C LEU A 109 -5.65 1.80 1.46
N PHE A 110 -4.88 2.74 0.92
CA PHE A 110 -4.14 3.79 1.62
C PHE A 110 -4.46 5.18 1.04
N ILE A 111 -4.56 6.21 1.88
CA ILE A 111 -4.84 7.61 1.49
C ILE A 111 -3.91 8.56 2.28
N LYS A 112 -3.25 9.50 1.60
CA LYS A 112 -2.20 10.40 2.15
C LYS A 112 -1.11 9.69 2.99
N ALA A 113 -0.61 8.54 2.52
CA ALA A 113 0.32 7.64 3.24
C ALA A 113 -0.26 7.02 4.54
N GLU A 114 -1.57 7.10 4.79
CA GLU A 114 -2.26 6.61 6.00
C GLU A 114 -3.18 5.42 5.67
N PHE A 115 -3.24 4.43 6.56
CA PHE A 115 -4.09 3.24 6.41
C PHE A 115 -5.57 3.56 6.61
N VAL A 116 -6.37 3.18 5.62
CA VAL A 116 -7.82 3.34 5.59
C VAL A 116 -8.56 2.02 5.85
N GLY A 117 -8.27 0.98 5.06
CA GLY A 117 -8.92 -0.34 5.23
C GLY A 117 -8.72 -1.36 4.10
N GLY A 118 -9.00 -2.61 4.43
CA GLY A 118 -9.15 -3.73 3.50
C GLY A 118 -10.51 -3.76 2.78
N LEU A 119 -10.64 -4.60 1.75
CA LEU A 119 -11.87 -4.77 0.93
C LEU A 119 -13.15 -4.91 1.77
N ASP A 120 -13.12 -5.72 2.83
CA ASP A 120 -14.26 -5.98 3.74
C ASP A 120 -14.70 -4.72 4.51
N ILE A 121 -13.82 -3.72 4.65
CA ILE A 121 -14.08 -2.40 5.23
C ILE A 121 -14.49 -1.39 4.14
N VAL A 122 -13.78 -1.39 3.01
CA VAL A 122 -13.90 -0.43 1.90
C VAL A 122 -15.31 -0.43 1.29
N THR A 123 -15.96 -1.60 1.21
CA THR A 123 -17.39 -1.70 0.84
C THR A 123 -18.28 -0.88 1.76
N LYS A 124 -18.12 -1.05 3.08
CA LYS A 124 -18.93 -0.34 4.08
C LYS A 124 -18.72 1.16 3.97
N MET A 125 -17.46 1.58 3.76
CA MET A 125 -17.07 2.98 3.64
C MET A 125 -17.63 3.65 2.39
N LEU A 126 -17.68 2.96 1.24
CA LEU A 126 -18.27 3.43 -0.02
C LEU A 126 -19.80 3.56 0.08
N GLU A 127 -20.46 2.61 0.74
CA GLU A 127 -21.91 2.66 0.96
C GLU A 127 -22.30 3.70 2.04
N SER A 128 -21.45 3.92 3.05
CA SER A 128 -21.67 4.90 4.13
C SER A 128 -21.36 6.35 3.71
N GLY A 129 -20.46 6.55 2.74
CA GLY A 129 -19.87 7.86 2.41
C GLY A 129 -18.60 8.19 3.18
N ASP A 130 -18.11 7.32 4.08
CA ASP A 130 -16.86 7.55 4.85
C ASP A 130 -15.64 7.69 3.92
N LEU A 131 -15.60 6.91 2.83
CA LEU A 131 -14.56 7.00 1.79
C LEU A 131 -14.56 8.41 1.13
N LYS A 132 -15.76 8.92 0.85
CA LYS A 132 -16.03 10.24 0.30
C LYS A 132 -15.71 11.38 1.28
N LYS A 133 -15.94 11.21 2.59
CA LYS A 133 -15.49 12.19 3.60
C LYS A 133 -13.97 12.38 3.53
N MET A 134 -13.22 11.28 3.51
CA MET A 134 -11.75 11.33 3.53
C MET A 134 -11.16 11.93 2.25
N LEU A 135 -11.72 11.63 1.07
CA LEU A 135 -11.30 12.29 -0.19
C LEU A 135 -11.69 13.77 -0.24
N ARG A 136 -12.92 14.13 0.18
CA ARG A 136 -13.46 15.48 0.02
C ARG A 136 -12.84 16.50 0.95
N ASP A 137 -12.32 16.06 2.09
CA ASP A 137 -11.55 16.89 3.03
C ASP A 137 -10.32 17.54 2.37
N LYS A 138 -9.72 16.89 1.36
CA LYS A 138 -8.59 17.43 0.58
C LYS A 138 -9.03 18.31 -0.62
N GLY A 139 -10.33 18.46 -0.88
CA GLY A 139 -10.88 19.27 -2.00
C GLY A 139 -11.06 18.47 -3.29
N ILE A 140 -11.07 17.14 -3.21
CA ILE A 140 -11.08 16.25 -4.38
C ILE A 140 -12.53 15.99 -4.87
N THR A 141 -12.74 15.80 -6.17
CA THR A 141 -14.06 15.62 -6.81
C THR A 141 -14.34 14.17 -7.20
N CYS A 142 -15.46 13.63 -6.71
CA CYS A 142 -16.07 12.33 -7.05
C CYS A 142 -17.55 12.47 -7.48
N ARG A 143 -18.17 11.42 -8.04
CA ARG A 143 -19.62 11.44 -8.31
C ARG A 143 -20.45 11.73 -7.05
N ASP A 144 -21.60 12.37 -7.22
CA ASP A 144 -22.55 12.66 -6.14
C ASP A 144 -23.07 11.37 -5.46
N LEU A 145 -23.29 11.43 -4.14
CA LEU A 145 -23.61 10.31 -3.25
C LEU A 145 -24.96 10.51 -2.57
N SER A 4 35.57 1.92 -5.90
CA SER A 4 36.76 1.31 -6.52
C SER A 4 36.93 1.70 -7.99
N THR A 5 36.16 1.12 -8.92
CA THR A 5 36.40 1.14 -10.39
C THR A 5 35.52 2.10 -11.20
N SER A 6 34.38 2.57 -10.66
CA SER A 6 33.45 3.47 -11.36
C SER A 6 33.56 4.95 -10.96
N GLY A 7 34.68 5.33 -10.33
CA GLY A 7 34.99 6.69 -9.85
C GLY A 7 34.31 7.08 -8.54
N ILE A 8 33.20 6.43 -8.18
CA ILE A 8 32.49 6.51 -6.90
C ILE A 8 32.01 5.10 -6.47
N GLY A 9 31.63 4.90 -5.21
CA GLY A 9 31.04 3.65 -4.72
C GLY A 9 29.51 3.58 -4.84
N GLY A 10 28.94 2.50 -4.29
CA GLY A 10 27.51 2.30 -4.05
C GLY A 10 27.11 2.60 -2.60
N ASP A 11 26.01 2.00 -2.13
CA ASP A 11 25.53 2.12 -0.75
C ASP A 11 26.54 1.50 0.24
N VAL A 12 26.93 2.27 1.26
CA VAL A 12 28.03 1.95 2.19
C VAL A 12 27.68 0.75 3.07
N ARG A 13 28.60 -0.21 3.21
CA ARG A 13 28.41 -1.48 3.93
C ARG A 13 28.82 -1.34 5.39
N ASP A 14 27.91 -0.80 6.20
CA ASP A 14 28.13 -0.46 7.61
C ASP A 14 26.86 -0.73 8.46
N ILE A 15 27.01 -0.92 9.77
CA ILE A 15 25.92 -1.31 10.70
C ILE A 15 25.23 -2.62 10.27
N GLU A 16 26.00 -3.59 9.76
CA GLU A 16 25.46 -4.74 9.02
C GLU A 16 24.66 -5.72 9.90
N GLU A 17 23.53 -6.20 9.35
CA GLU A 17 22.56 -7.05 10.03
C GLU A 17 23.07 -8.49 10.19
N THR A 18 22.85 -9.10 11.35
CA THR A 18 23.40 -10.42 11.73
C THR A 18 22.46 -11.55 11.29
N HIS A 19 22.39 -11.73 9.97
CA HIS A 19 21.40 -12.56 9.32
C HIS A 19 21.42 -14.03 9.78
N PRO A 20 20.31 -14.78 9.65
CA PRO A 20 20.33 -16.23 9.76
C PRO A 20 21.23 -16.86 8.70
N ASP A 21 21.77 -18.04 9.00
CA ASP A 21 22.70 -18.78 8.11
C ASP A 21 22.00 -19.90 7.32
N PHE A 22 20.68 -20.04 7.47
CA PHE A 22 19.84 -21.00 6.74
C PHE A 22 19.87 -20.77 5.21
N GLN A 23 19.60 -21.84 4.45
CA GLN A 23 19.51 -21.77 2.99
C GLN A 23 18.19 -21.08 2.57
N PRO A 24 18.15 -20.33 1.45
CA PRO A 24 16.96 -19.59 1.03
C PRO A 24 15.78 -20.53 0.73
N ARG A 25 14.57 -20.13 1.16
CA ARG A 25 13.32 -20.90 1.06
C ARG A 25 12.21 -20.10 0.38
N LEU A 26 11.48 -20.73 -0.53
CA LEU A 26 10.37 -20.11 -1.28
C LEU A 26 9.10 -20.99 -1.24
N VAL A 27 9.22 -22.29 -1.46
CA VAL A 27 8.10 -23.26 -1.38
C VAL A 27 7.79 -23.67 0.07
N SER A 28 8.78 -23.65 0.95
CA SER A 28 8.60 -23.66 2.42
C SER A 28 8.49 -22.21 2.93
N ALA A 29 7.43 -21.87 3.67
CA ALA A 29 7.20 -20.52 4.18
C ALA A 29 8.09 -20.16 5.40
N ASP A 30 8.81 -19.05 5.29
CA ASP A 30 9.67 -18.46 6.33
C ASP A 30 9.80 -16.93 6.17
N LEU A 31 10.21 -16.22 7.23
CA LEU A 31 10.60 -14.80 7.21
C LEU A 31 11.69 -14.50 8.25
N ALA A 32 12.67 -13.70 7.88
CA ALA A 32 13.69 -13.14 8.76
C ALA A 32 13.43 -11.66 9.10
N GLU A 33 13.59 -11.27 10.38
CA GLU A 33 13.54 -9.87 10.85
C GLU A 33 14.62 -9.00 10.18
N ASP A 34 15.74 -9.63 9.82
CA ASP A 34 16.86 -9.05 9.09
C ASP A 34 16.47 -8.60 7.66
N GLU A 35 15.49 -9.26 7.03
CA GLU A 35 14.94 -8.85 5.72
C GLU A 35 14.11 -7.56 5.80
N ILE A 36 13.52 -7.27 6.96
CA ILE A 36 12.69 -6.08 7.20
C ILE A 36 13.54 -4.80 7.39
N ALA A 37 14.84 -4.94 7.63
CA ALA A 37 15.77 -3.84 7.90
C ALA A 37 16.27 -3.08 6.64
N MET A 38 15.78 -3.45 5.44
CA MET A 38 16.16 -2.84 4.15
C MET A 38 14.97 -2.13 3.48
N VAL A 39 15.23 -1.02 2.79
CA VAL A 39 14.20 -0.08 2.29
C VAL A 39 14.49 0.43 0.88
N LYS A 40 13.43 0.82 0.15
CA LYS A 40 13.48 1.37 -1.21
C LYS A 40 12.90 2.80 -1.25
N LYS A 41 13.75 3.81 -1.47
CA LYS A 41 13.36 5.24 -1.45
C LYS A 41 12.35 5.62 -2.54
N ASP A 42 12.38 4.96 -3.70
CA ASP A 42 11.52 5.27 -4.84
C ASP A 42 10.02 5.01 -4.56
N ILE A 43 9.69 3.90 -3.90
CA ILE A 43 8.31 3.59 -3.50
C ILE A 43 7.90 4.39 -2.26
N ASP A 44 8.79 4.56 -1.29
CA ASP A 44 8.54 5.34 -0.06
C ASP A 44 8.17 6.80 -0.35
N ASP A 45 8.88 7.46 -1.27
CA ASP A 45 8.55 8.81 -1.72
C ASP A 45 7.25 8.86 -2.54
N THR A 46 6.98 7.81 -3.34
CA THR A 46 5.79 7.73 -4.20
C THR A 46 4.49 7.66 -3.39
N ILE A 47 4.42 6.77 -2.38
CA ILE A 47 3.24 6.65 -1.50
C ILE A 47 2.96 7.94 -0.71
N LYS A 48 4.03 8.67 -0.35
CA LYS A 48 3.98 9.96 0.37
C LYS A 48 3.65 11.15 -0.54
N SER A 49 3.93 11.07 -1.84
CA SER A 49 3.73 12.14 -2.85
C SER A 49 2.37 12.10 -3.54
N GLU A 50 1.82 10.91 -3.78
CA GLU A 50 0.51 10.72 -4.40
C GLU A 50 -0.63 10.72 -3.37
N ASP A 51 -1.81 11.20 -3.76
CA ASP A 51 -2.96 11.35 -2.85
C ASP A 51 -3.55 10.00 -2.38
N VAL A 52 -3.79 9.06 -3.30
CA VAL A 52 -4.48 7.79 -3.03
C VAL A 52 -3.82 6.65 -3.81
N VAL A 53 -3.51 5.54 -3.12
CA VAL A 53 -2.81 4.37 -3.68
C VAL A 53 -3.49 3.05 -3.25
N THR A 54 -3.65 2.10 -4.16
CA THR A 54 -4.21 0.77 -3.89
C THR A 54 -3.40 -0.33 -4.57
N PHE A 55 -3.47 -1.54 -4.01
CA PHE A 55 -2.77 -2.70 -4.54
C PHE A 55 -3.66 -3.95 -4.58
N ILE A 56 -3.48 -4.75 -5.62
CA ILE A 56 -4.46 -5.68 -6.17
C ILE A 56 -3.80 -7.03 -6.50
N LYS A 57 -4.61 -8.11 -6.57
CA LYS A 57 -4.29 -9.30 -7.38
C LYS A 57 -4.57 -8.99 -8.87
N GLY A 58 -3.54 -8.81 -9.70
CA GLY A 58 -3.69 -8.48 -11.11
C GLY A 58 -3.96 -6.99 -11.39
N LEU A 59 -4.47 -6.69 -12.59
CA LEU A 59 -4.67 -5.33 -13.09
C LEU A 59 -6.07 -4.79 -12.78
N PRO A 60 -6.30 -3.46 -12.71
CA PRO A 60 -7.65 -2.90 -12.55
C PRO A 60 -8.54 -3.13 -13.79
N GLU A 61 -7.96 -3.38 -14.97
CA GLU A 61 -8.67 -3.79 -16.20
C GLU A 61 -8.83 -5.32 -16.32
N ALA A 62 -7.95 -6.08 -15.67
CA ALA A 62 -7.87 -7.54 -15.71
C ALA A 62 -7.50 -8.12 -14.33
N PRO A 63 -8.45 -8.17 -13.38
CA PRO A 63 -8.21 -8.65 -12.02
C PRO A 63 -8.11 -10.17 -11.94
N MET A 64 -7.43 -10.68 -10.91
CA MET A 64 -7.17 -12.11 -10.67
C MET A 64 -7.94 -12.70 -9.47
N CYS A 65 -8.82 -11.93 -8.82
CA CYS A 65 -9.55 -12.29 -7.60
C CYS A 65 -10.93 -11.60 -7.58
N ALA A 66 -11.95 -12.23 -7.00
CA ALA A 66 -13.28 -11.63 -6.86
C ALA A 66 -13.22 -10.34 -6.01
N TYR A 67 -12.47 -10.35 -4.91
CA TYR A 67 -12.24 -9.15 -4.10
C TYR A 67 -11.53 -8.03 -4.89
N SER A 68 -10.63 -8.38 -5.81
CA SER A 68 -9.99 -7.41 -6.71
C SER A 68 -11.03 -6.75 -7.62
N LYS A 69 -11.91 -7.52 -8.28
CA LYS A 69 -13.00 -6.98 -9.13
C LYS A 69 -13.93 -6.07 -8.31
N ARG A 70 -14.38 -6.56 -7.14
CA ARG A 70 -15.29 -5.83 -6.24
C ARG A 70 -14.70 -4.50 -5.74
N MET A 71 -13.37 -4.39 -5.62
CA MET A 71 -12.70 -3.11 -5.35
C MET A 71 -12.78 -2.11 -6.51
N ILE A 72 -12.59 -2.56 -7.76
CA ILE A 72 -12.75 -1.67 -8.94
C ILE A 72 -14.23 -1.28 -9.12
N ASP A 73 -15.16 -2.18 -8.79
CA ASP A 73 -16.62 -1.91 -8.75
C ASP A 73 -16.97 -0.74 -7.82
N VAL A 74 -16.28 -0.65 -6.67
CA VAL A 74 -16.41 0.46 -5.71
C VAL A 74 -15.88 1.77 -6.29
N LEU A 75 -14.73 1.74 -6.97
CA LEU A 75 -14.14 2.91 -7.63
C LEU A 75 -15.00 3.44 -8.81
N GLU A 76 -15.65 2.56 -9.57
CA GLU A 76 -16.66 3.00 -10.56
C GLU A 76 -17.92 3.60 -9.91
N ALA A 77 -18.32 3.12 -8.72
CA ALA A 77 -19.48 3.67 -8.02
C ALA A 77 -19.28 5.13 -7.59
N LEU A 78 -18.04 5.58 -7.39
CA LEU A 78 -17.68 6.99 -7.15
C LEU A 78 -17.21 7.73 -8.42
N GLY A 79 -16.88 7.00 -9.50
CA GLY A 79 -16.34 7.57 -10.75
C GLY A 79 -14.92 8.11 -10.68
N LEU A 80 -14.20 7.86 -9.58
CA LEU A 80 -12.79 8.24 -9.40
C LEU A 80 -11.86 7.00 -9.35
N GLU A 81 -10.77 7.01 -10.12
CA GLU A 81 -9.79 5.91 -10.14
C GLU A 81 -8.40 6.34 -9.64
N TYR A 82 -7.87 5.58 -8.69
CA TYR A 82 -6.66 5.84 -7.89
C TYR A 82 -5.48 4.94 -8.32
N THR A 83 -4.26 5.17 -7.81
CA THR A 83 -3.04 4.64 -8.45
C THR A 83 -2.83 3.21 -7.99
N SER A 84 -2.78 2.31 -8.97
CA SER A 84 -3.11 0.89 -8.81
C SER A 84 -1.95 -0.02 -9.22
N PHE A 85 -1.55 -0.94 -8.34
CA PHE A 85 -0.40 -1.84 -8.52
C PHE A 85 -0.76 -3.33 -8.34
N ASP A 86 -0.12 -4.20 -9.13
CA ASP A 86 -0.24 -5.66 -9.03
C ASP A 86 0.86 -6.25 -8.13
N VAL A 87 0.47 -6.81 -6.99
CA VAL A 87 1.41 -7.40 -6.02
C VAL A 87 2.06 -8.68 -6.55
N LEU A 88 1.49 -9.32 -7.57
CA LEU A 88 2.12 -10.46 -8.26
C LEU A 88 3.23 -10.00 -9.25
N ALA A 89 3.20 -8.75 -9.72
CA ALA A 89 4.22 -8.22 -10.61
C ALA A 89 5.41 -7.63 -9.83
N HIS A 90 5.15 -6.96 -8.70
CA HIS A 90 6.21 -6.44 -7.83
C HIS A 90 5.94 -6.69 -6.34
N PRO A 91 6.50 -7.80 -5.80
CA PRO A 91 6.64 -8.09 -4.37
C PRO A 91 7.13 -6.93 -3.48
N VAL A 92 7.79 -5.89 -4.00
CA VAL A 92 8.11 -4.67 -3.21
C VAL A 92 6.89 -4.11 -2.46
N VAL A 93 5.70 -4.21 -3.03
CA VAL A 93 4.46 -3.75 -2.39
C VAL A 93 4.12 -4.65 -1.19
N ARG A 94 4.25 -5.98 -1.36
CA ARG A 94 4.12 -6.97 -0.29
C ARG A 94 5.18 -6.81 0.81
N SER A 95 6.40 -6.36 0.47
CA SER A 95 7.49 -6.02 1.40
C SER A 95 7.23 -4.76 2.23
N TYR A 96 6.60 -3.73 1.65
CA TYR A 96 6.14 -2.54 2.38
C TYR A 96 4.86 -2.76 3.20
N VAL A 97 3.81 -3.38 2.64
CA VAL A 97 2.50 -3.53 3.34
C VAL A 97 2.60 -4.31 4.65
N LYS A 98 3.49 -5.32 4.72
CA LYS A 98 3.76 -6.08 5.95
C LYS A 98 4.32 -5.22 7.09
N GLU A 99 5.13 -4.20 6.77
CA GLU A 99 5.62 -3.15 7.68
C GLU A 99 4.58 -2.07 8.00
N VAL A 100 3.84 -1.60 6.98
CA VAL A 100 3.02 -0.38 7.01
C VAL A 100 1.66 -0.59 7.69
N SER A 101 1.02 -1.74 7.49
CA SER A 101 -0.38 -1.97 7.89
C SER A 101 -0.57 -2.77 9.20
N GLU A 102 0.51 -2.98 9.97
CA GLU A 102 0.66 -3.92 11.11
C GLU A 102 0.48 -5.41 10.76
N TRP A 103 -0.39 -5.75 9.80
CA TRP A 103 -0.57 -7.06 9.17
C TRP A 103 -0.79 -6.85 7.65
N PRO A 104 -0.23 -7.67 6.75
CA PRO A 104 -0.41 -7.48 5.31
C PRO A 104 -1.79 -7.97 4.83
N THR A 105 -2.54 -7.14 4.10
CA THR A 105 -3.90 -7.43 3.61
C THR A 105 -4.02 -7.11 2.11
N ILE A 106 -4.57 -8.03 1.30
CA ILE A 106 -4.83 -7.81 -0.14
C ILE A 106 -6.29 -8.17 -0.48
N PRO A 107 -7.05 -7.31 -1.20
CA PRO A 107 -6.70 -5.95 -1.63
C PRO A 107 -6.90 -4.89 -0.51
N GLN A 108 -6.14 -3.79 -0.56
CA GLN A 108 -6.14 -2.73 0.47
C GLN A 108 -5.86 -1.33 -0.13
N LEU A 109 -6.27 -0.29 0.61
CA LEU A 109 -6.25 1.11 0.19
C LEU A 109 -5.52 2.00 1.20
N PHE A 110 -4.68 2.87 0.65
CA PHE A 110 -3.86 3.86 1.34
C PHE A 110 -4.23 5.26 0.88
N ILE A 111 -4.18 6.23 1.79
CA ILE A 111 -4.23 7.67 1.48
C ILE A 111 -3.01 8.33 2.14
N LYS A 112 -2.19 9.04 1.36
CA LYS A 112 -0.93 9.69 1.78
C LYS A 112 -0.03 8.82 2.69
N ALA A 113 0.31 7.61 2.24
CA ALA A 113 1.21 6.69 2.94
C ALA A 113 0.76 6.23 4.34
N GLU A 114 -0.55 6.19 4.60
CA GLU A 114 -1.16 5.61 5.80
C GLU A 114 -2.29 4.65 5.41
N PHE A 115 -2.49 3.58 6.17
CA PHE A 115 -3.47 2.55 5.83
C PHE A 115 -4.88 2.96 6.27
N VAL A 116 -5.82 2.98 5.31
CA VAL A 116 -7.22 3.41 5.53
C VAL A 116 -8.12 2.18 5.69
N GLY A 117 -8.01 1.21 4.79
CA GLY A 117 -8.68 -0.08 4.97
C GLY A 117 -8.45 -1.13 3.89
N GLY A 118 -8.68 -2.38 4.27
CA GLY A 118 -8.84 -3.51 3.34
C GLY A 118 -10.20 -3.50 2.65
N LEU A 119 -10.39 -4.35 1.62
CA LEU A 119 -11.59 -4.38 0.77
C LEU A 119 -12.91 -4.47 1.57
N ASP A 120 -12.96 -5.25 2.65
CA ASP A 120 -14.17 -5.35 3.48
C ASP A 120 -14.48 -4.03 4.21
N ILE A 121 -13.45 -3.29 4.62
CA ILE A 121 -13.56 -1.98 5.27
C ILE A 121 -13.97 -0.90 4.26
N VAL A 122 -13.31 -0.89 3.10
CA VAL A 122 -13.58 0.00 1.96
C VAL A 122 -15.03 -0.13 1.49
N THR A 123 -15.59 -1.34 1.54
CA THR A 123 -17.01 -1.59 1.24
C THR A 123 -17.93 -0.86 2.23
N LYS A 124 -17.68 -0.90 3.55
CA LYS A 124 -18.48 -0.15 4.54
C LYS A 124 -18.43 1.34 4.25
N MET A 125 -17.23 1.85 3.98
CA MET A 125 -16.98 3.27 3.72
C MET A 125 -17.74 3.74 2.48
N LEU A 126 -17.78 2.95 1.39
CA LEU A 126 -18.51 3.27 0.16
C LEU A 126 -20.04 3.23 0.38
N GLU A 127 -20.54 2.18 1.04
CA GLU A 127 -21.97 1.93 1.26
C GLU A 127 -22.58 2.90 2.30
N SER A 128 -21.77 3.44 3.21
CA SER A 128 -22.17 4.37 4.28
C SER A 128 -21.87 5.84 3.97
N GLY A 129 -21.23 6.15 2.84
CA GLY A 129 -20.92 7.52 2.40
C GLY A 129 -19.60 8.10 2.93
N ASP A 130 -18.93 7.40 3.85
CA ASP A 130 -17.70 7.87 4.49
C ASP A 130 -16.49 7.93 3.56
N LEU A 131 -16.40 7.08 2.53
CA LEU A 131 -15.35 7.13 1.51
C LEU A 131 -15.44 8.45 0.73
N LYS A 132 -16.65 8.82 0.30
CA LYS A 132 -16.96 10.14 -0.26
C LYS A 132 -16.63 11.25 0.72
N LYS A 133 -16.95 11.10 2.01
CA LYS A 133 -16.64 12.16 2.99
C LYS A 133 -15.14 12.41 3.13
N MET A 134 -14.27 11.38 3.05
CA MET A 134 -12.81 11.57 3.06
C MET A 134 -12.29 12.21 1.76
N LEU A 135 -12.70 11.72 0.59
CA LEU A 135 -12.24 12.24 -0.70
C LEU A 135 -12.72 13.70 -0.95
N ARG A 136 -13.96 14.01 -0.55
CA ARG A 136 -14.56 15.35 -0.68
C ARG A 136 -13.92 16.35 0.28
N ASP A 137 -13.54 15.91 1.48
CA ASP A 137 -12.69 16.67 2.40
C ASP A 137 -11.27 16.91 1.83
N LYS A 138 -10.81 16.07 0.91
CA LYS A 138 -9.45 16.13 0.31
C LYS A 138 -9.38 16.96 -0.99
N GLY A 139 -10.47 17.62 -1.39
CA GLY A 139 -10.55 18.46 -2.58
C GLY A 139 -10.91 17.71 -3.87
N ILE A 140 -11.38 16.46 -3.74
CA ILE A 140 -11.67 15.56 -4.86
C ILE A 140 -13.20 15.49 -5.04
N THR A 141 -13.71 15.33 -6.27
CA THR A 141 -15.15 15.26 -6.57
C THR A 141 -15.59 13.89 -7.14
N CYS A 142 -16.70 13.36 -6.64
CA CYS A 142 -17.27 12.05 -7.00
C CYS A 142 -18.78 12.13 -7.34
N ARG A 143 -19.35 11.06 -7.91
CA ARG A 143 -20.82 10.94 -8.10
C ARG A 143 -21.53 10.88 -6.74
N ASP A 144 -22.44 11.82 -6.50
CA ASP A 144 -23.04 12.11 -5.19
C ASP A 144 -24.56 12.29 -5.26
N LEU A 145 -25.28 11.75 -4.26
CA LEU A 145 -26.74 11.62 -4.19
C LEU A 145 -27.24 11.55 -2.76
N SER A 4 12.93 11.86 -17.32
CA SER A 4 12.90 11.35 -18.70
C SER A 4 13.15 12.45 -19.74
N THR A 5 12.27 13.44 -19.80
CA THR A 5 12.19 14.50 -20.83
C THR A 5 13.33 15.52 -20.82
N SER A 6 14.03 15.70 -19.70
CA SER A 6 15.14 16.67 -19.59
C SER A 6 16.53 16.06 -19.77
N GLY A 7 16.64 14.72 -19.76
CA GLY A 7 17.91 13.99 -19.74
C GLY A 7 18.63 14.00 -18.37
N ILE A 8 18.05 14.66 -17.36
CA ILE A 8 18.55 14.62 -15.97
C ILE A 8 18.18 13.30 -15.31
N GLY A 9 19.19 12.61 -14.77
CA GLY A 9 19.05 11.33 -14.06
C GLY A 9 20.38 10.80 -13.52
N GLY A 10 20.32 9.91 -12.53
CA GLY A 10 21.50 9.39 -11.81
C GLY A 10 21.12 8.49 -10.63
N ASP A 11 21.98 8.44 -9.60
CA ASP A 11 21.66 7.83 -8.31
C ASP A 11 22.45 8.49 -7.15
N VAL A 12 21.79 8.59 -6.00
CA VAL A 12 22.34 9.13 -4.73
C VAL A 12 21.75 8.36 -3.54
N ARG A 13 22.62 7.83 -2.66
CA ARG A 13 22.25 6.94 -1.55
C ARG A 13 23.15 7.12 -0.33
N ASP A 14 22.54 7.20 0.85
CA ASP A 14 23.18 7.47 2.14
C ASP A 14 22.30 6.91 3.28
N ILE A 15 22.89 6.61 4.44
CA ILE A 15 22.26 5.94 5.59
C ILE A 15 21.62 4.61 5.18
N GLU A 16 22.45 3.57 5.08
CA GLU A 16 22.11 2.21 4.62
C GLU A 16 22.01 1.20 5.77
N GLU A 17 21.28 0.09 5.58
CA GLU A 17 21.37 -1.10 6.44
C GLU A 17 22.37 -2.13 5.90
N THR A 18 23.22 -2.67 6.78
CA THR A 18 24.54 -3.18 6.39
C THR A 18 25.01 -4.47 7.11
N HIS A 19 24.10 -5.32 7.59
CA HIS A 19 24.49 -6.52 8.36
C HIS A 19 25.15 -7.60 7.48
N PRO A 20 26.26 -8.24 7.91
CA PRO A 20 27.13 -9.03 7.04
C PRO A 20 26.52 -10.36 6.56
N ASP A 21 25.59 -10.96 7.31
CA ASP A 21 25.05 -12.31 7.04
C ASP A 21 23.68 -12.31 6.34
N PHE A 22 23.23 -11.16 5.84
CA PHE A 22 22.01 -11.03 5.04
C PHE A 22 22.02 -11.98 3.82
N GLN A 23 20.94 -12.72 3.61
CA GLN A 23 20.80 -13.74 2.56
C GLN A 23 20.79 -13.09 1.16
N PRO A 24 21.28 -13.80 0.12
CA PRO A 24 21.22 -13.32 -1.26
C PRO A 24 19.77 -13.04 -1.70
N ARG A 25 19.61 -12.06 -2.60
CA ARG A 25 18.30 -11.63 -3.12
C ARG A 25 17.93 -12.52 -4.31
N LEU A 26 16.93 -13.38 -4.13
CA LEU A 26 16.61 -14.51 -5.00
C LEU A 26 15.11 -14.60 -5.33
N VAL A 27 14.74 -15.40 -6.34
CA VAL A 27 13.35 -15.62 -6.76
C VAL A 27 12.65 -16.67 -5.88
N SER A 28 13.18 -17.90 -5.82
CA SER A 28 12.59 -18.97 -5.00
C SER A 28 13.07 -18.88 -3.55
N ALA A 29 12.62 -17.84 -2.85
CA ALA A 29 13.05 -17.44 -1.51
C ALA A 29 12.04 -16.47 -0.85
N ASP A 30 12.27 -16.17 0.42
CA ASP A 30 11.56 -15.13 1.17
C ASP A 30 12.33 -13.79 1.17
N LEU A 31 11.73 -12.75 1.75
CA LEU A 31 12.43 -11.59 2.28
C LEU A 31 13.27 -11.91 3.53
N ALA A 32 14.01 -10.92 4.00
CA ALA A 32 14.83 -10.98 5.22
C ALA A 32 14.95 -9.61 5.92
N GLU A 33 15.42 -9.60 7.16
CA GLU A 33 15.43 -8.43 8.05
C GLU A 33 16.13 -7.19 7.44
N ASP A 34 17.26 -7.37 6.73
CA ASP A 34 17.98 -6.28 6.06
C ASP A 34 17.31 -5.79 4.77
N GLU A 35 16.56 -6.63 4.05
CA GLU A 35 15.77 -6.21 2.88
C GLU A 35 14.56 -5.34 3.28
N ILE A 36 13.93 -5.62 4.43
CA ILE A 36 12.79 -4.82 4.93
C ILE A 36 13.22 -3.56 5.69
N ALA A 37 14.40 -3.57 6.31
CA ALA A 37 14.95 -2.40 7.01
C ALA A 37 15.62 -1.40 6.05
N MET A 38 16.05 -1.85 4.86
CA MET A 38 16.46 -0.99 3.75
C MET A 38 15.29 -0.14 3.25
N VAL A 39 15.51 1.15 3.01
CA VAL A 39 14.50 2.08 2.46
C VAL A 39 15.03 2.76 1.20
N LYS A 40 14.48 2.39 0.04
CA LYS A 40 14.80 2.99 -1.25
C LYS A 40 13.99 4.27 -1.45
N LYS A 41 14.68 5.40 -1.63
CA LYS A 41 14.10 6.74 -1.46
C LYS A 41 12.98 7.06 -2.46
N ASP A 42 13.06 6.54 -3.68
CA ASP A 42 12.01 6.76 -4.71
C ASP A 42 10.69 6.02 -4.41
N ILE A 43 10.74 4.88 -3.70
CA ILE A 43 9.54 4.16 -3.23
C ILE A 43 8.91 4.91 -2.05
N ASP A 44 9.73 5.32 -1.07
CA ASP A 44 9.32 6.14 0.08
C ASP A 44 8.71 7.49 -0.38
N ASP A 45 9.27 8.09 -1.43
CA ASP A 45 8.71 9.27 -2.10
C ASP A 45 7.38 8.98 -2.82
N THR A 46 7.22 7.79 -3.42
CA THR A 46 5.99 7.47 -4.18
C THR A 46 4.77 7.41 -3.27
N ILE A 47 4.87 6.72 -2.11
CA ILE A 47 3.74 6.60 -1.16
C ILE A 47 3.31 7.97 -0.62
N LYS A 48 4.27 8.87 -0.39
CA LYS A 48 4.06 10.23 0.15
C LYS A 48 3.53 11.21 -0.89
N SER A 49 4.01 11.10 -2.14
CA SER A 49 3.72 12.00 -3.26
C SER A 49 2.39 11.68 -3.94
N GLU A 50 2.01 10.41 -4.06
CA GLU A 50 0.76 10.00 -4.72
C GLU A 50 -0.42 10.11 -3.73
N ASP A 51 -1.58 10.53 -4.23
CA ASP A 51 -2.67 11.02 -3.37
C ASP A 51 -3.53 9.88 -2.81
N VAL A 52 -3.90 8.92 -3.66
CA VAL A 52 -4.59 7.67 -3.31
C VAL A 52 -3.90 6.48 -3.99
N VAL A 53 -3.62 5.43 -3.22
CA VAL A 53 -2.90 4.22 -3.65
C VAL A 53 -3.63 2.94 -3.20
N THR A 54 -3.80 1.98 -4.11
CA THR A 54 -4.33 0.63 -3.81
C THR A 54 -3.49 -0.44 -4.48
N PHE A 55 -3.53 -1.65 -3.92
CA PHE A 55 -2.83 -2.81 -4.47
C PHE A 55 -3.73 -4.05 -4.57
N ILE A 56 -3.54 -4.81 -5.66
CA ILE A 56 -4.49 -5.78 -6.22
C ILE A 56 -3.77 -7.09 -6.60
N LYS A 57 -4.52 -8.19 -6.74
CA LYS A 57 -4.10 -9.36 -7.53
C LYS A 57 -4.18 -9.04 -9.03
N GLY A 58 -3.06 -8.78 -9.69
CA GLY A 58 -3.05 -8.33 -11.09
C GLY A 58 -3.36 -6.83 -11.25
N LEU A 59 -3.86 -6.45 -12.43
CA LEU A 59 -4.11 -5.06 -12.84
C LEU A 59 -5.62 -4.77 -13.02
N PRO A 60 -6.11 -3.54 -12.78
CA PRO A 60 -7.55 -3.26 -12.69
C PRO A 60 -8.33 -3.42 -14.01
N GLU A 61 -7.64 -3.41 -15.15
CA GLU A 61 -8.21 -3.70 -16.47
C GLU A 61 -8.50 -5.20 -16.68
N ALA A 62 -7.74 -6.06 -15.99
CA ALA A 62 -7.86 -7.52 -16.02
C ALA A 62 -7.53 -8.15 -14.64
N PRO A 63 -8.36 -7.94 -13.60
CA PRO A 63 -8.05 -8.38 -12.24
C PRO A 63 -8.00 -9.90 -12.14
N MET A 64 -7.09 -10.43 -11.32
CA MET A 64 -6.76 -11.87 -11.28
C MET A 64 -7.61 -12.67 -10.27
N CYS A 65 -8.40 -11.99 -9.44
CA CYS A 65 -9.17 -12.57 -8.35
C CYS A 65 -10.55 -11.91 -8.24
N ALA A 66 -11.59 -12.65 -7.86
CA ALA A 66 -12.96 -12.12 -7.74
C ALA A 66 -13.07 -10.96 -6.73
N TYR A 67 -12.39 -11.07 -5.58
CA TYR A 67 -12.37 -9.99 -4.58
C TYR A 67 -11.58 -8.77 -5.06
N SER A 68 -10.52 -9.01 -5.85
CA SER A 68 -9.80 -7.97 -6.58
C SER A 68 -10.70 -7.27 -7.62
N LYS A 69 -11.57 -7.98 -8.35
CA LYS A 69 -12.57 -7.39 -9.26
C LYS A 69 -13.64 -6.59 -8.52
N ARG A 70 -14.13 -7.09 -7.38
CA ARG A 70 -15.13 -6.40 -6.55
C ARG A 70 -14.61 -5.09 -5.96
N MET A 71 -13.33 -5.00 -5.59
CA MET A 71 -12.68 -3.74 -5.17
C MET A 71 -12.80 -2.64 -6.24
N ILE A 72 -12.53 -2.97 -7.52
CA ILE A 72 -12.68 -2.03 -8.64
C ILE A 72 -14.16 -1.67 -8.87
N ASP A 73 -15.09 -2.60 -8.63
CA ASP A 73 -16.54 -2.34 -8.71
C ASP A 73 -17.02 -1.32 -7.66
N VAL A 74 -16.45 -1.34 -6.45
CA VAL A 74 -16.74 -0.37 -5.39
C VAL A 74 -16.17 1.03 -5.73
N LEU A 75 -15.00 1.09 -6.37
CA LEU A 75 -14.46 2.35 -6.94
C LEU A 75 -15.30 2.88 -8.10
N GLU A 76 -15.78 2.02 -9.00
CA GLU A 76 -16.67 2.38 -10.11
C GLU A 76 -18.01 2.97 -9.61
N ALA A 77 -18.48 2.52 -8.44
CA ALA A 77 -19.70 3.02 -7.82
C ALA A 77 -19.59 4.48 -7.32
N LEU A 78 -18.37 5.00 -7.11
CA LEU A 78 -18.07 6.40 -6.78
C LEU A 78 -17.63 7.24 -8.01
N GLY A 79 -17.38 6.58 -9.15
CA GLY A 79 -16.93 7.19 -10.40
C GLY A 79 -15.52 7.79 -10.36
N LEU A 80 -14.75 7.52 -9.29
CA LEU A 80 -13.33 7.88 -9.19
C LEU A 80 -12.42 6.65 -9.17
N GLU A 81 -11.35 6.63 -9.97
CA GLU A 81 -10.29 5.62 -9.90
C GLU A 81 -8.92 6.20 -9.48
N TYR A 82 -8.04 5.32 -8.99
CA TYR A 82 -6.86 5.63 -8.18
C TYR A 82 -5.62 4.87 -8.70
N THR A 83 -4.44 5.15 -8.16
CA THR A 83 -3.18 4.66 -8.74
C THR A 83 -2.88 3.29 -8.16
N SER A 84 -2.81 2.29 -9.04
CA SER A 84 -3.13 0.90 -8.74
C SER A 84 -1.98 -0.05 -9.12
N PHE A 85 -1.58 -0.91 -8.18
CA PHE A 85 -0.37 -1.74 -8.29
C PHE A 85 -0.64 -3.25 -8.09
N ASP A 86 0.09 -4.07 -8.84
CA ASP A 86 -0.01 -5.54 -8.82
C ASP A 86 1.00 -6.14 -7.82
N VAL A 87 0.52 -6.91 -6.85
CA VAL A 87 1.37 -7.62 -5.86
C VAL A 87 2.22 -8.73 -6.48
N LEU A 88 1.81 -9.25 -7.64
CA LEU A 88 2.50 -10.33 -8.37
C LEU A 88 3.60 -9.81 -9.31
N ALA A 89 3.68 -8.51 -9.54
CA ALA A 89 4.62 -7.93 -10.50
C ALA A 89 6.00 -7.58 -9.89
N HIS A 90 6.03 -7.09 -8.64
CA HIS A 90 7.24 -6.61 -7.98
C HIS A 90 7.20 -6.91 -6.46
N PRO A 91 8.29 -7.42 -5.85
CA PRO A 91 8.30 -7.84 -4.44
C PRO A 91 7.97 -6.72 -3.47
N VAL A 92 8.33 -5.48 -3.81
CA VAL A 92 8.10 -4.26 -3.01
C VAL A 92 6.70 -4.18 -2.40
N VAL A 93 5.64 -4.50 -3.15
CA VAL A 93 4.25 -4.33 -2.66
C VAL A 93 3.92 -5.33 -1.55
N ARG A 94 4.22 -6.62 -1.76
CA ARG A 94 3.97 -7.68 -0.75
C ARG A 94 4.93 -7.61 0.45
N SER A 95 6.12 -7.04 0.26
CA SER A 95 7.06 -6.69 1.34
C SER A 95 6.56 -5.50 2.17
N TYR A 96 6.13 -4.39 1.54
CA TYR A 96 5.66 -3.19 2.26
C TYR A 96 4.36 -3.44 3.04
N VAL A 97 3.37 -4.13 2.46
CA VAL A 97 2.10 -4.42 3.15
C VAL A 97 2.30 -5.22 4.44
N LYS A 98 3.29 -6.13 4.46
CA LYS A 98 3.66 -6.93 5.65
C LYS A 98 4.31 -6.08 6.75
N GLU A 99 5.13 -5.08 6.40
CA GLU A 99 5.72 -4.12 7.35
C GLU A 99 4.72 -3.07 7.88
N VAL A 100 3.90 -2.50 6.98
CA VAL A 100 3.02 -1.35 7.25
C VAL A 100 1.71 -1.75 7.92
N SER A 101 1.08 -2.85 7.50
CA SER A 101 -0.20 -3.34 8.07
C SER A 101 -0.03 -4.49 9.07
N GLU A 102 1.17 -5.07 9.19
CA GLU A 102 1.61 -6.09 10.17
C GLU A 102 0.93 -7.47 10.11
N TRP A 103 -0.29 -7.56 9.58
CA TRP A 103 -0.93 -8.76 9.05
C TRP A 103 -1.42 -8.46 7.63
N PRO A 104 -0.83 -9.02 6.58
CA PRO A 104 -1.15 -8.60 5.21
C PRO A 104 -2.42 -9.31 4.69
N THR A 105 -3.37 -8.49 4.23
CA THR A 105 -4.58 -8.88 3.50
C THR A 105 -4.80 -7.93 2.32
N ILE A 106 -4.96 -8.45 1.09
CA ILE A 106 -5.15 -7.61 -0.11
C ILE A 106 -6.41 -8.05 -0.90
N PRO A 107 -7.15 -7.14 -1.56
CA PRO A 107 -6.84 -5.72 -1.78
C PRO A 107 -7.11 -4.82 -0.55
N GLN A 108 -6.40 -3.69 -0.52
CA GLN A 108 -6.37 -2.71 0.59
C GLN A 108 -6.08 -1.30 0.04
N LEU A 109 -6.47 -0.25 0.79
CA LEU A 109 -6.43 1.15 0.34
C LEU A 109 -5.70 2.09 1.33
N PHE A 110 -4.92 2.99 0.75
CA PHE A 110 -4.14 4.02 1.43
C PHE A 110 -4.38 5.41 0.81
N ILE A 111 -4.34 6.46 1.64
CA ILE A 111 -4.45 7.87 1.21
C ILE A 111 -3.28 8.66 1.84
N LYS A 112 -2.49 9.36 1.03
CA LYS A 112 -1.30 10.17 1.44
C LYS A 112 -0.35 9.44 2.42
N ALA A 113 0.10 8.24 2.03
CA ALA A 113 0.92 7.31 2.84
C ALA A 113 0.31 6.87 4.18
N GLU A 114 -1.01 6.89 4.34
CA GLU A 114 -1.70 6.48 5.57
C GLU A 114 -2.74 5.38 5.31
N PHE A 115 -2.81 4.38 6.19
CA PHE A 115 -3.79 3.29 6.13
C PHE A 115 -5.20 3.82 6.40
N VAL A 116 -6.08 3.55 5.44
CA VAL A 116 -7.51 3.87 5.49
C VAL A 116 -8.36 2.62 5.72
N GLY A 117 -8.05 1.51 5.03
CA GLY A 117 -8.60 0.18 5.35
C GLY A 117 -8.59 -0.86 4.23
N GLY A 118 -8.98 -2.08 4.59
CA GLY A 118 -9.22 -3.21 3.68
C GLY A 118 -10.57 -3.12 2.94
N LEU A 119 -10.79 -4.03 1.99
CA LEU A 119 -11.99 -4.09 1.14
C LEU A 119 -13.31 -4.00 1.94
N ASP A 120 -13.40 -4.66 3.10
CA ASP A 120 -14.59 -4.60 3.97
C ASP A 120 -14.86 -3.19 4.52
N ILE A 121 -13.79 -2.44 4.83
CA ILE A 121 -13.83 -1.05 5.32
C ILE A 121 -14.19 -0.12 4.17
N VAL A 122 -13.56 -0.28 3.00
CA VAL A 122 -13.86 0.48 1.78
C VAL A 122 -15.33 0.28 1.37
N THR A 123 -15.86 -0.94 1.49
CA THR A 123 -17.28 -1.25 1.28
C THR A 123 -18.18 -0.52 2.29
N LYS A 124 -17.81 -0.55 3.58
CA LYS A 124 -18.52 0.14 4.67
C LYS A 124 -18.54 1.67 4.45
N MET A 125 -17.42 2.24 4.05
CA MET A 125 -17.26 3.67 3.77
C MET A 125 -18.00 4.11 2.50
N LEU A 126 -18.00 3.31 1.43
CA LEU A 126 -18.73 3.60 0.19
C LEU A 126 -20.26 3.47 0.36
N GLU A 127 -20.74 2.40 0.99
CA GLU A 127 -22.18 2.22 1.26
C GLU A 127 -22.72 3.30 2.20
N SER A 128 -21.90 3.77 3.16
CA SER A 128 -22.30 4.82 4.11
C SER A 128 -22.09 6.26 3.58
N GLY A 129 -21.29 6.48 2.53
CA GLY A 129 -20.90 7.82 2.05
C GLY A 129 -19.65 8.42 2.71
N ASP A 130 -19.08 7.77 3.72
CA ASP A 130 -17.88 8.24 4.46
C ASP A 130 -16.61 8.33 3.60
N LEU A 131 -16.49 7.51 2.55
CA LEU A 131 -15.36 7.56 1.62
C LEU A 131 -15.30 8.95 0.95
N LYS A 132 -16.47 9.42 0.48
CA LYS A 132 -16.70 10.77 -0.05
C LYS A 132 -16.47 11.86 0.99
N LYS A 133 -16.72 11.63 2.28
CA LYS A 133 -16.46 12.62 3.35
C LYS A 133 -14.98 12.91 3.51
N MET A 134 -14.07 11.91 3.40
CA MET A 134 -12.63 12.14 3.37
C MET A 134 -12.20 12.88 2.12
N LEU A 135 -12.66 12.33 1.00
CA LEU A 135 -12.23 12.61 -0.35
C LEU A 135 -12.55 14.06 -0.75
N ARG A 136 -13.76 14.54 -0.41
CA ARG A 136 -14.16 15.95 -0.56
C ARG A 136 -13.41 16.87 0.40
N ASP A 137 -13.16 16.44 1.65
CA ASP A 137 -12.33 17.21 2.59
C ASP A 137 -10.86 17.35 2.13
N LYS A 138 -10.39 16.39 1.32
CA LYS A 138 -9.06 16.38 0.68
C LYS A 138 -8.96 17.33 -0.52
N GLY A 139 -10.05 17.97 -0.94
CA GLY A 139 -10.12 18.87 -2.10
C GLY A 139 -10.36 18.17 -3.43
N ILE A 140 -10.81 16.91 -3.40
CA ILE A 140 -11.04 16.07 -4.57
C ILE A 140 -12.56 15.91 -4.81
N THR A 141 -13.01 15.86 -6.08
CA THR A 141 -14.45 15.72 -6.40
C THR A 141 -14.79 14.39 -7.09
N CYS A 142 -15.87 13.76 -6.60
CA CYS A 142 -16.49 12.50 -7.04
C CYS A 142 -17.98 12.67 -7.37
N ARG A 143 -18.61 11.61 -7.91
CA ARG A 143 -20.07 11.48 -8.04
C ARG A 143 -20.84 12.00 -6.82
N ASP A 144 -21.94 12.69 -7.08
CA ASP A 144 -22.87 13.20 -6.07
C ASP A 144 -23.57 12.07 -5.28
N LEU A 145 -23.84 12.30 -4.00
CA LEU A 145 -24.59 11.39 -3.11
C LEU A 145 -25.68 12.14 -2.34
N SER A 4 29.65 23.14 -24.42
CA SER A 4 30.14 23.73 -23.17
C SER A 4 31.24 22.90 -22.52
N THR A 5 32.11 23.50 -21.69
CA THR A 5 33.32 22.86 -21.15
C THR A 5 33.03 21.72 -20.17
N SER A 6 32.03 21.88 -19.30
CA SER A 6 31.88 21.09 -18.07
C SER A 6 30.51 20.39 -17.98
N GLY A 7 30.11 19.98 -16.77
CA GLY A 7 28.85 19.29 -16.52
C GLY A 7 28.85 17.82 -16.96
N ILE A 8 30.03 17.27 -17.30
CA ILE A 8 30.22 15.89 -17.74
C ILE A 8 29.77 14.92 -16.65
N GLY A 9 29.10 13.84 -17.06
CA GLY A 9 28.60 12.78 -16.20
C GLY A 9 28.93 11.38 -16.72
N GLY A 10 29.12 10.45 -15.79
CA GLY A 10 29.49 9.06 -16.06
C GLY A 10 28.40 8.06 -15.66
N ASP A 11 28.83 6.84 -15.34
CA ASP A 11 28.03 5.76 -14.76
C ASP A 11 27.53 6.11 -13.34
N VAL A 12 26.35 5.62 -12.97
CA VAL A 12 25.68 5.95 -11.70
C VAL A 12 26.31 5.21 -10.51
N ARG A 13 26.61 5.93 -9.41
CA ARG A 13 27.01 5.33 -8.13
C ARG A 13 25.82 4.61 -7.49
N ASP A 14 26.07 3.42 -6.96
CA ASP A 14 25.05 2.46 -6.51
C ASP A 14 25.42 1.87 -5.16
N ILE A 15 24.43 1.60 -4.31
CA ILE A 15 24.62 1.14 -2.93
C ILE A 15 24.10 -0.30 -2.76
N GLU A 16 24.92 -1.17 -2.18
CA GLU A 16 24.58 -2.56 -1.85
C GLU A 16 23.45 -2.64 -0.80
N GLU A 17 22.55 -3.62 -0.94
CA GLU A 17 21.58 -3.97 0.11
C GLU A 17 22.28 -4.48 1.38
N THR A 18 21.73 -4.14 2.55
CA THR A 18 22.31 -4.34 3.90
C THR A 18 22.24 -5.79 4.44
N HIS A 19 21.95 -6.77 3.58
CA HIS A 19 21.67 -8.16 3.95
C HIS A 19 22.91 -8.94 4.45
N PRO A 20 22.73 -9.97 5.30
CA PRO A 20 23.78 -10.90 5.71
C PRO A 20 24.09 -11.95 4.63
N ASP A 21 25.12 -12.76 4.89
CA ASP A 21 25.63 -13.76 3.94
C ASP A 21 24.86 -15.10 3.93
N PHE A 22 23.75 -15.20 4.67
CA PHE A 22 23.05 -16.46 4.92
C PHE A 22 22.49 -17.11 3.64
N GLN A 23 22.40 -18.44 3.62
CA GLN A 23 21.86 -19.25 2.52
C GLN A 23 20.32 -19.10 2.39
N PRO A 24 19.75 -19.31 1.18
CA PRO A 24 18.31 -19.34 0.94
C PRO A 24 17.58 -20.40 1.78
N ARG A 25 16.28 -20.19 2.04
CA ARG A 25 15.46 -21.02 2.94
C ARG A 25 14.19 -21.55 2.23
N LEU A 26 13.79 -22.78 2.54
CA LEU A 26 12.66 -23.50 1.92
C LEU A 26 11.56 -23.83 2.96
N VAL A 27 10.42 -24.37 2.51
CA VAL A 27 9.27 -24.88 3.29
C VAL A 27 8.45 -23.81 4.04
N SER A 28 9.09 -22.76 4.54
CA SER A 28 8.48 -21.62 5.26
C SER A 28 7.55 -20.75 4.40
N ALA A 29 6.86 -19.79 5.04
CA ALA A 29 5.97 -18.81 4.42
C ALA A 29 6.51 -17.37 4.61
N ASP A 30 7.76 -17.13 4.19
CA ASP A 30 8.48 -15.86 4.35
C ASP A 30 9.36 -15.52 3.12
N LEU A 31 9.86 -14.29 3.06
CA LEU A 31 10.93 -13.84 2.16
C LEU A 31 12.32 -13.83 2.83
N ALA A 32 13.38 -13.67 2.02
CA ALA A 32 14.76 -13.51 2.48
C ALA A 32 15.10 -12.05 2.82
N GLU A 33 16.18 -11.80 3.58
CA GLU A 33 16.53 -10.42 3.96
C GLU A 33 16.90 -9.52 2.77
N ASP A 34 17.61 -10.04 1.77
CA ASP A 34 17.86 -9.29 0.52
C ASP A 34 16.56 -8.85 -0.18
N GLU A 35 15.52 -9.66 -0.09
CA GLU A 35 14.22 -9.42 -0.71
C GLU A 35 13.42 -8.31 0.00
N ILE A 36 13.66 -8.06 1.30
CA ILE A 36 13.00 -6.99 2.09
C ILE A 36 13.88 -5.75 2.34
N ALA A 37 15.20 -5.89 2.38
CA ALA A 37 16.13 -4.86 2.88
C ALA A 37 16.40 -3.72 1.90
N MET A 38 15.98 -3.84 0.63
CA MET A 38 16.05 -2.74 -0.34
C MET A 38 15.10 -1.58 0.04
N VAL A 39 15.49 -0.35 -0.29
CA VAL A 39 14.67 0.87 -0.17
C VAL A 39 14.72 1.58 -1.52
N LYS A 40 13.79 1.25 -2.42
CA LYS A 40 13.68 1.92 -3.73
C LYS A 40 13.17 3.34 -3.52
N LYS A 41 14.05 4.34 -3.59
CA LYS A 41 13.80 5.70 -3.09
C LYS A 41 12.67 6.44 -3.80
N ASP A 42 12.53 6.28 -5.12
CA ASP A 42 11.45 6.92 -5.89
C ASP A 42 10.08 6.24 -5.66
N ILE A 43 10.07 4.95 -5.29
CA ILE A 43 8.85 4.19 -4.90
C ILE A 43 8.46 4.55 -3.45
N ASP A 44 9.43 4.64 -2.54
CA ASP A 44 9.25 5.18 -1.17
C ASP A 44 8.73 6.63 -1.20
N ASP A 45 9.21 7.44 -2.14
CA ASP A 45 8.67 8.77 -2.42
C ASP A 45 7.30 8.72 -3.11
N THR A 46 6.97 7.67 -3.89
CA THR A 46 5.68 7.59 -4.60
C THR A 46 4.51 7.52 -3.63
N ILE A 47 4.57 6.70 -2.57
CA ILE A 47 3.48 6.65 -1.58
C ILE A 47 3.26 7.99 -0.87
N LYS A 48 4.35 8.73 -0.61
CA LYS A 48 4.37 10.03 0.07
C LYS A 48 3.93 11.18 -0.87
N SER A 49 4.31 11.11 -2.14
CA SER A 49 3.92 12.00 -3.25
C SER A 49 2.45 11.83 -3.65
N GLU A 50 1.89 10.64 -3.51
CA GLU A 50 0.54 10.27 -3.91
C GLU A 50 -0.49 10.57 -2.79
N ASP A 51 -1.72 10.92 -3.18
CA ASP A 51 -2.81 11.19 -2.23
C ASP A 51 -3.60 9.91 -1.87
N VAL A 52 -3.77 8.98 -2.82
CA VAL A 52 -4.51 7.71 -2.64
C VAL A 52 -3.83 6.54 -3.36
N VAL A 53 -3.65 5.42 -2.64
CA VAL A 53 -2.94 4.21 -3.13
C VAL A 53 -3.74 2.94 -2.81
N THR A 54 -3.87 2.05 -3.79
CA THR A 54 -4.39 0.68 -3.59
C THR A 54 -3.48 -0.33 -4.28
N PHE A 55 -3.50 -1.56 -3.77
CA PHE A 55 -2.78 -2.67 -4.37
C PHE A 55 -3.64 -3.94 -4.48
N ILE A 56 -3.40 -4.71 -5.54
CA ILE A 56 -4.25 -5.81 -6.01
C ILE A 56 -3.37 -7.05 -6.25
N LYS A 57 -3.98 -8.24 -6.31
CA LYS A 57 -3.47 -9.30 -7.20
C LYS A 57 -3.90 -9.00 -8.64
N GLY A 58 -2.97 -8.53 -9.47
CA GLY A 58 -3.22 -8.12 -10.85
C GLY A 58 -3.34 -6.60 -11.07
N LEU A 59 -3.93 -6.23 -12.21
CA LEU A 59 -4.17 -4.86 -12.67
C LEU A 59 -5.67 -4.51 -12.56
N PRO A 60 -6.08 -3.23 -12.51
CA PRO A 60 -7.50 -2.87 -12.45
C PRO A 60 -8.29 -3.25 -13.72
N GLU A 61 -7.62 -3.35 -14.88
CA GLU A 61 -8.18 -3.92 -16.13
C GLU A 61 -8.26 -5.46 -16.12
N ALA A 62 -7.43 -6.13 -15.33
CA ALA A 62 -7.29 -7.59 -15.29
C ALA A 62 -7.00 -8.10 -13.86
N PRO A 63 -7.96 -8.01 -12.92
CA PRO A 63 -7.76 -8.46 -11.54
C PRO A 63 -7.85 -9.98 -11.46
N MET A 64 -7.05 -10.60 -10.60
CA MET A 64 -6.93 -12.07 -10.52
C MET A 64 -7.94 -12.73 -9.56
N CYS A 65 -8.87 -11.95 -8.99
CA CYS A 65 -9.87 -12.41 -8.01
C CYS A 65 -11.14 -11.55 -8.07
N ALA A 66 -12.31 -12.14 -7.82
CA ALA A 66 -13.59 -11.40 -7.87
C ALA A 66 -13.71 -10.32 -6.77
N TYR A 67 -13.15 -10.55 -5.57
CA TYR A 67 -13.07 -9.54 -4.50
C TYR A 67 -12.16 -8.36 -4.92
N SER A 68 -11.07 -8.67 -5.61
CA SER A 68 -10.18 -7.68 -6.24
C SER A 68 -10.88 -6.88 -7.35
N LYS A 69 -11.72 -7.53 -8.18
CA LYS A 69 -12.58 -6.86 -9.18
C LYS A 69 -13.58 -5.91 -8.52
N ARG A 70 -14.25 -6.36 -7.45
CA ARG A 70 -15.23 -5.60 -6.65
C ARG A 70 -14.64 -4.31 -6.07
N MET A 71 -13.36 -4.33 -5.66
CA MET A 71 -12.66 -3.14 -5.21
C MET A 71 -12.62 -2.05 -6.28
N ILE A 72 -12.36 -2.42 -7.53
CA ILE A 72 -12.38 -1.51 -8.69
C ILE A 72 -13.81 -1.08 -9.05
N ASP A 73 -14.82 -1.95 -8.89
CA ASP A 73 -16.22 -1.55 -9.07
C ASP A 73 -16.64 -0.41 -8.13
N VAL A 74 -16.14 -0.45 -6.90
CA VAL A 74 -16.35 0.61 -5.90
C VAL A 74 -15.72 1.94 -6.36
N LEU A 75 -14.53 1.88 -6.97
CA LEU A 75 -13.88 3.04 -7.59
C LEU A 75 -14.66 3.60 -8.78
N GLU A 76 -15.23 2.73 -9.63
CA GLU A 76 -16.13 3.14 -10.71
C GLU A 76 -17.44 3.74 -10.17
N ALA A 77 -17.93 3.29 -9.02
CA ALA A 77 -19.10 3.84 -8.32
C ALA A 77 -18.88 5.25 -7.73
N LEU A 78 -17.61 5.65 -7.53
CA LEU A 78 -17.21 7.03 -7.25
C LEU A 78 -16.74 7.80 -8.48
N GLY A 79 -16.56 7.13 -9.63
CA GLY A 79 -16.04 7.73 -10.87
C GLY A 79 -14.58 8.21 -10.76
N LEU A 80 -13.90 7.87 -9.65
CA LEU A 80 -12.49 8.13 -9.41
C LEU A 80 -11.68 6.86 -9.34
N GLU A 81 -10.57 6.80 -10.07
CA GLU A 81 -9.59 5.72 -9.96
C GLU A 81 -8.24 6.23 -9.44
N TYR A 82 -7.71 5.50 -8.47
CA TYR A 82 -6.52 5.80 -7.66
C TYR A 82 -5.32 4.95 -8.11
N THR A 83 -4.11 5.22 -7.60
CA THR A 83 -2.88 4.75 -8.25
C THR A 83 -2.55 3.33 -7.77
N SER A 84 -2.44 2.41 -8.74
CA SER A 84 -2.57 0.95 -8.55
C SER A 84 -1.25 0.18 -8.68
N PHE A 85 -1.00 -0.75 -7.74
CA PHE A 85 0.19 -1.61 -7.71
C PHE A 85 -0.16 -3.11 -7.60
N ASP A 86 0.66 -3.97 -8.22
CA ASP A 86 0.36 -5.39 -8.46
C ASP A 86 1.27 -6.29 -7.61
N VAL A 87 0.70 -6.89 -6.56
CA VAL A 87 1.38 -7.71 -5.57
C VAL A 87 1.88 -9.05 -6.15
N LEU A 88 1.11 -9.62 -7.07
CA LEU A 88 1.39 -10.92 -7.67
C LEU A 88 2.45 -10.80 -8.79
N ALA A 89 2.61 -9.61 -9.39
CA ALA A 89 3.74 -9.32 -10.26
C ALA A 89 4.99 -8.84 -9.50
N HIS A 90 4.83 -8.02 -8.46
CA HIS A 90 5.95 -7.32 -7.82
C HIS A 90 6.01 -7.57 -6.29
N PRO A 91 6.91 -8.45 -5.81
CA PRO A 91 7.11 -8.72 -4.40
C PRO A 91 7.30 -7.48 -3.52
N VAL A 92 7.85 -6.38 -4.05
CA VAL A 92 8.04 -5.11 -3.33
C VAL A 92 6.79 -4.62 -2.61
N VAL A 93 5.60 -4.82 -3.20
CA VAL A 93 4.33 -4.31 -2.63
C VAL A 93 3.97 -5.03 -1.32
N ARG A 94 3.95 -6.38 -1.35
CA ARG A 94 3.76 -7.22 -0.14
C ARG A 94 4.91 -7.09 0.86
N SER A 95 6.10 -6.74 0.39
CA SER A 95 7.26 -6.49 1.26
C SER A 95 7.11 -5.17 2.05
N TYR A 96 6.82 -4.06 1.38
CA TYR A 96 6.68 -2.75 2.04
C TYR A 96 5.39 -2.59 2.86
N VAL A 97 4.26 -3.17 2.44
CA VAL A 97 3.05 -3.16 3.28
C VAL A 97 3.27 -3.87 4.62
N LYS A 98 4.09 -4.92 4.68
CA LYS A 98 4.47 -5.56 5.95
C LYS A 98 5.37 -4.67 6.81
N GLU A 99 6.28 -3.88 6.25
CA GLU A 99 7.04 -2.87 7.01
C GLU A 99 6.12 -1.79 7.64
N VAL A 100 5.07 -1.39 6.91
CA VAL A 100 4.16 -0.31 7.33
C VAL A 100 3.07 -0.77 8.31
N SER A 101 2.40 -1.91 8.09
CA SER A 101 1.31 -2.40 8.96
C SER A 101 1.65 -3.58 9.88
N GLU A 102 2.84 -4.18 9.79
CA GLU A 102 3.28 -5.43 10.42
C GLU A 102 2.50 -6.71 10.01
N TRP A 103 1.16 -6.70 10.01
CA TRP A 103 0.32 -7.83 9.60
C TRP A 103 -0.85 -7.36 8.70
N PRO A 104 -0.68 -7.38 7.36
CA PRO A 104 -1.70 -6.98 6.38
C PRO A 104 -2.43 -8.15 5.70
N THR A 105 -3.65 -7.89 5.18
CA THR A 105 -4.35 -8.73 4.17
C THR A 105 -4.57 -7.93 2.88
N ILE A 106 -4.18 -8.49 1.73
CA ILE A 106 -4.37 -7.91 0.40
C ILE A 106 -5.72 -8.43 -0.17
N PRO A 107 -6.53 -7.60 -0.87
CA PRO A 107 -6.31 -6.21 -1.24
C PRO A 107 -6.85 -5.19 -0.21
N GLN A 108 -6.32 -3.97 -0.27
CA GLN A 108 -6.60 -2.90 0.69
C GLN A 108 -6.28 -1.49 0.15
N LEU A 109 -6.68 -0.46 0.91
CA LEU A 109 -6.59 0.96 0.52
C LEU A 109 -5.90 1.84 1.57
N PHE A 110 -5.11 2.79 1.08
CA PHE A 110 -4.37 3.80 1.86
C PHE A 110 -4.66 5.21 1.33
N ILE A 111 -4.76 6.21 2.22
CA ILE A 111 -4.91 7.64 1.90
C ILE A 111 -3.87 8.43 2.71
N LYS A 112 -3.17 9.39 2.08
CA LYS A 112 -2.00 10.11 2.65
C LYS A 112 -0.95 9.16 3.28
N ALA A 113 -0.71 8.03 2.62
CA ALA A 113 0.16 6.92 3.06
C ALA A 113 -0.18 6.31 4.44
N GLU A 114 -1.45 6.42 4.89
CA GLU A 114 -1.97 5.82 6.12
C GLU A 114 -3.04 4.77 5.77
N PHE A 115 -3.09 3.67 6.51
CA PHE A 115 -4.06 2.59 6.28
C PHE A 115 -5.47 3.01 6.67
N VAL A 116 -6.39 2.86 5.71
CA VAL A 116 -7.80 3.19 5.82
C VAL A 116 -8.65 1.92 6.06
N GLY A 117 -8.51 0.92 5.19
CA GLY A 117 -9.28 -0.33 5.30
C GLY A 117 -8.99 -1.40 4.24
N GLY A 118 -9.36 -2.64 4.57
CA GLY A 118 -9.46 -3.77 3.64
C GLY A 118 -10.74 -3.71 2.79
N LEU A 119 -10.85 -4.57 1.79
CA LEU A 119 -11.99 -4.63 0.84
C LEU A 119 -13.37 -4.66 1.51
N ASP A 120 -13.58 -5.49 2.54
CA ASP A 120 -14.87 -5.55 3.24
C ASP A 120 -15.17 -4.28 4.03
N ILE A 121 -14.15 -3.49 4.41
CA ILE A 121 -14.26 -2.20 5.10
C ILE A 121 -14.57 -1.06 4.11
N VAL A 122 -13.82 -1.03 3.00
CA VAL A 122 -13.98 -0.08 1.88
C VAL A 122 -15.40 -0.16 1.30
N THR A 123 -15.97 -1.37 1.26
CA THR A 123 -17.38 -1.60 0.86
C THR A 123 -18.36 -0.85 1.79
N LYS A 124 -18.16 -0.87 3.12
CA LYS A 124 -19.02 -0.15 4.08
C LYS A 124 -18.87 1.36 3.91
N MET A 125 -17.64 1.83 3.73
CA MET A 125 -17.34 3.25 3.55
C MET A 125 -18.04 3.81 2.31
N LEU A 126 -18.01 3.08 1.19
CA LEU A 126 -18.67 3.45 -0.06
C LEU A 126 -20.20 3.47 0.11
N GLU A 127 -20.77 2.42 0.68
CA GLU A 127 -22.22 2.24 0.88
C GLU A 127 -22.80 3.16 1.98
N SER A 128 -21.96 3.74 2.84
CA SER A 128 -22.37 4.73 3.86
C SER A 128 -22.28 6.18 3.38
N GLY A 129 -21.48 6.46 2.34
CA GLY A 129 -21.06 7.83 1.98
C GLY A 129 -19.83 8.32 2.74
N ASP A 130 -19.29 7.52 3.66
CA ASP A 130 -18.13 7.88 4.50
C ASP A 130 -16.84 8.00 3.67
N LEU A 131 -16.69 7.19 2.61
CA LEU A 131 -15.58 7.31 1.65
C LEU A 131 -15.63 8.67 0.93
N LYS A 132 -16.83 9.06 0.47
CA LYS A 132 -17.12 10.35 -0.13
C LYS A 132 -16.92 11.52 0.82
N LYS A 133 -17.26 11.37 2.10
CA LYS A 133 -16.92 12.36 3.14
C LYS A 133 -15.41 12.55 3.31
N MET A 134 -14.60 11.48 3.32
CA MET A 134 -13.13 11.60 3.46
C MET A 134 -12.48 12.23 2.23
N LEU A 135 -12.82 11.77 1.03
CA LEU A 135 -12.23 12.29 -0.21
C LEU A 135 -12.60 13.77 -0.44
N ARG A 136 -13.82 14.19 -0.06
CA ARG A 136 -14.27 15.57 -0.22
C ARG A 136 -13.55 16.55 0.71
N ASP A 137 -13.24 16.12 1.93
CA ASP A 137 -12.40 16.85 2.88
C ASP A 137 -10.95 17.01 2.37
N LYS A 138 -10.46 16.02 1.59
CA LYS A 138 -9.19 16.05 0.85
C LYS A 138 -9.26 16.93 -0.42
N GLY A 139 -10.36 17.64 -0.67
CA GLY A 139 -10.52 18.59 -1.78
C GLY A 139 -10.97 17.97 -3.10
N ILE A 140 -11.36 16.68 -3.10
CA ILE A 140 -11.58 15.88 -4.30
C ILE A 140 -13.07 15.90 -4.71
N THR A 141 -13.37 15.84 -6.02
CA THR A 141 -14.75 15.81 -6.56
C THR A 141 -15.05 14.44 -7.21
N CYS A 142 -16.19 13.83 -6.85
CA CYS A 142 -16.56 12.44 -7.17
C CYS A 142 -18.04 12.30 -7.58
N ARG A 143 -18.42 11.13 -8.09
CA ARG A 143 -19.81 10.68 -8.24
C ARG A 143 -20.50 10.59 -6.88
N ASP A 144 -21.80 10.89 -6.85
CA ASP A 144 -22.60 10.91 -5.62
C ASP A 144 -23.80 9.96 -5.74
N LEU A 145 -24.03 9.17 -4.69
CA LEU A 145 -24.97 8.03 -4.59
C LEU A 145 -24.89 7.05 -5.77
N SER A 4 14.03 29.66 10.05
CA SER A 4 13.73 29.14 8.71
C SER A 4 13.36 27.66 8.76
N THR A 5 12.67 27.12 7.75
CA THR A 5 12.24 25.71 7.69
C THR A 5 13.22 24.79 6.94
N SER A 6 14.07 25.33 6.06
CA SER A 6 15.11 24.57 5.35
C SER A 6 16.35 24.29 6.22
N GLY A 7 17.20 23.38 5.76
CA GLY A 7 18.52 23.10 6.35
C GLY A 7 18.48 22.21 7.60
N ILE A 8 17.36 21.54 7.90
CA ILE A 8 17.20 20.77 9.14
C ILE A 8 17.95 19.43 9.02
N GLY A 9 19.18 19.42 9.51
CA GLY A 9 20.14 18.30 9.46
C GLY A 9 21.42 18.61 10.23
N GLY A 10 22.15 17.55 10.60
CA GLY A 10 23.37 17.66 11.41
C GLY A 10 24.16 16.35 11.47
N ASP A 11 24.80 16.13 12.62
CA ASP A 11 25.52 14.91 12.96
C ASP A 11 24.63 13.96 13.78
N VAL A 12 24.79 12.65 13.59
CA VAL A 12 23.91 11.61 14.17
C VAL A 12 24.69 10.32 14.47
N ARG A 13 24.18 9.46 15.38
CA ARG A 13 24.62 8.07 15.52
C ARG A 13 23.82 7.16 14.59
N ASP A 14 24.48 6.43 13.70
CA ASP A 14 23.84 5.60 12.67
C ASP A 14 24.46 4.20 12.56
N ILE A 15 23.63 3.18 12.29
CA ILE A 15 24.00 1.76 12.35
C ILE A 15 24.27 1.14 10.97
N GLU A 16 25.19 0.16 10.93
CA GLU A 16 25.52 -0.65 9.77
C GLU A 16 25.22 -2.14 10.02
N GLU A 17 24.83 -2.86 8.99
CA GLU A 17 24.41 -4.26 9.06
C GLU A 17 25.01 -5.10 7.92
N THR A 18 25.37 -6.36 8.21
CA THR A 18 26.02 -7.31 7.29
C THR A 18 25.57 -8.73 7.63
N HIS A 19 25.09 -9.49 6.63
CA HIS A 19 24.49 -10.81 6.85
C HIS A 19 25.52 -11.96 6.87
N PRO A 20 25.36 -12.97 7.75
CA PRO A 20 26.20 -14.18 7.79
C PRO A 20 26.16 -15.02 6.50
N ASP A 21 27.12 -15.94 6.35
CA ASP A 21 27.15 -16.92 5.25
C ASP A 21 26.24 -18.14 5.48
N PHE A 22 25.33 -18.06 6.44
CA PHE A 22 24.33 -19.09 6.75
C PHE A 22 22.92 -18.48 6.84
N GLN A 23 21.89 -19.30 6.65
CA GLN A 23 20.50 -18.91 6.96
C GLN A 23 20.23 -18.86 8.47
N PRO A 24 19.27 -18.03 8.94
CA PRO A 24 18.85 -17.97 10.35
C PRO A 24 17.92 -19.14 10.71
N ARG A 25 18.17 -19.77 11.87
CA ARG A 25 17.39 -20.91 12.41
C ARG A 25 16.79 -20.58 13.78
N LEU A 26 15.48 -20.33 13.80
CA LEU A 26 14.66 -20.13 15.00
C LEU A 26 13.16 -20.30 14.67
N VAL A 27 12.72 -19.74 13.53
CA VAL A 27 11.35 -19.83 12.99
C VAL A 27 11.32 -19.69 11.46
N SER A 28 10.32 -20.27 10.79
CA SER A 28 10.05 -20.02 9.37
C SER A 28 9.45 -18.61 9.16
N ALA A 29 10.15 -17.76 8.41
CA ALA A 29 9.71 -16.43 7.99
C ALA A 29 10.40 -15.99 6.69
N ASP A 30 9.73 -15.18 5.88
CA ASP A 30 10.17 -14.84 4.51
C ASP A 30 11.45 -13.96 4.49
N LEU A 31 11.46 -12.86 5.25
CA LEU A 31 12.56 -11.89 5.29
C LEU A 31 13.65 -12.25 6.31
N ALA A 32 14.84 -11.67 6.12
CA ALA A 32 15.95 -11.63 7.06
C ALA A 32 16.33 -10.17 7.40
N GLU A 33 17.05 -9.93 8.49
CA GLU A 33 17.25 -8.58 9.04
C GLU A 33 18.02 -7.60 8.13
N ASP A 34 18.98 -8.06 7.31
CA ASP A 34 19.64 -7.23 6.29
C ASP A 34 18.76 -6.96 5.06
N GLU A 35 17.93 -7.93 4.64
CA GLU A 35 17.00 -7.78 3.51
C GLU A 35 15.82 -6.85 3.82
N ILE A 36 15.30 -6.86 5.05
CA ILE A 36 14.26 -5.89 5.48
C ILE A 36 14.83 -4.47 5.70
N ALA A 37 16.16 -4.35 5.86
CA ALA A 37 16.88 -3.06 5.84
C ALA A 37 17.12 -2.53 4.41
N MET A 38 16.90 -3.33 3.36
CA MET A 38 16.72 -2.81 2.00
C MET A 38 15.30 -2.25 1.85
N VAL A 39 15.20 -0.98 1.48
CA VAL A 39 13.96 -0.30 1.10
C VAL A 39 14.26 0.54 -0.15
N LYS A 40 13.53 0.30 -1.25
CA LYS A 40 13.65 1.12 -2.47
C LYS A 40 13.09 2.52 -2.22
N LYS A 41 13.96 3.54 -2.26
CA LYS A 41 13.62 4.93 -1.87
C LYS A 41 12.50 5.53 -2.73
N ASP A 42 12.46 5.20 -4.02
CA ASP A 42 11.38 5.59 -4.93
C ASP A 42 10.00 5.02 -4.53
N ILE A 43 9.93 3.88 -3.82
CA ILE A 43 8.65 3.30 -3.36
C ILE A 43 8.14 4.06 -2.13
N ASP A 44 9.00 4.34 -1.15
CA ASP A 44 8.69 5.23 -0.01
C ASP A 44 8.28 6.64 -0.50
N ASP A 45 8.97 7.18 -1.51
CA ASP A 45 8.63 8.45 -2.15
C ASP A 45 7.32 8.36 -2.95
N THR A 46 7.02 7.21 -3.58
CA THR A 46 5.79 7.02 -4.36
C THR A 46 4.55 7.04 -3.46
N ILE A 47 4.56 6.29 -2.36
CA ILE A 47 3.42 6.21 -1.43
C ILE A 47 3.13 7.56 -0.75
N LYS A 48 4.19 8.33 -0.43
CA LYS A 48 4.11 9.64 0.24
C LYS A 48 3.73 10.80 -0.70
N SER A 49 4.17 10.75 -1.96
CA SER A 49 3.88 11.79 -2.96
C SER A 49 2.48 11.65 -3.58
N GLU A 50 1.93 10.43 -3.68
CA GLU A 50 0.63 10.15 -4.30
C GLU A 50 -0.53 10.29 -3.28
N ASP A 51 -1.60 11.00 -3.68
CA ASP A 51 -2.74 11.27 -2.79
C ASP A 51 -3.55 10.01 -2.42
N VAL A 52 -3.75 9.06 -3.34
CA VAL A 52 -4.50 7.82 -3.10
C VAL A 52 -3.87 6.63 -3.84
N VAL A 53 -3.59 5.54 -3.09
CA VAL A 53 -2.88 4.35 -3.58
C VAL A 53 -3.61 3.06 -3.19
N THR A 54 -3.82 2.16 -4.15
CA THR A 54 -4.29 0.78 -3.92
C THR A 54 -3.43 -0.24 -4.67
N PHE A 55 -3.41 -1.46 -4.17
CA PHE A 55 -2.69 -2.60 -4.76
C PHE A 55 -3.60 -3.83 -4.84
N ILE A 56 -3.69 -4.41 -6.03
CA ILE A 56 -4.57 -5.54 -6.38
C ILE A 56 -3.81 -6.70 -7.02
N LYS A 57 -4.50 -7.82 -7.25
CA LYS A 57 -4.07 -8.88 -8.18
C LYS A 57 -4.29 -8.42 -9.63
N GLY A 58 -3.23 -8.01 -10.32
CA GLY A 58 -3.28 -7.60 -11.74
C GLY A 58 -3.68 -6.14 -11.98
N LEU A 59 -4.08 -5.86 -13.23
CA LEU A 59 -4.56 -4.53 -13.65
C LEU A 59 -6.08 -4.41 -13.41
N PRO A 60 -6.62 -3.22 -13.12
CA PRO A 60 -8.04 -3.05 -12.79
C PRO A 60 -9.02 -3.46 -13.92
N GLU A 61 -8.53 -3.44 -15.16
CA GLU A 61 -9.29 -3.87 -16.35
C GLU A 61 -9.37 -5.40 -16.52
N ALA A 62 -8.38 -6.13 -16.00
CA ALA A 62 -8.25 -7.59 -16.14
C ALA A 62 -7.62 -8.24 -14.89
N PRO A 63 -8.30 -8.25 -13.72
CA PRO A 63 -7.71 -8.70 -12.47
C PRO A 63 -7.57 -10.23 -12.40
N MET A 64 -6.60 -10.71 -11.63
CA MET A 64 -6.40 -12.15 -11.35
C MET A 64 -7.45 -12.74 -10.38
N CYS A 65 -8.29 -11.90 -9.76
CA CYS A 65 -9.00 -12.21 -8.51
C CYS A 65 -10.33 -11.45 -8.33
N ALA A 66 -11.29 -12.13 -7.69
CA ALA A 66 -12.64 -11.64 -7.45
C ALA A 66 -12.69 -10.50 -6.43
N TYR A 67 -11.98 -10.61 -5.29
CA TYR A 67 -11.94 -9.51 -4.30
C TYR A 67 -11.19 -8.29 -4.86
N SER A 68 -10.26 -8.53 -5.79
CA SER A 68 -9.60 -7.48 -6.57
C SER A 68 -10.56 -6.78 -7.54
N LYS A 69 -11.50 -7.50 -8.20
CA LYS A 69 -12.61 -6.84 -8.92
C LYS A 69 -13.52 -6.05 -7.98
N ARG A 70 -13.91 -6.61 -6.83
CA ARG A 70 -14.80 -5.96 -5.86
C ARG A 70 -14.24 -4.60 -5.38
N MET A 71 -12.92 -4.51 -5.21
CA MET A 71 -12.19 -3.29 -4.87
C MET A 71 -12.35 -2.19 -5.94
N ILE A 72 -12.20 -2.53 -7.22
CA ILE A 72 -12.40 -1.58 -8.34
C ILE A 72 -13.89 -1.25 -8.57
N ASP A 73 -14.82 -2.19 -8.34
CA ASP A 73 -16.27 -1.91 -8.48
C ASP A 73 -16.74 -0.76 -7.57
N VAL A 74 -16.12 -0.62 -6.40
CA VAL A 74 -16.32 0.52 -5.49
C VAL A 74 -15.88 1.84 -6.14
N LEU A 75 -14.73 1.84 -6.82
CA LEU A 75 -14.20 2.97 -7.57
C LEU A 75 -15.07 3.34 -8.78
N GLU A 76 -15.66 2.37 -9.47
CA GLU A 76 -16.64 2.60 -10.53
C GLU A 76 -17.99 3.10 -10.01
N ALA A 77 -18.40 2.71 -8.79
CA ALA A 77 -19.63 3.18 -8.14
C ALA A 77 -19.55 4.67 -7.74
N LEU A 78 -18.33 5.16 -7.44
CA LEU A 78 -18.04 6.59 -7.26
C LEU A 78 -17.68 7.31 -8.58
N GLY A 79 -17.40 6.58 -9.66
CA GLY A 79 -16.92 7.12 -10.94
C GLY A 79 -15.52 7.75 -10.89
N LEU A 80 -14.80 7.54 -9.78
CA LEU A 80 -13.43 8.04 -9.57
C LEU A 80 -12.43 6.88 -9.50
N GLU A 81 -11.30 6.93 -10.22
CA GLU A 81 -10.24 5.92 -10.12
C GLU A 81 -8.94 6.50 -9.51
N TYR A 82 -8.24 5.67 -8.76
CA TYR A 82 -7.02 5.99 -8.01
C TYR A 82 -5.80 5.24 -8.56
N THR A 83 -4.60 5.57 -8.06
CA THR A 83 -3.35 5.19 -8.72
C THR A 83 -2.93 3.82 -8.22
N SER A 84 -2.82 2.89 -9.16
CA SER A 84 -3.08 1.46 -8.90
C SER A 84 -1.91 0.56 -9.30
N PHE A 85 -1.57 -0.39 -8.44
CA PHE A 85 -0.40 -1.26 -8.57
C PHE A 85 -0.79 -2.76 -8.55
N ASP A 86 0.09 -3.62 -9.06
CA ASP A 86 -0.10 -5.08 -9.12
C ASP A 86 0.92 -5.78 -8.20
N VAL A 87 0.41 -6.51 -7.20
CA VAL A 87 1.25 -7.27 -6.24
C VAL A 87 2.01 -8.43 -6.91
N LEU A 88 1.53 -8.91 -8.06
CA LEU A 88 2.20 -9.90 -8.89
C LEU A 88 3.20 -9.28 -9.89
N ALA A 89 3.21 -7.95 -10.06
CA ALA A 89 4.22 -7.24 -10.84
C ALA A 89 5.36 -6.68 -9.97
N HIS A 90 5.06 -6.24 -8.75
CA HIS A 90 6.06 -5.73 -7.81
C HIS A 90 5.79 -6.26 -6.37
N PRO A 91 6.32 -7.44 -5.99
CA PRO A 91 6.19 -7.97 -4.63
C PRO A 91 6.79 -7.08 -3.52
N VAL A 92 7.59 -6.06 -3.84
CA VAL A 92 7.99 -4.99 -2.90
C VAL A 92 6.81 -4.44 -2.08
N VAL A 93 5.61 -4.39 -2.67
CA VAL A 93 4.40 -3.88 -2.03
C VAL A 93 3.88 -4.84 -0.94
N ARG A 94 3.85 -6.16 -1.19
CA ARG A 94 3.43 -7.15 -0.17
C ARG A 94 4.40 -7.20 1.02
N SER A 95 5.68 -6.89 0.80
CA SER A 95 6.67 -6.69 1.85
C SER A 95 6.54 -5.37 2.63
N TYR A 96 6.23 -4.24 1.97
CA TYR A 96 6.02 -2.95 2.66
C TYR A 96 4.73 -2.95 3.49
N VAL A 97 3.65 -3.55 2.97
CA VAL A 97 2.38 -3.70 3.71
C VAL A 97 2.50 -4.66 4.90
N LYS A 98 3.37 -5.69 4.83
CA LYS A 98 3.75 -6.53 5.99
C LYS A 98 4.44 -5.73 7.10
N GLU A 99 5.23 -4.70 6.77
CA GLU A 99 5.78 -3.73 7.74
C GLU A 99 4.72 -2.75 8.30
N VAL A 100 3.92 -2.15 7.41
CA VAL A 100 2.99 -1.03 7.76
C VAL A 100 1.66 -1.45 8.38
N SER A 101 1.09 -2.59 7.98
CA SER A 101 -0.20 -3.07 8.49
C SER A 101 -0.07 -4.18 9.56
N GLU A 102 1.17 -4.59 9.88
CA GLU A 102 1.62 -5.65 10.82
C GLU A 102 1.13 -7.09 10.52
N TRP A 103 -0.12 -7.25 10.08
CA TRP A 103 -0.76 -8.48 9.59
C TRP A 103 -1.56 -8.17 8.32
N PRO A 104 -0.98 -8.32 7.11
CA PRO A 104 -1.57 -7.84 5.87
C PRO A 104 -2.60 -8.81 5.27
N THR A 105 -3.74 -8.28 4.81
CA THR A 105 -4.69 -9.01 3.95
C THR A 105 -5.09 -8.12 2.77
N ILE A 106 -4.87 -8.59 1.53
CA ILE A 106 -5.04 -7.81 0.29
C ILE A 106 -6.42 -8.00 -0.38
N PRO A 107 -6.91 -7.03 -1.19
CA PRO A 107 -6.32 -5.71 -1.46
C PRO A 107 -6.52 -4.71 -0.31
N GLN A 108 -5.68 -3.67 -0.25
CA GLN A 108 -5.75 -2.60 0.75
C GLN A 108 -5.66 -1.21 0.10
N LEU A 109 -6.10 -0.18 0.83
CA LEU A 109 -6.12 1.22 0.40
C LEU A 109 -5.40 2.13 1.40
N PHE A 110 -4.66 3.08 0.83
CA PHE A 110 -3.88 4.10 1.52
C PHE A 110 -4.14 5.48 0.93
N ILE A 111 -4.17 6.51 1.77
CA ILE A 111 -4.31 7.92 1.34
C ILE A 111 -3.14 8.74 1.94
N LYS A 112 -2.30 9.29 1.05
CA LYS A 112 -0.99 9.94 1.34
C LYS A 112 -0.11 9.16 2.34
N ALA A 113 0.12 7.87 2.09
CA ALA A 113 0.87 6.97 2.96
C ALA A 113 0.34 6.81 4.40
N GLU A 114 -0.97 7.03 4.62
CA GLU A 114 -1.68 6.72 5.87
C GLU A 114 -2.79 5.69 5.58
N PHE A 115 -2.86 4.63 6.38
CA PHE A 115 -3.70 3.46 6.11
C PHE A 115 -5.20 3.69 6.35
N VAL A 116 -5.99 3.43 5.32
CA VAL A 116 -7.43 3.67 5.30
C VAL A 116 -8.22 2.37 5.54
N GLY A 117 -7.80 1.27 4.93
CA GLY A 117 -8.33 -0.07 5.26
C GLY A 117 -8.21 -1.15 4.19
N GLY A 118 -8.66 -2.35 4.55
CA GLY A 118 -8.87 -3.48 3.64
C GLY A 118 -10.16 -3.38 2.83
N LEU A 119 -10.31 -4.25 1.83
CA LEU A 119 -11.52 -4.43 1.01
C LEU A 119 -12.83 -4.48 1.83
N ASP A 120 -12.83 -5.22 2.94
CA ASP A 120 -13.98 -5.28 3.86
C ASP A 120 -14.33 -3.90 4.43
N ILE A 121 -13.33 -3.13 4.86
CA ILE A 121 -13.47 -1.78 5.43
C ILE A 121 -13.93 -0.77 4.36
N VAL A 122 -13.28 -0.81 3.20
CA VAL A 122 -13.56 0.02 2.02
C VAL A 122 -15.02 -0.17 1.57
N THR A 123 -15.55 -1.39 1.67
CA THR A 123 -16.97 -1.68 1.40
C THR A 123 -17.89 -0.94 2.38
N LYS A 124 -17.61 -0.96 3.70
CA LYS A 124 -18.45 -0.25 4.68
C LYS A 124 -18.42 1.26 4.44
N MET A 125 -17.22 1.80 4.15
CA MET A 125 -16.99 3.21 3.87
C MET A 125 -17.72 3.69 2.60
N LEU A 126 -17.74 2.88 1.55
CA LEU A 126 -18.48 3.16 0.31
C LEU A 126 -19.99 3.16 0.58
N GLU A 127 -20.50 2.15 1.27
CA GLU A 127 -21.95 1.94 1.51
C GLU A 127 -22.56 2.97 2.47
N SER A 128 -21.76 3.55 3.37
CA SER A 128 -22.18 4.57 4.35
C SER A 128 -21.77 6.02 4.05
N GLY A 129 -21.06 6.33 2.95
CA GLY A 129 -20.68 7.70 2.60
C GLY A 129 -19.34 8.18 3.17
N ASP A 130 -18.70 7.41 4.06
CA ASP A 130 -17.45 7.82 4.72
C ASP A 130 -16.25 7.91 3.75
N LEU A 131 -16.24 7.10 2.67
CA LEU A 131 -15.24 7.20 1.60
C LEU A 131 -15.40 8.51 0.81
N LYS A 132 -16.65 8.83 0.41
CA LYS A 132 -17.03 10.07 -0.27
C LYS A 132 -16.75 11.32 0.58
N LYS A 133 -16.88 11.25 1.90
CA LYS A 133 -16.53 12.37 2.80
C LYS A 133 -15.07 12.81 2.68
N MET A 134 -14.11 11.88 2.55
CA MET A 134 -12.71 12.26 2.35
C MET A 134 -12.47 12.92 0.97
N LEU A 135 -13.00 12.31 -0.09
CA LEU A 135 -12.82 12.80 -1.48
C LEU A 135 -13.49 14.16 -1.71
N ARG A 136 -14.68 14.40 -1.14
CA ARG A 136 -15.42 15.64 -1.31
C ARG A 136 -14.84 16.81 -0.53
N ASP A 137 -14.27 16.56 0.65
CA ASP A 137 -13.46 17.55 1.38
C ASP A 137 -12.17 17.93 0.62
N LYS A 138 -11.68 17.02 -0.26
CA LYS A 138 -10.57 17.29 -1.20
C LYS A 138 -11.01 18.05 -2.47
N GLY A 139 -12.29 18.39 -2.62
CA GLY A 139 -12.81 19.19 -3.72
C GLY A 139 -13.12 18.39 -4.99
N ILE A 140 -13.32 17.07 -4.87
CA ILE A 140 -13.49 16.18 -6.03
C ILE A 140 -14.98 15.87 -6.30
N THR A 141 -15.36 15.74 -7.57
CA THR A 141 -16.70 15.32 -8.00
C THR A 141 -16.79 13.79 -8.18
N CYS A 142 -17.78 13.17 -7.53
CA CYS A 142 -18.16 11.76 -7.68
C CYS A 142 -19.62 11.60 -8.16
N ARG A 143 -20.01 10.39 -8.60
CA ARG A 143 -21.38 10.00 -8.98
C ARG A 143 -22.35 10.10 -7.81
N ASP A 144 -23.64 10.28 -8.10
CA ASP A 144 -24.74 10.14 -7.13
C ASP A 144 -25.59 8.88 -7.41
N LEU A 145 -25.98 8.18 -6.33
CA LEU A 145 -26.84 6.99 -6.35
C LEU A 145 -28.33 7.33 -6.25
N SER A 4 50.01 -11.92 -10.06
CA SER A 4 49.31 -13.06 -9.43
C SER A 4 48.29 -12.58 -8.40
N THR A 5 47.57 -13.48 -7.72
CA THR A 5 46.45 -13.10 -6.81
C THR A 5 46.90 -12.59 -5.42
N SER A 6 48.21 -12.65 -5.10
CA SER A 6 48.79 -12.14 -3.86
C SER A 6 49.17 -10.65 -3.93
N GLY A 7 49.51 -10.05 -2.78
CA GLY A 7 50.02 -8.68 -2.70
C GLY A 7 48.95 -7.57 -2.78
N ILE A 8 47.67 -7.91 -2.67
CA ILE A 8 46.56 -6.95 -2.62
C ILE A 8 46.68 -6.06 -1.37
N GLY A 9 46.46 -4.75 -1.50
CA GLY A 9 46.56 -3.78 -0.40
C GLY A 9 45.52 -3.94 0.70
N GLY A 10 45.67 -3.14 1.77
CA GLY A 10 44.87 -3.21 2.99
C GLY A 10 43.36 -3.04 2.78
N ASP A 11 42.57 -3.63 3.66
CA ASP A 11 41.15 -3.92 3.41
C ASP A 11 40.23 -2.73 3.74
N VAL A 12 39.21 -2.49 2.89
CA VAL A 12 38.26 -1.37 3.00
C VAL A 12 36.85 -1.88 3.26
N ARG A 13 36.10 -1.23 4.16
CA ARG A 13 34.76 -1.65 4.61
C ARG A 13 33.72 -1.76 3.49
N ASP A 14 32.76 -2.66 3.70
CA ASP A 14 31.63 -2.96 2.82
C ASP A 14 30.28 -2.54 3.42
N ILE A 15 29.27 -2.27 2.57
CA ILE A 15 27.90 -1.84 2.95
C ILE A 15 26.80 -2.62 2.19
N GLU A 16 27.13 -3.81 1.70
CA GLU A 16 26.23 -4.72 0.98
C GLU A 16 25.85 -5.94 1.84
N GLU A 17 24.57 -6.32 1.83
CA GLU A 17 24.07 -7.47 2.60
C GLU A 17 24.30 -8.80 1.86
N THR A 18 24.47 -9.90 2.60
CA THR A 18 24.84 -11.24 2.11
C THR A 18 23.84 -12.32 2.54
N HIS A 19 22.94 -12.70 1.63
CA HIS A 19 22.01 -13.81 1.82
C HIS A 19 22.70 -15.20 1.74
N PRO A 20 22.23 -16.22 2.48
CA PRO A 20 22.54 -17.63 2.21
C PRO A 20 21.72 -18.13 1.01
N ASP A 21 22.21 -19.11 0.25
CA ASP A 21 21.61 -19.45 -1.05
C ASP A 21 20.48 -20.52 -0.97
N PHE A 22 20.22 -21.10 0.19
CA PHE A 22 19.04 -21.95 0.41
C PHE A 22 17.76 -21.09 0.54
N GLN A 23 16.67 -21.52 -0.11
CA GLN A 23 15.41 -20.78 -0.16
C GLN A 23 14.31 -21.42 0.71
N PRO A 24 13.35 -20.64 1.24
CA PRO A 24 12.29 -21.15 2.10
C PRO A 24 11.20 -21.93 1.34
N ARG A 25 10.53 -22.83 2.06
CA ARG A 25 9.47 -23.74 1.59
C ARG A 25 8.11 -23.02 1.53
N LEU A 26 7.36 -23.19 0.44
CA LEU A 26 6.11 -22.47 0.12
C LEU A 26 6.25 -20.92 0.19
N VAL A 27 5.16 -20.18 0.03
CA VAL A 27 5.15 -18.70 0.23
C VAL A 27 5.31 -18.37 1.72
N SER A 28 6.21 -17.42 2.03
CA SER A 28 6.61 -17.08 3.39
C SER A 28 5.89 -15.87 3.99
N ALA A 29 5.76 -15.86 5.33
CA ALA A 29 5.33 -14.72 6.15
C ALA A 29 6.39 -14.25 7.18
N ASP A 30 7.60 -14.82 7.13
CA ASP A 30 8.73 -14.52 8.02
C ASP A 30 9.38 -13.15 7.69
N LEU A 31 9.93 -12.46 8.69
CA LEU A 31 10.72 -11.24 8.50
C LEU A 31 12.20 -11.50 8.80
N ALA A 32 13.07 -11.10 7.87
CA ALA A 32 14.47 -11.54 7.80
C ALA A 32 15.40 -10.47 7.20
N GLU A 33 16.71 -10.72 7.21
CA GLU A 33 17.74 -9.68 7.11
C GLU A 33 17.79 -8.91 5.77
N ASP A 34 17.65 -9.56 4.60
CA ASP A 34 17.56 -8.85 3.31
C ASP A 34 16.24 -8.05 3.18
N GLU A 35 15.14 -8.56 3.76
CA GLU A 35 13.82 -7.91 3.72
C GLU A 35 13.84 -6.56 4.45
N ILE A 36 14.53 -6.48 5.60
CA ILE A 36 14.70 -5.24 6.37
C ILE A 36 15.88 -4.38 5.89
N ALA A 37 16.88 -4.95 5.21
CA ALA A 37 18.05 -4.21 4.71
C ALA A 37 17.74 -3.41 3.44
N MET A 38 16.78 -3.85 2.62
CA MET A 38 16.23 -3.05 1.52
C MET A 38 15.21 -2.03 2.03
N VAL A 39 15.51 -0.74 1.90
CA VAL A 39 14.58 0.37 2.17
C VAL A 39 14.53 1.28 0.94
N LYS A 40 13.66 0.90 0.01
CA LYS A 40 13.57 1.47 -1.35
C LYS A 40 12.82 2.81 -1.32
N LYS A 41 13.59 3.91 -1.42
CA LYS A 41 13.12 5.29 -1.21
C LYS A 41 12.10 5.76 -2.25
N ASP A 42 12.13 5.23 -3.47
CA ASP A 42 11.23 5.62 -4.56
C ASP A 42 9.77 5.24 -4.29
N ILE A 43 9.52 4.13 -3.57
CA ILE A 43 8.18 3.66 -3.21
C ILE A 43 7.63 4.51 -2.05
N ASP A 44 8.47 4.79 -1.05
CA ASP A 44 8.15 5.71 0.07
C ASP A 44 7.85 7.14 -0.45
N ASP A 45 8.60 7.63 -1.44
CA ASP A 45 8.29 8.88 -2.14
C ASP A 45 6.97 8.79 -2.93
N THR A 46 6.68 7.65 -3.56
CA THR A 46 5.46 7.46 -4.38
C THR A 46 4.18 7.49 -3.54
N ILE A 47 4.15 6.85 -2.37
CA ILE A 47 2.98 6.89 -1.46
C ILE A 47 2.64 8.31 -0.99
N LYS A 48 3.66 9.16 -0.80
CA LYS A 48 3.53 10.60 -0.49
C LYS A 48 3.21 11.50 -1.69
N SER A 49 3.52 11.04 -2.90
CA SER A 49 3.40 11.77 -4.17
C SER A 49 2.04 11.59 -4.84
N GLU A 50 1.42 10.41 -4.68
CA GLU A 50 0.03 10.14 -5.06
C GLU A 50 -0.92 10.47 -3.90
N ASP A 51 -2.11 11.00 -4.21
CA ASP A 51 -3.14 11.24 -3.21
C ASP A 51 -3.82 9.92 -2.78
N VAL A 52 -3.96 8.96 -3.68
CA VAL A 52 -4.62 7.66 -3.44
C VAL A 52 -3.91 6.52 -4.19
N VAL A 53 -3.62 5.42 -3.48
CA VAL A 53 -2.92 4.22 -4.01
C VAL A 53 -3.62 2.92 -3.58
N THR A 54 -3.73 1.95 -4.50
CA THR A 54 -4.26 0.60 -4.24
C THR A 54 -3.37 -0.47 -4.86
N PHE A 55 -3.45 -1.69 -4.32
CA PHE A 55 -2.78 -2.85 -4.85
C PHE A 55 -3.73 -4.04 -4.95
N ILE A 56 -3.67 -4.73 -6.09
CA ILE A 56 -4.63 -5.75 -6.54
C ILE A 56 -3.89 -7.04 -6.95
N LYS A 57 -4.60 -8.16 -7.15
CA LYS A 57 -4.13 -9.20 -8.08
C LYS A 57 -4.42 -8.74 -9.51
N GLY A 58 -3.39 -8.46 -10.29
CA GLY A 58 -3.52 -7.92 -11.65
C GLY A 58 -3.93 -6.44 -11.69
N LEU A 59 -4.60 -6.04 -12.78
CA LEU A 59 -4.83 -4.65 -13.18
C LEU A 59 -6.33 -4.41 -13.50
N PRO A 60 -6.85 -3.17 -13.49
CA PRO A 60 -8.28 -2.93 -13.29
C PRO A 60 -9.23 -3.33 -14.43
N GLU A 61 -8.75 -3.37 -15.68
CA GLU A 61 -9.46 -3.95 -16.83
C GLU A 61 -9.01 -5.39 -17.18
N ALA A 62 -7.99 -5.91 -16.48
CA ALA A 62 -7.48 -7.28 -16.63
C ALA A 62 -7.10 -7.87 -15.25
N PRO A 63 -8.09 -8.22 -14.41
CA PRO A 63 -7.86 -8.68 -13.03
C PRO A 63 -7.44 -10.16 -12.97
N MET A 64 -6.75 -10.53 -11.89
CA MET A 64 -6.34 -11.91 -11.56
C MET A 64 -7.04 -12.49 -10.31
N CYS A 65 -8.03 -11.79 -9.74
CA CYS A 65 -8.84 -12.28 -8.62
C CYS A 65 -10.28 -11.73 -8.66
N ALA A 66 -11.26 -12.50 -8.20
CA ALA A 66 -12.64 -12.03 -7.99
C ALA A 66 -12.69 -10.81 -7.04
N TYR A 67 -11.89 -10.83 -5.97
CA TYR A 67 -11.75 -9.70 -5.05
C TYR A 67 -11.07 -8.49 -5.71
N SER A 68 -10.22 -8.69 -6.74
CA SER A 68 -9.72 -7.58 -7.57
C SER A 68 -10.86 -6.93 -8.35
N LYS A 69 -11.73 -7.72 -9.02
CA LYS A 69 -12.88 -7.20 -9.77
C LYS A 69 -13.83 -6.39 -8.86
N ARG A 70 -14.07 -6.89 -7.64
CA ARG A 70 -14.85 -6.20 -6.58
C ARG A 70 -14.23 -4.87 -6.13
N MET A 71 -12.91 -4.75 -6.08
CA MET A 71 -12.24 -3.47 -5.83
C MET A 71 -12.55 -2.46 -6.94
N ILE A 72 -12.55 -2.87 -8.20
CA ILE A 72 -12.84 -1.96 -9.32
C ILE A 72 -14.34 -1.59 -9.38
N ASP A 73 -15.26 -2.51 -9.07
CA ASP A 73 -16.69 -2.25 -9.01
C ASP A 73 -17.04 -1.13 -7.99
N VAL A 74 -16.25 -0.99 -6.91
CA VAL A 74 -16.31 0.13 -5.94
C VAL A 74 -15.84 1.45 -6.56
N LEU A 75 -14.70 1.48 -7.26
CA LEU A 75 -14.20 2.67 -7.96
C LEU A 75 -15.10 3.12 -9.13
N GLU A 76 -15.69 2.16 -9.83
CA GLU A 76 -16.76 2.39 -10.80
C GLU A 76 -18.02 2.98 -10.13
N ALA A 77 -18.38 2.53 -8.93
CA ALA A 77 -19.52 3.08 -8.19
C ALA A 77 -19.28 4.52 -7.70
N LEU A 78 -18.02 4.94 -7.50
CA LEU A 78 -17.67 6.30 -7.07
C LEU A 78 -17.51 7.29 -8.25
N GLY A 79 -17.40 6.79 -9.48
CA GLY A 79 -17.09 7.58 -10.69
C GLY A 79 -15.68 8.21 -10.73
N LEU A 80 -14.85 7.95 -9.72
CA LEU A 80 -13.44 8.32 -9.66
C LEU A 80 -12.52 7.09 -9.62
N GLU A 81 -11.45 7.06 -10.40
CA GLU A 81 -10.41 6.03 -10.32
C GLU A 81 -9.07 6.54 -9.74
N TYR A 82 -8.34 5.62 -9.11
CA TYR A 82 -7.12 5.85 -8.33
C TYR A 82 -6.01 4.89 -8.78
N THR A 83 -4.76 5.10 -8.34
CA THR A 83 -3.58 4.54 -9.03
C THR A 83 -3.22 3.16 -8.47
N SER A 84 -2.94 2.20 -9.35
CA SER A 84 -2.90 0.76 -9.03
C SER A 84 -1.64 0.02 -9.49
N PHE A 85 -1.24 -0.98 -8.71
CA PHE A 85 -0.13 -1.90 -8.98
C PHE A 85 -0.48 -3.35 -8.59
N ASP A 86 0.16 -4.34 -9.23
CA ASP A 86 -0.06 -5.77 -8.95
C ASP A 86 0.90 -6.30 -7.86
N VAL A 87 0.36 -6.70 -6.71
CA VAL A 87 1.15 -7.26 -5.58
C VAL A 87 1.70 -8.66 -5.86
N LEU A 88 1.16 -9.36 -6.87
CA LEU A 88 1.74 -10.60 -7.37
C LEU A 88 3.03 -10.33 -8.18
N ALA A 89 3.14 -9.17 -8.83
CA ALA A 89 4.27 -8.83 -9.71
C ALA A 89 5.49 -8.23 -8.99
N HIS A 90 5.29 -7.46 -7.92
CA HIS A 90 6.38 -6.74 -7.23
C HIS A 90 6.34 -6.96 -5.70
N PRO A 91 7.21 -7.83 -5.15
CA PRO A 91 7.26 -8.12 -3.72
C PRO A 91 7.55 -6.92 -2.80
N VAL A 92 8.17 -5.83 -3.29
CA VAL A 92 8.34 -4.57 -2.53
C VAL A 92 7.03 -4.05 -1.93
N VAL A 93 5.89 -4.29 -2.58
CA VAL A 93 4.56 -3.89 -2.07
C VAL A 93 4.25 -4.64 -0.77
N ARG A 94 4.44 -5.96 -0.70
CA ARG A 94 4.23 -6.72 0.55
C ARG A 94 5.27 -6.38 1.62
N SER A 95 6.50 -6.02 1.23
CA SER A 95 7.58 -5.66 2.15
C SER A 95 7.20 -4.48 3.05
N TYR A 96 6.68 -3.38 2.50
CA TYR A 96 6.07 -2.32 3.30
C TYR A 96 4.69 -2.69 3.86
N VAL A 97 3.76 -3.21 3.05
CA VAL A 97 2.34 -3.31 3.42
C VAL A 97 2.09 -4.16 4.64
N LYS A 98 2.79 -5.29 4.75
CA LYS A 98 2.57 -6.21 5.88
C LYS A 98 2.95 -5.55 7.22
N GLU A 99 3.97 -4.71 7.18
CA GLU A 99 4.48 -3.92 8.29
C GLU A 99 3.64 -2.67 8.59
N VAL A 100 3.32 -1.85 7.58
CA VAL A 100 2.59 -0.58 7.74
C VAL A 100 1.11 -0.78 8.11
N SER A 101 0.49 -1.88 7.65
CA SER A 101 -0.88 -2.25 8.07
C SER A 101 -0.93 -3.15 9.33
N GLU A 102 0.23 -3.57 9.84
CA GLU A 102 0.49 -4.56 10.91
C GLU A 102 -0.03 -5.98 10.66
N TRP A 103 -1.16 -6.17 10.00
CA TRP A 103 -1.71 -7.47 9.56
C TRP A 103 -2.44 -7.30 8.22
N PRO A 104 -1.92 -7.84 7.10
CA PRO A 104 -2.41 -7.47 5.76
C PRO A 104 -3.58 -8.32 5.26
N THR A 105 -4.64 -7.65 4.78
CA THR A 105 -5.74 -8.23 3.99
C THR A 105 -5.98 -7.41 2.72
N ILE A 106 -6.11 -8.08 1.56
CA ILE A 106 -6.07 -7.46 0.22
C ILE A 106 -7.28 -7.84 -0.68
N PRO A 107 -7.64 -7.02 -1.70
CA PRO A 107 -7.10 -5.70 -2.05
C PRO A 107 -7.29 -4.64 -0.97
N GLN A 108 -6.55 -3.54 -1.05
CA GLN A 108 -6.38 -2.59 0.06
C GLN A 108 -6.12 -1.17 -0.44
N LEU A 109 -6.39 -0.17 0.40
CA LEU A 109 -6.26 1.25 0.07
C LEU A 109 -5.41 2.04 1.07
N PHE A 110 -4.60 2.91 0.48
CA PHE A 110 -3.82 3.96 1.14
C PHE A 110 -4.23 5.33 0.58
N ILE A 111 -4.32 6.32 1.45
CA ILE A 111 -4.57 7.72 1.07
C ILE A 111 -3.45 8.59 1.66
N LYS A 112 -2.74 9.31 0.80
CA LYS A 112 -1.60 10.20 1.12
C LYS A 112 -0.59 9.59 2.11
N ALA A 113 -0.08 8.39 1.82
CA ALA A 113 0.86 7.66 2.68
C ALA A 113 0.35 7.33 4.10
N GLU A 114 -0.96 7.18 4.29
CA GLU A 114 -1.59 6.68 5.51
C GLU A 114 -2.44 5.44 5.22
N PHE A 115 -2.34 4.41 6.07
CA PHE A 115 -3.17 3.22 5.95
C PHE A 115 -4.61 3.50 6.41
N VAL A 116 -5.53 3.22 5.49
CA VAL A 116 -6.98 3.44 5.63
C VAL A 116 -7.71 2.11 5.87
N GLY A 117 -7.53 1.12 5.00
CA GLY A 117 -8.10 -0.23 5.18
C GLY A 117 -8.12 -1.14 3.94
N GLY A 118 -8.38 -2.42 4.20
CA GLY A 118 -8.64 -3.47 3.20
C GLY A 118 -10.06 -3.43 2.62
N LEU A 119 -10.33 -4.24 1.60
CA LEU A 119 -11.59 -4.24 0.84
C LEU A 119 -12.83 -4.44 1.72
N ASP A 120 -12.75 -5.27 2.77
CA ASP A 120 -13.85 -5.44 3.74
C ASP A 120 -14.17 -4.14 4.50
N ILE A 121 -13.16 -3.30 4.79
CA ILE A 121 -13.29 -1.99 5.45
C ILE A 121 -13.81 -0.95 4.45
N VAL A 122 -13.21 -0.91 3.26
CA VAL A 122 -13.58 0.01 2.16
C VAL A 122 -15.05 -0.19 1.77
N THR A 123 -15.54 -1.43 1.79
CA THR A 123 -16.95 -1.76 1.55
C THR A 123 -17.89 -1.06 2.55
N LYS A 124 -17.52 -0.99 3.84
CA LYS A 124 -18.27 -0.24 4.87
C LYS A 124 -18.26 1.25 4.56
N MET A 125 -17.07 1.79 4.31
CA MET A 125 -16.84 3.22 4.10
C MET A 125 -17.59 3.75 2.86
N LEU A 126 -17.67 2.93 1.80
CA LEU A 126 -18.38 3.21 0.54
C LEU A 126 -19.90 3.26 0.72
N GLU A 127 -20.48 2.38 1.53
CA GLU A 127 -21.91 2.43 1.90
C GLU A 127 -22.24 3.50 2.95
N SER A 128 -21.30 3.82 3.85
CA SER A 128 -21.50 4.71 5.01
C SER A 128 -21.33 6.20 4.68
N GLY A 129 -20.55 6.57 3.66
CA GLY A 129 -20.14 7.96 3.40
C GLY A 129 -18.75 8.32 3.95
N ASP A 130 -18.07 7.44 4.70
CA ASP A 130 -16.76 7.74 5.28
C ASP A 130 -15.66 7.88 4.21
N LEU A 131 -15.74 7.13 3.10
CA LEU A 131 -14.81 7.27 1.97
C LEU A 131 -14.94 8.67 1.34
N LYS A 132 -16.18 9.11 1.13
CA LYS A 132 -16.53 10.45 0.63
C LYS A 132 -16.10 11.57 1.58
N LYS A 133 -16.20 11.36 2.90
CA LYS A 133 -15.74 12.31 3.93
C LYS A 133 -14.21 12.46 3.95
N MET A 134 -13.45 11.39 3.68
CA MET A 134 -11.99 11.50 3.47
C MET A 134 -11.62 12.19 2.14
N LEU A 135 -12.17 11.75 1.01
CA LEU A 135 -11.75 12.26 -0.30
C LEU A 135 -12.08 13.74 -0.48
N ARG A 136 -13.22 14.23 0.06
CA ARG A 136 -13.59 15.63 -0.04
C ARG A 136 -12.74 16.55 0.84
N ASP A 137 -12.23 16.06 1.98
CA ASP A 137 -11.18 16.75 2.75
C ASP A 137 -9.88 16.90 1.95
N LYS A 138 -9.55 15.88 1.14
CA LYS A 138 -8.40 15.85 0.23
C LYS A 138 -8.59 16.70 -1.04
N GLY A 139 -9.72 17.41 -1.17
CA GLY A 139 -10.04 18.31 -2.27
C GLY A 139 -10.55 17.61 -3.53
N ILE A 140 -10.92 16.32 -3.42
CA ILE A 140 -11.31 15.48 -4.54
C ILE A 140 -12.85 15.50 -4.70
N THR A 141 -13.34 15.34 -5.94
CA THR A 141 -14.77 15.20 -6.27
C THR A 141 -15.13 13.74 -6.57
N CYS A 142 -16.36 13.32 -6.23
CA CYS A 142 -16.96 12.03 -6.60
C CYS A 142 -18.46 12.15 -6.93
N ARG A 143 -19.03 11.09 -7.51
CA ARG A 143 -20.49 10.92 -7.69
C ARG A 143 -21.21 10.68 -6.36
N ASP A 144 -22.52 10.93 -6.34
CA ASP A 144 -23.42 10.66 -5.21
C ASP A 144 -24.15 9.30 -5.34
N LEU A 145 -24.42 8.66 -4.19
CA LEU A 145 -25.12 7.39 -3.98
C LEU A 145 -26.13 6.97 -5.06
N SER A 4 21.39 27.30 31.73
CA SER A 4 21.25 25.89 32.17
C SER A 4 19.82 25.41 32.01
N THR A 5 19.54 24.60 30.97
CA THR A 5 18.17 24.36 30.44
C THR A 5 17.28 23.51 31.35
N SER A 6 17.89 22.75 32.29
CA SER A 6 17.19 22.04 33.36
C SER A 6 17.74 22.40 34.76
N GLY A 7 18.40 23.56 34.90
CA GLY A 7 19.04 24.05 36.14
C GLY A 7 20.33 23.34 36.58
N ILE A 8 20.54 22.10 36.11
CA ILE A 8 21.75 21.30 36.25
C ILE A 8 22.09 20.62 34.92
N GLY A 9 23.35 20.26 34.68
CA GLY A 9 23.86 19.76 33.40
C GLY A 9 23.13 18.54 32.83
N GLY A 10 23.06 18.47 31.50
CA GLY A 10 22.25 17.53 30.73
C GLY A 10 23.01 16.33 30.15
N ASP A 11 22.25 15.43 29.53
CA ASP A 11 22.72 14.19 28.89
C ASP A 11 22.25 14.15 27.42
N VAL A 12 23.16 13.85 26.48
CA VAL A 12 22.86 13.83 25.04
C VAL A 12 22.34 12.47 24.57
N ARG A 13 21.31 12.46 23.72
CA ARG A 13 20.60 11.26 23.24
C ARG A 13 20.34 11.27 21.72
N ASP A 14 19.89 10.13 21.20
CA ASP A 14 19.42 9.93 19.81
C ASP A 14 18.42 8.76 19.70
N ILE A 15 17.54 8.81 18.70
CA ILE A 15 16.58 7.76 18.36
C ILE A 15 16.72 7.42 16.86
N GLU A 16 17.82 6.75 16.50
CA GLU A 16 18.07 6.30 15.12
C GLU A 16 18.70 4.89 15.05
N GLU A 17 18.31 4.15 14.02
CA GLU A 17 18.72 2.77 13.73
C GLU A 17 19.96 2.74 12.83
N THR A 18 20.95 1.92 13.19
CA THR A 18 22.36 2.09 12.76
C THR A 18 23.03 0.75 12.43
N HIS A 19 22.42 -0.05 11.55
CA HIS A 19 23.12 -1.10 10.80
C HIS A 19 23.52 -0.66 9.37
N PRO A 20 24.54 -1.28 8.76
CA PRO A 20 24.88 -1.08 7.35
C PRO A 20 23.85 -1.73 6.40
N ASP A 21 24.08 -1.61 5.09
CA ASP A 21 23.36 -2.32 4.02
C ASP A 21 23.81 -3.81 3.92
N PHE A 22 24.48 -4.32 4.95
CA PHE A 22 25.19 -5.59 4.99
C PHE A 22 24.67 -6.49 6.12
N GLN A 23 24.45 -7.77 5.82
CA GLN A 23 24.44 -8.85 6.81
C GLN A 23 25.69 -9.75 6.63
N PRO A 24 26.33 -10.22 7.72
CA PRO A 24 27.20 -11.38 7.68
C PRO A 24 26.38 -12.65 7.36
N ARG A 25 27.04 -13.73 6.91
CA ARG A 25 26.32 -14.97 6.53
C ARG A 25 25.64 -15.62 7.74
N LEU A 26 24.39 -16.04 7.56
CA LEU A 26 23.54 -16.71 8.55
C LEU A 26 23.29 -18.19 8.20
N VAL A 27 23.16 -19.04 9.22
CA VAL A 27 22.84 -20.48 9.12
C VAL A 27 21.39 -20.71 8.66
N SER A 28 20.50 -19.78 9.03
CA SER A 28 19.14 -19.62 8.47
C SER A 28 18.78 -18.14 8.32
N ALA A 29 18.22 -17.75 7.19
CA ALA A 29 18.05 -16.34 6.80
C ALA A 29 17.04 -15.58 7.68
N ASP A 30 17.28 -14.28 7.91
CA ASP A 30 16.48 -13.43 8.80
C ASP A 30 16.61 -11.93 8.47
N LEU A 31 15.82 -11.10 9.15
CA LEU A 31 15.95 -9.64 9.17
C LEU A 31 16.97 -9.18 10.22
N ALA A 32 17.54 -7.99 10.01
CA ALA A 32 18.17 -7.22 11.08
C ALA A 32 17.12 -6.37 11.82
N GLU A 33 17.14 -6.39 13.16
CA GLU A 33 16.25 -5.61 14.03
C GLU A 33 16.37 -4.09 13.77
N ASP A 34 17.57 -3.62 13.43
CA ASP A 34 17.86 -2.25 13.02
C ASP A 34 17.33 -1.92 11.60
N GLU A 35 17.22 -2.90 10.69
CA GLU A 35 16.63 -2.67 9.35
C GLU A 35 15.10 -2.53 9.39
N ILE A 36 14.40 -3.37 10.16
CA ILE A 36 12.92 -3.42 10.17
C ILE A 36 12.26 -2.23 10.91
N ALA A 37 13.01 -1.53 11.76
CA ALA A 37 12.59 -0.25 12.36
C ALA A 37 13.04 1.00 11.56
N MET A 38 13.78 0.81 10.47
CA MET A 38 14.26 1.87 9.56
C MET A 38 13.38 1.96 8.31
N VAL A 39 13.06 3.19 7.87
CA VAL A 39 12.32 3.45 6.63
C VAL A 39 13.27 3.72 5.47
N LYS A 40 13.03 3.03 4.35
CA LYS A 40 13.84 3.10 3.14
C LYS A 40 13.30 4.27 2.29
N LYS A 41 14.19 5.10 1.73
CA LYS A 41 13.82 6.40 1.12
C LYS A 41 12.71 6.27 0.08
N ASP A 42 12.79 5.26 -0.77
CA ASP A 42 11.82 4.99 -1.83
C ASP A 42 10.41 4.68 -1.31
N ILE A 43 10.27 4.14 -0.09
CA ILE A 43 8.96 3.87 0.51
C ILE A 43 8.35 5.18 1.00
N ASP A 44 9.08 5.93 1.84
CA ASP A 44 8.59 7.17 2.46
C ASP A 44 8.30 8.26 1.41
N ASP A 45 9.13 8.34 0.36
CA ASP A 45 8.92 9.24 -0.77
C ASP A 45 7.71 8.86 -1.64
N THR A 46 7.52 7.57 -1.98
CA THR A 46 6.48 7.17 -2.95
C THR A 46 5.08 7.27 -2.35
N ILE A 47 4.90 6.87 -1.08
CA ILE A 47 3.60 6.93 -0.39
C ILE A 47 3.08 8.37 -0.28
N LYS A 48 3.98 9.34 -0.08
CA LYS A 48 3.71 10.79 -0.02
C LYS A 48 3.52 11.44 -1.40
N SER A 49 4.22 10.93 -2.41
CA SER A 49 4.11 11.37 -3.81
C SER A 49 2.81 10.92 -4.49
N GLU A 50 2.10 9.96 -3.90
CA GLU A 50 0.75 9.54 -4.32
C GLU A 50 -0.36 10.04 -3.39
N ASP A 51 -1.53 10.35 -3.95
CA ASP A 51 -2.74 10.73 -3.22
C ASP A 51 -3.51 9.49 -2.73
N VAL A 52 -3.59 8.46 -3.58
CA VAL A 52 -4.24 7.17 -3.33
C VAL A 52 -3.36 6.03 -3.85
N VAL A 53 -3.26 4.94 -3.09
CA VAL A 53 -2.54 3.71 -3.47
C VAL A 53 -3.38 2.47 -3.16
N THR A 54 -3.56 1.59 -4.14
CA THR A 54 -4.15 0.25 -3.97
C THR A 54 -3.37 -0.80 -4.77
N PHE A 55 -3.47 -2.06 -4.36
CA PHE A 55 -2.83 -3.18 -5.04
C PHE A 55 -3.85 -4.30 -5.29
N ILE A 56 -3.69 -5.02 -6.42
CA ILE A 56 -4.72 -5.92 -6.94
C ILE A 56 -4.12 -7.25 -7.44
N LYS A 57 -4.89 -8.34 -7.39
CA LYS A 57 -4.61 -9.55 -8.19
C LYS A 57 -4.87 -9.22 -9.68
N GLY A 58 -3.82 -9.11 -10.50
CA GLY A 58 -3.93 -8.69 -11.89
C GLY A 58 -4.00 -7.17 -12.06
N LEU A 59 -4.90 -6.70 -12.93
CA LEU A 59 -5.09 -5.29 -13.32
C LEU A 59 -6.54 -4.82 -13.05
N PRO A 60 -6.83 -3.51 -12.92
CA PRO A 60 -8.18 -3.05 -12.53
C PRO A 60 -9.27 -3.28 -13.59
N GLU A 61 -8.93 -3.41 -14.87
CA GLU A 61 -9.87 -3.86 -15.93
C GLU A 61 -9.80 -5.39 -16.19
N ALA A 62 -8.76 -6.07 -15.71
CA ALA A 62 -8.57 -7.52 -15.85
C ALA A 62 -8.10 -8.16 -14.52
N PRO A 63 -8.98 -8.20 -13.49
CA PRO A 63 -8.65 -8.76 -12.18
C PRO A 63 -8.65 -10.29 -12.20
N MET A 64 -7.77 -10.90 -11.41
CA MET A 64 -7.56 -12.35 -11.32
C MET A 64 -8.30 -13.01 -10.13
N CYS A 65 -9.10 -12.23 -9.39
CA CYS A 65 -9.80 -12.66 -8.18
C CYS A 65 -11.17 -11.96 -8.05
N ALA A 66 -12.17 -12.64 -7.51
CA ALA A 66 -13.51 -12.08 -7.31
C ALA A 66 -13.48 -10.85 -6.38
N TYR A 67 -12.75 -10.90 -5.27
CA TYR A 67 -12.70 -9.80 -4.30
C TYR A 67 -11.89 -8.59 -4.82
N SER A 68 -10.98 -8.84 -5.75
CA SER A 68 -10.33 -7.78 -6.54
C SER A 68 -11.31 -7.11 -7.52
N LYS A 69 -12.17 -7.89 -8.21
CA LYS A 69 -13.24 -7.35 -9.08
C LYS A 69 -14.24 -6.51 -8.29
N ARG A 70 -14.67 -6.99 -7.12
CA ARG A 70 -15.55 -6.31 -6.15
C ARG A 70 -14.98 -4.97 -5.66
N MET A 71 -13.65 -4.87 -5.47
CA MET A 71 -13.00 -3.60 -5.10
C MET A 71 -13.16 -2.55 -6.20
N ILE A 72 -12.90 -2.92 -7.45
CA ILE A 72 -13.04 -2.01 -8.59
C ILE A 72 -14.51 -1.68 -8.86
N ASP A 73 -15.45 -2.59 -8.63
CA ASP A 73 -16.90 -2.28 -8.68
C ASP A 73 -17.30 -1.16 -7.71
N VAL A 74 -16.68 -1.14 -6.53
CA VAL A 74 -16.90 -0.12 -5.51
C VAL A 74 -16.36 1.25 -5.96
N LEU A 75 -15.17 1.27 -6.59
CA LEU A 75 -14.60 2.48 -7.22
C LEU A 75 -15.41 2.94 -8.44
N GLU A 76 -15.92 2.01 -9.25
CA GLU A 76 -16.78 2.25 -10.42
C GLU A 76 -18.17 2.80 -10.04
N ALA A 77 -18.64 2.53 -8.82
CA ALA A 77 -19.85 3.16 -8.28
C ALA A 77 -19.66 4.67 -7.97
N LEU A 78 -18.46 5.07 -7.52
CA LEU A 78 -18.14 6.47 -7.17
C LEU A 78 -17.55 7.28 -8.35
N GLY A 79 -17.18 6.60 -9.44
CA GLY A 79 -16.65 7.22 -10.66
C GLY A 79 -15.29 7.90 -10.51
N LEU A 80 -14.53 7.54 -9.48
CA LEU A 80 -13.08 7.69 -9.48
C LEU A 80 -12.42 6.31 -9.50
N GLU A 81 -11.47 6.09 -10.40
CA GLU A 81 -10.60 4.91 -10.38
C GLU A 81 -9.14 5.35 -10.15
N TYR A 82 -8.45 4.69 -9.21
CA TYR A 82 -7.21 5.14 -8.58
C TYR A 82 -5.96 4.38 -9.09
N THR A 83 -4.76 4.82 -8.70
CA THR A 83 -3.53 4.29 -9.29
C THR A 83 -3.14 3.02 -8.56
N SER A 84 -2.95 1.97 -9.37
CA SER A 84 -3.10 0.57 -8.95
C SER A 84 -1.84 -0.24 -9.26
N PHE A 85 -1.37 -1.04 -8.30
CA PHE A 85 -0.10 -1.75 -8.39
C PHE A 85 -0.28 -3.27 -8.46
N ASP A 86 0.57 -3.92 -9.27
CA ASP A 86 0.45 -5.31 -9.70
C ASP A 86 1.34 -6.25 -8.88
N VAL A 87 0.85 -6.58 -7.68
CA VAL A 87 1.59 -7.34 -6.63
C VAL A 87 2.00 -8.74 -7.06
N LEU A 88 1.25 -9.39 -7.97
CA LEU A 88 1.59 -10.72 -8.48
C LEU A 88 2.70 -10.66 -9.53
N ALA A 89 2.89 -9.50 -10.18
CA ALA A 89 3.96 -9.25 -11.14
C ALA A 89 5.21 -8.58 -10.53
N HIS A 90 5.06 -7.73 -9.52
CA HIS A 90 6.16 -7.02 -8.87
C HIS A 90 6.10 -7.15 -7.32
N PRO A 91 6.88 -8.07 -6.75
CA PRO A 91 6.91 -8.34 -5.30
C PRO A 91 7.37 -7.17 -4.41
N VAL A 92 7.90 -6.08 -4.98
CA VAL A 92 8.13 -4.80 -4.27
C VAL A 92 6.89 -4.35 -3.48
N VAL A 93 5.69 -4.59 -4.03
CA VAL A 93 4.42 -4.25 -3.38
C VAL A 93 4.23 -5.05 -2.09
N ARG A 94 4.43 -6.38 -2.11
CA ARG A 94 4.27 -7.23 -0.91
C ARG A 94 5.34 -6.93 0.16
N SER A 95 6.52 -6.50 -0.26
CA SER A 95 7.59 -6.05 0.64
C SER A 95 7.29 -4.72 1.34
N TYR A 96 6.89 -3.67 0.59
CA TYR A 96 6.59 -2.36 1.18
C TYR A 96 5.28 -2.37 1.97
N VAL A 97 4.24 -3.06 1.49
CA VAL A 97 2.91 -3.05 2.12
C VAL A 97 2.92 -3.59 3.56
N LYS A 98 3.74 -4.60 3.85
CA LYS A 98 3.89 -5.13 5.22
C LYS A 98 4.52 -4.08 6.16
N GLU A 99 5.59 -3.43 5.70
CA GLU A 99 6.29 -2.37 6.44
C GLU A 99 5.42 -1.11 6.65
N VAL A 100 4.55 -0.77 5.69
CA VAL A 100 3.61 0.36 5.81
C VAL A 100 2.36 0.01 6.63
N SER A 101 1.77 -1.18 6.45
CA SER A 101 0.45 -1.53 7.00
C SER A 101 0.48 -2.31 8.32
N GLU A 102 1.63 -2.86 8.71
CA GLU A 102 1.83 -3.76 9.88
C GLU A 102 1.16 -5.14 9.75
N TRP A 103 -0.07 -5.22 9.22
CA TRP A 103 -0.81 -6.46 8.94
C TRP A 103 -1.35 -6.44 7.49
N PRO A 104 -0.74 -7.21 6.56
CA PRO A 104 -1.15 -7.21 5.15
C PRO A 104 -2.26 -8.24 4.88
N THR A 105 -3.34 -7.77 4.24
CA THR A 105 -4.44 -8.55 3.65
C THR A 105 -4.70 -8.04 2.23
N ILE A 106 -5.11 -8.91 1.30
CA ILE A 106 -5.26 -8.55 -0.13
C ILE A 106 -6.74 -8.46 -0.55
N PRO A 107 -7.16 -7.42 -1.30
CA PRO A 107 -6.48 -6.13 -1.55
C PRO A 107 -6.68 -5.15 -0.37
N GLN A 108 -5.85 -4.11 -0.29
CA GLN A 108 -5.90 -3.03 0.73
C GLN A 108 -5.76 -1.63 0.07
N LEU A 109 -6.17 -0.59 0.81
CA LEU A 109 -6.13 0.82 0.37
C LEU A 109 -5.48 1.79 1.35
N PHE A 110 -4.75 2.74 0.78
CA PHE A 110 -4.03 3.83 1.46
C PHE A 110 -4.35 5.18 0.80
N ILE A 111 -4.52 6.24 1.59
CA ILE A 111 -4.83 7.61 1.12
C ILE A 111 -4.04 8.63 1.94
N LYS A 112 -3.41 9.62 1.29
CA LYS A 112 -2.52 10.65 1.90
C LYS A 112 -1.39 10.06 2.77
N ALA A 113 -0.75 8.98 2.29
CA ALA A 113 0.25 8.17 3.00
C ALA A 113 -0.24 7.49 4.30
N GLU A 114 -1.55 7.44 4.54
CA GLU A 114 -2.18 6.84 5.72
C GLU A 114 -2.95 5.56 5.33
N PHE A 115 -2.91 4.52 6.16
CA PHE A 115 -3.70 3.30 5.93
C PHE A 115 -5.17 3.46 6.31
N VAL A 116 -6.03 3.15 5.36
CA VAL A 116 -7.48 3.33 5.41
C VAL A 116 -8.21 2.01 5.73
N GLY A 117 -7.88 0.92 5.04
CA GLY A 117 -8.51 -0.39 5.30
C GLY A 117 -8.36 -1.46 4.20
N GLY A 118 -8.77 -2.67 4.55
CA GLY A 118 -9.00 -3.79 3.63
C GLY A 118 -10.33 -3.69 2.87
N LEU A 119 -10.50 -4.54 1.86
CA LEU A 119 -11.68 -4.59 0.97
C LEU A 119 -13.04 -4.55 1.69
N ASP A 120 -13.22 -5.35 2.75
CA ASP A 120 -14.44 -5.33 3.56
C ASP A 120 -14.72 -3.93 4.14
N ILE A 121 -13.68 -3.21 4.57
CA ILE A 121 -13.72 -1.88 5.18
C ILE A 121 -14.04 -0.79 4.16
N VAL A 122 -13.36 -0.80 3.00
CA VAL A 122 -13.57 0.16 1.90
C VAL A 122 -15.03 0.10 1.41
N THR A 123 -15.62 -1.10 1.40
CA THR A 123 -17.03 -1.31 1.07
C THR A 123 -17.97 -0.61 2.06
N LYS A 124 -17.66 -0.60 3.37
CA LYS A 124 -18.43 0.13 4.39
C LYS A 124 -18.37 1.64 4.14
N MET A 125 -17.15 2.14 3.89
CA MET A 125 -16.89 3.55 3.65
C MET A 125 -17.62 4.08 2.40
N LEU A 126 -17.70 3.26 1.34
CA LEU A 126 -18.46 3.56 0.12
C LEU A 126 -19.98 3.61 0.40
N GLU A 127 -20.52 2.67 1.17
CA GLU A 127 -21.95 2.62 1.49
C GLU A 127 -22.40 3.69 2.50
N SER A 128 -21.54 4.05 3.47
CA SER A 128 -21.88 4.92 4.62
C SER A 128 -21.32 6.35 4.53
N GLY A 129 -20.65 6.74 3.44
CA GLY A 129 -20.28 8.13 3.15
C GLY A 129 -18.90 8.59 3.66
N ASP A 130 -18.14 7.71 4.33
CA ASP A 130 -16.80 8.01 4.81
C ASP A 130 -15.75 8.12 3.68
N LEU A 131 -15.89 7.35 2.58
CA LEU A 131 -14.98 7.44 1.43
C LEU A 131 -15.12 8.81 0.74
N LYS A 132 -16.37 9.24 0.56
CA LYS A 132 -16.76 10.57 0.06
C LYS A 132 -16.20 11.70 0.93
N LYS A 133 -16.30 11.54 2.25
CA LYS A 133 -15.75 12.48 3.23
C LYS A 133 -14.24 12.66 3.04
N MET A 134 -13.49 11.57 2.87
CA MET A 134 -12.03 11.64 2.68
C MET A 134 -11.63 12.25 1.33
N LEU A 135 -12.20 11.78 0.22
CA LEU A 135 -11.81 12.26 -1.12
C LEU A 135 -12.17 13.74 -1.35
N ARG A 136 -13.33 14.18 -0.83
CA ARG A 136 -13.84 15.54 -1.02
C ARG A 136 -13.03 16.58 -0.22
N ASP A 137 -12.48 16.18 0.92
CA ASP A 137 -11.53 16.99 1.68
C ASP A 137 -10.21 17.23 0.91
N LYS A 138 -9.79 16.27 0.06
CA LYS A 138 -8.61 16.38 -0.81
C LYS A 138 -8.83 17.27 -2.05
N GLY A 139 -10.03 17.85 -2.22
CA GLY A 139 -10.34 18.75 -3.33
C GLY A 139 -10.65 18.03 -4.63
N ILE A 140 -11.10 16.77 -4.56
CA ILE A 140 -11.33 15.92 -5.72
C ILE A 140 -12.84 15.78 -6.01
N THR A 141 -13.23 15.79 -7.28
CA THR A 141 -14.62 15.60 -7.74
C THR A 141 -14.91 14.13 -8.10
N CYS A 142 -15.95 13.57 -7.48
CA CYS A 142 -16.55 12.26 -7.74
C CYS A 142 -18.02 12.38 -8.19
N ARG A 143 -18.64 11.26 -8.58
CA ARG A 143 -20.10 11.15 -8.72
C ARG A 143 -20.83 11.53 -7.42
N ASP A 144 -21.69 12.54 -7.52
CA ASP A 144 -22.64 12.94 -6.46
C ASP A 144 -24.06 12.66 -6.96
N LEU A 145 -24.82 11.84 -6.22
CA LEU A 145 -26.10 11.26 -6.66
C LEU A 145 -27.16 11.32 -5.56
N SER A 4 19.47 16.38 -0.95
CA SER A 4 20.15 17.05 -2.07
C SER A 4 20.72 18.38 -1.63
N THR A 5 22.03 18.61 -1.81
CA THR A 5 22.76 19.80 -1.34
C THR A 5 22.36 21.12 -2.02
N SER A 6 21.70 21.04 -3.18
CA SER A 6 20.97 22.14 -3.82
C SER A 6 19.54 21.75 -4.19
N GLY A 7 18.62 22.72 -4.13
CA GLY A 7 17.28 22.67 -4.76
C GLY A 7 16.11 22.19 -3.89
N ILE A 8 16.36 21.71 -2.66
CA ILE A 8 15.32 21.32 -1.69
C ILE A 8 15.69 21.79 -0.26
N GLY A 9 14.71 21.93 0.63
CA GLY A 9 14.93 22.27 2.04
C GLY A 9 15.51 21.12 2.90
N GLY A 10 15.98 21.46 4.09
CA GLY A 10 16.61 20.53 5.04
C GLY A 10 15.65 19.55 5.73
N ASP A 11 16.12 18.35 6.04
CA ASP A 11 15.32 17.22 6.53
C ASP A 11 16.02 16.49 7.68
N VAL A 12 15.25 16.14 8.73
CA VAL A 12 15.78 15.66 10.02
C VAL A 12 16.68 14.42 9.89
N ARG A 13 17.91 14.50 10.44
CA ARG A 13 18.92 13.44 10.32
C ARG A 13 18.60 12.17 11.12
N ASP A 14 19.09 11.04 10.64
CA ASP A 14 18.70 9.69 11.06
C ASP A 14 19.51 9.17 12.26
N ILE A 15 18.84 8.47 13.18
CA ILE A 15 19.44 7.85 14.37
C ILE A 15 20.54 6.83 14.02
N GLU A 16 21.67 6.89 14.73
CA GLU A 16 22.80 5.97 14.57
C GLU A 16 22.67 4.75 15.51
N GLU A 17 22.55 3.56 14.94
CA GLU A 17 22.24 2.28 15.60
C GLU A 17 23.00 1.12 14.94
N THR A 18 23.10 -0.03 15.63
CA THR A 18 23.79 -1.25 15.15
C THR A 18 22.87 -2.47 15.29
N HIS A 19 22.83 -3.36 14.29
CA HIS A 19 22.15 -4.67 14.39
C HIS A 19 23.12 -5.79 14.81
N PRO A 20 22.73 -6.69 15.73
CA PRO A 20 23.53 -7.85 16.11
C PRO A 20 23.44 -8.98 15.08
N ASP A 21 24.40 -9.91 15.13
CA ASP A 21 24.43 -11.12 14.29
C ASP A 21 23.55 -12.26 14.86
N PHE A 22 23.05 -12.08 16.09
CA PHE A 22 22.04 -12.92 16.71
C PHE A 22 20.89 -12.02 17.18
N GLN A 23 19.73 -12.17 16.53
CA GLN A 23 18.50 -11.41 16.74
C GLN A 23 17.43 -12.27 17.47
N PRO A 24 16.48 -11.66 18.21
CA PRO A 24 15.52 -12.39 19.03
C PRO A 24 14.32 -12.97 18.24
N ARG A 25 13.75 -14.06 18.77
CA ARG A 25 12.51 -14.72 18.35
C ARG A 25 11.39 -14.50 19.36
N LEU A 26 10.15 -14.27 18.89
CA LEU A 26 8.96 -14.18 19.75
C LEU A 26 7.71 -14.76 19.05
N VAL A 27 7.17 -14.07 18.05
CA VAL A 27 6.16 -14.62 17.11
C VAL A 27 6.81 -14.84 15.74
N SER A 28 7.62 -13.88 15.28
CA SER A 28 8.60 -14.03 14.19
C SER A 28 10.04 -13.91 14.72
N ALA A 29 11.01 -14.27 13.87
CA ALA A 29 12.45 -14.20 14.12
C ALA A 29 13.16 -13.17 13.21
N ASP A 30 14.40 -12.83 13.52
CA ASP A 30 15.25 -11.86 12.80
C ASP A 30 14.62 -10.46 12.58
N LEU A 31 14.32 -9.77 13.67
CA LEU A 31 13.95 -8.35 13.69
C LEU A 31 14.60 -7.60 14.87
N ALA A 32 15.09 -6.38 14.63
CA ALA A 32 15.83 -5.58 15.61
C ALA A 32 15.48 -4.08 15.55
N GLU A 33 15.79 -3.34 16.62
CA GLU A 33 15.55 -1.89 16.78
C GLU A 33 16.18 -1.04 15.66
N ASP A 34 17.28 -1.54 15.10
CA ASP A 34 17.99 -0.95 13.95
C ASP A 34 17.10 -0.83 12.70
N GLU A 35 16.25 -1.81 12.41
CA GLU A 35 15.13 -1.70 11.43
C GLU A 35 13.89 -0.95 11.97
N ILE A 36 13.48 -1.20 13.23
CA ILE A 36 12.17 -0.73 13.75
C ILE A 36 12.13 0.80 13.90
N ALA A 37 13.26 1.46 14.19
CA ALA A 37 13.33 2.91 14.37
C ALA A 37 13.60 3.71 13.06
N MET A 38 13.73 3.02 11.92
CA MET A 38 14.09 3.62 10.62
C MET A 38 13.01 3.37 9.55
N VAL A 39 12.54 4.43 8.89
CA VAL A 39 11.78 4.32 7.62
C VAL A 39 12.74 4.25 6.42
N LYS A 40 12.38 3.53 5.36
CA LYS A 40 13.17 3.39 4.11
C LYS A 40 12.73 4.41 3.06
N LYS A 41 13.65 5.25 2.57
CA LYS A 41 13.36 6.42 1.71
C LYS A 41 12.69 6.13 0.37
N ASP A 42 12.95 5.00 -0.28
CA ASP A 42 12.28 4.64 -1.55
C ASP A 42 10.79 4.33 -1.35
N ILE A 43 10.46 3.65 -0.24
CA ILE A 43 9.08 3.35 0.16
C ILE A 43 8.40 4.65 0.62
N ASP A 44 9.06 5.39 1.51
CA ASP A 44 8.53 6.56 2.21
C ASP A 44 8.19 7.71 1.25
N ASP A 45 9.05 7.95 0.25
CA ASP A 45 8.77 8.94 -0.80
C ASP A 45 7.61 8.52 -1.72
N THR A 46 7.40 7.22 -1.98
CA THR A 46 6.32 6.76 -2.86
C THR A 46 4.95 6.93 -2.20
N ILE A 47 4.80 6.51 -0.95
CA ILE A 47 3.54 6.62 -0.19
C ILE A 47 3.12 8.08 0.01
N LYS A 48 4.09 8.99 0.16
CA LYS A 48 3.89 10.45 0.27
C LYS A 48 3.64 11.13 -1.07
N SER A 49 4.26 10.67 -2.15
CA SER A 49 4.13 11.23 -3.51
C SER A 49 2.76 10.91 -4.14
N GLU A 50 2.22 9.71 -3.94
CA GLU A 50 0.90 9.35 -4.48
C GLU A 50 -0.24 9.75 -3.54
N ASP A 51 -1.29 10.38 -4.09
CA ASP A 51 -2.46 10.81 -3.33
C ASP A 51 -3.29 9.61 -2.84
N VAL A 52 -3.41 8.57 -3.67
CA VAL A 52 -4.22 7.36 -3.43
C VAL A 52 -3.52 6.12 -4.01
N VAL A 53 -3.40 5.05 -3.23
CA VAL A 53 -2.76 3.78 -3.62
C VAL A 53 -3.59 2.56 -3.23
N THR A 54 -3.77 1.61 -4.16
CA THR A 54 -4.32 0.27 -3.89
C THR A 54 -3.44 -0.82 -4.52
N PHE A 55 -3.52 -2.03 -3.96
CA PHE A 55 -2.81 -3.20 -4.48
C PHE A 55 -3.76 -4.41 -4.59
N ILE A 56 -3.59 -5.18 -5.67
CA ILE A 56 -4.62 -6.09 -6.24
C ILE A 56 -3.98 -7.40 -6.72
N LYS A 57 -4.77 -8.49 -6.79
CA LYS A 57 -4.48 -9.63 -7.67
C LYS A 57 -4.69 -9.20 -9.14
N GLY A 58 -3.62 -8.94 -9.89
CA GLY A 58 -3.73 -8.52 -11.29
C GLY A 58 -4.02 -7.02 -11.49
N LEU A 59 -4.80 -6.71 -12.52
CA LEU A 59 -5.05 -5.35 -13.03
C LEU A 59 -6.47 -4.85 -12.67
N PRO A 60 -6.73 -3.53 -12.58
CA PRO A 60 -8.10 -3.03 -12.50
C PRO A 60 -8.92 -3.35 -13.76
N GLU A 61 -8.30 -3.40 -14.94
CA GLU A 61 -8.92 -3.85 -16.20
C GLU A 61 -9.09 -5.39 -16.28
N ALA A 62 -8.23 -6.14 -15.58
CA ALA A 62 -8.20 -7.60 -15.57
C ALA A 62 -7.83 -8.17 -14.18
N PRO A 63 -8.77 -8.17 -13.21
CA PRO A 63 -8.54 -8.69 -11.86
C PRO A 63 -8.56 -10.22 -11.83
N MET A 64 -7.71 -10.79 -10.97
CA MET A 64 -7.43 -12.23 -10.85
C MET A 64 -8.02 -12.88 -9.58
N CYS A 65 -8.89 -12.16 -8.87
CA CYS A 65 -9.62 -12.64 -7.70
C CYS A 65 -10.99 -11.97 -7.62
N ALA A 66 -12.01 -12.69 -7.12
CA ALA A 66 -13.36 -12.14 -6.96
C ALA A 66 -13.38 -10.92 -6.04
N TYR A 67 -12.68 -10.99 -4.90
CA TYR A 67 -12.60 -9.90 -3.93
C TYR A 67 -11.75 -8.72 -4.45
N SER A 68 -10.80 -8.99 -5.35
CA SER A 68 -10.13 -7.96 -6.15
C SER A 68 -11.06 -7.29 -7.17
N LYS A 69 -11.97 -8.02 -7.82
CA LYS A 69 -12.98 -7.47 -8.74
C LYS A 69 -13.99 -6.56 -8.02
N ARG A 70 -14.40 -6.94 -6.80
CA ARG A 70 -15.26 -6.14 -5.90
C ARG A 70 -14.65 -4.78 -5.54
N MET A 71 -13.31 -4.71 -5.43
CA MET A 71 -12.60 -3.45 -5.17
C MET A 71 -12.82 -2.43 -6.30
N ILE A 72 -12.77 -2.87 -7.57
CA ILE A 72 -13.00 -2.01 -8.74
C ILE A 72 -14.47 -1.57 -8.84
N ASP A 73 -15.40 -2.45 -8.44
CA ASP A 73 -16.85 -2.20 -8.43
C ASP A 73 -17.20 -0.94 -7.60
N VAL A 74 -16.53 -0.75 -6.45
CA VAL A 74 -16.61 0.46 -5.60
C VAL A 74 -16.06 1.70 -6.31
N LEU A 75 -14.92 1.58 -7.01
CA LEU A 75 -14.32 2.69 -7.75
C LEU A 75 -15.23 3.17 -8.91
N GLU A 76 -15.90 2.26 -9.59
CA GLU A 76 -16.90 2.59 -10.63
C GLU A 76 -18.18 3.20 -10.03
N ALA A 77 -18.57 2.82 -8.81
CA ALA A 77 -19.71 3.42 -8.12
C ALA A 77 -19.46 4.90 -7.76
N LEU A 78 -18.22 5.27 -7.43
CA LEU A 78 -17.79 6.67 -7.23
C LEU A 78 -17.36 7.37 -8.53
N GLY A 79 -17.15 6.59 -9.60
CA GLY A 79 -16.68 7.04 -10.92
C GLY A 79 -15.24 7.57 -10.92
N LEU A 80 -14.46 7.30 -9.86
CA LEU A 80 -13.04 7.69 -9.75
C LEU A 80 -12.08 6.51 -9.77
N GLU A 81 -11.03 6.59 -10.57
CA GLU A 81 -9.89 5.67 -10.56
C GLU A 81 -8.59 6.33 -10.04
N TYR A 82 -7.69 5.48 -9.56
CA TYR A 82 -6.52 5.77 -8.71
C TYR A 82 -5.34 4.82 -9.06
N THR A 83 -4.14 5.05 -8.52
CA THR A 83 -2.93 4.36 -9.01
C THR A 83 -2.80 3.00 -8.30
N SER A 84 -2.72 1.97 -9.13
CA SER A 84 -3.07 0.60 -8.78
C SER A 84 -1.96 -0.38 -9.18
N PHE A 85 -1.58 -1.28 -8.27
CA PHE A 85 -0.45 -2.19 -8.48
C PHE A 85 -0.84 -3.67 -8.40
N ASP A 86 -0.22 -4.51 -9.24
CA ASP A 86 -0.35 -5.96 -9.20
C ASP A 86 0.70 -6.56 -8.25
N VAL A 87 0.24 -7.28 -7.23
CA VAL A 87 1.11 -7.98 -6.25
C VAL A 87 1.89 -9.14 -6.87
N LEU A 88 1.44 -9.67 -8.01
CA LEU A 88 2.00 -10.84 -8.68
C LEU A 88 3.13 -10.51 -9.68
N ALA A 89 3.19 -9.30 -10.25
CA ALA A 89 4.02 -9.05 -11.43
C ALA A 89 5.50 -8.70 -11.12
N HIS A 90 5.74 -8.03 -9.99
CA HIS A 90 7.06 -7.49 -9.62
C HIS A 90 7.21 -7.51 -8.08
N PRO A 91 8.43 -7.66 -7.52
CA PRO A 91 8.63 -7.81 -6.08
C PRO A 91 8.42 -6.51 -5.27
N VAL A 92 8.22 -5.35 -5.92
CA VAL A 92 8.07 -4.06 -5.24
C VAL A 92 6.89 -4.02 -4.25
N VAL A 93 5.74 -4.62 -4.59
CA VAL A 93 4.55 -4.54 -3.72
C VAL A 93 4.73 -5.40 -2.47
N ARG A 94 5.19 -6.65 -2.58
CA ARG A 94 5.57 -7.49 -1.42
C ARG A 94 6.69 -6.88 -0.57
N SER A 95 7.59 -6.11 -1.18
CA SER A 95 8.67 -5.38 -0.48
C SER A 95 8.17 -4.23 0.38
N TYR A 96 7.26 -3.40 -0.12
CA TYR A 96 6.63 -2.30 0.63
C TYR A 96 5.52 -2.75 1.60
N VAL A 97 4.66 -3.70 1.23
CA VAL A 97 3.34 -3.88 1.87
C VAL A 97 3.41 -4.24 3.35
N LYS A 98 4.30 -5.14 3.76
CA LYS A 98 4.37 -5.59 5.16
C LYS A 98 4.90 -4.47 6.06
N GLU A 99 5.82 -3.68 5.52
CA GLU A 99 6.36 -2.45 6.10
C GLU A 99 5.33 -1.31 6.19
N VAL A 100 4.53 -1.08 5.15
CA VAL A 100 3.53 0.01 5.09
C VAL A 100 2.24 -0.32 5.84
N SER A 101 1.78 -1.57 5.83
CA SER A 101 0.48 -1.98 6.40
C SER A 101 0.52 -2.67 7.76
N GLU A 102 1.72 -2.85 8.34
CA GLU A 102 2.02 -3.64 9.56
C GLU A 102 1.73 -5.16 9.47
N TRP A 103 0.74 -5.59 8.70
CA TRP A 103 0.51 -6.99 8.32
C TRP A 103 -0.22 -7.08 6.96
N PRO A 104 0.16 -8.00 6.04
CA PRO A 104 -0.48 -8.11 4.73
C PRO A 104 -1.96 -8.54 4.82
N THR A 105 -2.88 -7.81 4.19
CA THR A 105 -4.21 -8.30 3.76
C THR A 105 -4.57 -7.74 2.38
N ILE A 106 -5.20 -8.53 1.50
CA ILE A 106 -5.46 -8.18 0.09
C ILE A 106 -6.97 -8.25 -0.22
N PRO A 107 -7.55 -7.27 -0.94
CA PRO A 107 -6.99 -5.96 -1.32
C PRO A 107 -7.11 -4.93 -0.17
N GLN A 108 -6.37 -3.83 -0.28
CA GLN A 108 -6.35 -2.72 0.69
C GLN A 108 -6.23 -1.36 0.00
N LEU A 109 -6.61 -0.30 0.71
CA LEU A 109 -6.51 1.09 0.25
C LEU A 109 -5.82 2.03 1.25
N PHE A 110 -5.01 2.92 0.69
CA PHE A 110 -4.25 3.97 1.37
C PHE A 110 -4.48 5.33 0.70
N ILE A 111 -4.54 6.39 1.50
CA ILE A 111 -4.66 7.79 1.03
C ILE A 111 -3.62 8.65 1.78
N LYS A 112 -2.81 9.41 1.04
CA LYS A 112 -1.77 10.34 1.56
C LYS A 112 -0.86 9.76 2.65
N ALA A 113 -0.29 8.57 2.41
CA ALA A 113 0.56 7.83 3.36
C ALA A 113 -0.12 7.42 4.70
N GLU A 114 -1.45 7.39 4.77
CA GLU A 114 -2.25 6.97 5.92
C GLU A 114 -3.20 5.81 5.51
N PHE A 115 -3.49 4.89 6.43
CA PHE A 115 -4.33 3.74 6.16
C PHE A 115 -5.82 4.03 6.33
N VAL A 116 -6.57 3.74 5.28
CA VAL A 116 -8.01 3.96 5.18
C VAL A 116 -8.78 2.67 5.44
N GLY A 117 -8.36 1.56 4.83
CA GLY A 117 -8.82 0.22 5.24
C GLY A 117 -8.70 -0.90 4.22
N GLY A 118 -9.12 -2.10 4.66
CA GLY A 118 -9.36 -3.27 3.81
C GLY A 118 -10.68 -3.20 3.04
N LEU A 119 -10.89 -4.14 2.12
CA LEU A 119 -12.12 -4.27 1.32
C LEU A 119 -13.42 -4.18 2.14
N ASP A 120 -13.51 -4.88 3.29
CA ASP A 120 -14.69 -4.86 4.17
C ASP A 120 -14.89 -3.52 4.90
N ILE A 121 -13.85 -2.69 4.97
CA ILE A 121 -13.91 -1.29 5.42
C ILE A 121 -14.33 -0.37 4.25
N VAL A 122 -13.73 -0.56 3.07
CA VAL A 122 -13.99 0.21 1.85
C VAL A 122 -15.45 0.08 1.39
N THR A 123 -16.02 -1.13 1.40
CA THR A 123 -17.45 -1.33 1.12
C THR A 123 -18.34 -0.68 2.18
N LYS A 124 -17.94 -0.72 3.45
CA LYS A 124 -18.64 -0.07 4.56
C LYS A 124 -18.66 1.45 4.41
N MET A 125 -17.52 2.04 4.02
CA MET A 125 -17.39 3.47 3.74
C MET A 125 -18.18 3.89 2.49
N LEU A 126 -18.25 3.04 1.46
CA LEU A 126 -19.03 3.27 0.23
C LEU A 126 -20.55 3.20 0.50
N GLU A 127 -21.01 2.19 1.23
CA GLU A 127 -22.42 1.99 1.61
C GLU A 127 -22.93 3.05 2.61
N SER A 128 -22.02 3.74 3.31
CA SER A 128 -22.31 4.78 4.31
C SER A 128 -22.05 6.21 3.85
N GLY A 129 -21.43 6.43 2.68
CA GLY A 129 -21.03 7.76 2.18
C GLY A 129 -19.75 8.33 2.79
N ASP A 130 -19.11 7.62 3.71
CA ASP A 130 -17.93 8.08 4.47
C ASP A 130 -16.70 8.24 3.56
N LEU A 131 -16.54 7.40 2.54
CA LEU A 131 -15.38 7.44 1.63
C LEU A 131 -15.30 8.80 0.90
N LYS A 132 -16.48 9.30 0.52
CA LYS A 132 -16.73 10.61 -0.08
C LYS A 132 -16.42 11.78 0.85
N LYS A 133 -16.60 11.64 2.16
CA LYS A 133 -16.21 12.69 3.13
C LYS A 133 -14.70 12.99 3.05
N MET A 134 -13.85 11.95 3.06
CA MET A 134 -12.39 12.10 3.02
C MET A 134 -11.84 12.58 1.69
N LEU A 135 -12.36 12.09 0.56
CA LEU A 135 -11.92 12.55 -0.77
C LEU A 135 -12.28 14.03 -0.99
N ARG A 136 -13.45 14.48 -0.50
CA ARG A 136 -13.89 15.87 -0.64
C ARG A 136 -13.10 16.83 0.25
N ASP A 137 -12.70 16.39 1.45
CA ASP A 137 -11.73 17.11 2.28
C ASP A 137 -10.35 17.23 1.61
N LYS A 138 -9.98 16.26 0.76
CA LYS A 138 -8.73 16.32 -0.03
C LYS A 138 -8.82 17.24 -1.27
N GLY A 139 -9.99 17.84 -1.52
CA GLY A 139 -10.25 18.75 -2.64
C GLY A 139 -10.80 18.10 -3.91
N ILE A 140 -11.13 16.80 -3.85
CA ILE A 140 -11.48 15.96 -5.01
C ILE A 140 -12.99 16.02 -5.29
N THR A 141 -13.38 15.91 -6.57
CA THR A 141 -14.78 15.74 -6.99
C THR A 141 -15.03 14.31 -7.45
N CYS A 142 -16.04 13.65 -6.88
CA CYS A 142 -16.56 12.33 -7.28
C CYS A 142 -17.98 12.43 -7.87
N ARG A 143 -18.46 11.36 -8.50
CA ARG A 143 -19.84 11.22 -8.96
C ARG A 143 -20.82 11.11 -7.78
N ASP A 144 -22.10 11.38 -8.03
CA ASP A 144 -23.17 11.12 -7.07
C ASP A 144 -23.50 9.61 -7.00
N LEU A 145 -23.88 9.14 -5.81
CA LEU A 145 -24.12 7.72 -5.50
C LEU A 145 -25.53 7.28 -5.90
N SER A 4 26.03 18.95 20.86
CA SER A 4 27.31 19.64 20.99
C SER A 4 27.24 20.68 22.10
N THR A 5 27.76 20.35 23.28
CA THR A 5 27.67 21.19 24.49
C THR A 5 28.41 22.53 24.42
N SER A 6 29.33 22.72 23.46
CA SER A 6 30.02 23.98 23.14
C SER A 6 29.77 24.48 21.70
N GLY A 7 28.83 23.85 21.00
CA GLY A 7 28.48 24.15 19.61
C GLY A 7 29.37 23.51 18.53
N ILE A 8 30.51 22.94 18.92
CA ILE A 8 31.44 22.22 18.01
C ILE A 8 31.68 20.80 18.54
N GLY A 9 31.43 19.79 17.70
CA GLY A 9 31.52 18.37 18.03
C GLY A 9 31.74 17.46 16.81
N GLY A 10 31.80 16.16 17.07
CA GLY A 10 32.26 15.12 16.13
C GLY A 10 31.43 14.99 14.85
N ASP A 11 32.11 14.62 13.77
CA ASP A 11 31.52 14.36 12.45
C ASP A 11 30.61 13.12 12.42
N VAL A 12 29.50 13.21 11.69
CA VAL A 12 28.52 12.11 11.57
C VAL A 12 29.10 10.90 10.82
N ARG A 13 28.77 9.68 11.27
CA ARG A 13 29.05 8.39 10.60
C ARG A 13 27.78 7.60 10.32
N ASP A 14 27.88 6.57 9.47
CA ASP A 14 26.87 5.52 9.31
C ASP A 14 27.27 4.20 9.98
N ILE A 15 26.29 3.48 10.52
CA ILE A 15 26.45 2.20 11.23
C ILE A 15 25.70 1.11 10.46
N GLU A 16 26.24 -0.10 10.40
CA GLU A 16 25.73 -1.19 9.54
C GLU A 16 25.23 -2.42 10.32
N GLU A 17 24.27 -3.13 9.74
CA GLU A 17 23.88 -4.49 10.11
C GLU A 17 24.92 -5.50 9.57
N THR A 18 25.06 -6.64 10.23
CA THR A 18 26.07 -7.70 10.00
C THR A 18 26.22 -8.18 8.55
N HIS A 19 25.15 -8.08 7.76
CA HIS A 19 24.99 -8.72 6.46
C HIS A 19 25.95 -8.17 5.37
N PRO A 20 26.21 -8.95 4.29
CA PRO A 20 26.73 -8.40 3.04
C PRO A 20 25.68 -7.49 2.36
N ASP A 21 26.07 -6.81 1.29
CA ASP A 21 25.12 -6.12 0.39
C ASP A 21 24.88 -6.85 -0.95
N PHE A 22 25.56 -7.98 -1.21
CA PHE A 22 25.15 -8.93 -2.25
C PHE A 22 24.01 -9.82 -1.72
N GLN A 23 22.85 -9.79 -2.36
CA GLN A 23 21.65 -10.48 -1.87
C GLN A 23 21.60 -11.98 -2.26
N PRO A 24 21.13 -12.86 -1.36
CA PRO A 24 21.13 -14.31 -1.55
C PRO A 24 20.04 -14.84 -2.49
N ARG A 25 20.34 -15.99 -3.11
CA ARG A 25 19.37 -16.90 -3.74
C ARG A 25 18.61 -17.73 -2.70
N LEU A 26 17.28 -17.76 -2.81
CA LEU A 26 16.35 -18.43 -1.88
C LEU A 26 15.19 -19.10 -2.64
N VAL A 27 14.60 -20.15 -2.08
CA VAL A 27 13.46 -20.88 -2.66
C VAL A 27 12.13 -20.21 -2.24
N SER A 28 12.06 -19.70 -1.02
CA SER A 28 11.02 -18.81 -0.48
C SER A 28 11.62 -17.43 -0.19
N ALA A 29 11.05 -16.37 -0.79
CA ALA A 29 11.65 -15.04 -0.76
C ALA A 29 11.25 -14.21 0.48
N ASP A 30 12.14 -14.09 1.45
CA ASP A 30 12.03 -13.14 2.57
C ASP A 30 13.00 -11.95 2.40
N LEU A 31 12.67 -10.81 3.02
CA LEU A 31 13.58 -9.70 3.25
C LEU A 31 14.61 -10.10 4.32
N ALA A 32 15.87 -9.70 4.15
CA ALA A 32 16.88 -9.86 5.19
C ALA A 32 16.73 -8.79 6.30
N GLU A 33 17.32 -9.00 7.47
CA GLU A 33 17.28 -8.02 8.58
C GLU A 33 17.78 -6.63 8.15
N ASP A 34 18.88 -6.60 7.38
CA ASP A 34 19.45 -5.37 6.80
C ASP A 34 18.50 -4.69 5.78
N GLU A 35 17.67 -5.46 5.07
CA GLU A 35 16.62 -4.95 4.19
C GLU A 35 15.39 -4.39 4.93
N ILE A 36 14.91 -5.05 5.99
CA ILE A 36 13.63 -4.74 6.64
C ILE A 36 13.74 -3.76 7.82
N ALA A 37 14.89 -3.70 8.50
CA ALA A 37 15.12 -2.75 9.58
C ALA A 37 15.46 -1.33 9.08
N MET A 38 15.61 -1.14 7.76
CA MET A 38 15.96 0.11 7.09
C MET A 38 14.89 0.55 6.08
N VAL A 39 14.67 1.86 5.98
CA VAL A 39 13.64 2.48 5.11
C VAL A 39 14.13 2.76 3.69
N LYS A 40 13.22 2.74 2.71
CA LYS A 40 13.48 3.07 1.30
C LYS A 40 12.97 4.46 0.95
N LYS A 41 13.89 5.42 0.79
CA LYS A 41 13.60 6.83 0.48
C LYS A 41 12.72 7.00 -0.77
N ASP A 42 12.95 6.21 -1.82
CA ASP A 42 12.23 6.33 -3.09
C ASP A 42 10.76 5.87 -2.98
N ILE A 43 10.51 4.83 -2.18
CA ILE A 43 9.18 4.28 -1.89
C ILE A 43 8.42 5.20 -0.92
N ASP A 44 9.08 5.65 0.16
CA ASP A 44 8.52 6.57 1.14
C ASP A 44 8.07 7.90 0.50
N ASP A 45 8.86 8.40 -0.46
CA ASP A 45 8.50 9.55 -1.30
C ASP A 45 7.38 9.23 -2.31
N THR A 46 7.24 7.98 -2.78
CA THR A 46 6.17 7.58 -3.72
C THR A 46 4.80 7.56 -3.04
N ILE A 47 4.70 6.93 -1.86
CA ILE A 47 3.43 6.86 -1.09
C ILE A 47 2.93 8.26 -0.72
N LYS A 48 3.85 9.20 -0.46
CA LYS A 48 3.59 10.62 -0.19
C LYS A 48 3.29 11.45 -1.44
N SER A 49 3.92 11.13 -2.58
CA SER A 49 3.70 11.82 -3.87
C SER A 49 2.31 11.53 -4.44
N GLU A 50 1.80 10.31 -4.29
CA GLU A 50 0.47 9.92 -4.75
C GLU A 50 -0.61 10.25 -3.70
N ASP A 51 -1.72 10.86 -4.13
CA ASP A 51 -2.80 11.24 -3.20
C ASP A 51 -3.69 10.04 -2.82
N VAL A 52 -3.79 9.02 -3.68
CA VAL A 52 -4.46 7.73 -3.37
C VAL A 52 -3.71 6.55 -3.98
N VAL A 53 -3.45 5.51 -3.19
CA VAL A 53 -2.70 4.29 -3.59
C VAL A 53 -3.42 3.01 -3.14
N THR A 54 -3.50 2.02 -4.04
CA THR A 54 -4.01 0.68 -3.74
C THR A 54 -3.11 -0.40 -4.35
N PHE A 55 -3.17 -1.59 -3.74
CA PHE A 55 -2.57 -2.78 -4.30
C PHE A 55 -3.57 -3.94 -4.38
N ILE A 56 -3.48 -4.70 -5.49
CA ILE A 56 -4.50 -5.63 -5.97
C ILE A 56 -3.85 -6.97 -6.35
N LYS A 57 -4.65 -8.04 -6.40
CA LYS A 57 -4.34 -9.24 -7.18
C LYS A 57 -4.59 -8.96 -8.67
N GLY A 58 -3.54 -8.77 -9.48
CA GLY A 58 -3.67 -8.39 -10.89
C GLY A 58 -3.80 -6.87 -11.12
N LEU A 59 -4.36 -6.50 -12.27
CA LEU A 59 -4.60 -5.12 -12.68
C LEU A 59 -6.04 -4.67 -12.33
N PRO A 60 -6.35 -3.36 -12.22
CA PRO A 60 -7.73 -2.89 -12.13
C PRO A 60 -8.56 -3.23 -13.38
N GLU A 61 -7.94 -3.25 -14.56
CA GLU A 61 -8.53 -3.69 -15.83
C GLU A 61 -8.51 -5.22 -16.05
N ALA A 62 -7.73 -5.94 -15.24
CA ALA A 62 -7.61 -7.41 -15.27
C ALA A 62 -7.34 -8.02 -13.87
N PRO A 63 -8.34 -8.04 -12.97
CA PRO A 63 -8.14 -8.55 -11.61
C PRO A 63 -8.14 -10.09 -11.57
N MET A 64 -7.28 -10.65 -10.72
CA MET A 64 -7.02 -12.09 -10.54
C MET A 64 -7.90 -12.74 -9.44
N CYS A 65 -8.81 -11.96 -8.82
CA CYS A 65 -9.60 -12.37 -7.65
C CYS A 65 -10.95 -11.62 -7.59
N ALA A 66 -12.02 -12.27 -7.10
CA ALA A 66 -13.33 -11.64 -6.93
C ALA A 66 -13.33 -10.55 -5.85
N TYR A 67 -12.64 -10.77 -4.72
CA TYR A 67 -12.47 -9.74 -3.68
C TYR A 67 -11.66 -8.53 -4.19
N SER A 68 -10.76 -8.76 -5.15
CA SER A 68 -10.08 -7.68 -5.89
C SER A 68 -11.05 -6.93 -6.81
N LYS A 69 -11.89 -7.64 -7.60
CA LYS A 69 -12.91 -7.01 -8.46
C LYS A 69 -13.89 -6.13 -7.68
N ARG A 70 -14.36 -6.58 -6.51
CA ARG A 70 -15.31 -5.83 -5.66
C ARG A 70 -14.79 -4.43 -5.26
N MET A 71 -13.48 -4.25 -5.11
CA MET A 71 -12.89 -2.90 -4.91
C MET A 71 -12.97 -2.04 -6.17
N ILE A 72 -12.68 -2.59 -7.35
CA ILE A 72 -12.75 -1.83 -8.62
C ILE A 72 -14.21 -1.51 -8.99
N ASP A 73 -15.17 -2.37 -8.61
CA ASP A 73 -16.61 -2.09 -8.67
C ASP A 73 -17.02 -0.92 -7.76
N VAL A 74 -16.34 -0.77 -6.62
CA VAL A 74 -16.53 0.35 -5.69
C VAL A 74 -15.93 1.65 -6.25
N LEU A 75 -14.76 1.58 -6.88
CA LEU A 75 -14.15 2.69 -7.63
C LEU A 75 -15.01 3.09 -8.84
N GLU A 76 -15.66 2.13 -9.50
CA GLU A 76 -16.66 2.37 -10.54
C GLU A 76 -17.94 3.03 -10.00
N ALA A 77 -18.37 2.70 -8.78
CA ALA A 77 -19.53 3.33 -8.17
C ALA A 77 -19.28 4.84 -7.90
N LEU A 78 -18.05 5.21 -7.55
CA LEU A 78 -17.64 6.60 -7.34
C LEU A 78 -17.29 7.35 -8.64
N GLY A 79 -17.09 6.64 -9.75
CA GLY A 79 -16.59 7.20 -11.02
C GLY A 79 -15.15 7.72 -10.98
N LEU A 80 -14.43 7.47 -9.89
CA LEU A 80 -13.01 7.78 -9.69
C LEU A 80 -12.16 6.50 -9.62
N GLU A 81 -11.06 6.41 -10.35
CA GLU A 81 -10.06 5.33 -10.15
C GLU A 81 -8.71 5.86 -9.68
N TYR A 82 -7.98 5.05 -8.91
CA TYR A 82 -6.79 5.43 -8.14
C TYR A 82 -5.55 4.59 -8.49
N THR A 83 -4.37 4.93 -7.96
CA THR A 83 -3.10 4.46 -8.51
C THR A 83 -2.75 3.10 -7.95
N SER A 84 -2.60 2.13 -8.87
CA SER A 84 -2.82 0.70 -8.60
C SER A 84 -1.60 -0.15 -8.95
N PHE A 85 -1.22 -1.05 -8.04
CA PHE A 85 -0.08 -1.96 -8.20
C PHE A 85 -0.45 -3.43 -7.98
N ASP A 86 0.15 -4.32 -8.77
CA ASP A 86 -0.15 -5.75 -8.82
C ASP A 86 0.80 -6.56 -7.92
N VAL A 87 0.25 -7.24 -6.91
CA VAL A 87 1.02 -8.05 -5.94
C VAL A 87 1.65 -9.31 -6.55
N LEU A 88 1.12 -9.80 -7.68
CA LEU A 88 1.67 -10.95 -8.40
C LEU A 88 2.75 -10.56 -9.42
N ALA A 89 2.77 -9.31 -9.90
CA ALA A 89 3.75 -8.86 -10.89
C ALA A 89 4.98 -8.16 -10.29
N HIS A 90 4.83 -7.39 -9.20
CA HIS A 90 5.91 -6.60 -8.62
C HIS A 90 6.13 -6.94 -7.13
N PRO A 91 7.23 -7.62 -6.76
CA PRO A 91 7.57 -7.94 -5.36
C PRO A 91 7.62 -6.76 -4.38
N VAL A 92 7.76 -5.52 -4.84
CA VAL A 92 7.70 -4.32 -3.98
C VAL A 92 6.41 -4.25 -3.13
N VAL A 93 5.29 -4.75 -3.65
CA VAL A 93 3.99 -4.70 -2.96
C VAL A 93 3.97 -5.65 -1.75
N ARG A 94 4.29 -6.94 -1.93
CA ARG A 94 4.30 -7.94 -0.84
C ARG A 94 5.38 -7.62 0.21
N SER A 95 6.44 -6.91 -0.16
CA SER A 95 7.42 -6.33 0.76
C SER A 95 6.86 -5.16 1.59
N TYR A 96 6.23 -4.15 0.96
CA TYR A 96 5.76 -2.98 1.72
C TYR A 96 4.56 -3.32 2.63
N VAL A 97 3.64 -4.19 2.18
CA VAL A 97 2.50 -4.65 3.01
C VAL A 97 2.96 -5.50 4.21
N LYS A 98 4.02 -6.30 4.06
CA LYS A 98 4.63 -7.07 5.16
C LYS A 98 5.19 -6.14 6.24
N GLU A 99 5.78 -5.00 5.85
CA GLU A 99 6.26 -3.98 6.79
C GLU A 99 5.13 -3.15 7.42
N VAL A 100 4.19 -2.64 6.62
CA VAL A 100 3.17 -1.66 7.06
C VAL A 100 1.94 -2.28 7.71
N SER A 101 1.38 -3.37 7.17
CA SER A 101 0.11 -3.95 7.65
C SER A 101 0.28 -5.17 8.58
N GLU A 102 1.52 -5.61 8.84
CA GLU A 102 1.94 -6.81 9.60
C GLU A 102 1.50 -8.17 8.98
N TRP A 103 0.35 -8.22 8.33
CA TRP A 103 -0.27 -9.38 7.72
C TRP A 103 -1.01 -8.98 6.43
N PRO A 104 -0.90 -9.73 5.30
CA PRO A 104 -1.44 -9.30 4.03
C PRO A 104 -2.94 -9.66 3.89
N THR A 105 -3.74 -8.65 3.56
CA THR A 105 -5.14 -8.76 3.10
C THR A 105 -5.27 -7.92 1.84
N ILE A 106 -5.65 -8.53 0.72
CA ILE A 106 -5.69 -7.88 -0.60
C ILE A 106 -7.15 -7.80 -1.10
N PRO A 107 -7.56 -6.70 -1.74
CA PRO A 107 -6.86 -5.43 -1.85
C PRO A 107 -6.92 -4.57 -0.57
N GLN A 108 -5.97 -3.65 -0.44
CA GLN A 108 -5.89 -2.63 0.62
C GLN A 108 -5.70 -1.22 0.01
N LEU A 109 -6.16 -0.19 0.73
CA LEU A 109 -6.19 1.21 0.29
C LEU A 109 -5.55 2.17 1.30
N PHE A 110 -4.82 3.13 0.73
CA PHE A 110 -4.13 4.22 1.43
C PHE A 110 -4.44 5.55 0.75
N ILE A 111 -4.58 6.62 1.53
CA ILE A 111 -4.79 8.00 1.03
C ILE A 111 -3.68 8.88 1.62
N LYS A 112 -2.90 9.54 0.75
CA LYS A 112 -1.75 10.41 1.07
C LYS A 112 -0.81 9.83 2.15
N ALA A 113 -0.33 8.60 1.92
CA ALA A 113 0.53 7.83 2.83
C ALA A 113 -0.04 7.52 4.24
N GLU A 114 -1.37 7.49 4.41
CA GLU A 114 -2.04 7.09 5.65
C GLU A 114 -3.07 5.98 5.36
N PHE A 115 -3.23 5.01 6.27
CA PHE A 115 -4.00 3.79 6.02
C PHE A 115 -5.50 3.97 6.23
N VAL A 116 -6.24 3.62 5.19
CA VAL A 116 -7.70 3.78 5.10
C VAL A 116 -8.40 2.43 5.34
N GLY A 117 -7.96 1.34 4.69
CA GLY A 117 -8.38 -0.01 5.07
C GLY A 117 -8.29 -1.08 3.98
N GLY A 118 -8.62 -2.32 4.36
CA GLY A 118 -8.84 -3.44 3.44
C GLY A 118 -10.20 -3.41 2.72
N LEU A 119 -10.40 -4.31 1.76
CA LEU A 119 -11.64 -4.53 1.01
C LEU A 119 -12.90 -4.55 1.89
N ASP A 120 -12.88 -5.28 3.01
CA ASP A 120 -14.01 -5.35 3.94
C ASP A 120 -14.32 -3.98 4.57
N ILE A 121 -13.33 -3.10 4.75
CA ILE A 121 -13.47 -1.74 5.32
C ILE A 121 -13.94 -0.75 4.24
N VAL A 122 -13.29 -0.78 3.07
CA VAL A 122 -13.54 0.14 1.94
C VAL A 122 -14.96 -0.02 1.42
N THR A 123 -15.49 -1.24 1.41
CA THR A 123 -16.90 -1.51 1.08
C THR A 123 -17.85 -0.77 2.03
N LYS A 124 -17.58 -0.74 3.35
CA LYS A 124 -18.40 0.02 4.31
C LYS A 124 -18.29 1.52 4.07
N MET A 125 -17.07 2.01 3.84
CA MET A 125 -16.80 3.43 3.59
C MET A 125 -17.53 3.93 2.34
N LEU A 126 -17.64 3.12 1.28
CA LEU A 126 -18.48 3.40 0.11
C LEU A 126 -19.98 3.28 0.40
N GLU A 127 -20.43 2.21 1.07
CA GLU A 127 -21.85 1.95 1.35
C GLU A 127 -22.46 2.94 2.36
N SER A 128 -21.63 3.60 3.18
CA SER A 128 -22.01 4.65 4.13
C SER A 128 -21.63 6.07 3.68
N GLY A 129 -20.66 6.24 2.78
CA GLY A 129 -20.24 7.56 2.28
C GLY A 129 -19.07 8.22 3.04
N ASP A 130 -18.39 7.51 3.95
CA ASP A 130 -17.19 8.02 4.62
C ASP A 130 -16.03 8.23 3.62
N LEU A 131 -15.96 7.41 2.57
CA LEU A 131 -15.00 7.58 1.46
C LEU A 131 -15.24 8.93 0.74
N LYS A 132 -16.52 9.24 0.46
CA LYS A 132 -16.93 10.53 -0.12
C LYS A 132 -16.63 11.69 0.84
N LYS A 133 -16.87 11.52 2.14
CA LYS A 133 -16.63 12.56 3.15
C LYS A 133 -15.17 13.03 3.11
N MET A 134 -14.22 12.09 3.02
CA MET A 134 -12.78 12.42 2.92
C MET A 134 -12.40 13.04 1.57
N LEU A 135 -12.76 12.40 0.45
CA LEU A 135 -12.35 12.85 -0.89
C LEU A 135 -12.93 14.24 -1.23
N ARG A 136 -14.17 14.48 -0.79
CA ARG A 136 -14.88 15.75 -0.98
C ARG A 136 -14.25 16.89 -0.19
N ASP A 137 -13.77 16.64 1.04
CA ASP A 137 -12.99 17.63 1.80
C ASP A 137 -11.63 17.91 1.14
N LYS A 138 -11.07 16.93 0.42
CA LYS A 138 -9.79 17.00 -0.33
C LYS A 138 -9.90 17.69 -1.69
N GLY A 139 -11.08 18.26 -2.01
CA GLY A 139 -11.32 19.05 -3.23
C GLY A 139 -11.71 18.22 -4.44
N ILE A 140 -12.00 16.93 -4.25
CA ILE A 140 -12.22 15.96 -5.32
C ILE A 140 -13.74 15.76 -5.54
N THR A 141 -14.17 15.50 -6.78
CA THR A 141 -15.59 15.32 -7.14
C THR A 141 -15.87 13.86 -7.57
N CYS A 142 -16.77 13.18 -6.86
CA CYS A 142 -17.25 11.83 -7.21
C CYS A 142 -18.74 11.85 -7.61
N ARG A 143 -19.21 10.74 -8.20
CA ARG A 143 -20.65 10.46 -8.39
C ARG A 143 -21.37 10.50 -7.04
N ASP A 144 -22.60 10.98 -7.02
CA ASP A 144 -23.42 11.11 -5.81
C ASP A 144 -24.33 9.89 -5.60
N LEU A 145 -24.32 9.36 -4.36
CA LEU A 145 -25.16 8.26 -3.88
C LEU A 145 -25.96 8.67 -2.63
N SER A 4 15.42 28.49 -3.67
CA SER A 4 16.27 28.03 -2.56
C SER A 4 17.43 28.98 -2.31
N THR A 5 17.28 29.93 -1.37
CA THR A 5 18.26 31.01 -1.11
C THR A 5 19.58 30.57 -0.45
N SER A 6 19.60 29.44 0.28
CA SER A 6 20.86 28.80 0.73
C SER A 6 20.71 27.32 1.13
N GLY A 7 19.67 26.99 1.93
CA GLY A 7 19.34 25.62 2.34
C GLY A 7 20.29 24.96 3.35
N ILE A 8 21.26 25.69 3.90
CA ILE A 8 22.40 25.14 4.67
C ILE A 8 22.07 24.95 6.16
N GLY A 9 22.65 23.93 6.80
CA GLY A 9 22.43 23.62 8.21
C GLY A 9 23.36 22.52 8.76
N GLY A 10 23.24 22.23 10.06
CA GLY A 10 24.02 21.21 10.77
C GLY A 10 23.39 19.82 10.73
N ASP A 11 22.06 19.71 10.59
CA ASP A 11 21.40 18.45 10.23
C ASP A 11 21.72 18.07 8.77
N VAL A 12 21.99 16.79 8.57
CA VAL A 12 22.67 16.24 7.40
C VAL A 12 22.04 14.89 7.01
N ARG A 13 22.33 14.42 5.79
CA ARG A 13 22.02 13.05 5.34
C ARG A 13 22.67 12.01 6.26
N ASP A 14 21.85 11.22 6.95
CA ASP A 14 22.23 10.29 8.02
C ASP A 14 21.13 9.25 8.28
N ILE A 15 21.47 7.95 8.27
CA ILE A 15 20.50 6.85 8.39
C ILE A 15 21.04 5.66 9.23
N GLU A 16 20.15 4.99 9.97
CA GLU A 16 20.48 3.88 10.89
C GLU A 16 19.50 2.71 10.79
N GLU A 17 20.01 1.48 10.92
CA GLU A 17 19.26 0.24 11.19
C GLU A 17 19.26 -0.07 12.70
N THR A 18 18.11 -0.12 13.37
CA THR A 18 17.95 -0.29 14.83
C THR A 18 18.07 -1.75 15.33
N HIS A 19 19.04 -2.49 14.79
CA HIS A 19 19.31 -3.89 15.09
C HIS A 19 20.16 -4.07 16.37
N PRO A 20 19.90 -5.08 17.23
CA PRO A 20 20.75 -5.38 18.39
C PRO A 20 22.18 -5.77 17.99
N ASP A 21 23.10 -5.79 18.96
CA ASP A 21 24.55 -5.98 18.74
C ASP A 21 24.97 -7.45 18.52
N PHE A 22 24.01 -8.32 18.20
CA PHE A 22 24.28 -9.67 17.71
C PHE A 22 24.32 -9.66 16.18
N GLN A 23 25.11 -10.55 15.56
CA GLN A 23 25.07 -10.68 14.08
C GLN A 23 23.77 -11.37 13.62
N PRO A 24 23.19 -10.97 12.47
CA PRO A 24 21.93 -11.51 11.97
C PRO A 24 22.08 -12.94 11.41
N ARG A 25 21.05 -13.77 11.60
CA ARG A 25 20.89 -15.10 10.97
C ARG A 25 19.57 -15.13 10.20
N LEU A 26 19.65 -15.18 8.88
CA LEU A 26 18.53 -14.95 7.97
C LEU A 26 18.20 -16.14 7.06
N VAL A 27 18.98 -17.22 7.07
CA VAL A 27 18.70 -18.44 6.27
C VAL A 27 17.40 -19.12 6.71
N SER A 28 17.07 -19.05 8.00
CA SER A 28 15.76 -19.41 8.59
C SER A 28 15.27 -18.27 9.51
N ALA A 29 14.11 -17.66 9.23
CA ALA A 29 13.58 -16.51 9.98
C ALA A 29 12.04 -16.33 9.90
N ASP A 30 11.47 -15.72 10.95
CA ASP A 30 10.08 -15.24 11.03
C ASP A 30 9.99 -13.71 10.81
N LEU A 31 10.99 -12.98 11.33
CA LEU A 31 11.12 -11.53 11.20
C LEU A 31 12.59 -11.07 11.17
N ALA A 32 12.85 -9.86 10.71
CA ALA A 32 14.13 -9.18 10.83
C ALA A 32 13.99 -7.75 11.38
N GLU A 33 14.68 -7.48 12.48
CA GLU A 33 14.68 -6.19 13.17
C GLU A 33 15.11 -5.02 12.27
N ASP A 34 16.05 -5.28 11.37
CA ASP A 34 16.53 -4.33 10.39
C ASP A 34 15.55 -4.11 9.22
N GLU A 35 14.75 -5.11 8.86
CA GLU A 35 13.72 -5.02 7.81
C GLU A 35 12.54 -4.14 8.24
N ILE A 36 12.19 -4.16 9.53
CA ILE A 36 11.23 -3.22 10.16
C ILE A 36 11.84 -1.85 10.53
N ALA A 37 13.12 -1.62 10.21
CA ALA A 37 13.83 -0.34 10.42
C ALA A 37 14.23 0.39 9.12
N MET A 38 14.10 -0.24 7.95
CA MET A 38 14.60 0.27 6.67
C MET A 38 13.46 0.49 5.66
N VAL A 39 13.46 1.64 4.99
CA VAL A 39 12.57 1.94 3.85
C VAL A 39 13.36 2.55 2.69
N LYS A 40 13.15 2.03 1.48
CA LYS A 40 13.77 2.50 0.23
C LYS A 40 13.22 3.89 -0.12
N LYS A 41 14.10 4.87 -0.35
CA LYS A 41 13.72 6.30 -0.39
C LYS A 41 12.71 6.65 -1.49
N ASP A 42 12.78 5.96 -2.63
CA ASP A 42 11.85 6.12 -3.75
C ASP A 42 10.43 5.67 -3.39
N ILE A 43 10.29 4.63 -2.54
CA ILE A 43 8.99 4.11 -2.08
C ILE A 43 8.41 5.02 -0.99
N ASP A 44 9.25 5.44 -0.04
CA ASP A 44 8.91 6.43 0.99
C ASP A 44 8.44 7.77 0.37
N ASP A 45 9.05 8.19 -0.75
CA ASP A 45 8.60 9.36 -1.52
C ASP A 45 7.30 9.10 -2.30
N THR A 46 7.10 7.89 -2.84
CA THR A 46 5.93 7.56 -3.67
C THR A 46 4.64 7.61 -2.84
N ILE A 47 4.64 7.03 -1.63
CA ILE A 47 3.48 7.03 -0.72
C ILE A 47 3.08 8.45 -0.28
N LYS A 48 4.08 9.32 -0.07
CA LYS A 48 3.90 10.72 0.38
C LYS A 48 3.43 11.62 -0.77
N SER A 49 3.85 11.32 -2.00
CA SER A 49 3.65 12.18 -3.18
C SER A 49 2.38 11.90 -3.98
N GLU A 50 1.88 10.65 -3.98
CA GLU A 50 0.61 10.31 -4.68
C GLU A 50 -0.60 10.57 -3.77
N ASP A 51 -1.75 10.94 -4.36
CA ASP A 51 -2.98 11.23 -3.60
C ASP A 51 -3.66 9.96 -3.03
N VAL A 52 -3.82 8.93 -3.85
CA VAL A 52 -4.54 7.68 -3.52
C VAL A 52 -3.86 6.49 -4.19
N VAL A 53 -3.58 5.43 -3.43
CA VAL A 53 -2.87 4.22 -3.90
C VAL A 53 -3.56 2.93 -3.45
N THR A 54 -3.70 1.96 -4.37
CA THR A 54 -4.19 0.61 -4.11
C THR A 54 -3.27 -0.45 -4.71
N PHE A 55 -3.30 -1.64 -4.14
CA PHE A 55 -2.64 -2.82 -4.70
C PHE A 55 -3.60 -4.01 -4.75
N ILE A 56 -3.46 -4.80 -5.82
CA ILE A 56 -4.43 -5.81 -6.26
C ILE A 56 -3.70 -7.13 -6.53
N LYS A 57 -4.44 -8.26 -6.48
CA LYS A 57 -4.10 -9.46 -7.24
C LYS A 57 -4.37 -9.18 -8.73
N GLY A 58 -3.36 -8.82 -9.53
CA GLY A 58 -3.53 -8.42 -10.93
C GLY A 58 -3.71 -6.91 -11.15
N LEU A 59 -4.47 -6.55 -12.19
CA LEU A 59 -4.70 -5.17 -12.66
C LEU A 59 -6.20 -4.84 -12.69
N PRO A 60 -6.64 -3.57 -12.65
CA PRO A 60 -8.05 -3.24 -12.44
C PRO A 60 -8.99 -3.70 -13.59
N GLU A 61 -8.52 -3.68 -14.84
CA GLU A 61 -9.27 -4.21 -16.00
C GLU A 61 -8.91 -5.68 -16.34
N ALA A 62 -8.00 -6.29 -15.59
CA ALA A 62 -7.59 -7.69 -15.67
C ALA A 62 -7.26 -8.30 -14.26
N PRO A 63 -8.27 -8.45 -13.37
CA PRO A 63 -8.05 -8.87 -11.99
C PRO A 63 -7.93 -10.39 -11.85
N MET A 64 -7.06 -10.83 -10.94
CA MET A 64 -6.77 -12.25 -10.68
C MET A 64 -7.65 -12.86 -9.58
N CYS A 65 -8.59 -12.10 -9.00
CA CYS A 65 -9.48 -12.56 -7.93
C CYS A 65 -10.86 -11.88 -8.00
N ALA A 66 -11.92 -12.60 -7.63
CA ALA A 66 -13.29 -12.07 -7.57
C ALA A 66 -13.45 -10.90 -6.57
N TYR A 67 -12.83 -10.98 -5.38
CA TYR A 67 -12.78 -9.84 -4.44
C TYR A 67 -12.00 -8.64 -5.04
N SER A 68 -10.94 -8.93 -5.79
CA SER A 68 -10.18 -7.91 -6.52
C SER A 68 -11.02 -7.24 -7.63
N LYS A 69 -11.91 -7.95 -8.33
CA LYS A 69 -12.91 -7.35 -9.24
C LYS A 69 -13.89 -6.44 -8.50
N ARG A 70 -14.42 -6.89 -7.37
CA ARG A 70 -15.44 -6.17 -6.57
C ARG A 70 -14.95 -4.85 -5.97
N MET A 71 -13.64 -4.75 -5.66
CA MET A 71 -12.97 -3.48 -5.33
C MET A 71 -13.10 -2.44 -6.45
N ILE A 72 -12.86 -2.84 -7.71
CA ILE A 72 -12.94 -1.93 -8.87
C ILE A 72 -14.40 -1.55 -9.16
N ASP A 73 -15.36 -2.47 -8.95
CA ASP A 73 -16.79 -2.18 -9.04
C ASP A 73 -17.21 -1.04 -8.09
N VAL A 74 -16.57 -0.96 -6.92
CA VAL A 74 -16.77 0.11 -5.94
C VAL A 74 -16.21 1.46 -6.46
N LEU A 75 -15.05 1.46 -7.11
CA LEU A 75 -14.47 2.64 -7.76
C LEU A 75 -15.31 3.14 -8.95
N GLU A 76 -15.91 2.23 -9.72
CA GLU A 76 -16.87 2.58 -10.78
C GLU A 76 -18.22 3.07 -10.22
N ALA A 77 -18.62 2.61 -9.02
CA ALA A 77 -19.84 3.09 -8.36
C ALA A 77 -19.72 4.56 -7.93
N LEU A 78 -18.51 4.99 -7.54
CA LEU A 78 -18.21 6.39 -7.16
C LEU A 78 -17.67 7.24 -8.35
N GLY A 79 -17.32 6.58 -9.46
CA GLY A 79 -16.90 7.20 -10.73
C GLY A 79 -15.49 7.79 -10.76
N LEU A 80 -14.67 7.54 -9.73
CA LEU A 80 -13.27 7.98 -9.66
C LEU A 80 -12.27 6.80 -9.66
N GLU A 81 -11.17 6.89 -10.41
CA GLU A 81 -10.06 5.92 -10.37
C GLU A 81 -8.74 6.51 -9.84
N TYR A 82 -7.87 5.61 -9.38
CA TYR A 82 -6.71 5.88 -8.52
C TYR A 82 -5.51 4.98 -8.92
N THR A 83 -4.33 5.17 -8.32
CA THR A 83 -3.06 4.60 -8.82
C THR A 83 -2.87 3.18 -8.29
N SER A 84 -2.56 2.25 -9.19
CA SER A 84 -2.64 0.79 -8.95
C SER A 84 -1.31 0.06 -9.12
N PHE A 85 -1.10 -1.01 -8.34
CA PHE A 85 0.02 -1.95 -8.45
C PHE A 85 -0.44 -3.42 -8.40
N ASP A 86 0.22 -4.29 -9.19
CA ASP A 86 0.03 -5.75 -9.16
C ASP A 86 1.05 -6.42 -8.24
N VAL A 87 0.57 -7.12 -7.20
CA VAL A 87 1.40 -7.86 -6.23
C VAL A 87 2.16 -9.04 -6.85
N LEU A 88 1.68 -9.57 -7.98
CA LEU A 88 2.29 -10.72 -8.67
C LEU A 88 3.49 -10.32 -9.54
N ALA A 89 3.57 -9.06 -9.98
CA ALA A 89 4.61 -8.61 -10.92
C ALA A 89 5.90 -8.16 -10.24
N HIS A 90 5.83 -7.59 -9.03
CA HIS A 90 6.99 -7.10 -8.27
C HIS A 90 6.80 -7.33 -6.75
N PRO A 91 7.74 -7.99 -6.04
CA PRO A 91 7.55 -8.38 -4.64
C PRO A 91 7.50 -7.20 -3.65
N VAL A 92 7.97 -6.00 -4.03
CA VAL A 92 7.90 -4.77 -3.22
C VAL A 92 6.51 -4.53 -2.59
N VAL A 93 5.43 -4.87 -3.31
CA VAL A 93 4.06 -4.68 -2.80
C VAL A 93 3.78 -5.54 -1.56
N ARG A 94 4.16 -6.83 -1.56
CA ARG A 94 3.99 -7.71 -0.39
C ARG A 94 5.02 -7.45 0.71
N SER A 95 6.16 -6.86 0.38
CA SER A 95 7.15 -6.44 1.39
C SER A 95 6.65 -5.23 2.20
N TYR A 96 6.24 -4.13 1.54
CA TYR A 96 5.88 -2.90 2.25
C TYR A 96 4.54 -3.03 2.98
N VAL A 97 3.55 -3.74 2.43
CA VAL A 97 2.28 -3.99 3.15
C VAL A 97 2.51 -4.72 4.48
N LYS A 98 3.35 -5.77 4.51
CA LYS A 98 3.67 -6.47 5.77
C LYS A 98 4.57 -5.64 6.68
N GLU A 99 5.61 -4.99 6.16
CA GLU A 99 6.51 -4.17 6.98
C GLU A 99 5.79 -2.95 7.60
N VAL A 100 4.82 -2.34 6.92
CA VAL A 100 4.03 -1.21 7.46
C VAL A 100 2.88 -1.66 8.37
N SER A 101 2.08 -2.66 7.96
CA SER A 101 0.84 -3.05 8.66
C SER A 101 0.90 -4.36 9.45
N GLU A 102 2.09 -4.97 9.60
CA GLU A 102 2.36 -6.28 10.21
C GLU A 102 1.75 -7.51 9.49
N TRP A 103 0.64 -7.33 8.75
CA TRP A 103 -0.09 -8.37 8.01
C TRP A 103 -0.78 -7.81 6.74
N PRO A 104 -0.92 -8.62 5.68
CA PRO A 104 -1.59 -8.22 4.44
C PRO A 104 -3.13 -8.34 4.52
N THR A 105 -3.82 -7.49 3.74
CA THR A 105 -5.20 -7.68 3.25
C THR A 105 -5.24 -7.31 1.76
N ILE A 106 -5.84 -8.13 0.89
CA ILE A 106 -5.79 -7.96 -0.58
C ILE A 106 -7.20 -7.97 -1.21
N PRO A 107 -7.65 -6.88 -1.86
CA PRO A 107 -7.01 -5.56 -1.99
C PRO A 107 -7.24 -4.65 -0.76
N GLN A 108 -6.55 -3.51 -0.76
CA GLN A 108 -6.65 -2.46 0.26
C GLN A 108 -6.29 -1.07 -0.29
N LEU A 109 -6.46 -0.02 0.53
CA LEU A 109 -6.28 1.38 0.16
C LEU A 109 -5.47 2.22 1.15
N PHE A 110 -4.64 3.08 0.57
CA PHE A 110 -3.91 4.17 1.22
C PHE A 110 -4.30 5.52 0.61
N ILE A 111 -4.37 6.58 1.42
CA ILE A 111 -4.60 7.97 0.98
C ILE A 111 -3.56 8.88 1.65
N LYS A 112 -2.76 9.58 0.83
CA LYS A 112 -1.73 10.56 1.26
C LYS A 112 -0.82 10.04 2.41
N ALA A 113 -0.24 8.85 2.22
CA ALA A 113 0.57 8.10 3.19
C ALA A 113 -0.12 7.79 4.55
N GLU A 114 -1.45 7.69 4.60
CA GLU A 114 -2.19 7.10 5.73
C GLU A 114 -2.94 5.85 5.25
N PHE A 115 -2.93 4.78 6.07
CA PHE A 115 -3.73 3.59 5.82
C PHE A 115 -5.20 3.83 6.16
N VAL A 116 -6.05 3.56 5.17
CA VAL A 116 -7.50 3.78 5.22
C VAL A 116 -8.25 2.47 5.48
N GLY A 117 -7.90 1.40 4.77
CA GLY A 117 -8.38 0.05 5.10
C GLY A 117 -8.32 -0.99 3.99
N GLY A 118 -8.59 -2.24 4.35
CA GLY A 118 -8.84 -3.33 3.40
C GLY A 118 -10.24 -3.27 2.77
N LEU A 119 -10.49 -4.10 1.76
CA LEU A 119 -11.78 -4.18 1.03
C LEU A 119 -13.01 -4.24 1.96
N ASP A 120 -12.93 -4.95 3.09
CA ASP A 120 -14.00 -5.00 4.09
C ASP A 120 -14.38 -3.60 4.60
N ILE A 121 -13.37 -2.78 4.89
CA ILE A 121 -13.50 -1.43 5.43
C ILE A 121 -13.93 -0.47 4.33
N VAL A 122 -13.28 -0.54 3.16
CA VAL A 122 -13.60 0.30 1.98
C VAL A 122 -15.06 0.10 1.55
N THR A 123 -15.57 -1.13 1.62
CA THR A 123 -16.98 -1.43 1.35
C THR A 123 -17.91 -0.75 2.37
N LYS A 124 -17.57 -0.77 3.68
CA LYS A 124 -18.37 -0.09 4.72
C LYS A 124 -18.34 1.43 4.56
N MET A 125 -17.18 1.99 4.20
CA MET A 125 -16.97 3.42 3.95
C MET A 125 -17.75 3.90 2.71
N LEU A 126 -17.80 3.10 1.64
CA LEU A 126 -18.56 3.40 0.42
C LEU A 126 -20.08 3.33 0.66
N GLU A 127 -20.54 2.33 1.42
CA GLU A 127 -21.95 2.20 1.80
C GLU A 127 -22.42 3.27 2.81
N SER A 128 -21.52 3.77 3.67
CA SER A 128 -21.88 4.67 4.79
C SER A 128 -21.50 6.14 4.57
N GLY A 129 -20.88 6.50 3.44
CA GLY A 129 -20.56 7.89 3.06
C GLY A 129 -19.19 8.40 3.54
N ASP A 130 -18.43 7.60 4.30
CA ASP A 130 -17.11 8.01 4.79
C ASP A 130 -16.08 8.15 3.65
N LEU A 131 -16.19 7.34 2.59
CA LEU A 131 -15.30 7.45 1.43
C LEU A 131 -15.45 8.81 0.73
N LYS A 132 -16.70 9.26 0.50
CA LYS A 132 -17.02 10.62 0.03
C LYS A 132 -16.53 11.70 0.99
N LYS A 133 -16.69 11.51 2.30
CA LYS A 133 -16.23 12.48 3.31
C LYS A 133 -14.71 12.66 3.28
N MET A 134 -13.95 11.58 3.07
CA MET A 134 -12.49 11.64 2.90
C MET A 134 -12.07 12.29 1.58
N LEU A 135 -12.59 11.80 0.44
CA LEU A 135 -12.16 12.28 -0.87
C LEU A 135 -12.53 13.75 -1.10
N ARG A 136 -13.71 14.20 -0.63
CA ARG A 136 -14.12 15.60 -0.74
C ARG A 136 -13.25 16.51 0.11
N ASP A 137 -12.86 16.09 1.31
CA ASP A 137 -11.92 16.85 2.16
C ASP A 137 -10.52 16.93 1.53
N LYS A 138 -10.14 15.90 0.76
CA LYS A 138 -8.91 15.80 -0.04
C LYS A 138 -8.92 16.65 -1.32
N GLY A 139 -10.03 17.34 -1.63
CA GLY A 139 -10.15 18.21 -2.81
C GLY A 139 -10.56 17.48 -4.08
N ILE A 140 -11.16 16.28 -3.96
CA ILE A 140 -11.47 15.40 -5.10
C ILE A 140 -12.97 15.44 -5.44
N THR A 141 -13.32 15.33 -6.72
CA THR A 141 -14.71 15.24 -7.23
C THR A 141 -15.19 13.77 -7.31
N CYS A 142 -16.49 13.50 -7.11
CA CYS A 142 -17.09 12.15 -7.25
C CYS A 142 -18.54 12.20 -7.80
N ARG A 143 -19.09 11.04 -8.17
CA ARG A 143 -20.52 10.85 -8.44
C ARG A 143 -21.33 10.78 -7.14
N ASP A 144 -22.62 11.09 -7.22
CA ASP A 144 -23.48 11.28 -6.05
C ASP A 144 -24.18 9.97 -5.61
N LEU A 145 -23.73 9.42 -4.48
CA LEU A 145 -24.14 8.11 -3.95
C LEU A 145 -24.40 8.15 -2.43
#